data_1JBJ
#
_entry.id   1JBJ
#
_cell.length_a   ?
_cell.length_b   ?
_cell.length_c   ?
_cell.angle_alpha   ?
_cell.angle_beta   ?
_cell.angle_gamma   ?
#
_entity_poly.entity_id   1
_entity_poly.type   'polypeptide(L)'
_entity_poly.pdbx_seq_one_letter_code
;DDAENIEYKVSISGTSVELTCPLDSDENLKWEKNGQELPQKHDKHLVLQDFSEVEDSGYYVCYTPASNKNTYLYLKARVG
SADDAKKDAAKKDDAKKDDAKKDGSQTNKAKNLVQVDGSRGDGSVLLTCGLTDKTIKWLKDGSIISPLNATKNTWNLGNN
AKDPRGTYQCQGAKETSNPLQVYYRM
;
_entity_poly.pdbx_strand_id   A
#
# COMPACT_ATOMS: atom_id res chain seq x y z
N ASP A 1 -19.03 -13.36 7.07
CA ASP A 1 -20.48 -13.34 7.41
C ASP A 1 -20.81 -12.20 8.37
N ASP A 2 -20.23 -12.27 9.57
CA ASP A 2 -20.46 -11.24 10.58
C ASP A 2 -19.32 -10.22 10.60
N ALA A 3 -19.39 -9.28 11.53
CA ALA A 3 -18.37 -8.25 11.66
C ALA A 3 -18.30 -7.38 10.41
N GLU A 4 -17.55 -6.29 10.48
CA GLU A 4 -17.40 -5.38 9.35
C GLU A 4 -16.81 -6.10 8.14
N ASN A 5 -17.00 -5.52 6.97
CA ASN A 5 -16.49 -6.11 5.73
C ASN A 5 -16.05 -5.02 4.76
N ILE A 6 -15.53 -3.91 5.30
CA ILE A 6 -15.06 -2.81 4.48
C ILE A 6 -13.55 -2.84 4.31
N GLU A 7 -13.03 -1.93 3.50
CA GLU A 7 -11.59 -1.86 3.24
C GLU A 7 -10.89 -1.09 4.35
N TYR A 8 -9.56 -1.15 4.35
CA TYR A 8 -8.76 -0.45 5.35
C TYR A 8 -9.10 1.05 5.38
N LYS A 9 -9.28 1.58 6.58
CA LYS A 9 -9.61 2.99 6.74
C LYS A 9 -8.45 3.75 7.40
N VAL A 10 -7.92 4.74 6.69
CA VAL A 10 -6.82 5.54 7.21
C VAL A 10 -7.28 6.92 7.64
N SER A 11 -6.74 7.41 8.74
CA SER A 11 -7.09 8.72 9.27
C SER A 11 -5.93 9.30 10.07
N ILE A 12 -5.40 10.43 9.62
CA ILE A 12 -4.29 11.08 10.29
C ILE A 12 -4.76 11.94 11.46
N SER A 13 -4.23 11.65 12.64
CA SER A 13 -4.58 12.40 13.85
C SER A 13 -3.34 12.98 14.51
N GLY A 14 -3.27 14.30 14.57
CA GLY A 14 -2.13 14.96 15.19
C GLY A 14 -0.79 14.36 14.79
N THR A 15 -0.46 14.47 13.51
CA THR A 15 0.80 13.96 13.00
C THR A 15 0.88 12.43 13.14
N SER A 16 -0.23 11.81 13.50
CA SER A 16 -0.29 10.37 13.64
C SER A 16 -1.23 9.78 12.60
N VAL A 17 -1.05 8.50 12.29
CA VAL A 17 -1.90 7.85 11.30
C VAL A 17 -2.61 6.65 11.93
N GLU A 18 -3.93 6.66 11.84
CA GLU A 18 -4.73 5.58 12.42
C GLU A 18 -5.42 4.75 11.33
N LEU A 19 -4.92 3.54 11.13
CA LEU A 19 -5.49 2.64 10.14
C LEU A 19 -6.46 1.68 10.80
N THR A 20 -7.46 1.24 10.04
CA THR A 20 -8.46 0.31 10.56
C THR A 20 -8.48 -0.98 9.75
N CYS A 21 -8.22 -2.10 10.41
CA CYS A 21 -8.21 -3.40 9.76
C CYS A 21 -9.59 -4.05 9.84
N PRO A 22 -9.98 -4.83 8.81
CA PRO A 22 -11.27 -5.50 8.76
C PRO A 22 -11.29 -6.83 9.53
N LEU A 23 -10.56 -6.88 10.65
CA LEU A 23 -10.51 -8.08 11.46
C LEU A 23 -10.47 -7.73 12.95
N ASP A 24 -11.40 -8.28 13.71
CA ASP A 24 -11.47 -8.02 15.14
C ASP A 24 -10.10 -8.17 15.80
N SER A 25 -9.86 -7.36 16.82
CA SER A 25 -8.58 -7.39 17.53
C SER A 25 -8.46 -8.65 18.37
N ASP A 26 -7.84 -9.68 17.80
CA ASP A 26 -7.68 -10.95 18.49
C ASP A 26 -6.39 -10.96 19.31
N GLU A 27 -6.26 -11.94 20.20
CA GLU A 27 -5.08 -12.06 21.04
C GLU A 27 -3.91 -12.68 20.27
N ASN A 28 -3.92 -12.45 18.97
CA ASN A 28 -2.88 -12.96 18.09
C ASN A 28 -2.89 -12.21 16.75
N LEU A 29 -3.52 -11.05 16.73
CA LEU A 29 -3.59 -10.23 15.52
C LEU A 29 -2.24 -9.58 15.24
N LYS A 30 -1.82 -9.60 13.99
CA LYS A 30 -0.53 -9.02 13.61
C LYS A 30 -0.65 -8.12 12.38
N TRP A 31 0.30 -7.21 12.24
CA TRP A 31 0.32 -6.28 11.11
C TRP A 31 1.64 -6.41 10.34
N GLU A 32 1.64 -5.96 9.09
CA GLU A 32 2.84 -6.01 8.27
C GLU A 32 3.03 -4.70 7.50
N LYS A 33 4.28 -4.35 7.22
CA LYS A 33 4.59 -3.13 6.50
C LYS A 33 5.63 -3.38 5.41
N ASN A 34 5.16 -3.52 4.18
CA ASN A 34 6.03 -3.74 3.04
C ASN A 34 6.87 -5.01 3.23
N GLY A 35 7.99 -4.88 3.94
CA GLY A 35 8.86 -6.04 4.17
C GLY A 35 8.94 -6.41 5.64
N GLN A 36 8.88 -5.41 6.51
CA GLN A 36 8.95 -5.64 7.95
C GLN A 36 7.56 -5.86 8.53
N GLU A 37 7.50 -6.61 9.62
CA GLU A 37 6.22 -6.91 10.27
C GLU A 37 6.22 -6.37 11.70
N LEU A 38 5.07 -5.83 12.12
CA LEU A 38 4.92 -5.28 13.46
C LEU A 38 4.20 -6.27 14.37
N PRO A 39 4.93 -6.96 15.26
CA PRO A 39 4.33 -7.92 16.19
C PRO A 39 3.71 -7.25 17.41
N GLN A 40 3.13 -8.06 18.29
CA GLN A 40 2.50 -7.55 19.51
C GLN A 40 1.42 -6.52 19.17
N LYS A 41 0.86 -6.63 17.97
CA LYS A 41 -0.19 -5.70 17.54
C LYS A 41 -1.55 -6.39 17.56
N HIS A 42 -2.08 -6.59 18.77
CA HIS A 42 -3.38 -7.23 18.93
C HIS A 42 -4.50 -6.21 18.89
N ASP A 43 -4.40 -5.25 17.97
CA ASP A 43 -5.42 -4.21 17.84
C ASP A 43 -5.97 -4.16 16.42
N LYS A 44 -7.26 -3.86 16.30
CA LYS A 44 -7.92 -3.78 15.01
C LYS A 44 -7.45 -2.56 14.23
N HIS A 45 -7.19 -1.46 14.94
CA HIS A 45 -6.75 -0.23 14.30
C HIS A 45 -5.27 0.02 14.60
N LEU A 46 -4.45 -0.01 13.56
CA LEU A 46 -3.02 0.24 13.71
C LEU A 46 -2.75 1.74 13.70
N VAL A 47 -1.95 2.19 14.66
CA VAL A 47 -1.62 3.60 14.77
C VAL A 47 -0.18 3.87 14.38
N LEU A 48 0.02 4.98 13.68
CA LEU A 48 1.35 5.38 13.25
C LEU A 48 1.64 6.79 13.74
N GLN A 49 2.28 6.89 14.89
CA GLN A 49 2.61 8.19 15.47
C GLN A 49 3.85 8.75 14.81
N ASP A 50 3.72 9.94 14.21
CA ASP A 50 4.82 10.58 13.51
C ASP A 50 5.12 9.81 12.23
N PHE A 51 4.21 9.93 11.28
CA PHE A 51 4.34 9.24 9.99
C PHE A 51 5.49 9.81 9.15
N SER A 52 6.23 8.92 8.52
CA SER A 52 7.35 9.29 7.66
C SER A 52 7.29 8.52 6.36
N GLU A 53 6.92 9.20 5.28
CA GLU A 53 6.80 8.57 3.98
C GLU A 53 8.12 7.93 3.56
N VAL A 54 9.21 8.64 3.81
CA VAL A 54 10.55 8.16 3.47
C VAL A 54 10.81 6.78 4.09
N GLU A 55 10.50 6.64 5.37
CA GLU A 55 10.71 5.38 6.07
C GLU A 55 9.44 4.53 6.12
N ASP A 56 8.35 5.05 5.58
CA ASP A 56 7.08 4.32 5.56
C ASP A 56 6.41 4.42 4.20
N SER A 57 7.12 3.99 3.17
CA SER A 57 6.59 4.01 1.80
C SER A 57 6.46 2.60 1.25
N GLY A 58 5.29 1.99 1.42
CA GLY A 58 5.06 0.65 0.92
C GLY A 58 3.62 0.20 1.09
N TYR A 59 3.45 -1.06 1.49
CA TYR A 59 2.12 -1.62 1.68
C TYR A 59 1.90 -2.01 3.14
N TYR A 60 0.67 -2.44 3.45
CA TYR A 60 0.33 -2.85 4.81
C TYR A 60 -0.69 -3.99 4.77
N VAL A 61 -0.71 -4.79 5.83
CA VAL A 61 -1.64 -5.92 5.89
C VAL A 61 -2.01 -6.26 7.33
N CYS A 62 -3.14 -6.97 7.47
CA CYS A 62 -3.63 -7.38 8.79
C CYS A 62 -4.24 -8.78 8.70
N TYR A 63 -3.84 -9.66 9.62
CA TYR A 63 -4.36 -11.02 9.62
C TYR A 63 -4.32 -11.62 11.03
N THR A 64 -5.12 -12.66 11.24
CA THR A 64 -5.19 -13.33 12.52
C THR A 64 -5.00 -14.85 12.35
N PRO A 65 -4.79 -15.58 13.46
CA PRO A 65 -4.59 -17.03 13.41
C PRO A 65 -5.71 -17.74 12.65
N ALA A 66 -6.94 -17.50 13.09
CA ALA A 66 -8.11 -18.11 12.45
C ALA A 66 -8.35 -17.53 11.07
N SER A 67 -7.81 -16.34 10.82
CA SER A 67 -7.98 -15.67 9.53
C SER A 67 -6.65 -15.61 8.77
N ASN A 68 -6.44 -16.59 7.90
CA ASN A 68 -5.21 -16.65 7.12
C ASN A 68 -5.37 -15.92 5.78
N LYS A 69 -6.43 -15.12 5.67
CA LYS A 69 -6.68 -14.36 4.45
C LYS A 69 -6.66 -12.87 4.72
N ASN A 70 -5.69 -12.17 4.14
CA ASN A 70 -5.57 -10.74 4.34
C ASN A 70 -5.32 -10.02 3.01
N THR A 71 -5.63 -8.73 2.97
CA THR A 71 -5.45 -7.94 1.76
C THR A 71 -4.29 -6.96 1.93
N TYR A 72 -3.50 -6.81 0.88
CA TYR A 72 -2.36 -5.89 0.92
C TYR A 72 -2.78 -4.48 0.51
N LEU A 73 -2.67 -3.54 1.43
CA LEU A 73 -3.04 -2.15 1.17
C LEU A 73 -1.79 -1.30 0.94
N TYR A 74 -1.96 -0.21 0.21
CA TYR A 74 -0.86 0.70 -0.09
C TYR A 74 -0.93 1.93 0.81
N LEU A 75 0.08 2.09 1.67
CA LEU A 75 0.12 3.23 2.57
C LEU A 75 1.30 4.14 2.27
N LYS A 76 0.99 5.37 1.87
CA LYS A 76 2.02 6.36 1.56
C LYS A 76 1.49 7.77 1.79
N ALA A 77 1.95 8.41 2.85
CA ALA A 77 1.51 9.75 3.19
C ALA A 77 2.55 10.48 4.04
N ARG A 78 2.31 11.76 4.27
CA ARG A 78 3.22 12.56 5.09
C ARG A 78 2.46 13.40 6.10
N VAL A 79 3.11 13.68 7.22
CA VAL A 79 2.51 14.49 8.26
C VAL A 79 3.52 15.48 8.82
N GLY A 80 3.01 16.53 9.43
CA GLY A 80 3.87 17.52 10.03
C GLY A 80 3.15 18.46 10.94
N SER A 81 3.79 18.74 12.05
CA SER A 81 3.25 19.64 13.08
C SER A 81 1.78 19.40 13.30
N ALA A 82 1.41 18.14 13.45
CA ALA A 82 0.02 17.80 13.65
C ALA A 82 -0.84 18.65 12.76
N ASP A 83 -0.73 18.41 11.45
CA ASP A 83 -1.48 19.16 10.45
C ASP A 83 -2.97 18.95 10.65
N ASP A 84 -3.35 18.97 11.91
CA ASP A 84 -4.74 18.78 12.31
C ASP A 84 -5.63 19.86 11.70
N ALA A 85 -6.47 19.46 10.74
CA ALA A 85 -7.37 20.38 10.08
C ALA A 85 -8.78 20.29 10.65
N LYS A 86 -9.52 19.27 10.24
CA LYS A 86 -10.88 19.05 10.71
C LYS A 86 -11.47 17.77 10.14
N LYS A 87 -10.71 16.69 10.22
CA LYS A 87 -11.16 15.39 9.71
C LYS A 87 -12.20 14.79 10.64
N ASP A 88 -13.45 15.21 10.49
CA ASP A 88 -14.53 14.71 11.32
C ASP A 88 -15.72 14.28 10.45
N ALA A 89 -16.86 14.05 11.09
CA ALA A 89 -18.07 13.63 10.39
C ALA A 89 -17.88 12.28 9.72
N ALA A 90 -18.90 11.43 9.81
CA ALA A 90 -18.84 10.10 9.21
C ALA A 90 -20.22 9.44 9.20
N LYS A 91 -20.95 9.64 8.11
CA LYS A 91 -22.29 9.07 7.98
C LYS A 91 -22.23 7.55 7.98
N LYS A 92 -23.41 6.92 8.00
CA LYS A 92 -23.49 5.46 8.00
C LYS A 92 -24.40 4.97 6.89
N ASP A 93 -23.81 4.29 5.91
CA ASP A 93 -24.57 3.76 4.78
C ASP A 93 -24.71 2.25 4.89
N ASP A 94 -25.43 1.66 3.94
CA ASP A 94 -25.65 0.21 3.92
C ASP A 94 -24.36 -0.52 3.54
N ALA A 95 -24.03 -1.55 4.31
CA ALA A 95 -22.83 -2.33 4.05
C ALA A 95 -22.78 -3.58 4.92
N LYS A 96 -23.62 -4.56 4.59
CA LYS A 96 -23.68 -5.81 5.35
C LYS A 96 -23.64 -7.01 4.42
N LYS A 97 -22.48 -7.66 4.34
CA LYS A 97 -22.31 -8.82 3.49
C LYS A 97 -22.49 -8.46 2.01
N ASP A 98 -21.54 -8.88 1.19
CA ASP A 98 -21.58 -8.60 -0.24
C ASP A 98 -21.91 -9.85 -1.03
N ASP A 99 -21.81 -9.75 -2.36
CA ASP A 99 -22.09 -10.89 -3.23
C ASP A 99 -20.80 -11.55 -3.69
N ALA A 100 -20.90 -12.81 -4.09
CA ALA A 100 -19.73 -13.57 -4.55
C ALA A 100 -18.67 -13.66 -3.47
N LYS A 101 -18.72 -14.74 -2.69
CA LYS A 101 -17.77 -14.94 -1.61
C LYS A 101 -17.98 -16.30 -0.94
N LYS A 102 -19.24 -16.64 -0.70
CA LYS A 102 -19.58 -17.92 -0.07
C LYS A 102 -19.63 -19.05 -1.10
N ASP A 103 -19.33 -18.74 -2.36
CA ASP A 103 -19.36 -19.74 -3.41
C ASP A 103 -17.94 -20.17 -3.78
N GLY A 104 -17.06 -20.13 -2.80
CA GLY A 104 -15.68 -20.51 -3.02
C GLY A 104 -15.00 -19.67 -4.08
N SER A 105 -15.29 -18.37 -4.07
CA SER A 105 -14.70 -17.45 -5.04
C SER A 105 -13.19 -17.36 -4.85
N GLN A 106 -12.48 -17.12 -5.95
CA GLN A 106 -11.04 -17.00 -5.91
C GLN A 106 -10.61 -15.71 -5.21
N THR A 107 -9.93 -15.87 -4.08
CA THR A 107 -9.46 -14.72 -3.31
C THR A 107 -8.57 -15.16 -2.17
N ASN A 108 -7.46 -15.78 -2.52
CA ASN A 108 -6.50 -16.27 -1.54
C ASN A 108 -5.06 -16.00 -1.98
N LYS A 109 -4.71 -16.51 -3.15
CA LYS A 109 -3.38 -16.31 -3.70
C LYS A 109 -3.09 -14.83 -3.94
N ALA A 110 -2.26 -14.24 -3.10
CA ALA A 110 -1.91 -12.83 -3.22
C ALA A 110 -0.83 -12.44 -2.23
N LYS A 111 0.43 -12.61 -2.64
CA LYS A 111 1.57 -12.28 -1.79
C LYS A 111 2.08 -10.88 -2.09
N ASN A 112 2.73 -10.72 -3.23
CA ASN A 112 3.27 -9.42 -3.63
C ASN A 112 3.67 -9.44 -5.11
N LEU A 113 2.66 -9.40 -5.98
CA LEU A 113 2.92 -9.40 -7.42
C LEU A 113 2.56 -8.05 -8.04
N VAL A 114 1.54 -7.40 -7.48
CA VAL A 114 1.11 -6.11 -7.99
C VAL A 114 2.10 -5.01 -7.61
N GLN A 115 2.27 -4.05 -8.50
CA GLN A 115 3.18 -2.94 -8.27
C GLN A 115 2.59 -1.63 -8.77
N VAL A 116 3.09 -0.52 -8.25
CA VAL A 116 2.61 0.80 -8.65
C VAL A 116 3.77 1.77 -8.82
N ASP A 117 3.63 2.72 -9.73
CA ASP A 117 4.67 3.70 -9.99
C ASP A 117 4.30 5.06 -9.40
N GLY A 118 5.31 5.89 -9.15
CA GLY A 118 5.07 7.21 -8.59
C GLY A 118 6.11 8.22 -9.03
N SER A 119 7.38 7.82 -8.97
CA SER A 119 8.47 8.71 -9.38
C SER A 119 9.00 8.31 -10.75
N ARG A 120 8.27 8.70 -11.79
CA ARG A 120 8.66 8.39 -13.16
C ARG A 120 9.43 9.55 -13.80
N GLY A 121 9.89 10.46 -12.96
CA GLY A 121 10.63 11.61 -13.44
C GLY A 121 9.79 12.87 -13.41
N ASP A 122 8.54 12.76 -13.87
CA ASP A 122 7.63 13.90 -13.89
C ASP A 122 6.77 13.91 -12.64
N GLY A 123 6.60 12.73 -12.04
CA GLY A 123 5.79 12.62 -10.84
C GLY A 123 4.44 12.00 -11.09
N SER A 124 4.36 11.17 -12.14
CA SER A 124 3.12 10.50 -12.49
C SER A 124 3.03 9.12 -11.83
N VAL A 125 1.83 8.73 -11.44
CA VAL A 125 1.63 7.44 -10.79
C VAL A 125 1.05 6.42 -11.76
N LEU A 126 1.76 5.32 -11.94
CA LEU A 126 1.32 4.25 -12.84
C LEU A 126 1.13 2.95 -12.08
N LEU A 127 -0.14 2.62 -11.82
CA LEU A 127 -0.49 1.39 -11.09
C LEU A 127 -0.42 0.18 -12.01
N THR A 128 0.46 -0.76 -11.70
CA THR A 128 0.60 -1.96 -12.52
C THR A 128 -0.10 -3.16 -11.88
N CYS A 129 -0.61 -4.05 -12.73
CA CYS A 129 -1.31 -5.24 -12.26
C CYS A 129 -1.19 -6.37 -13.29
N GLY A 130 -2.09 -7.36 -13.20
CA GLY A 130 -2.06 -8.47 -14.13
C GLY A 130 -1.24 -9.64 -13.63
N LEU A 131 -0.12 -9.34 -12.99
CA LEU A 131 0.77 -10.38 -12.45
C LEU A 131 1.40 -11.20 -13.56
N THR A 132 2.37 -10.60 -14.25
CA THR A 132 3.07 -11.28 -15.34
C THR A 132 2.10 -11.73 -16.43
N ASP A 133 0.93 -11.11 -16.47
CA ASP A 133 -0.08 -11.46 -17.48
C ASP A 133 0.04 -10.58 -18.71
N LYS A 134 -0.25 -11.16 -19.85
CA LYS A 134 -0.23 -10.43 -21.11
C LYS A 134 -1.53 -9.65 -21.26
N THR A 135 -2.45 -9.87 -20.32
CA THR A 135 -3.74 -9.19 -20.33
C THR A 135 -4.06 -8.62 -18.95
N ILE A 136 -4.42 -7.35 -18.89
CA ILE A 136 -4.73 -6.71 -17.62
C ILE A 136 -5.89 -5.74 -17.74
N LYS A 137 -6.78 -5.78 -16.77
CA LYS A 137 -7.95 -4.90 -16.74
C LYS A 137 -8.20 -4.39 -15.32
N TRP A 138 -8.63 -3.14 -15.20
CA TRP A 138 -8.88 -2.55 -13.88
C TRP A 138 -10.35 -2.17 -13.71
N LEU A 139 -10.83 -2.33 -12.49
CA LEU A 139 -12.21 -1.99 -12.15
C LEU A 139 -12.25 -1.07 -10.94
N LYS A 140 -13.23 -0.17 -10.91
CA LYS A 140 -13.37 0.77 -9.80
C LYS A 140 -14.75 0.67 -9.16
N ASP A 141 -14.78 0.32 -7.89
CA ASP A 141 -16.03 0.18 -7.15
C ASP A 141 -16.98 -0.80 -7.84
N GLY A 142 -16.40 -1.80 -8.50
CA GLY A 142 -17.20 -2.79 -9.19
C GLY A 142 -17.56 -2.39 -10.61
N SER A 143 -17.00 -1.27 -11.07
CA SER A 143 -17.25 -0.77 -12.41
C SER A 143 -15.95 -0.58 -13.17
N ILE A 144 -15.85 -1.14 -14.36
CA ILE A 144 -14.65 -1.04 -15.17
C ILE A 144 -14.32 0.42 -15.49
N ILE A 145 -13.04 0.75 -15.46
CA ILE A 145 -12.58 2.09 -15.76
C ILE A 145 -11.32 2.02 -16.62
N SER A 146 -11.49 2.36 -17.88
CA SER A 146 -10.37 2.32 -18.83
C SER A 146 -9.63 3.67 -18.85
N PRO A 147 -8.39 3.66 -19.37
CA PRO A 147 -7.55 4.85 -19.45
C PRO A 147 -7.64 5.56 -20.79
N LEU A 148 -7.02 6.74 -20.85
CA LEU A 148 -6.99 7.53 -22.07
C LEU A 148 -5.55 7.60 -22.58
N ASN A 149 -4.77 6.58 -22.22
CA ASN A 149 -3.38 6.49 -22.63
C ASN A 149 -2.93 5.04 -22.66
N ALA A 150 -3.87 4.14 -22.96
CA ALA A 150 -3.60 2.72 -23.04
C ALA A 150 -3.44 2.09 -21.66
N THR A 151 -3.18 0.78 -21.64
CA THR A 151 -3.01 0.04 -20.41
C THR A 151 -1.82 -0.90 -20.51
N LYS A 152 -0.65 -0.34 -20.77
CA LYS A 152 0.57 -1.13 -20.89
C LYS A 152 0.99 -1.73 -19.56
N ASN A 153 0.08 -2.50 -18.96
CA ASN A 153 0.31 -3.15 -17.68
C ASN A 153 0.21 -2.17 -16.52
N THR A 154 -0.01 -0.89 -16.83
CA THR A 154 -0.12 0.13 -15.80
C THR A 154 -1.49 0.80 -15.80
N TRP A 155 -1.68 1.68 -14.82
CA TRP A 155 -2.93 2.40 -14.67
C TRP A 155 -2.64 3.88 -14.40
N ASN A 156 -3.36 4.75 -15.12
CA ASN A 156 -3.17 6.18 -14.95
C ASN A 156 -3.88 6.68 -13.71
N LEU A 157 -3.11 7.03 -12.68
CA LEU A 157 -3.67 7.52 -11.43
C LEU A 157 -3.59 9.05 -11.38
N GLY A 158 -2.47 9.59 -11.84
CA GLY A 158 -2.28 11.03 -11.83
C GLY A 158 -1.08 11.47 -11.04
N ASN A 159 -0.86 12.78 -10.97
CA ASN A 159 0.26 13.34 -10.24
C ASN A 159 0.24 12.90 -8.78
N ASN A 160 1.19 12.05 -8.44
CA ASN A 160 1.31 11.52 -7.07
C ASN A 160 1.05 12.61 -6.03
N ALA A 161 1.42 13.84 -6.36
CA ALA A 161 1.24 14.97 -5.45
C ALA A 161 -0.22 15.08 -5.00
N LYS A 162 -1.14 14.87 -5.94
CA LYS A 162 -2.56 14.94 -5.64
C LYS A 162 -3.38 14.31 -6.76
N ASP A 163 -3.53 13.00 -6.72
CA ASP A 163 -4.30 12.28 -7.74
C ASP A 163 -4.69 10.89 -7.25
N PRO A 164 -3.71 9.99 -7.04
CA PRO A 164 -3.97 8.63 -6.58
C PRO A 164 -4.55 8.61 -5.16
N ARG A 165 -5.73 8.02 -5.02
CA ARG A 165 -6.40 7.95 -3.71
C ARG A 165 -7.69 7.15 -3.81
N GLY A 166 -7.61 5.85 -3.52
CA GLY A 166 -8.79 5.01 -3.58
C GLY A 166 -8.47 3.54 -3.82
N THR A 167 -9.50 2.71 -3.82
CA THR A 167 -9.31 1.27 -4.04
C THR A 167 -9.53 0.91 -5.51
N TYR A 168 -8.63 0.10 -6.05
CA TYR A 168 -8.72 -0.32 -7.45
C TYR A 168 -8.42 -1.80 -7.61
N GLN A 169 -9.39 -2.55 -8.13
CA GLN A 169 -9.22 -3.98 -8.35
C GLN A 169 -8.88 -4.26 -9.80
N CYS A 170 -8.04 -5.27 -10.03
CA CYS A 170 -7.63 -5.62 -11.39
C CYS A 170 -7.94 -7.07 -11.71
N GLN A 171 -7.94 -7.41 -12.99
CA GLN A 171 -8.20 -8.78 -13.43
C GLN A 171 -7.26 -9.18 -14.56
N GLY A 172 -6.38 -10.14 -14.27
CA GLY A 172 -5.44 -10.61 -15.27
C GLY A 172 -5.92 -11.85 -15.98
N ALA A 173 -5.33 -12.13 -17.15
CA ALA A 173 -5.68 -13.30 -17.95
C ALA A 173 -6.22 -14.44 -17.10
N LYS A 174 -5.41 -14.89 -16.15
CA LYS A 174 -5.80 -15.97 -15.25
C LYS A 174 -5.46 -15.61 -13.81
N GLU A 175 -5.15 -14.34 -13.58
CA GLU A 175 -4.80 -13.86 -12.25
C GLU A 175 -5.44 -12.51 -11.96
N THR A 176 -6.42 -12.50 -11.05
CA THR A 176 -7.11 -11.28 -10.69
C THR A 176 -6.72 -10.83 -9.28
N SER A 177 -6.35 -9.56 -9.14
CA SER A 177 -5.95 -9.01 -7.85
C SER A 177 -7.12 -8.29 -7.20
N ASN A 178 -7.05 -8.13 -5.88
CA ASN A 178 -8.11 -7.46 -5.13
C ASN A 178 -7.93 -5.95 -5.17
N PRO A 179 -8.97 -5.20 -4.73
CA PRO A 179 -8.94 -3.74 -4.72
C PRO A 179 -7.72 -3.18 -4.01
N LEU A 180 -6.81 -2.58 -4.78
CA LEU A 180 -5.60 -2.01 -4.23
C LEU A 180 -5.87 -0.64 -3.61
N GLN A 181 -5.55 -0.50 -2.33
CA GLN A 181 -5.74 0.76 -1.63
C GLN A 181 -4.55 1.68 -1.84
N VAL A 182 -4.62 2.51 -2.86
CA VAL A 182 -3.53 3.44 -3.16
C VAL A 182 -3.74 4.75 -2.42
N TYR A 183 -3.10 4.87 -1.25
CA TYR A 183 -3.21 6.08 -0.44
C TYR A 183 -1.96 6.95 -0.59
N TYR A 184 -2.08 8.01 -1.38
CA TYR A 184 -0.97 8.91 -1.62
C TYR A 184 -1.18 10.24 -0.92
N ARG A 185 -0.14 11.08 -0.91
CA ARG A 185 -0.22 12.39 -0.27
C ARG A 185 -1.40 13.19 -0.80
N MET A 186 -2.13 13.83 0.11
CA MET A 186 -3.29 14.63 -0.26
C MET A 186 -3.05 16.11 0.06
N ASP A 1 -27.01 -14.16 11.81
CA ASP A 1 -25.84 -13.98 10.92
C ASP A 1 -25.42 -12.51 10.86
N ASP A 2 -24.28 -12.21 11.45
CA ASP A 2 -23.76 -10.85 11.47
C ASP A 2 -22.25 -10.83 11.25
N ALA A 3 -21.83 -10.66 10.01
CA ALA A 3 -20.42 -10.63 9.67
C ALA A 3 -20.11 -9.51 8.68
N GLU A 4 -19.33 -8.52 9.13
CA GLU A 4 -18.97 -7.40 8.29
C GLU A 4 -17.84 -7.77 7.33
N ASN A 5 -17.57 -6.90 6.37
CA ASN A 5 -16.52 -7.13 5.39
C ASN A 5 -16.14 -5.85 4.67
N ILE A 6 -15.51 -4.93 5.41
CA ILE A 6 -15.10 -3.65 4.83
C ILE A 6 -13.60 -3.64 4.56
N GLU A 7 -13.12 -2.56 3.95
CA GLU A 7 -11.71 -2.42 3.63
C GLU A 7 -10.99 -1.57 4.67
N TYR A 8 -9.66 -1.57 4.61
CA TYR A 8 -8.85 -0.80 5.54
C TYR A 8 -9.33 0.65 5.64
N LYS A 9 -9.42 1.16 6.87
CA LYS A 9 -9.87 2.52 7.09
C LYS A 9 -8.78 3.34 7.78
N VAL A 10 -8.29 4.37 7.09
CA VAL A 10 -7.23 5.22 7.64
C VAL A 10 -7.77 6.60 7.99
N SER A 11 -7.23 7.18 9.06
CA SER A 11 -7.65 8.51 9.50
C SER A 11 -6.52 9.19 10.28
N ILE A 12 -6.05 10.32 9.77
CA ILE A 12 -4.97 11.04 10.41
C ILE A 12 -5.49 11.94 11.53
N SER A 13 -4.95 11.73 12.73
CA SER A 13 -5.33 12.51 13.90
C SER A 13 -4.12 13.19 14.53
N GLY A 14 -4.13 14.52 14.53
CA GLY A 14 -3.03 15.28 15.11
C GLY A 14 -1.67 14.73 14.76
N THR A 15 -1.31 14.81 13.47
CA THR A 15 -0.02 14.33 13.00
C THR A 15 0.14 12.83 13.17
N SER A 16 -0.95 12.16 13.54
CA SER A 16 -0.93 10.72 13.72
C SER A 16 -1.84 10.06 12.70
N VAL A 17 -1.60 8.78 12.43
CA VAL A 17 -2.41 8.04 11.48
C VAL A 17 -3.07 6.84 12.13
N GLU A 18 -4.34 6.63 11.83
CA GLU A 18 -5.07 5.52 12.43
C GLU A 18 -5.68 4.60 11.37
N LEU A 19 -5.04 3.44 11.17
CA LEU A 19 -5.53 2.47 10.20
C LEU A 19 -6.44 1.46 10.88
N THR A 20 -7.42 0.97 10.15
CA THR A 20 -8.37 0.00 10.71
C THR A 20 -8.30 -1.32 9.95
N CYS A 21 -7.92 -2.38 10.67
CA CYS A 21 -7.80 -3.71 10.09
C CYS A 21 -9.17 -4.35 9.89
N PRO A 22 -9.39 -5.02 8.75
CA PRO A 22 -10.67 -5.68 8.45
C PRO A 22 -10.91 -6.95 9.28
N LEU A 23 -10.02 -7.21 10.24
CA LEU A 23 -10.15 -8.39 11.09
C LEU A 23 -10.04 -7.98 12.55
N ASP A 24 -10.96 -8.50 13.37
CA ASP A 24 -10.98 -8.19 14.79
C ASP A 24 -9.59 -8.28 15.41
N SER A 25 -9.47 -7.80 16.63
CA SER A 25 -8.20 -7.83 17.35
C SER A 25 -8.04 -9.13 18.12
N ASP A 26 -7.37 -10.09 17.50
CA ASP A 26 -7.15 -11.39 18.12
C ASP A 26 -5.90 -11.36 19.01
N GLU A 27 -5.75 -12.38 19.85
CA GLU A 27 -4.61 -12.48 20.74
C GLU A 27 -3.38 -12.98 20.01
N ASN A 28 -3.33 -12.70 18.71
CA ASN A 28 -2.21 -13.09 17.87
C ASN A 28 -2.22 -12.28 16.57
N LEU A 29 -2.92 -11.14 16.58
CA LEU A 29 -2.98 -10.28 15.40
C LEU A 29 -1.66 -9.54 15.22
N LYS A 30 -1.20 -9.46 13.98
CA LYS A 30 0.07 -8.80 13.69
C LYS A 30 -0.04 -7.92 12.45
N TRP A 31 0.90 -6.98 12.33
CA TRP A 31 0.92 -6.07 11.18
C TRP A 31 2.26 -6.18 10.44
N GLU A 32 2.20 -6.07 9.11
CA GLU A 32 3.40 -6.16 8.29
C GLU A 32 3.38 -5.08 7.21
N LYS A 33 4.48 -4.34 7.09
CA LYS A 33 4.57 -3.27 6.10
C LYS A 33 5.80 -3.44 5.20
N ASN A 34 5.64 -3.07 3.93
CA ASN A 34 6.71 -3.17 2.94
C ASN A 34 7.50 -4.47 3.08
N GLY A 35 8.60 -4.44 3.83
CA GLY A 35 9.41 -5.63 4.03
C GLY A 35 9.68 -5.93 5.49
N GLN A 36 9.25 -5.04 6.38
CA GLN A 36 9.46 -5.23 7.81
C GLN A 36 8.14 -5.63 8.48
N GLU A 37 8.26 -6.36 9.59
CA GLU A 37 7.09 -6.80 10.34
C GLU A 37 7.09 -6.23 11.75
N LEU A 38 5.92 -5.83 12.22
CA LEU A 38 5.79 -5.27 13.56
C LEU A 38 4.88 -6.13 14.43
N PRO A 39 5.47 -6.91 15.36
CA PRO A 39 4.70 -7.78 16.26
C PRO A 39 4.12 -7.02 17.45
N GLN A 40 3.58 -7.76 18.40
CA GLN A 40 3.00 -7.15 19.60
C GLN A 40 1.87 -6.18 19.23
N LYS A 41 1.26 -6.41 18.07
CA LYS A 41 0.17 -5.57 17.60
C LYS A 41 -1.14 -6.36 17.54
N HIS A 42 -1.69 -6.68 18.70
CA HIS A 42 -2.94 -7.42 18.77
C HIS A 42 -4.14 -6.49 18.76
N ASP A 43 -4.08 -5.47 17.90
CA ASP A 43 -5.17 -4.49 17.80
C ASP A 43 -5.69 -4.40 16.37
N LYS A 44 -7.00 -4.19 16.25
CA LYS A 44 -7.63 -4.09 14.94
C LYS A 44 -7.24 -2.80 14.25
N HIS A 45 -7.16 -1.72 15.02
CA HIS A 45 -6.81 -0.42 14.46
C HIS A 45 -5.38 -0.03 14.86
N LEU A 46 -4.47 -0.05 13.89
CA LEU A 46 -3.08 0.32 14.14
C LEU A 46 -2.91 1.82 14.02
N VAL A 47 -2.25 2.42 15.00
CA VAL A 47 -2.03 3.86 14.99
C VAL A 47 -0.59 4.20 14.67
N LEU A 48 -0.41 5.28 13.92
CA LEU A 48 0.91 5.75 13.55
C LEU A 48 1.11 7.17 14.07
N GLN A 49 1.71 7.28 15.24
CA GLN A 49 1.97 8.58 15.85
C GLN A 49 3.23 9.20 15.26
N ASP A 50 3.09 10.41 14.73
CA ASP A 50 4.22 11.10 14.11
C ASP A 50 4.60 10.41 12.81
N PHE A 51 3.70 10.51 11.84
CA PHE A 51 3.90 9.89 10.53
C PHE A 51 5.10 10.49 9.82
N SER A 52 5.87 9.62 9.14
CA SER A 52 7.05 10.05 8.41
C SER A 52 7.07 9.43 7.01
N GLU A 53 6.72 10.23 6.02
CA GLU A 53 6.71 9.75 4.63
C GLU A 53 8.11 9.29 4.21
N VAL A 54 9.12 9.88 4.84
CA VAL A 54 10.51 9.55 4.56
C VAL A 54 10.79 8.08 4.90
N GLU A 55 10.13 7.57 5.93
CA GLU A 55 10.32 6.20 6.36
C GLU A 55 10.04 5.22 5.21
N ASP A 56 9.27 5.69 4.22
CA ASP A 56 8.92 4.87 3.06
C ASP A 56 7.80 3.89 3.40
N SER A 57 6.60 4.41 3.59
CA SER A 57 5.44 3.60 3.91
C SER A 57 4.70 3.18 2.64
N GLY A 58 3.53 2.57 2.80
CA GLY A 58 2.76 2.15 1.66
C GLY A 58 2.14 0.77 1.85
N TYR A 59 2.85 -0.26 1.39
CA TYR A 59 2.36 -1.63 1.51
C TYR A 59 2.25 -2.06 2.96
N TYR A 60 1.03 -2.41 3.38
CA TYR A 60 0.79 -2.84 4.75
C TYR A 60 -0.12 -4.08 4.75
N VAL A 61 -0.08 -4.84 5.85
CA VAL A 61 -0.88 -6.04 5.95
C VAL A 61 -1.24 -6.35 7.40
N CYS A 62 -2.40 -6.97 7.60
CA CYS A 62 -2.87 -7.32 8.94
C CYS A 62 -3.57 -8.68 8.90
N TYR A 63 -3.14 -9.59 9.76
CA TYR A 63 -3.73 -10.92 9.83
C TYR A 63 -3.34 -11.65 11.11
N THR A 64 -4.14 -12.64 11.49
CA THR A 64 -3.88 -13.41 12.69
C THR A 64 -3.92 -14.91 12.38
N PRO A 65 -3.29 -15.74 13.23
CA PRO A 65 -3.27 -17.19 13.03
C PRO A 65 -4.66 -17.77 12.89
N ALA A 66 -5.56 -17.34 13.77
CA ALA A 66 -6.95 -17.81 13.73
C ALA A 66 -7.64 -17.36 12.45
N SER A 67 -7.14 -16.29 11.86
CA SER A 67 -7.70 -15.76 10.62
C SER A 67 -6.59 -15.49 9.61
N ASN A 68 -6.33 -16.47 8.75
CA ASN A 68 -5.28 -16.34 7.73
C ASN A 68 -5.83 -15.63 6.50
N LYS A 69 -6.02 -14.31 6.61
CA LYS A 69 -6.53 -13.52 5.51
C LYS A 69 -5.50 -12.48 5.07
N ASN A 70 -5.05 -12.57 3.83
CA ASN A 70 -4.06 -11.63 3.30
C ASN A 70 -4.74 -10.35 2.81
N THR A 71 -4.33 -9.23 3.39
CA THR A 71 -4.89 -7.94 3.02
C THR A 71 -3.77 -6.91 2.83
N TYR A 72 -3.33 -6.74 1.59
CA TYR A 72 -2.27 -5.78 1.28
C TYR A 72 -2.83 -4.41 0.94
N LEU A 73 -2.59 -3.44 1.83
CA LEU A 73 -3.07 -2.08 1.61
C LEU A 73 -1.91 -1.15 1.29
N TYR A 74 -2.20 -0.07 0.58
CA TYR A 74 -1.17 0.90 0.21
C TYR A 74 -1.43 2.25 0.87
N LEU A 75 -0.68 2.53 1.94
CA LEU A 75 -0.82 3.78 2.67
C LEU A 75 0.47 4.58 2.62
N LYS A 76 0.42 5.72 1.93
CA LYS A 76 1.59 6.59 1.79
C LYS A 76 1.18 8.05 1.92
N ALA A 77 1.56 8.68 3.03
CA ALA A 77 1.23 10.08 3.27
C ALA A 77 2.21 10.73 4.23
N ARG A 78 2.03 12.02 4.48
CA ARG A 78 2.89 12.77 5.37
C ARG A 78 2.08 13.64 6.33
N VAL A 79 2.66 13.95 7.48
CA VAL A 79 2.00 14.78 8.48
C VAL A 79 2.99 15.75 9.10
N GLY A 80 2.45 16.81 9.70
CA GLY A 80 3.27 17.80 10.36
C GLY A 80 4.55 18.12 9.61
N SER A 81 5.58 18.37 10.38
CA SER A 81 6.89 18.70 9.81
C SER A 81 7.77 17.46 9.77
N ALA A 82 7.28 16.43 9.07
CA ALA A 82 8.02 15.19 8.94
C ALA A 82 8.61 15.05 7.54
N ASP A 83 9.19 16.13 7.07
CA ASP A 83 9.82 16.16 5.76
C ASP A 83 10.98 17.13 5.79
N ASP A 84 11.67 17.13 6.92
CA ASP A 84 12.82 18.01 7.12
C ASP A 84 14.09 17.19 7.33
N ALA A 85 14.47 16.42 6.31
CA ALA A 85 15.66 15.59 6.39
C ALA A 85 15.54 14.54 7.50
N LYS A 86 16.64 13.87 7.79
CA LYS A 86 16.66 12.84 8.82
C LYS A 86 18.02 12.79 9.52
N LYS A 87 18.09 12.06 10.63
CA LYS A 87 19.33 11.93 11.38
C LYS A 87 19.32 10.66 12.23
N ASP A 88 20.30 9.80 12.00
CA ASP A 88 20.41 8.55 12.75
C ASP A 88 19.14 7.71 12.61
N ALA A 89 18.61 7.67 11.39
CA ALA A 89 17.39 6.90 11.13
C ALA A 89 17.59 5.97 9.93
N ALA A 90 18.32 4.88 10.15
CA ALA A 90 18.57 3.90 9.08
C ALA A 90 19.28 4.56 7.91
N LYS A 91 19.32 3.88 6.77
CA LYS A 91 19.96 4.40 5.57
C LYS A 91 21.48 4.42 5.74
N LYS A 92 21.95 5.24 6.67
CA LYS A 92 23.38 5.36 6.93
C LYS A 92 24.10 6.03 5.77
N ASP A 93 24.88 7.06 6.08
CA ASP A 93 25.63 7.79 5.05
C ASP A 93 26.77 6.95 4.50
N ASP A 94 27.46 7.48 3.50
CA ASP A 94 28.59 6.79 2.88
C ASP A 94 28.15 5.46 2.29
N ALA A 95 27.49 5.51 1.15
CA ALA A 95 27.01 4.31 0.48
C ALA A 95 28.17 3.44 0.01
N LYS A 96 27.85 2.32 -0.62
CA LYS A 96 28.87 1.40 -1.11
C LYS A 96 28.95 1.43 -2.64
N LYS A 97 29.27 2.60 -3.18
CA LYS A 97 29.37 2.76 -4.63
C LYS A 97 28.06 2.37 -5.32
N ASP A 98 27.25 3.37 -5.63
CA ASP A 98 25.96 3.14 -6.29
C ASP A 98 25.06 2.28 -5.41
N ASP A 99 23.86 2.01 -5.91
CA ASP A 99 22.89 1.19 -5.19
C ASP A 99 23.25 -0.28 -5.25
N ALA A 100 23.42 -0.90 -4.08
CA ALA A 100 23.77 -2.31 -4.00
C ALA A 100 22.52 -3.18 -3.93
N LYS A 101 21.57 -2.93 -4.81
CA LYS A 101 20.32 -3.69 -4.83
C LYS A 101 20.11 -4.36 -6.19
N LYS A 102 20.52 -3.67 -7.26
CA LYS A 102 20.38 -4.21 -8.61
C LYS A 102 21.47 -5.23 -8.93
N ASP A 103 22.37 -5.46 -7.99
CA ASP A 103 23.45 -6.43 -8.19
C ASP A 103 23.14 -7.75 -7.53
N GLY A 104 21.85 -8.07 -7.47
CA GLY A 104 21.41 -9.31 -6.87
C GLY A 104 21.78 -9.42 -5.40
N SER A 105 21.92 -8.27 -4.74
CA SER A 105 22.26 -8.24 -3.32
C SER A 105 21.14 -8.83 -2.49
N GLN A 106 21.45 -9.09 -1.21
CA GLN A 106 20.48 -9.64 -0.29
C GLN A 106 19.90 -8.55 0.60
N THR A 107 18.58 -8.53 0.69
CA THR A 107 17.87 -7.56 1.50
C THR A 107 16.37 -7.79 1.44
N ASN A 108 15.95 -8.94 1.93
CA ASN A 108 14.54 -9.32 1.94
C ASN A 108 14.03 -9.51 0.52
N LYS A 109 13.57 -10.72 0.22
CA LYS A 109 13.05 -11.04 -1.10
C LYS A 109 11.56 -11.38 -1.04
N ALA A 110 10.82 -10.98 -2.07
CA ALA A 110 9.39 -11.24 -2.14
C ALA A 110 8.88 -11.11 -3.58
N LYS A 111 7.95 -11.99 -3.94
CA LYS A 111 7.38 -11.98 -5.28
C LYS A 111 5.90 -11.62 -5.24
N ASN A 112 5.62 -10.31 -5.26
CA ASN A 112 4.23 -9.83 -5.22
C ASN A 112 3.59 -9.94 -6.59
N LEU A 113 2.26 -9.83 -6.63
CA LEU A 113 1.52 -9.91 -7.88
C LEU A 113 1.28 -8.53 -8.46
N VAL A 114 0.48 -7.72 -7.76
CA VAL A 114 0.18 -6.37 -8.21
C VAL A 114 1.04 -5.35 -7.47
N GLN A 115 1.56 -4.39 -8.22
CA GLN A 115 2.40 -3.35 -7.65
C GLN A 115 2.10 -2.00 -8.29
N VAL A 116 2.39 -0.93 -7.57
CA VAL A 116 2.17 0.43 -8.08
C VAL A 116 3.47 1.22 -8.09
N ASP A 117 3.61 2.10 -9.08
CA ASP A 117 4.81 2.93 -9.20
C ASP A 117 4.58 4.31 -8.60
N GLY A 118 5.67 4.97 -8.22
CA GLY A 118 5.57 6.29 -7.64
C GLY A 118 6.65 7.23 -8.14
N SER A 119 7.87 6.71 -8.26
CA SER A 119 8.99 7.52 -8.73
C SER A 119 9.34 7.17 -10.17
N ARG A 120 8.61 7.77 -11.10
CA ARG A 120 8.85 7.54 -12.53
C ARG A 120 9.69 8.65 -13.14
N GLY A 121 10.34 9.42 -12.29
CA GLY A 121 11.16 10.52 -12.74
C GLY A 121 10.50 11.86 -12.55
N ASP A 122 9.22 11.94 -12.91
CA ASP A 122 8.45 13.17 -12.77
C ASP A 122 7.56 13.11 -11.54
N GLY A 123 7.51 11.94 -10.90
CA GLY A 123 6.68 11.77 -9.72
C GLY A 123 5.29 11.28 -10.05
N SER A 124 5.19 10.52 -11.14
CA SER A 124 3.90 9.98 -11.57
C SER A 124 3.67 8.59 -10.99
N VAL A 125 2.42 8.26 -10.70
CA VAL A 125 2.07 6.97 -10.13
C VAL A 125 1.53 6.03 -11.21
N LEU A 126 2.13 4.85 -11.32
CA LEU A 126 1.70 3.86 -12.30
C LEU A 126 1.37 2.53 -11.64
N LEU A 127 0.07 2.27 -11.51
CA LEU A 127 -0.40 1.03 -10.88
C LEU A 127 -0.34 -0.13 -11.87
N THR A 128 0.49 -1.11 -11.57
CA THR A 128 0.64 -2.28 -12.44
C THR A 128 -0.16 -3.46 -11.91
N CYS A 129 -0.72 -4.23 -12.83
CA CYS A 129 -1.51 -5.41 -12.47
C CYS A 129 -1.32 -6.53 -13.49
N GLY A 130 -0.10 -6.69 -13.98
CA GLY A 130 0.18 -7.71 -14.95
C GLY A 130 0.52 -9.04 -14.31
N LEU A 131 -0.40 -9.51 -13.47
CA LEU A 131 -0.26 -10.77 -12.76
C LEU A 131 -0.17 -11.96 -13.72
N THR A 132 0.86 -11.95 -14.57
CA THR A 132 1.09 -13.02 -15.53
C THR A 132 -0.06 -13.15 -16.53
N ASP A 133 -0.87 -12.10 -16.65
CA ASP A 133 -2.00 -12.12 -17.56
C ASP A 133 -1.69 -11.32 -18.82
N LYS A 134 -2.23 -11.79 -19.92
CA LYS A 134 -2.07 -11.12 -21.20
C LYS A 134 -3.11 -10.02 -21.34
N THR A 135 -3.97 -9.90 -20.32
CA THR A 135 -5.02 -8.89 -20.33
C THR A 135 -5.07 -8.15 -19.01
N ILE A 136 -5.36 -6.85 -19.06
CA ILE A 136 -5.46 -6.03 -17.87
C ILE A 136 -6.67 -5.12 -17.92
N LYS A 137 -7.66 -5.40 -17.08
CA LYS A 137 -8.87 -4.59 -17.01
C LYS A 137 -9.08 -4.09 -15.60
N TRP A 138 -8.86 -2.79 -15.40
CA TRP A 138 -9.01 -2.18 -14.09
C TRP A 138 -10.41 -1.60 -13.90
N LEU A 139 -10.88 -1.63 -12.67
CA LEU A 139 -12.21 -1.10 -12.33
C LEU A 139 -12.18 -0.38 -10.98
N LYS A 140 -13.08 0.57 -10.81
CA LYS A 140 -13.15 1.33 -9.56
C LYS A 140 -14.52 1.17 -8.90
N ASP A 141 -14.53 0.57 -7.71
CA ASP A 141 -15.78 0.37 -6.98
C ASP A 141 -16.83 -0.28 -7.85
N GLY A 142 -16.38 -1.09 -8.81
CA GLY A 142 -17.31 -1.77 -9.70
C GLY A 142 -17.57 -0.98 -10.97
N SER A 143 -16.68 -0.04 -11.28
CA SER A 143 -16.82 0.79 -12.47
C SER A 143 -15.64 0.57 -13.42
N ILE A 144 -15.94 0.36 -14.69
CA ILE A 144 -14.91 0.15 -15.70
C ILE A 144 -14.17 1.45 -16.01
N ILE A 145 -12.86 1.44 -15.80
CA ILE A 145 -12.03 2.59 -16.06
C ILE A 145 -10.73 2.16 -16.73
N SER A 146 -10.64 2.41 -18.02
CA SER A 146 -9.45 2.05 -18.78
C SER A 146 -8.76 3.28 -19.36
N PRO A 147 -7.44 3.17 -19.64
CA PRO A 147 -6.65 4.27 -20.19
C PRO A 147 -6.95 4.54 -21.66
N LEU A 148 -6.39 5.63 -22.18
CA LEU A 148 -6.59 6.00 -23.56
C LEU A 148 -5.28 5.97 -24.33
N ASN A 149 -5.16 4.98 -25.20
CA ASN A 149 -3.96 4.80 -26.01
C ASN A 149 -2.75 4.50 -25.15
N ALA A 150 -2.98 3.85 -24.02
CA ALA A 150 -1.89 3.48 -23.11
C ALA A 150 -2.16 2.14 -22.46
N THR A 151 -1.16 1.28 -22.43
CA THR A 151 -1.31 -0.05 -21.84
C THR A 151 0.03 -0.71 -21.57
N LYS A 152 0.80 -0.14 -20.64
CA LYS A 152 2.09 -0.71 -20.28
C LYS A 152 1.96 -1.50 -18.99
N ASN A 153 0.90 -2.28 -18.92
CA ASN A 153 0.60 -3.10 -17.77
C ASN A 153 0.48 -2.23 -16.51
N THR A 154 0.32 -0.91 -16.71
CA THR A 154 0.19 0.02 -15.60
C THR A 154 -1.15 0.76 -15.63
N TRP A 155 -1.36 1.60 -14.63
CA TRP A 155 -2.57 2.39 -14.51
C TRP A 155 -2.22 3.83 -14.15
N ASN A 156 -2.84 4.78 -14.83
CA ASN A 156 -2.58 6.20 -14.58
C ASN A 156 -3.35 6.68 -13.36
N LEU A 157 -2.65 6.79 -12.23
CA LEU A 157 -3.27 7.25 -10.99
C LEU A 157 -3.20 8.77 -10.88
N GLY A 158 -2.16 9.34 -11.47
CA GLY A 158 -2.00 10.79 -11.43
C GLY A 158 -0.61 11.20 -10.97
N ASN A 159 -0.54 12.37 -10.31
CA ASN A 159 0.72 12.88 -9.80
C ASN A 159 0.71 12.90 -8.28
N ASN A 160 1.69 12.24 -7.68
CA ASN A 160 1.81 12.17 -6.23
C ASN A 160 1.49 13.51 -5.56
N ALA A 161 1.81 14.60 -6.26
CA ALA A 161 1.55 15.94 -5.73
C ALA A 161 0.07 16.14 -5.45
N LYS A 162 -0.77 15.59 -6.33
CA LYS A 162 -2.22 15.72 -6.18
C LYS A 162 -2.94 14.71 -7.07
N ASP A 163 -2.96 13.45 -6.64
CA ASP A 163 -3.62 12.39 -7.39
C ASP A 163 -4.70 11.71 -6.56
N PRO A 164 -5.82 11.31 -7.19
CA PRO A 164 -6.92 10.64 -6.49
C PRO A 164 -6.47 9.38 -5.76
N ARG A 165 -7.31 8.88 -4.86
CA ARG A 165 -7.00 7.68 -4.09
C ARG A 165 -8.23 6.79 -3.95
N GLY A 166 -8.02 5.54 -3.56
CA GLY A 166 -9.13 4.62 -3.40
C GLY A 166 -8.76 3.18 -3.69
N THR A 167 -9.76 2.37 -3.99
CA THR A 167 -9.54 0.96 -4.29
C THR A 167 -9.68 0.69 -5.78
N TYR A 168 -8.78 -0.12 -6.33
CA TYR A 168 -8.80 -0.46 -7.74
C TYR A 168 -8.53 -1.94 -7.96
N GLN A 169 -9.48 -2.62 -8.61
CA GLN A 169 -9.34 -4.04 -8.90
C GLN A 169 -9.02 -4.26 -10.38
N CYS A 170 -8.34 -5.35 -10.69
CA CYS A 170 -7.99 -5.65 -12.08
C CYS A 170 -8.39 -7.06 -12.46
N GLN A 171 -8.77 -7.25 -13.73
CA GLN A 171 -9.18 -8.55 -14.21
C GLN A 171 -8.30 -9.00 -15.37
N GLY A 172 -7.58 -10.09 -15.17
CA GLY A 172 -6.71 -10.61 -16.21
C GLY A 172 -7.29 -11.82 -16.91
N ALA A 173 -6.81 -12.06 -18.12
CA ALA A 173 -7.27 -13.18 -18.95
C ALA A 173 -7.73 -14.38 -18.12
N LYS A 174 -6.81 -14.92 -17.33
CA LYS A 174 -7.11 -16.07 -16.48
C LYS A 174 -6.75 -15.79 -15.03
N GLU A 175 -6.45 -14.53 -14.72
CA GLU A 175 -6.10 -14.14 -13.37
C GLU A 175 -6.56 -12.73 -13.05
N THR A 176 -7.32 -12.58 -11.97
CA THR A 176 -7.84 -11.28 -11.57
C THR A 176 -7.35 -10.90 -10.17
N SER A 177 -6.70 -9.74 -10.06
CA SER A 177 -6.18 -9.27 -8.78
C SER A 177 -7.27 -8.55 -7.99
N ASN A 178 -7.08 -8.43 -6.69
CA ASN A 178 -8.06 -7.78 -5.83
C ASN A 178 -7.91 -6.26 -5.85
N PRO A 179 -8.92 -5.54 -5.31
CA PRO A 179 -8.91 -4.07 -5.29
C PRO A 179 -7.78 -3.49 -4.45
N LEU A 180 -6.82 -2.85 -5.12
CA LEU A 180 -5.68 -2.25 -4.46
C LEU A 180 -6.04 -0.91 -3.84
N GLN A 181 -5.71 -0.75 -2.56
CA GLN A 181 -5.96 0.50 -1.86
C GLN A 181 -4.78 1.44 -2.00
N VAL A 182 -4.81 2.28 -3.03
CA VAL A 182 -3.72 3.22 -3.29
C VAL A 182 -4.01 4.57 -2.64
N TYR A 183 -3.41 4.81 -1.49
CA TYR A 183 -3.60 6.06 -0.77
C TYR A 183 -2.44 7.02 -1.00
N TYR A 184 -2.57 7.86 -2.01
CA TYR A 184 -1.52 8.82 -2.34
C TYR A 184 -1.93 10.24 -1.94
N ARG A 185 -2.31 10.40 -0.67
CA ARG A 185 -2.72 11.70 -0.16
C ARG A 185 -1.52 12.59 0.14
N MET A 186 -1.72 13.90 0.07
CA MET A 186 -0.64 14.85 0.33
C MET A 186 -1.19 16.25 0.53
N ASP A 1 -21.09 0.38 13.31
CA ASP A 1 -21.16 -0.95 13.98
C ASP A 1 -21.55 -2.05 12.98
N ASP A 2 -21.04 -3.26 13.22
CA ASP A 2 -21.34 -4.40 12.34
C ASP A 2 -20.80 -4.15 10.94
N ALA A 3 -21.28 -4.95 9.98
CA ALA A 3 -20.85 -4.82 8.60
C ALA A 3 -19.38 -5.21 8.44
N GLU A 4 -19.09 -6.03 7.44
CA GLU A 4 -17.74 -6.49 7.18
C GLU A 4 -17.28 -6.07 5.79
N ASN A 5 -16.00 -6.31 5.49
CA ASN A 5 -15.44 -5.97 4.19
C ASN A 5 -15.45 -4.46 3.97
N ILE A 6 -14.83 -3.73 4.90
CA ILE A 6 -14.77 -2.27 4.82
C ILE A 6 -13.38 -1.83 4.37
N GLU A 7 -13.23 -0.52 4.17
CA GLU A 7 -11.95 0.04 3.74
C GLU A 7 -11.16 0.60 4.93
N TYR A 8 -9.86 0.36 4.94
CA TYR A 8 -9.01 0.85 6.01
C TYR A 8 -9.08 2.36 6.14
N LYS A 9 -9.07 2.86 7.36
CA LYS A 9 -9.14 4.30 7.60
C LYS A 9 -7.79 4.84 8.06
N VAL A 10 -7.22 5.74 7.29
CA VAL A 10 -5.92 6.33 7.62
C VAL A 10 -6.05 7.83 7.88
N SER A 11 -5.31 8.31 8.89
CA SER A 11 -5.32 9.72 9.24
C SER A 11 -4.01 10.12 9.90
N ILE A 12 -3.33 11.09 9.31
CA ILE A 12 -2.06 11.56 9.85
C ILE A 12 -2.25 12.58 10.96
N SER A 13 -1.71 12.29 12.12
CA SER A 13 -1.80 13.16 13.28
C SER A 13 -0.42 13.51 13.81
N GLY A 14 0.00 14.76 13.61
CA GLY A 14 1.31 15.18 14.08
C GLY A 14 2.42 14.27 13.64
N THR A 15 2.60 14.15 12.32
CA THR A 15 3.65 13.32 11.74
C THR A 15 3.45 11.85 12.08
N SER A 16 2.31 11.52 12.65
CA SER A 16 2.00 10.14 13.01
C SER A 16 0.77 9.65 12.26
N VAL A 17 0.91 8.52 11.57
CA VAL A 17 -0.19 7.95 10.81
C VAL A 17 -1.03 7.02 11.69
N GLU A 18 -2.31 6.94 11.40
CA GLU A 18 -3.21 6.10 12.18
C GLU A 18 -4.16 5.34 11.27
N LEU A 19 -3.87 4.06 11.06
CA LEU A 19 -4.70 3.20 10.22
C LEU A 19 -5.78 2.53 11.05
N THR A 20 -6.91 2.25 10.43
CA THR A 20 -8.02 1.59 11.12
C THR A 20 -8.36 0.26 10.45
N CYS A 21 -8.01 -0.83 11.11
CA CYS A 21 -8.27 -2.17 10.60
C CYS A 21 -9.76 -2.47 10.58
N PRO A 22 -10.27 -3.07 9.48
CA PRO A 22 -11.69 -3.42 9.36
C PRO A 22 -12.10 -4.55 10.31
N LEU A 23 -11.15 -5.04 11.10
CA LEU A 23 -11.43 -6.11 12.05
C LEU A 23 -11.10 -5.65 13.47
N ASP A 24 -12.04 -5.87 14.38
CA ASP A 24 -11.86 -5.48 15.77
C ASP A 24 -10.51 -5.93 16.30
N SER A 25 -10.20 -5.53 17.52
CA SER A 25 -8.95 -5.89 18.16
C SER A 25 -9.14 -7.09 19.08
N ASP A 26 -8.76 -8.27 18.58
CA ASP A 26 -8.88 -9.49 19.34
C ASP A 26 -7.53 -9.93 19.88
N GLU A 27 -7.54 -10.88 20.81
CA GLU A 27 -6.30 -11.39 21.40
C GLU A 27 -5.57 -12.31 20.42
N ASN A 28 -5.69 -12.00 19.14
CA ASN A 28 -5.05 -12.76 18.09
C ASN A 28 -4.93 -11.94 16.81
N LEU A 29 -5.13 -10.62 16.92
CA LEU A 29 -5.03 -9.73 15.78
C LEU A 29 -3.57 -9.32 15.56
N LYS A 30 -3.12 -9.39 14.32
CA LYS A 30 -1.75 -9.03 14.00
C LYS A 30 -1.64 -8.29 12.68
N TRP A 31 -0.49 -7.66 12.47
CA TRP A 31 -0.24 -6.91 11.24
C TRP A 31 1.01 -7.45 10.55
N GLU A 32 1.21 -7.05 9.29
CA GLU A 32 2.37 -7.49 8.53
C GLU A 32 2.72 -6.50 7.44
N LYS A 33 4.00 -6.13 7.37
CA LYS A 33 4.48 -5.18 6.37
C LYS A 33 5.29 -5.90 5.30
N ASN A 34 5.30 -5.35 4.09
CA ASN A 34 6.04 -5.94 2.98
C ASN A 34 7.45 -6.34 3.40
N GLY A 35 8.00 -5.63 4.37
CA GLY A 35 9.34 -5.92 4.85
C GLY A 35 9.33 -6.81 6.09
N GLN A 36 9.02 -6.22 7.24
CA GLN A 36 8.99 -6.96 8.49
C GLN A 36 7.55 -7.09 9.01
N GLU A 37 7.30 -8.16 9.76
CA GLU A 37 5.97 -8.40 10.31
C GLU A 37 5.91 -8.01 11.79
N LEU A 38 4.71 -7.68 12.26
CA LEU A 38 4.53 -7.29 13.65
C LEU A 38 3.65 -8.30 14.39
N PRO A 39 4.26 -9.17 15.21
CA PRO A 39 3.54 -10.18 15.97
C PRO A 39 3.25 -9.75 17.39
N GLN A 40 2.94 -8.48 17.53
CA GLN A 40 2.63 -7.91 18.83
C GLN A 40 1.72 -6.68 18.68
N LYS A 41 0.71 -6.79 17.83
CA LYS A 41 -0.22 -5.70 17.60
C LYS A 41 -1.66 -6.19 17.69
N HIS A 42 -2.16 -6.28 18.92
CA HIS A 42 -3.53 -6.74 19.15
C HIS A 42 -4.50 -5.56 19.15
N ASP A 43 -4.27 -4.61 18.23
CA ASP A 43 -5.12 -3.45 18.13
C ASP A 43 -5.70 -3.31 16.72
N LYS A 44 -6.92 -2.77 16.65
CA LYS A 44 -7.60 -2.59 15.37
C LYS A 44 -7.00 -1.43 14.59
N HIS A 45 -6.56 -0.39 15.31
CA HIS A 45 -5.98 0.77 14.67
C HIS A 45 -4.46 0.79 14.84
N LEU A 46 -3.75 0.64 13.73
CA LEU A 46 -2.29 0.66 13.76
C LEU A 46 -1.78 2.06 13.50
N VAL A 47 -0.85 2.51 14.33
CA VAL A 47 -0.29 3.85 14.19
C VAL A 47 1.13 3.81 13.65
N LEU A 48 1.44 4.75 12.77
CA LEU A 48 2.77 4.85 12.20
C LEU A 48 3.35 6.22 12.50
N GLN A 49 4.10 6.31 13.58
CA GLN A 49 4.70 7.57 13.99
C GLN A 49 5.93 7.87 13.14
N ASP A 50 5.86 8.97 12.39
CA ASP A 50 6.95 9.38 11.51
C ASP A 50 6.94 8.52 10.25
N PHE A 51 5.96 8.76 9.39
CA PHE A 51 5.81 8.01 8.15
C PHE A 51 6.86 8.40 7.12
N SER A 52 7.29 7.43 6.32
CA SER A 52 8.28 7.65 5.28
C SER A 52 7.83 7.03 3.96
N GLU A 53 7.37 7.86 3.05
CA GLU A 53 6.91 7.39 1.74
C GLU A 53 8.09 7.06 0.83
N VAL A 54 9.02 8.01 0.72
CA VAL A 54 10.21 7.85 -0.11
C VAL A 54 10.79 6.44 -0.01
N GLU A 55 10.67 5.84 1.17
CA GLU A 55 11.18 4.50 1.40
C GLU A 55 10.67 3.53 0.33
N ASP A 56 9.34 3.36 0.28
CA ASP A 56 8.71 2.46 -0.68
C ASP A 56 7.27 2.17 -0.29
N SER A 57 6.45 3.22 -0.24
CA SER A 57 5.04 3.08 0.12
C SER A 57 4.89 2.35 1.45
N GLY A 58 3.70 1.83 1.72
CA GLY A 58 3.47 1.11 2.97
C GLY A 58 2.50 -0.04 2.82
N TYR A 59 3.01 -1.18 2.39
CA TYR A 59 2.20 -2.38 2.22
C TYR A 59 1.96 -3.07 3.55
N TYR A 60 0.77 -2.89 4.11
CA TYR A 60 0.42 -3.49 5.38
C TYR A 60 -0.72 -4.49 5.24
N VAL A 61 -0.87 -5.33 6.25
CA VAL A 61 -1.91 -6.35 6.24
C VAL A 61 -2.38 -6.69 7.66
N CYS A 62 -3.65 -6.44 7.94
CA CYS A 62 -4.22 -6.72 9.25
C CYS A 62 -5.32 -7.77 9.16
N TYR A 63 -5.22 -8.81 9.97
CA TYR A 63 -6.20 -9.88 9.97
C TYR A 63 -6.07 -10.75 11.22
N THR A 64 -7.02 -11.67 11.39
CA THR A 64 -7.00 -12.57 12.54
C THR A 64 -7.10 -14.02 12.07
N PRO A 65 -6.27 -14.92 12.64
CA PRO A 65 -6.28 -16.34 12.28
C PRO A 65 -7.68 -16.96 12.31
N ALA A 66 -8.56 -16.36 13.08
CA ALA A 66 -9.93 -16.86 13.20
C ALA A 66 -10.95 -15.82 12.74
N SER A 67 -10.48 -14.64 12.36
CA SER A 67 -11.38 -13.57 11.92
C SER A 67 -10.96 -13.04 10.54
N ASN A 68 -11.74 -13.39 9.52
CA ASN A 68 -11.49 -12.96 8.16
C ASN A 68 -10.07 -13.31 7.71
N LYS A 69 -9.85 -13.28 6.40
CA LYS A 69 -8.55 -13.59 5.83
C LYS A 69 -7.68 -12.34 5.75
N ASN A 70 -6.43 -12.52 5.33
CA ASN A 70 -5.49 -11.41 5.21
C ASN A 70 -5.74 -10.63 3.93
N THR A 71 -5.54 -9.31 4.01
CA THR A 71 -5.73 -8.44 2.86
C THR A 71 -4.54 -7.49 2.70
N TYR A 72 -4.04 -7.39 1.47
CA TYR A 72 -2.90 -6.52 1.20
C TYR A 72 -3.36 -5.10 0.88
N LEU A 73 -3.04 -4.18 1.79
CA LEU A 73 -3.42 -2.78 1.61
C LEU A 73 -2.20 -1.93 1.27
N TYR A 74 -2.43 -0.83 0.55
CA TYR A 74 -1.35 0.06 0.16
C TYR A 74 -1.47 1.39 0.91
N LEU A 75 -0.39 1.81 1.54
CA LEU A 75 -0.38 3.06 2.31
C LEU A 75 0.62 4.04 1.72
N LYS A 76 0.11 5.11 1.12
CA LYS A 76 0.97 6.14 0.55
C LYS A 76 0.65 7.51 1.16
N ALA A 77 1.56 7.99 2.00
CA ALA A 77 1.38 9.28 2.66
C ALA A 77 2.73 9.86 3.07
N ARG A 78 2.77 11.18 3.23
CA ARG A 78 3.99 11.86 3.63
C ARG A 78 3.76 12.70 4.89
N VAL A 79 4.79 12.80 5.72
CA VAL A 79 4.70 13.59 6.94
C VAL A 79 6.01 14.26 7.26
N GLY A 80 5.92 15.38 7.97
CA GLY A 80 7.10 16.12 8.37
C GLY A 80 8.17 16.16 7.31
N SER A 81 9.40 16.12 7.76
CA SER A 81 10.55 16.14 6.86
C SER A 81 10.97 14.73 6.49
N ALA A 82 10.05 14.00 5.86
CA ALA A 82 10.32 12.63 5.45
C ALA A 82 10.44 12.54 3.94
N ASP A 83 11.18 13.48 3.38
CA ASP A 83 11.41 13.54 1.95
C ASP A 83 12.81 14.05 1.68
N ASP A 84 13.72 13.63 2.55
CA ASP A 84 15.12 14.03 2.44
C ASP A 84 16.01 12.83 2.15
N ALA A 85 15.55 11.64 2.54
CA ALA A 85 16.31 10.42 2.32
C ALA A 85 17.64 10.45 3.07
N LYS A 86 17.60 10.13 4.36
CA LYS A 86 18.79 10.14 5.19
C LYS A 86 19.48 8.77 5.15
N LYS A 87 20.12 8.46 4.03
CA LYS A 87 20.81 7.19 3.88
C LYS A 87 22.31 7.35 4.14
N ASP A 88 22.88 6.38 4.86
CA ASP A 88 24.31 6.42 5.18
C ASP A 88 24.84 5.01 5.42
N ALA A 89 24.55 4.46 6.59
CA ALA A 89 25.01 3.12 6.94
C ALA A 89 24.31 2.61 8.18
N ALA A 90 23.05 3.01 8.35
CA ALA A 90 22.26 2.59 9.51
C ALA A 90 20.80 2.97 9.34
N LYS A 91 20.01 2.04 8.81
CA LYS A 91 18.59 2.28 8.59
C LYS A 91 17.76 1.74 9.76
N LYS A 92 17.87 0.43 9.99
CA LYS A 92 17.14 -0.20 11.09
C LYS A 92 17.64 0.30 12.44
N ASP A 93 18.94 0.17 12.67
CA ASP A 93 19.55 0.60 13.92
C ASP A 93 19.00 -0.19 15.09
N ASP A 94 19.90 -0.65 15.97
CA ASP A 94 19.51 -1.43 17.14
C ASP A 94 18.85 -2.74 16.72
N ALA A 95 19.41 -3.85 17.20
CA ALA A 95 18.88 -5.17 16.88
C ALA A 95 19.01 -5.46 15.39
N LYS A 96 19.57 -6.62 15.06
CA LYS A 96 19.75 -7.02 13.67
C LYS A 96 19.61 -8.53 13.50
N LYS A 97 20.35 -9.28 14.32
CA LYS A 97 20.31 -10.72 14.27
C LYS A 97 18.92 -11.25 14.60
N ASP A 98 18.43 -12.19 13.79
CA ASP A 98 17.10 -12.76 14.00
C ASP A 98 17.21 -14.15 14.61
N ASP A 99 16.09 -14.86 14.65
CA ASP A 99 16.06 -16.21 15.21
C ASP A 99 15.61 -17.22 14.16
N ALA A 100 16.01 -16.99 12.92
CA ALA A 100 15.65 -17.89 11.82
C ALA A 100 16.51 -17.62 10.59
N LYS A 101 16.33 -18.43 9.55
CA LYS A 101 17.08 -18.28 8.32
C LYS A 101 16.48 -17.18 7.45
N LYS A 102 16.75 -15.93 7.81
CA LYS A 102 16.24 -14.79 7.06
C LYS A 102 17.06 -14.53 5.80
N ASP A 103 18.05 -15.38 5.54
CA ASP A 103 18.89 -15.24 4.36
C ASP A 103 18.37 -16.06 3.19
N GLY A 104 17.05 -16.20 3.13
CA GLY A 104 16.44 -16.97 2.06
C GLY A 104 15.72 -18.21 2.57
N SER A 105 15.02 -18.08 3.68
CA SER A 105 14.29 -19.20 4.26
C SER A 105 13.35 -19.83 3.24
N GLN A 106 12.88 -21.04 3.56
CA GLN A 106 11.97 -21.73 2.68
C GLN A 106 10.56 -21.16 2.79
N THR A 107 10.16 -20.46 1.75
CA THR A 107 8.83 -19.84 1.71
C THR A 107 8.63 -19.09 0.40
N ASN A 108 8.67 -19.84 -0.69
CA ASN A 108 8.49 -19.26 -2.03
C ASN A 108 9.58 -18.24 -2.33
N LYS A 109 9.66 -17.82 -3.58
CA LYS A 109 10.66 -16.85 -4.00
C LYS A 109 10.05 -15.81 -4.94
N ALA A 110 9.06 -15.08 -4.45
CA ALA A 110 8.40 -14.06 -5.24
C ALA A 110 7.33 -13.33 -4.42
N LYS A 111 7.77 -12.38 -3.61
CA LYS A 111 6.86 -11.61 -2.77
C LYS A 111 6.59 -10.24 -3.38
N ASN A 112 6.36 -10.21 -4.69
CA ASN A 112 6.08 -8.97 -5.38
C ASN A 112 5.14 -9.20 -6.57
N LEU A 113 3.98 -8.54 -6.53
CA LEU A 113 2.99 -8.69 -7.59
C LEU A 113 2.56 -7.33 -8.12
N VAL A 114 1.91 -6.54 -7.27
CA VAL A 114 1.43 -5.22 -7.67
C VAL A 114 2.26 -4.11 -7.02
N GLN A 115 2.66 -3.13 -7.81
CA GLN A 115 3.44 -2.01 -7.32
C GLN A 115 2.98 -0.71 -7.96
N VAL A 116 2.45 0.19 -7.16
CA VAL A 116 1.96 1.48 -7.67
C VAL A 116 3.09 2.50 -7.68
N ASP A 117 3.10 3.35 -8.70
CA ASP A 117 4.13 4.38 -8.84
C ASP A 117 3.69 5.68 -8.18
N GLY A 118 4.66 6.52 -7.81
CA GLY A 118 4.34 7.77 -7.19
C GLY A 118 5.25 8.90 -7.66
N SER A 119 6.53 8.60 -7.80
CA SER A 119 7.50 9.59 -8.26
C SER A 119 7.70 9.51 -9.76
N ARG A 120 6.83 10.21 -10.50
CA ARG A 120 6.90 10.23 -11.95
C ARG A 120 7.46 11.55 -12.46
N GLY A 121 8.06 12.30 -11.57
CA GLY A 121 8.63 13.59 -11.93
C GLY A 121 7.69 14.74 -11.60
N ASP A 122 6.44 14.58 -12.01
CA ASP A 122 5.42 15.60 -11.73
C ASP A 122 4.68 15.27 -10.44
N GLY A 123 4.69 13.98 -10.08
CA GLY A 123 4.03 13.54 -8.88
C GLY A 123 2.78 12.73 -9.16
N SER A 124 2.75 12.09 -10.32
CA SER A 124 1.60 11.28 -10.72
C SER A 124 1.77 9.83 -10.26
N VAL A 125 0.66 9.15 -10.03
CA VAL A 125 0.68 7.77 -9.58
C VAL A 125 0.34 6.81 -10.72
N LEU A 126 1.14 5.76 -10.86
CA LEU A 126 0.90 4.77 -11.91
C LEU A 126 0.86 3.37 -11.33
N LEU A 127 -0.34 2.81 -11.25
CA LEU A 127 -0.55 1.48 -10.69
C LEU A 127 -0.22 0.40 -11.73
N THR A 128 0.86 -0.32 -11.52
CA THR A 128 1.26 -1.37 -12.44
C THR A 128 0.79 -2.75 -11.95
N CYS A 129 0.25 -3.54 -12.88
CA CYS A 129 -0.25 -4.85 -12.55
C CYS A 129 -0.03 -5.82 -13.72
N GLY A 130 -0.75 -6.95 -13.71
CA GLY A 130 -0.62 -7.92 -14.77
C GLY A 130 0.40 -8.99 -14.45
N LEU A 131 1.46 -8.60 -13.74
CA LEU A 131 2.51 -9.53 -13.37
C LEU A 131 3.23 -10.05 -14.60
N THR A 132 4.16 -9.25 -15.12
CA THR A 132 4.92 -9.61 -16.30
C THR A 132 4.01 -9.82 -17.51
N ASP A 133 2.81 -9.24 -17.44
CA ASP A 133 1.84 -9.37 -18.52
C ASP A 133 1.85 -8.13 -19.40
N LYS A 134 1.62 -8.35 -20.68
CA LYS A 134 1.56 -7.26 -21.64
C LYS A 134 0.16 -6.68 -21.67
N THR A 135 -0.74 -7.26 -20.85
CA THR A 135 -2.12 -6.80 -20.79
C THR A 135 -2.56 -6.65 -19.33
N ILE A 136 -3.10 -5.49 -18.99
CA ILE A 136 -3.56 -5.23 -17.63
C ILE A 136 -5.01 -4.77 -17.62
N LYS A 137 -5.88 -5.62 -17.07
CA LYS A 137 -7.30 -5.30 -16.97
C LYS A 137 -7.66 -4.91 -15.55
N TRP A 138 -7.98 -3.63 -15.36
CA TRP A 138 -8.32 -3.13 -14.03
C TRP A 138 -9.83 -2.93 -13.86
N LEU A 139 -10.31 -3.17 -12.65
CA LEU A 139 -11.72 -3.01 -12.34
C LEU A 139 -11.90 -2.22 -11.05
N LYS A 140 -13.12 -1.75 -10.80
CA LYS A 140 -13.41 -0.97 -9.61
C LYS A 140 -14.66 -1.48 -8.91
N ASP A 141 -14.48 -2.09 -7.74
CA ASP A 141 -15.59 -2.63 -6.96
C ASP A 141 -16.46 -3.53 -7.83
N GLY A 142 -15.86 -4.15 -8.83
CA GLY A 142 -16.59 -5.03 -9.71
C GLY A 142 -17.02 -4.37 -11.01
N SER A 143 -16.41 -3.21 -11.30
CA SER A 143 -16.73 -2.48 -12.52
C SER A 143 -15.50 -2.38 -13.42
N ILE A 144 -15.73 -2.30 -14.73
CA ILE A 144 -14.64 -2.21 -15.69
C ILE A 144 -14.23 -0.76 -15.89
N ILE A 145 -12.94 -0.48 -15.68
CA ILE A 145 -12.40 0.85 -15.86
C ILE A 145 -11.05 0.79 -16.55
N SER A 146 -11.03 1.15 -17.81
CA SER A 146 -9.81 1.12 -18.60
C SER A 146 -9.39 2.53 -19.02
N PRO A 147 -8.09 2.71 -19.31
CA PRO A 147 -7.55 4.00 -19.74
C PRO A 147 -7.85 4.32 -21.20
N LEU A 148 -7.67 5.59 -21.57
CA LEU A 148 -7.91 6.04 -22.92
C LEU A 148 -6.62 6.51 -23.57
N ASN A 149 -6.12 5.70 -24.50
CA ASN A 149 -4.89 6.01 -25.22
C ASN A 149 -3.67 5.84 -24.33
N ALA A 150 -3.76 4.90 -23.38
CA ALA A 150 -2.67 4.63 -22.46
C ALA A 150 -2.67 3.17 -22.03
N THR A 151 -1.50 2.55 -22.02
CA THR A 151 -1.38 1.15 -21.62
C THR A 151 0.07 0.73 -21.44
N LYS A 152 0.70 1.26 -20.39
CA LYS A 152 2.09 0.92 -20.09
C LYS A 152 2.17 0.00 -18.89
N ASN A 153 1.31 -1.00 -18.88
CA ASN A 153 1.25 -1.97 -17.80
C ASN A 153 0.90 -1.28 -16.49
N THR A 154 0.38 -0.05 -16.59
CA THR A 154 0.05 0.73 -15.42
C THR A 154 -1.39 1.24 -15.44
N TRP A 155 -1.73 1.97 -14.39
CA TRP A 155 -3.07 2.53 -14.25
C TRP A 155 -2.98 3.99 -13.83
N ASN A 156 -3.78 4.85 -14.46
CA ASN A 156 -3.78 6.26 -14.14
C ASN A 156 -4.61 6.54 -12.89
N LEU A 157 -3.93 6.89 -11.81
CA LEU A 157 -4.61 7.19 -10.55
C LEU A 157 -4.72 8.69 -10.33
N GLY A 158 -3.73 9.43 -10.82
CA GLY A 158 -3.74 10.88 -10.68
C GLY A 158 -2.54 11.39 -9.90
N ASN A 159 -2.68 12.59 -9.34
CA ASN A 159 -1.60 13.20 -8.57
C ASN A 159 -1.71 12.80 -7.09
N ASN A 160 -0.75 11.99 -6.65
CA ASN A 160 -0.72 11.51 -5.27
C ASN A 160 -1.06 12.62 -4.28
N ALA A 161 -0.68 13.86 -4.62
CA ALA A 161 -0.96 14.99 -3.75
C ALA A 161 -2.45 15.11 -3.47
N LYS A 162 -3.26 14.80 -4.47
CA LYS A 162 -4.71 14.87 -4.33
C LYS A 162 -5.40 14.01 -5.40
N ASP A 163 -5.08 12.72 -5.40
CA ASP A 163 -5.67 11.80 -6.37
C ASP A 163 -6.61 10.81 -5.68
N PRO A 164 -7.68 10.39 -6.37
CA PRO A 164 -8.65 9.44 -5.83
C PRO A 164 -8.00 8.16 -5.34
N ARG A 165 -8.61 7.53 -4.33
CA ARG A 165 -8.09 6.30 -3.77
C ARG A 165 -9.22 5.31 -3.50
N GLY A 166 -8.85 4.05 -3.23
CA GLY A 166 -9.84 3.03 -2.96
C GLY A 166 -9.35 1.63 -3.27
N THR A 167 -10.25 0.78 -3.73
CA THR A 167 -9.91 -0.60 -4.07
C THR A 167 -9.91 -0.81 -5.58
N TYR A 168 -8.86 -1.45 -6.08
CA TYR A 168 -8.75 -1.72 -7.52
C TYR A 168 -8.34 -3.18 -7.77
N GLN A 169 -9.13 -3.87 -8.58
CA GLN A 169 -8.86 -5.27 -8.90
C GLN A 169 -7.99 -5.38 -10.16
N CYS A 170 -7.08 -6.35 -10.16
CA CYS A 170 -6.19 -6.57 -11.29
C CYS A 170 -6.48 -7.90 -11.97
N GLN A 171 -6.30 -7.94 -13.28
CA GLN A 171 -6.54 -9.15 -14.05
C GLN A 171 -5.51 -9.31 -15.17
N GLY A 172 -4.60 -10.26 -14.99
CA GLY A 172 -3.56 -10.49 -15.98
C GLY A 172 -3.81 -11.75 -16.78
N ALA A 173 -3.19 -11.83 -17.96
CA ALA A 173 -3.33 -12.99 -18.85
C ALA A 173 -3.57 -14.27 -18.07
N LYS A 174 -2.61 -14.61 -17.21
CA LYS A 174 -2.72 -15.81 -16.39
C LYS A 174 -2.43 -15.48 -14.93
N GLU A 175 -2.45 -14.18 -14.60
CA GLU A 175 -2.19 -13.72 -13.24
C GLU A 175 -3.16 -12.62 -12.83
N THR A 176 -4.08 -12.95 -11.93
CA THR A 176 -5.06 -11.98 -11.46
C THR A 176 -4.82 -11.64 -9.98
N SER A 177 -4.76 -10.34 -9.69
CA SER A 177 -4.53 -9.88 -8.32
C SER A 177 -5.84 -9.47 -7.66
N ASN A 178 -5.83 -9.40 -6.33
CA ASN A 178 -7.01 -9.03 -5.57
C ASN A 178 -7.14 -7.51 -5.48
N PRO A 179 -8.32 -7.02 -5.04
CA PRO A 179 -8.58 -5.58 -4.92
C PRO A 179 -7.49 -4.85 -4.12
N LEU A 180 -6.70 -4.05 -4.82
CA LEU A 180 -5.62 -3.31 -4.21
C LEU A 180 -6.14 -2.04 -3.54
N GLN A 181 -5.79 -1.86 -2.27
CA GLN A 181 -6.21 -0.67 -1.53
C GLN A 181 -5.15 0.42 -1.64
N VAL A 182 -5.29 1.28 -2.64
CA VAL A 182 -4.35 2.36 -2.85
C VAL A 182 -4.82 3.64 -2.15
N TYR A 183 -4.22 3.92 -1.00
CA TYR A 183 -4.57 5.11 -0.22
C TYR A 183 -3.57 6.23 -0.45
N TYR A 184 -4.07 7.45 -0.59
CA TYR A 184 -3.22 8.60 -0.81
C TYR A 184 -3.64 9.78 0.07
N ARG A 185 -4.96 10.02 0.13
CA ARG A 185 -5.49 11.12 0.94
C ARG A 185 -7.01 11.01 1.05
N MET A 186 -7.50 11.06 2.28
CA MET A 186 -8.94 10.96 2.52
C MET A 186 -9.64 12.27 2.16
N ASP A 1 -25.13 -4.47 11.63
CA ASP A 1 -26.07 -5.62 11.57
C ASP A 1 -25.32 -6.95 11.64
N ASP A 2 -24.44 -7.07 12.63
CA ASP A 2 -23.66 -8.29 12.82
C ASP A 2 -22.76 -8.55 11.62
N ALA A 3 -22.27 -7.48 11.01
CA ALA A 3 -21.39 -7.61 9.85
C ALA A 3 -20.76 -6.26 9.49
N GLU A 4 -19.47 -6.27 9.20
CA GLU A 4 -18.75 -5.05 8.85
C GLU A 4 -18.46 -5.01 7.35
N ASN A 5 -18.18 -3.81 6.85
CA ASN A 5 -17.88 -3.62 5.43
C ASN A 5 -17.26 -2.26 5.19
N ILE A 6 -16.38 -1.84 6.09
CA ILE A 6 -15.71 -0.55 5.97
C ILE A 6 -14.32 -0.71 5.37
N GLU A 7 -13.65 0.41 5.13
CA GLU A 7 -12.30 0.39 4.56
C GLU A 7 -11.28 0.90 5.56
N TYR A 8 -10.01 0.73 5.24
CA TYR A 8 -8.93 1.17 6.11
C TYR A 8 -9.00 2.68 6.35
N LYS A 9 -8.94 3.08 7.62
CA LYS A 9 -9.00 4.50 7.98
C LYS A 9 -7.64 4.99 8.47
N VAL A 10 -7.05 5.94 7.74
CA VAL A 10 -5.76 6.48 8.10
C VAL A 10 -5.89 7.93 8.60
N SER A 11 -5.10 8.28 9.60
CA SER A 11 -5.12 9.64 10.16
C SER A 11 -3.77 9.99 10.77
N ILE A 12 -3.13 11.03 10.24
CA ILE A 12 -1.83 11.47 10.73
C ILE A 12 -1.98 12.43 11.91
N SER A 13 -1.38 12.07 13.02
CA SER A 13 -1.41 12.88 14.23
C SER A 13 0.00 13.19 14.71
N GLY A 14 0.42 14.44 14.54
CA GLY A 14 1.75 14.84 14.97
C GLY A 14 2.84 13.94 14.43
N THR A 15 2.98 13.90 13.11
CA THR A 15 3.99 13.09 12.47
C THR A 15 3.78 11.59 12.71
N SER A 16 2.64 11.24 13.27
CA SER A 16 2.31 9.85 13.55
C SER A 16 1.05 9.44 12.79
N VAL A 17 1.15 8.36 12.02
CA VAL A 17 0.01 7.89 11.26
C VAL A 17 -0.83 6.91 12.07
N GLU A 18 -2.13 6.88 11.79
CA GLU A 18 -3.03 5.99 12.51
C GLU A 18 -3.98 5.29 11.55
N LEU A 19 -3.68 4.01 11.28
CA LEU A 19 -4.52 3.22 10.38
C LEU A 19 -5.55 2.43 11.16
N THR A 20 -6.71 2.20 10.54
CA THR A 20 -7.78 1.45 11.17
C THR A 20 -8.15 0.21 10.35
N CYS A 21 -7.71 -0.95 10.83
CA CYS A 21 -7.99 -2.21 10.16
C CYS A 21 -9.43 -2.63 10.38
N PRO A 22 -10.08 -3.24 9.37
CA PRO A 22 -11.47 -3.68 9.46
C PRO A 22 -11.63 -5.01 10.21
N LEU A 23 -10.73 -5.28 11.16
CA LEU A 23 -10.79 -6.51 11.93
C LEU A 23 -10.74 -6.20 13.43
N ASP A 24 -11.77 -6.63 14.15
CA ASP A 24 -11.86 -6.39 15.59
C ASP A 24 -10.53 -6.70 16.28
N SER A 25 -10.24 -5.95 17.34
CA SER A 25 -9.00 -6.14 18.08
C SER A 25 -9.12 -7.30 19.05
N ASP A 26 -8.66 -8.48 18.63
CA ASP A 26 -8.71 -9.67 19.45
C ASP A 26 -7.34 -10.00 20.02
N GLU A 27 -7.31 -10.91 20.99
CA GLU A 27 -6.06 -11.31 21.61
C GLU A 27 -5.26 -12.24 20.70
N ASN A 28 -5.41 -12.03 19.40
CA ASN A 28 -4.72 -12.82 18.40
C ASN A 28 -4.62 -12.05 17.08
N LEU A 29 -4.87 -10.75 17.13
CA LEU A 29 -4.81 -9.91 15.94
C LEU A 29 -3.37 -9.46 15.69
N LYS A 30 -2.93 -9.61 14.44
CA LYS A 30 -1.56 -9.23 14.08
C LYS A 30 -1.55 -8.23 12.93
N TRP A 31 -0.35 -7.75 12.60
CA TRP A 31 -0.19 -6.78 11.52
C TRP A 31 1.06 -7.09 10.70
N GLU A 32 1.27 -6.31 9.64
CA GLU A 32 2.43 -6.49 8.78
C GLU A 32 2.81 -5.17 8.11
N LYS A 33 4.11 -4.92 8.04
CA LYS A 33 4.61 -3.69 7.42
C LYS A 33 5.60 -3.99 6.30
N ASN A 34 5.20 -3.69 5.07
CA ASN A 34 6.04 -3.93 3.90
C ASN A 34 6.41 -5.40 3.78
N GLY A 35 7.47 -5.81 4.48
CA GLY A 35 7.91 -7.20 4.42
C GLY A 35 8.03 -7.83 5.79
N GLN A 36 8.01 -7.01 6.85
CA GLN A 36 8.12 -7.52 8.21
C GLN A 36 6.74 -7.72 8.83
N GLU A 37 6.64 -8.65 9.77
CA GLU A 37 5.39 -8.95 10.44
C GLU A 37 5.49 -8.67 11.94
N LEU A 38 4.50 -7.97 12.48
CA LEU A 38 4.49 -7.63 13.90
C LEU A 38 3.59 -8.60 14.67
N PRO A 39 4.19 -9.50 15.48
CA PRO A 39 3.45 -10.48 16.27
C PRO A 39 3.12 -9.97 17.65
N GLN A 40 2.83 -8.69 17.72
CA GLN A 40 2.48 -8.04 18.97
C GLN A 40 1.57 -6.84 18.72
N LYS A 41 0.74 -6.94 17.68
CA LYS A 41 -0.19 -5.87 17.33
C LYS A 41 -1.63 -6.35 17.41
N HIS A 42 -2.12 -6.54 18.62
CA HIS A 42 -3.49 -7.01 18.83
C HIS A 42 -4.46 -5.83 18.93
N ASP A 43 -4.25 -4.83 18.07
CA ASP A 43 -5.12 -3.65 18.06
C ASP A 43 -5.75 -3.45 16.69
N LYS A 44 -6.99 -3.00 16.68
CA LYS A 44 -7.71 -2.76 15.43
C LYS A 44 -7.05 -1.65 14.62
N HIS A 45 -6.56 -0.63 15.32
CA HIS A 45 -5.90 0.50 14.67
C HIS A 45 -4.40 0.45 14.86
N LEU A 46 -3.66 0.47 13.76
CA LEU A 46 -2.21 0.45 13.82
C LEU A 46 -1.66 1.87 13.62
N VAL A 47 -0.74 2.26 14.49
CA VAL A 47 -0.15 3.60 14.40
C VAL A 47 1.26 3.55 13.86
N LEU A 48 1.58 4.52 13.01
CA LEU A 48 2.90 4.62 12.44
C LEU A 48 3.53 5.95 12.85
N GLN A 49 4.30 5.91 13.94
CA GLN A 49 4.95 7.11 14.45
C GLN A 49 6.19 7.42 13.62
N ASP A 50 6.26 8.64 13.11
CA ASP A 50 7.39 9.06 12.28
C ASP A 50 7.32 8.35 10.94
N PHE A 51 6.32 8.72 10.14
CA PHE A 51 6.11 8.12 8.83
C PHE A 51 7.30 8.36 7.91
N SER A 52 7.48 7.47 6.95
CA SER A 52 8.58 7.57 6.00
C SER A 52 8.05 7.58 4.56
N GLU A 53 7.80 8.77 4.04
CA GLU A 53 7.29 8.91 2.67
C GLU A 53 8.35 8.50 1.66
N VAL A 54 9.62 8.66 2.03
CA VAL A 54 10.73 8.31 1.16
C VAL A 54 10.64 6.86 0.72
N GLU A 55 10.21 5.99 1.63
CA GLU A 55 10.08 4.57 1.33
C GLU A 55 9.20 4.35 0.10
N ASP A 56 8.18 5.18 -0.04
CA ASP A 56 7.27 5.09 -1.17
C ASP A 56 6.65 3.70 -1.26
N SER A 57 6.28 3.15 -0.10
CA SER A 57 5.68 1.82 -0.04
C SER A 57 5.16 1.53 1.36
N GLY A 58 3.97 2.03 1.67
CA GLY A 58 3.39 1.81 2.98
C GLY A 58 2.40 0.66 3.00
N TYR A 59 2.84 -0.50 2.53
CA TYR A 59 2.01 -1.68 2.48
C TYR A 59 1.78 -2.24 3.88
N TYR A 60 0.53 -2.20 4.34
CA TYR A 60 0.19 -2.70 5.67
C TYR A 60 -0.97 -3.69 5.60
N VAL A 61 -1.01 -4.60 6.56
CA VAL A 61 -2.06 -5.61 6.60
C VAL A 61 -2.34 -6.07 8.03
N CYS A 62 -3.45 -6.79 8.20
CA CYS A 62 -3.84 -7.30 9.51
C CYS A 62 -4.45 -8.69 9.39
N TYR A 63 -4.42 -9.45 10.47
CA TYR A 63 -4.97 -10.80 10.46
C TYR A 63 -5.64 -11.13 11.80
N THR A 64 -6.75 -11.86 11.73
CA THR A 64 -7.49 -12.25 12.93
C THR A 64 -7.74 -13.76 12.94
N PRO A 65 -8.06 -14.32 14.11
CA PRO A 65 -8.33 -15.76 14.25
C PRO A 65 -9.48 -16.21 13.36
N ALA A 66 -10.55 -15.42 13.35
CA ALA A 66 -11.71 -15.72 12.53
C ALA A 66 -11.47 -15.41 11.07
N SER A 67 -10.47 -14.57 10.80
CA SER A 67 -10.14 -14.18 9.43
C SER A 67 -8.65 -14.39 9.15
N ASN A 68 -8.33 -15.48 8.46
CA ASN A 68 -6.94 -15.79 8.13
C ASN A 68 -6.47 -14.96 6.94
N LYS A 69 -7.27 -14.97 5.87
CA LYS A 69 -6.92 -14.22 4.66
C LYS A 69 -7.39 -12.77 4.76
N ASN A 70 -6.45 -11.84 4.66
CA ASN A 70 -6.77 -10.42 4.74
C ASN A 70 -6.32 -9.69 3.48
N THR A 71 -6.94 -8.53 3.23
CA THR A 71 -6.61 -7.72 2.06
C THR A 71 -5.41 -6.82 2.33
N TYR A 72 -4.56 -6.66 1.33
CA TYR A 72 -3.38 -5.81 1.45
C TYR A 72 -3.71 -4.38 1.09
N LEU A 73 -3.22 -3.43 1.89
CA LEU A 73 -3.47 -2.02 1.65
C LEU A 73 -2.18 -1.28 1.29
N TYR A 74 -2.34 -0.17 0.56
CA TYR A 74 -1.21 0.65 0.14
C TYR A 74 -1.28 2.02 0.80
N LEU A 75 -0.30 2.32 1.64
CA LEU A 75 -0.26 3.60 2.34
C LEU A 75 0.77 4.55 1.73
N LYS A 76 0.29 5.69 1.25
CA LYS A 76 1.17 6.69 0.66
C LYS A 76 0.84 8.07 1.23
N ALA A 77 1.73 8.58 2.07
CA ALA A 77 1.53 9.89 2.69
C ALA A 77 2.86 10.49 3.13
N ARG A 78 2.81 11.74 3.59
CA ARG A 78 4.02 12.43 4.05
C ARG A 78 3.75 13.16 5.36
N VAL A 79 4.74 13.13 6.25
CA VAL A 79 4.63 13.81 7.53
C VAL A 79 5.90 14.56 7.88
N GLY A 80 5.75 15.63 8.63
CA GLY A 80 6.90 16.43 9.05
C GLY A 80 7.99 16.48 8.02
N SER A 81 9.22 16.47 8.52
CA SER A 81 10.39 16.50 7.66
C SER A 81 10.74 15.11 7.18
N ALA A 82 9.83 14.49 6.43
CA ALA A 82 10.04 13.16 5.92
C ALA A 82 10.22 13.19 4.41
N ASP A 83 11.02 14.14 3.96
CA ASP A 83 11.32 14.30 2.55
C ASP A 83 12.77 14.68 2.37
N ASP A 84 13.59 14.05 3.20
CA ASP A 84 15.03 14.27 3.17
C ASP A 84 15.80 12.95 3.25
N ALA A 85 17.12 13.02 3.12
CA ALA A 85 17.95 11.83 3.18
C ALA A 85 19.43 12.20 3.17
N LYS A 86 19.80 13.15 4.02
CA LYS A 86 21.18 13.60 4.12
C LYS A 86 21.67 14.15 2.79
N LYS A 87 21.76 15.47 2.70
CA LYS A 87 22.21 16.13 1.48
C LYS A 87 23.66 15.75 1.16
N ASP A 88 24.16 16.24 0.03
CA ASP A 88 25.52 15.96 -0.39
C ASP A 88 25.72 14.46 -0.63
N ALA A 89 24.64 13.77 -0.97
CA ALA A 89 24.71 12.33 -1.22
C ALA A 89 25.34 11.59 -0.05
N ALA A 90 25.67 10.33 -0.27
CA ALA A 90 26.29 9.50 0.77
C ALA A 90 27.81 9.55 0.67
N LYS A 91 28.45 9.95 1.76
CA LYS A 91 29.91 10.03 1.80
C LYS A 91 30.40 10.25 3.23
N LYS A 92 30.01 11.38 3.82
CA LYS A 92 30.41 11.71 5.18
C LYS A 92 29.38 11.20 6.19
N ASP A 93 29.84 10.42 7.15
CA ASP A 93 28.95 9.87 8.18
C ASP A 93 27.86 9.01 7.55
N ASP A 94 28.20 7.75 7.28
CA ASP A 94 27.24 6.82 6.69
C ASP A 94 26.83 5.75 7.68
N ALA A 95 25.60 5.26 7.55
CA ALA A 95 25.08 4.23 8.44
C ALA A 95 24.81 2.94 7.68
N LYS A 96 25.88 2.26 7.27
CA LYS A 96 25.76 1.01 6.52
C LYS A 96 25.71 -0.18 7.48
N LYS A 97 25.42 -1.35 6.93
CA LYS A 97 25.34 -2.58 7.73
C LYS A 97 25.15 -3.79 6.84
N ASP A 98 24.16 -3.73 5.95
CA ASP A 98 23.87 -4.83 5.04
C ASP A 98 24.72 -4.73 3.78
N ASP A 99 25.19 -5.87 3.29
CA ASP A 99 26.01 -5.91 2.09
C ASP A 99 25.27 -6.62 0.96
N ALA A 100 25.00 -7.90 1.15
CA ALA A 100 24.30 -8.69 0.13
C ALA A 100 25.13 -8.78 -1.14
N LYS A 101 24.66 -9.59 -2.09
CA LYS A 101 25.35 -9.77 -3.36
C LYS A 101 26.75 -10.33 -3.14
N LYS A 102 26.83 -11.63 -2.87
CA LYS A 102 28.11 -12.29 -2.65
C LYS A 102 28.74 -12.73 -3.96
N ASP A 103 27.93 -13.32 -4.84
CA ASP A 103 28.41 -13.79 -6.13
C ASP A 103 27.71 -13.05 -7.26
N GLY A 104 27.36 -11.82 -7.00
CA GLY A 104 26.68 -11.00 -8.00
C GLY A 104 25.33 -11.56 -8.39
N SER A 105 24.70 -12.28 -7.47
CA SER A 105 23.39 -12.88 -7.72
C SER A 105 22.29 -11.84 -7.60
N GLN A 106 21.31 -11.91 -8.50
CA GLN A 106 20.20 -10.98 -8.49
C GLN A 106 19.34 -11.17 -7.25
N THR A 107 19.32 -10.16 -6.39
CA THR A 107 18.54 -10.22 -5.16
C THR A 107 18.62 -8.90 -4.41
N ASN A 108 18.15 -7.84 -5.05
CA ASN A 108 18.15 -6.51 -4.46
C ASN A 108 16.75 -6.10 -4.03
N LYS A 109 15.76 -6.49 -4.83
CA LYS A 109 14.36 -6.16 -4.52
C LYS A 109 13.48 -7.39 -4.72
N ALA A 110 13.14 -7.67 -5.98
CA ALA A 110 12.30 -8.83 -6.30
C ALA A 110 10.99 -8.78 -5.52
N LYS A 111 10.20 -9.84 -5.63
CA LYS A 111 8.93 -9.93 -4.93
C LYS A 111 7.98 -8.81 -5.37
N ASN A 112 6.92 -8.61 -4.61
CA ASN A 112 5.94 -7.57 -4.92
C ASN A 112 5.23 -7.86 -6.24
N LEU A 113 4.14 -8.62 -6.16
CA LEU A 113 3.38 -8.99 -7.35
C LEU A 113 2.78 -7.73 -8.00
N VAL A 114 2.45 -6.74 -7.18
CA VAL A 114 1.87 -5.50 -7.68
C VAL A 114 2.64 -4.29 -7.16
N GLN A 115 2.79 -3.28 -8.01
CA GLN A 115 3.50 -2.07 -7.65
C GLN A 115 2.80 -0.84 -8.19
N VAL A 116 3.03 0.31 -7.56
CA VAL A 116 2.42 1.56 -7.99
C VAL A 116 3.46 2.69 -7.99
N ASP A 117 3.38 3.56 -8.99
CA ASP A 117 4.31 4.68 -9.10
C ASP A 117 3.80 5.89 -8.33
N GLY A 118 4.71 6.78 -7.95
CA GLY A 118 4.32 7.98 -7.23
C GLY A 118 5.16 9.18 -7.60
N SER A 119 6.48 8.98 -7.72
CA SER A 119 7.38 10.06 -8.08
C SER A 119 7.90 9.88 -9.50
N ARG A 120 7.11 10.34 -10.47
CA ARG A 120 7.49 10.23 -11.87
C ARG A 120 8.00 11.56 -12.42
N GLY A 121 8.32 12.46 -11.52
CA GLY A 121 8.81 13.77 -11.90
C GLY A 121 7.75 14.84 -11.76
N ASP A 122 6.54 14.55 -12.23
CA ASP A 122 5.43 15.48 -12.14
C ASP A 122 4.60 15.20 -10.89
N GLY A 123 4.67 13.96 -10.40
CA GLY A 123 3.93 13.58 -9.22
C GLY A 123 2.68 12.78 -9.55
N SER A 124 2.72 12.07 -10.67
CA SER A 124 1.59 11.25 -11.10
C SER A 124 1.76 9.80 -10.64
N VAL A 125 0.69 9.24 -10.08
CA VAL A 125 0.72 7.86 -9.60
C VAL A 125 0.36 6.89 -10.72
N LEU A 126 1.21 5.88 -10.91
CA LEU A 126 0.98 4.88 -11.94
C LEU A 126 0.90 3.48 -11.34
N LEU A 127 -0.31 2.97 -11.21
CA LEU A 127 -0.55 1.65 -10.65
C LEU A 127 -0.23 0.56 -11.66
N THR A 128 0.77 -0.26 -11.37
CA THR A 128 1.15 -1.34 -12.27
C THR A 128 0.61 -2.69 -11.80
N CYS A 129 0.14 -3.50 -12.75
CA CYS A 129 -0.41 -4.81 -12.44
C CYS A 129 -0.14 -5.79 -13.59
N GLY A 130 -0.93 -6.86 -13.65
CA GLY A 130 -0.76 -7.84 -14.71
C GLY A 130 0.43 -8.76 -14.48
N LEU A 131 1.26 -8.45 -13.49
CA LEU A 131 2.43 -9.26 -13.17
C LEU A 131 3.15 -9.73 -14.44
N THR A 132 3.57 -8.76 -15.25
CA THR A 132 4.29 -9.05 -16.49
C THR A 132 3.44 -9.81 -17.50
N ASP A 133 2.12 -9.64 -17.44
CA ASP A 133 1.23 -10.30 -18.37
C ASP A 133 1.07 -9.51 -19.64
N LYS A 134 0.96 -10.22 -20.75
CA LYS A 134 0.78 -9.59 -22.04
C LYS A 134 -0.65 -9.03 -22.14
N THR A 135 -1.48 -9.43 -21.18
CA THR A 135 -2.86 -8.97 -21.14
C THR A 135 -3.23 -8.52 -19.73
N ILE A 136 -3.83 -7.35 -19.61
CA ILE A 136 -4.23 -6.81 -18.32
C ILE A 136 -5.55 -6.06 -18.39
N LYS A 137 -6.36 -6.20 -17.35
CA LYS A 137 -7.65 -5.53 -17.29
C LYS A 137 -7.98 -5.12 -15.85
N TRP A 138 -7.96 -3.83 -15.57
CA TRP A 138 -8.25 -3.32 -14.23
C TRP A 138 -9.74 -3.03 -14.06
N LEU A 139 -10.23 -3.29 -12.85
CA LEU A 139 -11.62 -3.06 -12.52
C LEU A 139 -11.76 -2.33 -11.19
N LYS A 140 -12.73 -1.42 -11.10
CA LYS A 140 -12.95 -0.66 -9.88
C LYS A 140 -14.34 -0.92 -9.31
N ASP A 141 -14.37 -1.43 -8.08
CA ASP A 141 -15.65 -1.72 -7.42
C ASP A 141 -16.53 -2.61 -8.29
N GLY A 142 -15.89 -3.48 -9.08
CA GLY A 142 -16.64 -4.37 -9.95
C GLY A 142 -17.00 -3.71 -11.28
N SER A 143 -16.33 -2.62 -11.60
CA SER A 143 -16.58 -1.90 -12.85
C SER A 143 -15.31 -1.77 -13.67
N ILE A 144 -15.40 -2.08 -14.95
CA ILE A 144 -14.25 -2.00 -15.85
C ILE A 144 -13.85 -0.55 -16.09
N ILE A 145 -12.58 -0.24 -15.86
CA ILE A 145 -12.07 1.09 -16.06
C ILE A 145 -10.69 1.02 -16.70
N SER A 146 -10.64 1.34 -17.98
CA SER A 146 -9.40 1.31 -18.73
C SER A 146 -9.00 2.70 -19.24
N PRO A 147 -7.70 2.89 -19.50
CA PRO A 147 -7.18 4.17 -19.99
C PRO A 147 -7.43 4.39 -21.47
N LEU A 148 -7.12 5.58 -21.95
CA LEU A 148 -7.30 5.91 -23.35
C LEU A 148 -5.96 6.17 -24.04
N ASN A 149 -5.56 5.22 -24.87
CA ASN A 149 -4.29 5.32 -25.60
C ASN A 149 -3.10 5.06 -24.69
N ALA A 150 -3.31 4.22 -23.68
CA ALA A 150 -2.24 3.89 -22.74
C ALA A 150 -2.37 2.43 -22.28
N THR A 151 -1.23 1.79 -22.06
CA THR A 151 -1.23 0.40 -21.62
C THR A 151 0.19 -0.09 -21.31
N LYS A 152 0.91 0.65 -20.47
CA LYS A 152 2.26 0.27 -20.10
C LYS A 152 2.24 -0.48 -18.77
N ASN A 153 1.34 -1.45 -18.69
CA ASN A 153 1.17 -2.25 -17.50
C ASN A 153 0.92 -1.39 -16.28
N THR A 154 0.49 -0.13 -16.52
CA THR A 154 0.22 0.80 -15.43
C THR A 154 -1.21 1.32 -15.46
N TRP A 155 -1.56 2.07 -14.43
CA TRP A 155 -2.89 2.65 -14.32
C TRP A 155 -2.79 4.11 -13.91
N ASN A 156 -3.57 4.96 -14.56
CA ASN A 156 -3.57 6.39 -14.26
C ASN A 156 -4.43 6.68 -13.03
N LEU A 157 -3.79 6.80 -11.88
CA LEU A 157 -4.50 7.07 -10.63
C LEU A 157 -4.68 8.57 -10.44
N GLY A 158 -3.76 9.36 -10.99
CA GLY A 158 -3.84 10.80 -10.86
C GLY A 158 -2.67 11.38 -10.10
N ASN A 159 -2.92 12.47 -9.39
CA ASN A 159 -1.89 13.14 -8.61
C ASN A 159 -2.05 12.80 -7.13
N ASN A 160 -1.05 12.12 -6.59
CA ASN A 160 -1.06 11.71 -5.18
C ASN A 160 -1.55 12.85 -4.28
N ALA A 161 -1.30 14.09 -4.68
CA ALA A 161 -1.72 15.25 -3.92
C ALA A 161 -3.24 15.25 -3.72
N LYS A 162 -3.96 14.83 -4.75
CA LYS A 162 -5.42 14.78 -4.70
C LYS A 162 -5.97 13.85 -5.78
N ASP A 163 -5.61 12.57 -5.69
CA ASP A 163 -6.07 11.58 -6.65
C ASP A 163 -7.09 10.63 -6.02
N PRO A 164 -8.01 10.09 -6.83
CA PRO A 164 -9.05 9.17 -6.34
C PRO A 164 -8.44 7.89 -5.77
N ARG A 165 -8.81 7.57 -4.53
CA ARG A 165 -8.31 6.37 -3.87
C ARG A 165 -9.42 5.34 -3.70
N GLY A 166 -9.05 4.11 -3.36
CA GLY A 166 -10.03 3.07 -3.18
C GLY A 166 -9.47 1.69 -3.46
N THR A 167 -10.29 0.83 -4.08
CA THR A 167 -9.87 -0.53 -4.40
C THR A 167 -9.82 -0.75 -5.90
N TYR A 168 -8.79 -1.45 -6.37
CA TYR A 168 -8.64 -1.72 -7.80
C TYR A 168 -8.21 -3.17 -8.03
N GLN A 169 -8.98 -3.89 -8.81
CA GLN A 169 -8.67 -5.30 -9.12
C GLN A 169 -8.14 -5.42 -10.54
N CYS A 170 -7.10 -6.23 -10.72
CA CYS A 170 -6.51 -6.44 -12.03
C CYS A 170 -6.70 -7.87 -12.50
N GLN A 171 -6.76 -8.05 -13.82
CA GLN A 171 -6.93 -9.38 -14.40
C GLN A 171 -5.88 -9.64 -15.46
N GLY A 172 -4.94 -10.52 -15.15
CA GLY A 172 -3.87 -10.85 -16.09
C GLY A 172 -4.16 -12.11 -16.86
N ALA A 173 -3.48 -12.27 -17.99
CA ALA A 173 -3.64 -13.43 -18.87
C ALA A 173 -4.06 -14.68 -18.09
N LYS A 174 -3.24 -15.08 -17.13
CA LYS A 174 -3.53 -16.25 -16.31
C LYS A 174 -3.36 -15.91 -14.83
N GLU A 175 -3.24 -14.62 -14.53
CA GLU A 175 -3.08 -14.17 -13.14
C GLU A 175 -3.88 -12.90 -12.87
N THR A 176 -4.91 -13.03 -12.04
CA THR A 176 -5.74 -11.88 -11.70
C THR A 176 -5.43 -11.35 -10.30
N SER A 177 -4.90 -10.14 -10.25
CA SER A 177 -4.54 -9.51 -8.98
C SER A 177 -5.79 -9.16 -8.17
N ASN A 178 -5.67 -9.14 -6.86
CA ASN A 178 -6.79 -8.84 -5.98
C ASN A 178 -6.96 -7.32 -5.83
N PRO A 179 -8.15 -6.88 -5.37
CA PRO A 179 -8.44 -5.45 -5.19
C PRO A 179 -7.38 -4.74 -4.36
N LEU A 180 -6.59 -3.89 -5.02
CA LEU A 180 -5.54 -3.14 -4.36
C LEU A 180 -6.08 -1.88 -3.69
N GLN A 181 -5.74 -1.71 -2.41
CA GLN A 181 -6.18 -0.54 -1.67
C GLN A 181 -5.14 0.58 -1.78
N VAL A 182 -5.30 1.44 -2.77
CA VAL A 182 -4.38 2.54 -2.99
C VAL A 182 -4.85 3.80 -2.27
N TYR A 183 -4.08 4.23 -1.28
CA TYR A 183 -4.42 5.42 -0.49
C TYR A 183 -3.35 6.49 -0.61
N TYR A 184 -3.77 7.71 -0.90
CA TYR A 184 -2.84 8.84 -1.02
C TYR A 184 -3.48 10.13 -0.52
N ARG A 185 -3.52 10.28 0.80
CA ARG A 185 -4.11 11.47 1.41
C ARG A 185 -3.05 12.25 2.20
N MET A 186 -3.38 13.48 2.56
CA MET A 186 -2.47 14.32 3.31
C MET A 186 -3.24 15.24 4.27
N ASP A 1 -22.57 -1.61 13.97
CA ASP A 1 -23.48 -0.54 13.48
C ASP A 1 -23.84 -0.75 12.02
N ASP A 2 -24.64 -1.79 11.76
CA ASP A 2 -25.07 -2.10 10.39
C ASP A 2 -23.88 -2.48 9.52
N ALA A 3 -24.01 -3.57 8.78
CA ALA A 3 -22.95 -4.03 7.90
C ALA A 3 -21.70 -4.42 8.69
N GLU A 4 -21.05 -5.49 8.27
CA GLU A 4 -19.85 -5.97 8.94
C GLU A 4 -18.74 -6.25 7.93
N ASN A 5 -17.50 -6.28 8.41
CA ASN A 5 -16.35 -6.53 7.55
C ASN A 5 -16.19 -5.42 6.52
N ILE A 6 -15.64 -4.29 6.96
CA ILE A 6 -15.44 -3.15 6.07
C ILE A 6 -13.98 -3.09 5.60
N GLU A 7 -13.68 -2.13 4.72
CA GLU A 7 -12.34 -1.98 4.19
C GLU A 7 -11.46 -1.20 5.16
N TYR A 8 -10.16 -1.21 4.91
CA TYR A 8 -9.20 -0.50 5.76
C TYR A 8 -9.52 1.00 5.81
N LYS A 9 -9.43 1.58 7.00
CA LYS A 9 -9.70 3.00 7.18
C LYS A 9 -8.47 3.74 7.68
N VAL A 10 -7.96 4.66 6.85
CA VAL A 10 -6.77 5.43 7.22
C VAL A 10 -7.13 6.89 7.48
N SER A 11 -6.50 7.47 8.50
CA SER A 11 -6.74 8.87 8.85
C SER A 11 -5.52 9.48 9.53
N ILE A 12 -4.98 10.54 8.95
CA ILE A 12 -3.82 11.20 9.51
C ILE A 12 -4.20 12.18 10.60
N SER A 13 -3.65 11.97 11.78
CA SER A 13 -3.91 12.83 12.94
C SER A 13 -2.62 13.39 13.50
N GLY A 14 -2.42 14.70 13.37
CA GLY A 14 -1.22 15.33 13.88
C GLY A 14 0.05 14.58 13.53
N THR A 15 0.35 14.50 12.25
CA THR A 15 1.55 13.82 11.78
C THR A 15 1.56 12.34 12.15
N SER A 16 0.42 11.83 12.59
CA SER A 16 0.30 10.43 12.95
C SER A 16 -0.83 9.77 12.18
N VAL A 17 -0.52 8.67 11.51
CA VAL A 17 -1.51 7.95 10.72
C VAL A 17 -2.24 6.92 11.58
N GLU A 18 -3.49 6.65 11.23
CA GLU A 18 -4.29 5.69 11.97
C GLU A 18 -5.09 4.80 11.04
N LEU A 19 -4.63 3.57 10.86
CA LEU A 19 -5.31 2.61 10.01
C LEU A 19 -6.29 1.78 10.82
N THR A 20 -7.35 1.33 10.18
CA THR A 20 -8.37 0.53 10.85
C THR A 20 -8.50 -0.84 10.18
N CYS A 21 -8.11 -1.88 10.92
CA CYS A 21 -8.16 -3.25 10.41
C CYS A 21 -9.56 -3.84 10.65
N PRO A 22 -10.04 -4.69 9.72
CA PRO A 22 -11.35 -5.33 9.84
C PRO A 22 -11.36 -6.56 10.72
N LEU A 23 -10.53 -6.55 11.77
CA LEU A 23 -10.45 -7.66 12.70
C LEU A 23 -10.31 -7.16 14.13
N ASP A 24 -11.22 -7.57 14.99
CA ASP A 24 -11.22 -7.17 16.39
C ASP A 24 -9.82 -7.25 16.98
N SER A 25 -9.57 -6.41 17.99
CA SER A 25 -8.27 -6.37 18.65
C SER A 25 -8.17 -7.46 19.70
N ASP A 26 -7.59 -8.59 19.32
CA ASP A 26 -7.43 -9.71 20.23
C ASP A 26 -6.05 -9.70 20.89
N GLU A 27 -5.88 -10.50 21.94
CA GLU A 27 -4.61 -10.56 22.64
C GLU A 27 -3.60 -11.41 21.87
N ASN A 28 -3.75 -11.42 20.55
CA ASN A 28 -2.86 -12.17 19.67
C ASN A 28 -2.97 -11.66 18.24
N LEU A 29 -3.52 -10.45 18.07
CA LEU A 29 -3.67 -9.86 16.75
C LEU A 29 -2.32 -9.38 16.24
N LYS A 30 -2.00 -9.74 15.00
CA LYS A 30 -0.72 -9.37 14.40
C LYS A 30 -0.89 -8.40 13.23
N TRP A 31 0.15 -7.62 12.98
CA TRP A 31 0.15 -6.66 11.88
C TRP A 31 1.40 -6.82 11.03
N GLU A 32 1.43 -6.16 9.87
CA GLU A 32 2.57 -6.25 8.98
C GLU A 32 2.80 -4.94 8.23
N LYS A 33 4.04 -4.49 8.20
CA LYS A 33 4.39 -3.25 7.52
C LYS A 33 5.33 -3.53 6.35
N ASN A 34 4.79 -3.40 5.13
CA ASN A 34 5.58 -3.64 3.92
C ASN A 34 6.05 -5.09 3.84
N GLY A 35 7.11 -5.41 4.56
CA GLY A 35 7.64 -6.77 4.54
C GLY A 35 7.78 -7.36 5.93
N GLN A 36 8.13 -6.52 6.90
CA GLN A 36 8.29 -6.98 8.28
C GLN A 36 6.95 -7.11 8.98
N GLU A 37 6.89 -8.00 9.96
CA GLU A 37 5.66 -8.22 10.71
C GLU A 37 5.80 -7.75 12.16
N LEU A 38 4.70 -7.30 12.74
CA LEU A 38 4.71 -6.81 14.11
C LEU A 38 3.92 -7.74 15.03
N PRO A 39 4.63 -8.56 15.85
CA PRO A 39 3.98 -9.50 16.77
C PRO A 39 3.76 -8.89 18.14
N GLN A 40 3.43 -7.62 18.14
CA GLN A 40 3.18 -6.89 19.36
C GLN A 40 2.12 -5.81 19.13
N LYS A 41 1.22 -6.06 18.19
CA LYS A 41 0.15 -5.12 17.88
C LYS A 41 -1.22 -5.77 18.04
N HIS A 42 -1.68 -5.83 19.29
CA HIS A 42 -2.98 -6.41 19.59
C HIS A 42 -4.07 -5.34 19.54
N ASP A 43 -3.99 -4.47 18.56
CA ASP A 43 -4.98 -3.40 18.40
C ASP A 43 -5.69 -3.49 17.06
N LYS A 44 -6.95 -3.06 17.04
CA LYS A 44 -7.75 -3.09 15.83
C LYS A 44 -7.32 -2.01 14.85
N HIS A 45 -6.93 -0.86 15.39
CA HIS A 45 -6.48 0.26 14.57
C HIS A 45 -4.99 0.51 14.75
N LEU A 46 -4.22 0.29 13.69
CA LEU A 46 -2.78 0.50 13.74
C LEU A 46 -2.45 1.96 13.47
N VAL A 47 -1.60 2.53 14.32
CA VAL A 47 -1.21 3.92 14.17
C VAL A 47 0.22 4.05 13.68
N LEU A 48 0.45 5.05 12.83
CA LEU A 48 1.77 5.31 12.31
C LEU A 48 2.17 6.75 12.61
N GLN A 49 2.86 6.94 13.72
CA GLN A 49 3.28 8.26 14.14
C GLN A 49 4.53 8.68 13.37
N ASP A 50 4.45 9.83 12.69
CA ASP A 50 5.55 10.33 11.89
C ASP A 50 5.74 9.47 10.64
N PHE A 51 4.76 9.56 9.76
CA PHE A 51 4.77 8.80 8.51
C PHE A 51 5.74 9.41 7.50
N SER A 52 6.57 8.57 6.90
CA SER A 52 7.54 9.02 5.92
C SER A 52 7.51 8.13 4.67
N GLU A 53 6.71 8.53 3.69
CA GLU A 53 6.60 7.76 2.45
C GLU A 53 7.96 7.68 1.76
N VAL A 54 8.71 8.78 1.82
CA VAL A 54 10.03 8.85 1.20
C VAL A 54 10.88 7.64 1.59
N GLU A 55 10.69 7.16 2.81
CA GLU A 55 11.45 6.01 3.30
C GLU A 55 11.30 4.82 2.36
N ASP A 56 10.05 4.46 2.05
CA ASP A 56 9.78 3.33 1.17
C ASP A 56 8.29 3.02 1.11
N SER A 57 7.67 2.87 2.28
CA SER A 57 6.25 2.56 2.35
C SER A 57 5.96 1.22 1.66
N GLY A 58 4.69 0.92 1.46
CA GLY A 58 4.33 -0.33 0.82
C GLY A 58 2.95 -0.83 1.19
N TYR A 59 2.84 -2.13 1.45
CA TYR A 59 1.57 -2.75 1.82
C TYR A 59 1.55 -3.11 3.30
N TYR A 60 0.40 -3.59 3.77
CA TYR A 60 0.24 -3.99 5.17
C TYR A 60 -0.71 -5.17 5.29
N VAL A 61 -0.70 -5.83 6.44
CA VAL A 61 -1.57 -6.97 6.67
C VAL A 61 -2.03 -7.05 8.13
N CYS A 62 -3.22 -7.61 8.32
CA CYS A 62 -3.79 -7.77 9.66
C CYS A 62 -4.54 -9.08 9.76
N TYR A 63 -4.21 -9.88 10.77
CA TYR A 63 -4.87 -11.17 10.97
C TYR A 63 -4.76 -11.64 12.42
N THR A 64 -5.58 -12.63 12.76
CA THR A 64 -5.59 -13.17 14.11
C THR A 64 -5.45 -14.70 14.08
N PRO A 65 -4.89 -15.29 15.14
CA PRO A 65 -4.70 -16.74 15.22
C PRO A 65 -5.97 -17.51 14.89
N ALA A 66 -7.04 -17.21 15.61
CA ALA A 66 -8.32 -17.87 15.39
C ALA A 66 -8.94 -17.45 14.06
N SER A 67 -8.56 -16.28 13.58
CA SER A 67 -9.08 -15.77 12.32
C SER A 67 -7.98 -15.67 11.27
N ASN A 68 -7.83 -16.74 10.49
CA ASN A 68 -6.80 -16.77 9.45
C ASN A 68 -7.23 -15.98 8.22
N LYS A 69 -7.45 -14.67 8.40
CA LYS A 69 -7.87 -13.81 7.32
C LYS A 69 -6.78 -12.80 6.97
N ASN A 70 -6.27 -12.87 5.75
CA ASN A 70 -5.21 -11.97 5.31
C ASN A 70 -5.75 -10.95 4.31
N THR A 71 -5.43 -9.68 4.54
CA THR A 71 -5.87 -8.61 3.66
C THR A 71 -4.69 -7.74 3.23
N TYR A 72 -4.42 -7.73 1.93
CA TYR A 72 -3.32 -6.94 1.40
C TYR A 72 -3.76 -5.53 1.06
N LEU A 73 -3.29 -4.56 1.84
CA LEU A 73 -3.63 -3.16 1.62
C LEU A 73 -2.40 -2.35 1.23
N TYR A 74 -2.60 -1.28 0.48
CA TYR A 74 -1.50 -0.44 0.05
C TYR A 74 -1.54 0.91 0.77
N LEU A 75 -0.49 1.19 1.55
CA LEU A 75 -0.41 2.43 2.29
C LEU A 75 0.70 3.33 1.78
N LYS A 76 0.33 4.55 1.40
CA LYS A 76 1.30 5.52 0.89
C LYS A 76 0.81 6.94 1.18
N ALA A 77 1.45 7.60 2.14
CA ALA A 77 1.09 8.96 2.51
C ALA A 77 2.26 9.67 3.18
N ARG A 78 2.14 10.98 3.35
CA ARG A 78 3.19 11.75 3.99
C ARG A 78 2.62 12.68 5.05
N VAL A 79 3.48 13.03 6.01
CA VAL A 79 3.11 13.93 7.08
C VAL A 79 4.33 14.71 7.53
N GLY A 80 4.08 15.68 8.39
CA GLY A 80 5.16 16.49 8.93
C GLY A 80 6.23 15.66 9.59
N SER A 81 7.05 16.30 10.41
CA SER A 81 8.13 15.62 11.11
C SER A 81 8.00 15.81 12.62
N ALA A 82 6.81 15.53 13.13
CA ALA A 82 6.51 15.66 14.55
C ALA A 82 7.34 16.75 15.21
N ASP A 83 7.44 17.86 14.50
CA ASP A 83 8.18 19.02 14.97
C ASP A 83 7.68 20.26 14.26
N ASP A 84 6.39 20.23 13.98
CA ASP A 84 5.72 21.33 13.30
C ASP A 84 4.23 21.37 13.65
N ALA A 85 3.48 22.22 12.96
CA ALA A 85 2.05 22.34 13.21
C ALA A 85 1.34 21.01 13.05
N LYS A 86 0.07 20.97 13.43
CA LYS A 86 -0.72 19.74 13.34
C LYS A 86 -1.76 19.85 12.22
N LYS A 87 -2.52 20.93 12.25
CA LYS A 87 -3.56 21.16 11.24
C LYS A 87 -4.52 19.98 11.17
N ASP A 88 -5.63 20.08 11.89
CA ASP A 88 -6.63 19.02 11.91
C ASP A 88 -8.05 19.59 11.97
N ALA A 89 -8.89 19.16 11.05
CA ALA A 89 -10.27 19.62 10.99
C ALA A 89 -11.18 18.56 10.39
N ALA A 90 -10.73 17.92 9.32
CA ALA A 90 -11.50 16.87 8.67
C ALA A 90 -11.63 15.65 9.56
N LYS A 91 -12.74 14.92 9.40
CA LYS A 91 -12.99 13.72 10.19
C LYS A 91 -13.40 12.56 9.30
N LYS A 92 -13.74 11.43 9.92
CA LYS A 92 -14.16 10.24 9.18
C LYS A 92 -15.38 10.55 8.33
N ASP A 93 -15.43 9.97 7.13
CA ASP A 93 -16.55 10.17 6.22
C ASP A 93 -17.45 8.93 6.16
N ASP A 94 -18.56 9.05 5.45
CA ASP A 94 -19.49 7.94 5.30
C ASP A 94 -19.43 7.35 3.91
N ALA A 95 -19.02 6.09 3.81
CA ALA A 95 -18.91 5.41 2.53
C ALA A 95 -18.80 3.90 2.70
N LYS A 96 -19.74 3.32 3.43
CA LYS A 96 -19.74 1.89 3.68
C LYS A 96 -20.20 1.13 2.44
N LYS A 97 -19.84 -0.15 2.36
CA LYS A 97 -20.22 -0.99 1.24
C LYS A 97 -20.48 -2.43 1.69
N ASP A 98 -21.29 -3.14 0.90
CA ASP A 98 -21.63 -4.52 1.21
C ASP A 98 -21.21 -5.45 0.09
N ASP A 99 -19.92 -5.72 -0.01
CA ASP A 99 -19.38 -6.60 -1.05
C ASP A 99 -19.03 -7.96 -0.48
N ALA A 100 -18.96 -8.96 -1.35
CA ALA A 100 -18.63 -10.31 -0.94
C ALA A 100 -17.26 -10.73 -1.47
N LYS A 101 -16.31 -9.80 -1.44
CA LYS A 101 -14.96 -10.07 -1.93
C LYS A 101 -13.98 -10.17 -0.77
N LYS A 102 -14.33 -9.56 0.36
CA LYS A 102 -13.47 -9.59 1.54
C LYS A 102 -13.65 -10.88 2.34
N ASP A 103 -14.49 -11.78 1.84
CA ASP A 103 -14.73 -13.05 2.52
C ASP A 103 -13.89 -14.16 1.92
N GLY A 104 -12.71 -13.79 1.42
CA GLY A 104 -11.81 -14.76 0.83
C GLY A 104 -12.43 -15.49 -0.35
N SER A 105 -13.17 -14.75 -1.17
CA SER A 105 -13.82 -15.33 -2.34
C SER A 105 -12.80 -15.72 -3.40
N GLN A 106 -13.00 -16.86 -4.02
CA GLN A 106 -12.10 -17.35 -5.06
C GLN A 106 -12.18 -16.46 -6.30
N THR A 107 -11.07 -15.82 -6.63
CA THR A 107 -11.01 -14.94 -7.79
C THR A 107 -9.57 -14.73 -8.23
N ASN A 108 -8.92 -15.82 -8.59
CA ASN A 108 -7.53 -15.78 -9.04
C ASN A 108 -6.63 -15.12 -8.00
N LYS A 109 -5.40 -14.81 -8.39
CA LYS A 109 -4.44 -14.17 -7.50
C LYS A 109 -3.59 -13.16 -8.25
N ALA A 110 -2.57 -12.63 -7.57
CA ALA A 110 -1.67 -11.66 -8.18
C ALA A 110 -0.25 -12.20 -8.28
N LYS A 111 0.22 -12.38 -9.51
CA LYS A 111 1.56 -12.89 -9.75
C LYS A 111 2.56 -11.76 -9.95
N ASN A 112 3.78 -11.96 -9.50
CA ASN A 112 4.84 -10.95 -9.63
C ASN A 112 4.65 -9.80 -8.64
N LEU A 113 3.64 -9.91 -7.78
CA LEU A 113 3.36 -8.88 -6.78
C LEU A 113 3.02 -7.56 -7.46
N VAL A 114 1.88 -6.99 -7.08
CA VAL A 114 1.44 -5.71 -7.64
C VAL A 114 2.30 -4.57 -7.13
N GLN A 115 2.53 -3.58 -7.99
CA GLN A 115 3.32 -2.43 -7.62
C GLN A 115 2.71 -1.15 -8.18
N VAL A 116 3.08 -0.02 -7.58
CA VAL A 116 2.57 1.27 -8.02
C VAL A 116 3.70 2.29 -8.10
N ASP A 117 3.55 3.29 -8.97
CA ASP A 117 4.57 4.32 -9.15
C ASP A 117 4.14 5.63 -8.50
N GLY A 118 5.11 6.42 -8.06
CA GLY A 118 4.82 7.68 -7.43
C GLY A 118 5.89 8.73 -7.68
N SER A 119 6.78 8.45 -8.64
CA SER A 119 7.85 9.37 -8.98
C SER A 119 8.44 9.04 -10.35
N ARG A 120 7.84 9.61 -11.40
CA ARG A 120 8.30 9.38 -12.76
C ARG A 120 9.03 10.60 -13.31
N GLY A 121 9.42 11.49 -12.40
CA GLY A 121 10.12 12.69 -12.80
C GLY A 121 9.24 13.92 -12.68
N ASP A 122 7.98 13.77 -13.07
CA ASP A 122 7.02 14.87 -13.01
C ASP A 122 6.19 14.78 -11.74
N GLY A 123 6.07 13.56 -11.20
CA GLY A 123 5.31 13.35 -9.98
C GLY A 123 3.98 12.69 -10.24
N SER A 124 3.94 11.80 -11.23
CA SER A 124 2.71 11.09 -11.58
C SER A 124 2.67 9.71 -10.94
N VAL A 125 1.47 9.22 -10.67
CA VAL A 125 1.30 7.91 -10.06
C VAL A 125 0.87 6.87 -11.10
N LEU A 126 1.66 5.80 -11.21
CA LEU A 126 1.37 4.74 -12.16
C LEU A 126 1.21 3.40 -11.46
N LEU A 127 -0.03 2.97 -11.29
CA LEU A 127 -0.33 1.69 -10.63
C LEU A 127 -0.11 0.54 -11.59
N THR A 128 0.83 -0.34 -11.28
CA THR A 128 1.12 -1.48 -12.13
C THR A 128 0.44 -2.73 -11.63
N CYS A 129 -0.21 -3.45 -12.54
CA CYS A 129 -0.90 -4.68 -12.20
C CYS A 129 -1.19 -5.50 -13.45
N GLY A 130 -0.33 -5.36 -14.45
CA GLY A 130 -0.51 -6.08 -15.70
C GLY A 130 -0.13 -7.55 -15.60
N LEU A 131 0.16 -8.02 -14.39
CA LEU A 131 0.56 -9.41 -14.16
C LEU A 131 1.33 -10.01 -15.34
N THR A 132 2.31 -9.26 -15.80
CA THR A 132 3.17 -9.68 -16.91
C THR A 132 2.32 -10.19 -18.08
N ASP A 133 1.14 -9.62 -18.23
CA ASP A 133 0.23 -10.00 -19.30
C ASP A 133 0.25 -9.00 -20.44
N LYS A 134 0.04 -9.52 -21.64
CA LYS A 134 -0.02 -8.68 -22.84
C LYS A 134 -1.37 -7.99 -22.89
N THR A 135 -2.28 -8.42 -22.00
CA THR A 135 -3.61 -7.85 -21.92
C THR A 135 -3.98 -7.56 -20.48
N ILE A 136 -4.41 -6.34 -20.21
CA ILE A 136 -4.77 -5.94 -18.85
C ILE A 136 -6.04 -5.10 -18.84
N LYS A 137 -6.83 -5.26 -17.79
CA LYS A 137 -8.08 -4.50 -17.64
C LYS A 137 -8.33 -4.16 -16.19
N TRP A 138 -8.19 -2.88 -15.85
CA TRP A 138 -8.40 -2.44 -14.47
C TRP A 138 -9.85 -1.99 -14.26
N LEU A 139 -10.35 -2.23 -13.05
CA LEU A 139 -11.72 -1.87 -12.70
C LEU A 139 -11.75 -1.02 -11.43
N LYS A 140 -12.88 -0.38 -11.18
CA LYS A 140 -13.02 0.46 -9.99
C LYS A 140 -14.33 0.14 -9.26
N ASP A 141 -14.21 -0.33 -8.02
CA ASP A 141 -15.36 -0.68 -7.20
C ASP A 141 -16.40 -1.47 -8.00
N GLY A 142 -15.92 -2.24 -8.97
CA GLY A 142 -16.82 -3.04 -9.80
C GLY A 142 -17.18 -2.35 -11.10
N SER A 143 -16.36 -1.38 -11.50
CA SER A 143 -16.61 -0.65 -12.75
C SER A 143 -15.40 -0.77 -13.67
N ILE A 144 -15.63 -0.53 -14.96
CA ILE A 144 -14.57 -0.60 -15.95
C ILE A 144 -13.95 0.78 -16.18
N ILE A 145 -12.65 0.89 -15.92
CA ILE A 145 -11.93 2.13 -16.11
C ILE A 145 -10.57 1.86 -16.74
N SER A 146 -10.46 2.17 -18.01
CA SER A 146 -9.23 1.96 -18.76
C SER A 146 -8.66 3.28 -19.28
N PRO A 147 -7.33 3.33 -19.49
CA PRO A 147 -6.65 4.53 -19.99
C PRO A 147 -6.82 4.72 -21.49
N LEU A 148 -6.41 5.89 -21.98
CA LEU A 148 -6.51 6.20 -23.40
C LEU A 148 -5.14 6.40 -24.00
N ASN A 149 -4.73 5.43 -24.82
CA ASN A 149 -3.44 5.46 -25.49
C ASN A 149 -2.29 5.33 -24.49
N ALA A 150 -2.53 4.63 -23.40
CA ALA A 150 -1.51 4.43 -22.37
C ALA A 150 -1.66 3.07 -21.71
N THR A 151 -0.55 2.34 -21.61
CA THR A 151 -0.57 1.02 -21.01
C THR A 151 0.60 0.84 -20.03
N LYS A 152 1.76 0.42 -20.56
CA LYS A 152 2.94 0.21 -19.72
C LYS A 152 2.58 -0.53 -18.44
N ASN A 153 1.66 -1.48 -18.58
CA ASN A 153 1.18 -2.27 -17.46
C ASN A 153 0.93 -1.41 -16.23
N THR A 154 0.73 -0.11 -16.44
CA THR A 154 0.48 0.81 -15.34
C THR A 154 -0.91 1.41 -15.42
N TRP A 155 -1.26 2.19 -14.39
CA TRP A 155 -2.55 2.83 -14.32
C TRP A 155 -2.40 4.29 -13.90
N ASN A 156 -3.10 5.17 -14.59
CA ASN A 156 -3.02 6.60 -14.29
C ASN A 156 -3.81 6.92 -13.01
N LEU A 157 -3.09 7.04 -11.91
CA LEU A 157 -3.72 7.34 -10.63
C LEU A 157 -3.82 8.84 -10.40
N GLY A 158 -2.85 9.59 -10.95
CA GLY A 158 -2.86 11.03 -10.81
C GLY A 158 -1.55 11.57 -10.27
N ASN A 159 -1.63 12.69 -9.55
CA ASN A 159 -0.46 13.32 -8.97
C ASN A 159 -0.35 13.00 -7.48
N ASN A 160 0.72 12.31 -7.12
CA ASN A 160 0.96 11.91 -5.74
C ASN A 160 0.57 13.02 -4.76
N ALA A 161 0.76 14.26 -5.16
CA ALA A 161 0.42 15.41 -4.33
C ALA A 161 -1.04 15.37 -3.90
N LYS A 162 -1.92 15.04 -4.84
CA LYS A 162 -3.35 14.97 -4.57
C LYS A 162 -4.07 14.18 -5.66
N ASP A 163 -3.98 12.86 -5.58
CA ASP A 163 -4.63 11.99 -6.56
C ASP A 163 -5.65 11.07 -5.90
N PRO A 164 -6.71 10.69 -6.64
CA PRO A 164 -7.75 9.81 -6.11
C PRO A 164 -7.19 8.53 -5.50
N ARG A 165 -8.00 7.86 -4.69
CA ARG A 165 -7.58 6.64 -4.03
C ARG A 165 -8.77 5.68 -3.85
N GLY A 166 -8.48 4.46 -3.42
CA GLY A 166 -9.54 3.49 -3.21
C GLY A 166 -9.14 2.08 -3.60
N THR A 167 -10.10 1.30 -4.07
CA THR A 167 -9.84 -0.08 -4.47
C THR A 167 -9.82 -0.21 -5.99
N TYR A 168 -8.87 -0.98 -6.50
CA TYR A 168 -8.72 -1.18 -7.94
C TYR A 168 -8.53 -2.66 -8.25
N GLN A 169 -9.36 -3.19 -9.15
CA GLN A 169 -9.26 -4.59 -9.55
C GLN A 169 -8.58 -4.72 -10.91
N CYS A 170 -7.71 -5.71 -11.04
CA CYS A 170 -7.00 -5.93 -12.31
C CYS A 170 -7.51 -7.19 -13.00
N GLN A 171 -7.58 -7.14 -14.33
CA GLN A 171 -8.04 -8.27 -15.12
C GLN A 171 -6.99 -8.71 -16.13
N GLY A 172 -6.66 -10.00 -16.11
CA GLY A 172 -5.67 -10.52 -17.03
C GLY A 172 -6.16 -11.73 -17.79
N ALA A 173 -5.57 -11.95 -18.97
CA ALA A 173 -5.92 -13.07 -19.84
C ALA A 173 -6.41 -14.29 -19.05
N LYS A 174 -5.54 -14.83 -18.22
CA LYS A 174 -5.87 -15.99 -17.40
C LYS A 174 -5.55 -15.72 -15.93
N GLU A 175 -5.35 -14.45 -15.59
CA GLU A 175 -5.05 -14.08 -14.21
C GLU A 175 -5.71 -12.74 -13.86
N THR A 176 -6.30 -12.70 -12.66
CA THR A 176 -6.98 -11.48 -12.20
C THR A 176 -6.55 -11.14 -10.78
N SER A 177 -6.22 -9.87 -10.56
CA SER A 177 -5.80 -9.40 -9.25
C SER A 177 -7.00 -8.87 -8.46
N ASN A 178 -6.88 -8.88 -7.14
CA ASN A 178 -7.96 -8.40 -6.27
C ASN A 178 -7.93 -6.89 -6.14
N PRO A 179 -8.99 -6.29 -5.57
CA PRO A 179 -9.08 -4.83 -5.40
C PRO A 179 -7.93 -4.28 -4.56
N LEU A 180 -7.03 -3.56 -5.22
CA LEU A 180 -5.88 -2.97 -4.55
C LEU A 180 -6.26 -1.68 -3.84
N GLN A 181 -6.02 -1.63 -2.53
CA GLN A 181 -6.33 -0.45 -1.75
C GLN A 181 -5.18 0.54 -1.79
N VAL A 182 -5.24 1.47 -2.76
CA VAL A 182 -4.19 2.47 -2.92
C VAL A 182 -4.57 3.76 -2.20
N TYR A 183 -4.06 3.92 -0.97
CA TYR A 183 -4.34 5.10 -0.17
C TYR A 183 -3.23 6.13 -0.34
N TYR A 184 -3.41 7.06 -1.26
CA TYR A 184 -2.43 8.10 -1.53
C TYR A 184 -2.75 9.37 -0.75
N ARG A 185 -3.69 10.16 -1.27
CA ARG A 185 -4.08 11.41 -0.61
C ARG A 185 -5.60 11.52 -0.51
N MET A 186 -6.05 12.47 0.30
CA MET A 186 -7.49 12.67 0.49
C MET A 186 -8.14 13.17 -0.80
N ASP A 1 -20.92 -16.65 7.66
CA ASP A 1 -20.89 -15.78 8.87
C ASP A 1 -20.80 -14.31 8.49
N ASP A 2 -20.71 -13.45 9.50
CA ASP A 2 -20.62 -12.01 9.27
C ASP A 2 -19.21 -11.62 8.83
N ALA A 3 -18.93 -11.79 7.54
CA ALA A 3 -17.62 -11.45 6.99
C ALA A 3 -17.43 -9.94 6.89
N GLU A 4 -16.20 -9.49 7.06
CA GLU A 4 -15.89 -8.06 6.99
C GLU A 4 -15.45 -7.67 5.58
N ASN A 5 -15.79 -6.46 5.16
CA ASN A 5 -15.44 -5.97 3.84
C ASN A 5 -15.45 -4.44 3.80
N ILE A 6 -14.82 -3.82 4.79
CA ILE A 6 -14.75 -2.36 4.86
C ILE A 6 -13.41 -1.84 4.40
N GLU A 7 -13.26 -0.52 4.34
CA GLU A 7 -12.02 0.09 3.91
C GLU A 7 -11.16 0.50 5.11
N TYR A 8 -9.90 0.82 4.84
CA TYR A 8 -8.98 1.22 5.91
C TYR A 8 -9.09 2.72 6.18
N LYS A 9 -9.22 3.07 7.46
CA LYS A 9 -9.33 4.46 7.86
C LYS A 9 -7.98 4.99 8.34
N VAL A 10 -7.43 5.96 7.61
CA VAL A 10 -6.15 6.54 7.96
C VAL A 10 -6.29 8.01 8.35
N SER A 11 -5.56 8.41 9.38
CA SER A 11 -5.60 9.79 9.86
C SER A 11 -4.29 10.15 10.54
N ILE A 12 -3.63 11.18 10.03
CA ILE A 12 -2.35 11.62 10.58
C ILE A 12 -2.57 12.54 11.78
N SER A 13 -1.99 12.15 12.92
CA SER A 13 -2.09 12.94 14.14
C SER A 13 -0.70 13.28 14.68
N GLY A 14 -0.38 14.57 14.71
CA GLY A 14 0.90 15.01 15.22
C GLY A 14 2.07 14.18 14.70
N THR A 15 2.29 14.25 13.39
CA THR A 15 3.37 13.52 12.75
C THR A 15 3.20 12.00 12.88
N SER A 16 2.06 11.57 13.37
CA SER A 16 1.78 10.15 13.52
C SER A 16 0.64 9.74 12.59
N VAL A 17 0.60 8.48 12.23
CA VAL A 17 -0.45 7.98 11.34
C VAL A 17 -1.28 6.90 12.02
N GLU A 18 -2.59 7.12 12.08
CA GLU A 18 -3.50 6.17 12.72
C GLU A 18 -4.36 5.45 11.68
N LEU A 19 -4.05 4.19 11.46
CA LEU A 19 -4.80 3.38 10.50
C LEU A 19 -5.82 2.50 11.22
N THR A 20 -6.94 2.24 10.56
CA THR A 20 -7.99 1.42 11.13
C THR A 20 -8.26 0.20 10.26
N CYS A 21 -7.95 -0.99 10.77
CA CYS A 21 -8.16 -2.22 10.03
C CYS A 21 -9.62 -2.67 10.10
N PRO A 22 -10.10 -3.39 9.07
CA PRO A 22 -11.47 -3.88 9.01
C PRO A 22 -11.70 -5.11 9.89
N LEU A 23 -10.74 -5.42 10.76
CA LEU A 23 -10.85 -6.57 11.65
C LEU A 23 -10.70 -6.14 13.09
N ASP A 24 -11.67 -6.53 13.93
CA ASP A 24 -11.64 -6.19 15.34
C ASP A 24 -10.29 -6.50 15.97
N SER A 25 -10.14 -6.13 17.23
CA SER A 25 -8.90 -6.38 17.95
C SER A 25 -9.04 -7.55 18.91
N ASP A 26 -8.68 -8.73 18.44
CA ASP A 26 -8.76 -9.95 19.25
C ASP A 26 -7.43 -10.24 19.92
N GLU A 27 -7.44 -11.15 20.89
CA GLU A 27 -6.22 -11.53 21.59
C GLU A 27 -5.32 -12.40 20.73
N ASN A 28 -5.37 -12.16 19.42
CA ASN A 28 -4.57 -12.91 18.47
C ASN A 28 -4.45 -12.15 17.14
N LEU A 29 -4.77 -10.85 17.17
CA LEU A 29 -4.69 -10.03 15.96
C LEU A 29 -3.26 -9.55 15.75
N LYS A 30 -2.78 -9.68 14.52
CA LYS A 30 -1.42 -9.26 14.19
C LYS A 30 -1.36 -8.47 12.89
N TRP A 31 -0.28 -7.72 12.71
CA TRP A 31 -0.08 -6.92 11.51
C TRP A 31 1.16 -7.36 10.75
N GLU A 32 1.37 -6.80 9.57
CA GLU A 32 2.53 -7.13 8.75
C GLU A 32 2.85 -6.02 7.77
N LYS A 33 4.10 -5.59 7.76
CA LYS A 33 4.54 -4.53 6.86
C LYS A 33 5.66 -5.02 5.93
N ASN A 34 5.33 -5.19 4.66
CA ASN A 34 6.31 -5.67 3.69
C ASN A 34 6.78 -7.07 4.05
N GLY A 35 7.92 -7.48 3.48
CA GLY A 35 8.45 -8.81 3.75
C GLY A 35 8.51 -9.12 5.23
N GLN A 36 8.61 -8.07 6.06
CA GLN A 36 8.68 -8.24 7.50
C GLN A 36 7.29 -8.09 8.13
N GLU A 37 7.09 -8.74 9.26
CA GLU A 37 5.81 -8.66 9.96
C GLU A 37 5.96 -7.97 11.32
N LEU A 38 4.87 -7.37 11.79
CA LEU A 38 4.89 -6.67 13.07
C LEU A 38 4.06 -7.42 14.11
N PRO A 39 4.71 -8.12 15.06
CA PRO A 39 4.02 -8.88 16.10
C PRO A 39 3.60 -7.99 17.27
N GLN A 40 2.91 -8.59 18.24
CA GLN A 40 2.44 -7.85 19.41
C GLN A 40 1.51 -6.71 19.01
N LYS A 41 0.77 -6.91 17.93
CA LYS A 41 -0.16 -5.90 17.43
C LYS A 41 -1.59 -6.42 17.46
N HIS A 42 -2.13 -6.61 18.67
CA HIS A 42 -3.49 -7.09 18.83
C HIS A 42 -4.48 -5.94 18.89
N ASP A 43 -4.30 -4.96 18.01
CA ASP A 43 -5.17 -3.80 17.96
C ASP A 43 -5.78 -3.63 16.57
N LYS A 44 -7.01 -3.13 16.53
CA LYS A 44 -7.71 -2.92 15.26
C LYS A 44 -7.11 -1.74 14.51
N HIS A 45 -6.70 -0.71 15.25
CA HIS A 45 -6.11 0.46 14.64
C HIS A 45 -4.60 0.51 14.87
N LEU A 46 -3.84 0.38 13.79
CA LEU A 46 -2.39 0.42 13.89
C LEU A 46 -1.90 1.86 13.81
N VAL A 47 -1.04 2.24 14.73
CA VAL A 47 -0.51 3.60 14.76
C VAL A 47 0.91 3.66 14.22
N LEU A 48 1.19 4.71 13.47
CA LEU A 48 2.52 4.92 12.91
C LEU A 48 3.07 6.25 13.39
N GLN A 49 3.84 6.20 14.48
CA GLN A 49 4.43 7.42 15.04
C GLN A 49 5.69 7.79 14.28
N ASP A 50 5.71 9.01 13.74
CA ASP A 50 6.83 9.49 12.96
C ASP A 50 6.87 8.80 11.61
N PHE A 51 5.94 9.17 10.74
CA PHE A 51 5.83 8.59 9.41
C PHE A 51 7.04 8.95 8.55
N SER A 52 7.30 8.13 7.55
CA SER A 52 8.43 8.35 6.65
C SER A 52 8.00 8.19 5.19
N GLU A 53 7.62 9.30 4.57
CA GLU A 53 7.20 9.28 3.18
C GLU A 53 8.35 8.85 2.27
N VAL A 54 9.57 9.14 2.71
CA VAL A 54 10.77 8.78 1.95
C VAL A 54 10.84 7.27 1.73
N GLU A 55 10.40 6.52 2.73
CA GLU A 55 10.41 5.05 2.65
C GLU A 55 9.67 4.57 1.41
N ASP A 56 8.78 5.42 0.87
CA ASP A 56 8.00 5.09 -0.32
C ASP A 56 6.81 4.19 0.04
N SER A 57 5.87 4.74 0.80
CA SER A 57 4.68 4.01 1.22
C SER A 57 5.04 2.65 1.79
N GLY A 58 4.01 1.87 2.12
CA GLY A 58 4.24 0.55 2.69
C GLY A 58 2.98 -0.30 2.68
N TYR A 59 3.13 -1.59 2.38
CA TYR A 59 2.00 -2.50 2.33
C TYR A 59 1.74 -3.11 3.70
N TYR A 60 0.64 -2.70 4.33
CA TYR A 60 0.28 -3.21 5.66
C TYR A 60 -0.92 -4.14 5.57
N VAL A 61 -0.99 -5.08 6.50
CA VAL A 61 -2.07 -6.04 6.53
C VAL A 61 -2.36 -6.55 7.94
N CYS A 62 -3.55 -7.06 8.17
CA CYS A 62 -3.94 -7.58 9.48
C CYS A 62 -4.81 -8.83 9.32
N TYR A 63 -4.69 -9.74 10.29
CA TYR A 63 -5.46 -10.98 10.25
C TYR A 63 -5.59 -11.59 11.64
N THR A 64 -6.64 -12.38 11.84
CA THR A 64 -6.90 -13.02 13.12
C THR A 64 -7.10 -14.53 12.94
N PRO A 65 -7.11 -15.29 14.04
CA PRO A 65 -7.31 -16.75 14.00
C PRO A 65 -8.57 -17.13 13.23
N ALA A 66 -9.68 -16.47 13.55
CA ALA A 66 -10.94 -16.74 12.89
C ALA A 66 -10.98 -16.17 11.48
N SER A 67 -10.13 -15.18 11.22
CA SER A 67 -10.07 -14.55 9.91
C SER A 67 -8.66 -14.61 9.33
N ASN A 68 -8.44 -15.54 8.41
CA ASN A 68 -7.14 -15.70 7.79
C ASN A 68 -7.14 -15.12 6.38
N LYS A 69 -7.81 -13.98 6.21
CA LYS A 69 -7.89 -13.32 4.92
C LYS A 69 -6.68 -12.41 4.71
N ASN A 70 -6.32 -12.18 3.45
CA ASN A 70 -5.18 -11.33 3.11
C ASN A 70 -5.62 -10.09 2.37
N THR A 71 -5.31 -8.93 2.93
CA THR A 71 -5.66 -7.65 2.33
C THR A 71 -4.47 -6.70 2.35
N TYR A 72 -3.89 -6.44 1.19
CA TYR A 72 -2.75 -5.55 1.09
C TYR A 72 -3.20 -4.10 0.87
N LEU A 73 -2.84 -3.23 1.81
CA LEU A 73 -3.21 -1.83 1.73
C LEU A 73 -1.97 -0.97 1.43
N TYR A 74 -2.13 -0.01 0.54
CA TYR A 74 -1.04 0.88 0.17
C TYR A 74 -1.14 2.22 0.88
N LEU A 75 -0.24 2.44 1.83
CA LEU A 75 -0.23 3.68 2.60
C LEU A 75 0.78 4.67 2.05
N LYS A 76 0.30 5.79 1.51
CA LYS A 76 1.17 6.82 0.97
C LYS A 76 0.82 8.18 1.56
N ALA A 77 1.67 8.69 2.44
CA ALA A 77 1.44 9.98 3.07
C ALA A 77 2.75 10.60 3.57
N ARG A 78 2.68 11.85 4.00
CA ARG A 78 3.86 12.56 4.50
C ARG A 78 3.53 13.29 5.79
N VAL A 79 4.55 13.46 6.64
CA VAL A 79 4.38 14.16 7.90
C VAL A 79 5.65 14.87 8.31
N GLY A 80 5.48 15.93 9.10
CA GLY A 80 6.62 16.69 9.59
C GLY A 80 7.77 16.75 8.62
N SER A 81 8.97 16.77 9.17
CA SER A 81 10.18 16.80 8.39
C SER A 81 10.91 15.49 8.45
N ALA A 82 10.15 14.41 8.34
CA ALA A 82 10.73 13.09 8.41
C ALA A 82 11.75 13.06 9.52
N ASP A 83 11.28 13.16 10.75
CA ASP A 83 12.14 13.16 11.93
C ASP A 83 12.89 11.86 12.02
N ASP A 84 13.34 11.40 10.87
CA ASP A 84 14.10 10.16 10.76
C ASP A 84 15.60 10.43 10.68
N ALA A 85 16.39 9.37 10.79
CA ALA A 85 17.84 9.49 10.73
C ALA A 85 18.44 8.41 9.85
N LYS A 86 17.90 8.25 8.65
CA LYS A 86 18.38 7.23 7.72
C LYS A 86 18.16 5.83 8.27
N LYS A 87 17.05 5.64 8.96
CA LYS A 87 16.72 4.34 9.55
C LYS A 87 17.79 3.91 10.56
N ASP A 88 17.67 2.68 11.05
CA ASP A 88 18.62 2.15 12.02
C ASP A 88 19.37 0.95 11.46
N ALA A 89 20.42 0.53 12.16
CA ALA A 89 21.22 -0.60 11.72
C ALA A 89 21.82 -0.36 10.34
N ALA A 90 22.84 0.50 10.29
CA ALA A 90 23.50 0.82 9.03
C ALA A 90 24.17 -0.41 8.43
N LYS A 91 24.72 -1.26 9.30
CA LYS A 91 25.38 -2.48 8.86
C LYS A 91 24.38 -3.51 8.38
N LYS A 92 24.31 -3.69 7.06
CA LYS A 92 23.39 -4.64 6.46
C LYS A 92 24.08 -5.96 6.19
N ASP A 93 23.37 -7.07 6.43
CA ASP A 93 23.94 -8.40 6.21
C ASP A 93 22.89 -9.34 5.62
N ASP A 94 23.26 -10.60 5.45
CA ASP A 94 22.35 -11.60 4.90
C ASP A 94 22.59 -12.96 5.55
N ALA A 95 23.75 -13.55 5.28
CA ALA A 95 24.09 -14.85 5.84
C ALA A 95 23.13 -15.93 5.35
N LYS A 96 22.93 -15.98 4.03
CA LYS A 96 22.03 -16.97 3.44
C LYS A 96 22.81 -18.19 2.94
N LYS A 97 22.22 -19.37 3.08
CA LYS A 97 22.85 -20.60 2.64
C LYS A 97 21.81 -21.69 2.38
N ASP A 98 20.65 -21.27 1.89
CA ASP A 98 19.57 -22.20 1.58
C ASP A 98 18.44 -21.50 0.83
N ASP A 99 17.56 -22.28 0.24
CA ASP A 99 16.43 -21.74 -0.51
C ASP A 99 15.49 -22.84 -0.97
N ALA A 100 14.22 -22.72 -0.63
CA ALA A 100 13.22 -23.71 -1.00
C ALA A 100 11.81 -23.24 -0.65
N LYS A 101 11.67 -22.69 0.56
CA LYS A 101 10.38 -22.20 1.02
C LYS A 101 10.53 -20.90 1.80
N LYS A 102 10.76 -19.81 1.07
CA LYS A 102 10.94 -18.51 1.69
C LYS A 102 9.67 -18.08 2.42
N ASP A 103 8.56 -18.01 1.69
CA ASP A 103 7.28 -17.61 2.25
C ASP A 103 6.28 -18.76 2.21
N GLY A 104 6.82 -19.98 2.30
CA GLY A 104 5.98 -21.16 2.26
C GLY A 104 5.17 -21.27 0.98
N SER A 105 5.77 -20.84 -0.12
CA SER A 105 5.11 -20.89 -1.42
C SER A 105 5.81 -21.87 -2.36
N GLN A 106 5.06 -22.38 -3.34
CA GLN A 106 5.59 -23.32 -4.30
C GLN A 106 6.49 -22.62 -5.32
N THR A 107 7.77 -22.99 -5.32
CA THR A 107 8.75 -22.40 -6.23
C THR A 107 8.59 -20.90 -6.31
N ASN A 108 8.54 -20.30 -5.14
CA ASN A 108 8.39 -18.86 -5.03
C ASN A 108 9.73 -18.20 -4.68
N LYS A 109 10.01 -17.08 -5.34
CA LYS A 109 11.26 -16.36 -5.11
C LYS A 109 11.01 -15.00 -4.46
N ALA A 110 9.86 -14.87 -3.80
CA ALA A 110 9.50 -13.62 -3.13
C ALA A 110 9.74 -12.42 -4.02
N LYS A 111 8.71 -12.02 -4.77
CA LYS A 111 8.82 -10.87 -5.67
C LYS A 111 7.51 -10.10 -5.72
N ASN A 112 7.60 -8.78 -5.80
CA ASN A 112 6.43 -7.92 -5.86
C ASN A 112 5.60 -8.22 -7.10
N LEU A 113 4.39 -8.73 -6.89
CA LEU A 113 3.50 -9.06 -7.99
C LEU A 113 2.86 -7.80 -8.58
N VAL A 114 2.51 -6.87 -7.71
CA VAL A 114 1.90 -5.62 -8.14
C VAL A 114 2.58 -4.42 -7.49
N GLN A 115 2.79 -3.38 -8.29
CA GLN A 115 3.43 -2.17 -7.81
C GLN A 115 2.78 -0.92 -8.39
N VAL A 116 2.92 0.19 -7.70
CA VAL A 116 2.36 1.47 -8.16
C VAL A 116 3.42 2.57 -8.12
N ASP A 117 3.36 3.47 -9.09
CA ASP A 117 4.31 4.57 -9.16
C ASP A 117 3.75 5.83 -8.53
N GLY A 118 4.63 6.74 -8.12
CA GLY A 118 4.20 7.98 -7.50
C GLY A 118 5.09 9.15 -7.87
N SER A 119 6.40 8.93 -7.86
CA SER A 119 7.35 9.98 -8.19
C SER A 119 7.92 9.77 -9.59
N ARG A 120 7.18 10.23 -10.60
CA ARG A 120 7.61 10.10 -11.99
C ARG A 120 8.21 11.41 -12.51
N GLY A 121 8.54 12.29 -11.59
CA GLY A 121 9.11 13.57 -11.96
C GLY A 121 8.11 14.70 -11.83
N ASP A 122 6.89 14.46 -12.31
CA ASP A 122 5.83 15.45 -12.24
C ASP A 122 4.95 15.22 -11.01
N GLY A 123 4.95 13.98 -10.53
CA GLY A 123 4.16 13.63 -9.38
C GLY A 123 2.92 12.84 -9.74
N SER A 124 2.99 12.09 -10.83
CA SER A 124 1.86 11.28 -11.28
C SER A 124 1.97 9.86 -10.74
N VAL A 125 0.81 9.25 -10.47
CA VAL A 125 0.77 7.90 -9.94
C VAL A 125 0.38 6.89 -11.02
N LEU A 126 1.23 5.89 -11.22
CA LEU A 126 0.97 4.87 -12.23
C LEU A 126 0.92 3.48 -11.58
N LEU A 127 -0.28 2.93 -11.48
CA LEU A 127 -0.48 1.62 -10.89
C LEU A 127 -0.20 0.50 -11.88
N THR A 128 0.80 -0.32 -11.59
CA THR A 128 1.17 -1.42 -12.47
C THR A 128 0.64 -2.75 -11.93
N CYS A 129 0.08 -3.56 -12.81
CA CYS A 129 -0.45 -4.87 -12.42
C CYS A 129 -0.08 -5.93 -13.45
N GLY A 130 1.20 -5.96 -13.84
CA GLY A 130 1.65 -6.93 -14.81
C GLY A 130 2.11 -8.22 -14.16
N LEU A 131 1.21 -8.84 -13.41
CA LEU A 131 1.47 -10.09 -12.72
C LEU A 131 1.88 -11.20 -13.70
N THR A 132 2.97 -10.97 -14.41
CA THR A 132 3.48 -11.94 -15.38
C THR A 132 2.44 -12.25 -16.45
N ASP A 133 1.47 -11.37 -16.61
CA ASP A 133 0.42 -11.55 -17.60
C ASP A 133 0.65 -10.67 -18.82
N LYS A 134 0.25 -11.18 -19.96
CA LYS A 134 0.36 -10.44 -21.20
C LYS A 134 -0.89 -9.58 -21.40
N THR A 135 -1.79 -9.64 -20.42
CA THR A 135 -3.02 -8.87 -20.47
C THR A 135 -3.27 -8.16 -19.14
N ILE A 136 -3.68 -6.91 -19.23
CA ILE A 136 -3.95 -6.12 -18.03
C ILE A 136 -5.33 -5.46 -18.09
N LYS A 137 -6.25 -5.93 -17.25
CA LYS A 137 -7.59 -5.40 -17.20
C LYS A 137 -7.92 -4.96 -15.77
N TRP A 138 -7.96 -3.65 -15.56
CA TRP A 138 -8.26 -3.11 -14.22
C TRP A 138 -9.74 -2.85 -14.04
N LEU A 139 -10.19 -2.98 -12.79
CA LEU A 139 -11.59 -2.74 -12.45
C LEU A 139 -11.69 -1.79 -11.25
N LYS A 140 -12.88 -1.24 -11.04
CA LYS A 140 -13.10 -0.31 -9.94
C LYS A 140 -14.44 -0.58 -9.26
N ASP A 141 -14.38 -0.99 -7.99
CA ASP A 141 -15.59 -1.28 -7.22
C ASP A 141 -16.49 -2.25 -7.97
N GLY A 142 -15.89 -3.12 -8.77
CA GLY A 142 -16.66 -4.08 -9.54
C GLY A 142 -17.08 -3.55 -10.90
N SER A 143 -16.43 -2.49 -11.36
CA SER A 143 -16.74 -1.90 -12.65
C SER A 143 -15.50 -1.77 -13.50
N ILE A 144 -15.58 -2.24 -14.75
CA ILE A 144 -14.46 -2.17 -15.66
C ILE A 144 -14.06 -0.73 -15.95
N ILE A 145 -12.77 -0.43 -15.77
CA ILE A 145 -12.25 0.89 -16.02
C ILE A 145 -10.90 0.80 -16.71
N SER A 146 -10.91 1.10 -18.00
CA SER A 146 -9.70 1.04 -18.81
C SER A 146 -9.42 2.39 -19.47
N PRO A 147 -8.13 2.70 -19.71
CA PRO A 147 -7.71 3.95 -20.33
C PRO A 147 -7.70 3.87 -21.86
N LEU A 148 -7.84 5.02 -22.51
CA LEU A 148 -7.85 5.07 -23.96
C LEU A 148 -6.67 5.89 -24.48
N ASN A 149 -5.61 5.93 -23.70
CA ASN A 149 -4.40 6.65 -24.07
C ASN A 149 -3.21 6.17 -23.26
N ALA A 150 -3.29 4.92 -22.80
CA ALA A 150 -2.23 4.34 -22.01
C ALA A 150 -2.37 2.82 -21.91
N THR A 151 -1.25 2.12 -21.81
CA THR A 151 -1.27 0.67 -21.72
C THR A 151 0.14 0.12 -21.49
N LYS A 152 0.90 0.79 -20.63
CA LYS A 152 2.25 0.36 -20.32
C LYS A 152 2.25 -0.45 -19.03
N ASN A 153 1.28 -1.35 -18.93
CA ASN A 153 1.14 -2.21 -17.76
C ASN A 153 0.84 -1.37 -16.52
N THR A 154 0.48 -0.10 -16.73
CA THR A 154 0.19 0.81 -15.63
C THR A 154 -1.26 1.28 -15.64
N TRP A 155 -1.61 2.05 -14.62
CA TRP A 155 -2.95 2.60 -14.48
C TRP A 155 -2.87 4.07 -14.10
N ASN A 156 -3.69 4.90 -14.74
CA ASN A 156 -3.69 6.32 -14.46
C ASN A 156 -4.51 6.65 -13.22
N LEU A 157 -3.82 6.90 -12.11
CA LEU A 157 -4.48 7.21 -10.86
C LEU A 157 -4.62 8.72 -10.68
N GLY A 158 -3.72 9.48 -11.31
CA GLY A 158 -3.77 10.92 -11.21
C GLY A 158 -2.54 11.49 -10.52
N ASN A 159 -2.74 12.60 -9.82
CA ASN A 159 -1.66 13.25 -9.10
C ASN A 159 -1.73 12.92 -7.61
N ASN A 160 -0.71 12.23 -7.12
CA ASN A 160 -0.64 11.84 -5.72
C ASN A 160 -1.05 12.99 -4.79
N ALA A 161 -0.78 14.21 -5.23
CA ALA A 161 -1.12 15.39 -4.44
C ALA A 161 -2.63 15.50 -4.24
N LYS A 162 -3.38 15.10 -5.26
CA LYS A 162 -4.84 15.15 -5.21
C LYS A 162 -5.44 14.17 -6.22
N ASP A 163 -5.24 12.88 -5.98
CA ASP A 163 -5.76 11.84 -6.86
C ASP A 163 -6.71 10.93 -6.11
N PRO A 164 -7.85 10.56 -6.75
CA PRO A 164 -8.84 9.68 -6.12
C PRO A 164 -8.24 8.35 -5.66
N ARG A 165 -8.41 8.04 -4.38
CA ARG A 165 -7.88 6.80 -3.83
C ARG A 165 -9.01 5.78 -3.62
N GLY A 166 -8.61 4.52 -3.44
CA GLY A 166 -9.61 3.48 -3.22
C GLY A 166 -9.06 2.09 -3.53
N THR A 167 -9.94 1.21 -4.02
CA THR A 167 -9.54 -0.15 -4.34
C THR A 167 -9.60 -0.38 -5.85
N TYR A 168 -8.61 -1.11 -6.37
CA TYR A 168 -8.55 -1.41 -7.80
C TYR A 168 -8.16 -2.86 -8.04
N GLN A 169 -9.00 -3.58 -8.79
CA GLN A 169 -8.74 -4.99 -9.10
C GLN A 169 -8.15 -5.14 -10.49
N CYS A 170 -7.27 -6.13 -10.67
CA CYS A 170 -6.66 -6.37 -11.97
C CYS A 170 -7.00 -7.77 -12.48
N GLN A 171 -7.20 -7.88 -13.78
CA GLN A 171 -7.53 -9.16 -14.40
C GLN A 171 -6.53 -9.53 -15.48
N GLY A 172 -5.69 -10.52 -15.20
CA GLY A 172 -4.70 -10.96 -16.16
C GLY A 172 -5.18 -12.15 -16.98
N ALA A 173 -4.60 -12.29 -18.18
CA ALA A 173 -4.95 -13.38 -19.09
C ALA A 173 -5.23 -14.68 -18.35
N LYS A 174 -4.23 -15.18 -17.66
CA LYS A 174 -4.35 -16.43 -16.91
C LYS A 174 -4.18 -16.18 -15.40
N GLU A 175 -4.18 -14.91 -15.01
CA GLU A 175 -4.03 -14.54 -13.61
C GLU A 175 -4.95 -13.40 -13.24
N THR A 176 -5.15 -13.17 -11.95
CA THR A 176 -6.01 -12.10 -11.48
C THR A 176 -5.46 -11.47 -10.20
N SER A 177 -5.04 -10.22 -10.30
CA SER A 177 -4.49 -9.51 -9.16
C SER A 177 -5.61 -9.10 -8.19
N ASN A 178 -5.27 -8.98 -6.91
CA ASN A 178 -6.25 -8.62 -5.89
C ASN A 178 -6.45 -7.11 -5.83
N PRO A 179 -7.61 -6.65 -5.35
CA PRO A 179 -7.93 -5.23 -5.24
C PRO A 179 -6.88 -4.45 -4.45
N LEU A 180 -6.12 -3.62 -5.15
CA LEU A 180 -5.08 -2.83 -4.52
C LEU A 180 -5.66 -1.58 -3.84
N GLN A 181 -5.26 -1.35 -2.61
CA GLN A 181 -5.72 -0.20 -1.85
C GLN A 181 -4.70 0.93 -1.98
N VAL A 182 -4.89 1.79 -2.98
CA VAL A 182 -3.98 2.90 -3.21
C VAL A 182 -4.47 4.15 -2.49
N TYR A 183 -3.77 4.53 -1.42
CA TYR A 183 -4.12 5.71 -0.64
C TYR A 183 -3.01 6.75 -0.70
N TYR A 184 -3.39 7.97 -1.08
CA TYR A 184 -2.43 9.07 -1.18
C TYR A 184 -2.89 10.27 -0.36
N ARG A 185 -2.09 11.33 -0.37
CA ARG A 185 -2.42 12.54 0.38
C ARG A 185 -1.47 13.68 0.01
N MET A 186 -0.17 13.44 0.19
CA MET A 186 0.84 14.45 -0.11
C MET A 186 2.05 13.81 -0.80
N ASP A 1 -26.56 -4.08 7.51
CA ASP A 1 -25.29 -4.07 6.74
C ASP A 1 -24.57 -5.42 6.84
N ASP A 2 -24.89 -6.31 5.90
CA ASP A 2 -24.27 -7.64 5.88
C ASP A 2 -23.37 -7.81 4.66
N ALA A 3 -22.07 -7.66 4.86
CA ALA A 3 -21.11 -7.80 3.77
C ALA A 3 -19.74 -8.21 4.29
N GLU A 4 -19.21 -9.29 3.74
CA GLU A 4 -17.90 -9.80 4.14
C GLU A 4 -16.78 -9.11 3.37
N ASN A 5 -15.55 -9.27 3.85
CA ASN A 5 -14.39 -8.66 3.20
C ASN A 5 -14.49 -7.14 3.22
N ILE A 6 -14.20 -6.55 4.38
CA ILE A 6 -14.26 -5.10 4.52
C ILE A 6 -12.89 -4.47 4.27
N GLU A 7 -12.84 -3.15 4.28
CA GLU A 7 -11.59 -2.43 4.05
C GLU A 7 -11.09 -1.77 5.33
N TYR A 8 -9.83 -1.36 5.32
CA TYR A 8 -9.22 -0.72 6.48
C TYR A 8 -9.68 0.73 6.59
N LYS A 9 -9.63 1.27 7.81
CA LYS A 9 -10.03 2.66 8.06
C LYS A 9 -8.82 3.50 8.47
N VAL A 10 -8.41 4.41 7.59
CA VAL A 10 -7.27 5.27 7.87
C VAL A 10 -7.74 6.69 8.22
N SER A 11 -7.06 7.30 9.19
CA SER A 11 -7.39 8.65 9.62
C SER A 11 -6.16 9.34 10.20
N ILE A 12 -5.72 10.41 9.56
CA ILE A 12 -4.56 11.15 10.02
C ILE A 12 -4.92 12.17 11.10
N SER A 13 -4.29 12.03 12.26
CA SER A 13 -4.53 12.91 13.38
C SER A 13 -3.23 13.56 13.86
N GLY A 14 -3.09 14.85 13.61
CA GLY A 14 -1.90 15.57 14.02
C GLY A 14 -0.61 14.85 13.66
N THR A 15 -0.36 14.69 12.36
CA THR A 15 0.83 14.03 11.88
C THR A 15 0.87 12.55 12.23
N SER A 16 -0.22 12.05 12.79
CA SER A 16 -0.29 10.64 13.17
C SER A 16 -1.40 9.93 12.40
N VAL A 17 -1.02 8.89 11.67
CA VAL A 17 -1.99 8.12 10.89
C VAL A 17 -2.58 7.00 11.73
N GLU A 18 -3.82 6.63 11.45
CA GLU A 18 -4.49 5.58 12.22
C GLU A 18 -5.30 4.65 11.33
N LEU A 19 -4.75 3.47 11.06
CA LEU A 19 -5.43 2.48 10.25
C LEU A 19 -6.25 1.55 11.14
N THR A 20 -7.39 1.08 10.62
CA THR A 20 -8.26 0.20 11.39
C THR A 20 -8.34 -1.18 10.73
N CYS A 21 -7.96 -2.21 11.49
CA CYS A 21 -7.98 -3.58 10.98
C CYS A 21 -9.40 -4.13 11.00
N PRO A 22 -9.80 -4.87 9.95
CA PRO A 22 -11.15 -5.46 9.85
C PRO A 22 -11.43 -6.51 10.92
N LEU A 23 -10.44 -6.79 11.76
CA LEU A 23 -10.60 -7.77 12.83
C LEU A 23 -10.20 -7.17 14.16
N ASP A 24 -11.02 -7.41 15.18
CA ASP A 24 -10.76 -6.89 16.51
C ASP A 24 -9.31 -7.14 16.94
N SER A 25 -8.95 -6.58 18.09
CA SER A 25 -7.61 -6.74 18.62
C SER A 25 -7.51 -7.97 19.51
N ASP A 26 -7.10 -9.09 18.92
CA ASP A 26 -6.96 -10.33 19.65
C ASP A 26 -5.57 -10.46 20.25
N GLU A 27 -5.39 -11.41 21.16
CA GLU A 27 -4.10 -11.63 21.80
C GLU A 27 -3.17 -12.41 20.87
N ASN A 28 -3.35 -12.21 19.56
CA ASN A 28 -2.54 -12.86 18.56
C ASN A 28 -2.64 -12.10 17.23
N LEU A 29 -3.09 -10.85 17.28
CA LEU A 29 -3.22 -10.05 16.08
C LEU A 29 -1.86 -9.47 15.68
N LYS A 30 -1.56 -9.50 14.39
CA LYS A 30 -0.29 -8.99 13.89
C LYS A 30 -0.46 -8.21 12.60
N TRP A 31 0.54 -7.39 12.29
CA TRP A 31 0.52 -6.58 11.07
C TRP A 31 1.71 -6.92 10.19
N GLU A 32 1.71 -6.39 8.97
CA GLU A 32 2.79 -6.63 8.04
C GLU A 32 2.96 -5.46 7.08
N LYS A 33 4.16 -4.87 7.07
CA LYS A 33 4.46 -3.74 6.20
C LYS A 33 5.07 -4.21 4.89
N ASN A 34 4.98 -3.37 3.87
CA ASN A 34 5.52 -3.70 2.56
C ASN A 34 6.94 -4.26 2.67
N GLY A 35 7.66 -3.84 3.70
CA GLY A 35 9.02 -4.30 3.92
C GLY A 35 9.13 -5.26 5.09
N GLN A 36 9.11 -4.72 6.30
CA GLN A 36 9.22 -5.54 7.51
C GLN A 36 7.86 -5.72 8.16
N GLU A 37 7.69 -6.83 8.87
CA GLU A 37 6.43 -7.13 9.55
C GLU A 37 6.55 -6.90 11.06
N LEU A 38 5.42 -6.65 11.70
CA LEU A 38 5.40 -6.41 13.14
C LEU A 38 4.74 -7.58 13.88
N PRO A 39 5.54 -8.43 14.54
CA PRO A 39 5.05 -9.59 15.27
C PRO A 39 4.82 -9.29 16.75
N GLN A 40 4.39 -8.08 17.02
CA GLN A 40 4.12 -7.63 18.36
C GLN A 40 3.10 -6.50 18.37
N LYS A 41 2.13 -6.58 17.46
CA LYS A 41 1.08 -5.57 17.38
C LYS A 41 -0.29 -6.19 17.62
N HIS A 42 -0.67 -6.28 18.89
CA HIS A 42 -1.97 -6.85 19.26
C HIS A 42 -3.07 -5.80 19.23
N ASP A 43 -2.98 -4.87 18.29
CA ASP A 43 -3.97 -3.82 18.15
C ASP A 43 -4.53 -3.77 16.73
N LYS A 44 -5.85 -3.90 16.62
CA LYS A 44 -6.52 -3.88 15.33
C LYS A 44 -6.32 -2.54 14.64
N HIS A 45 -6.22 -1.48 15.43
CA HIS A 45 -6.03 -0.14 14.87
C HIS A 45 -4.56 0.27 14.95
N LEU A 46 -3.85 0.13 13.85
CA LEU A 46 -2.44 0.50 13.80
C LEU A 46 -2.29 2.00 13.56
N VAL A 47 -1.44 2.63 14.36
CA VAL A 47 -1.21 4.07 14.24
C VAL A 47 0.18 4.35 13.72
N LEU A 48 0.28 5.35 12.85
CA LEU A 48 1.56 5.76 12.30
C LEU A 48 1.84 7.20 12.70
N GLN A 49 2.55 7.37 13.81
CA GLN A 49 2.88 8.70 14.30
C GLN A 49 4.04 9.28 13.51
N ASP A 50 3.81 10.43 12.89
CA ASP A 50 4.83 11.09 12.07
C ASP A 50 5.05 10.30 10.80
N PHE A 51 4.07 10.36 9.92
CA PHE A 51 4.12 9.63 8.65
C PHE A 51 5.32 10.05 7.82
N SER A 52 6.12 9.08 7.41
CA SER A 52 7.31 9.33 6.60
C SER A 52 7.19 8.63 5.25
N GLU A 53 6.71 9.37 4.25
CA GLU A 53 6.56 8.82 2.91
C GLU A 53 7.88 8.24 2.42
N VAL A 54 8.98 8.81 2.89
CA VAL A 54 10.31 8.36 2.52
C VAL A 54 10.53 6.91 2.92
N GLU A 55 9.94 6.51 4.04
CA GLU A 55 10.07 5.13 4.53
C GLU A 55 9.57 4.14 3.50
N ASP A 56 8.73 4.61 2.58
CA ASP A 56 8.17 3.76 1.53
C ASP A 56 7.10 2.83 2.09
N SER A 57 5.96 3.41 2.45
CA SER A 57 4.85 2.64 3.00
C SER A 57 3.92 2.16 1.89
N GLY A 58 2.72 1.73 2.25
CA GLY A 58 1.77 1.26 1.26
C GLY A 58 1.18 -0.09 1.61
N TYR A 59 1.80 -1.15 1.09
CA TYR A 59 1.33 -2.51 1.35
C TYR A 59 1.27 -2.82 2.84
N TYR A 60 0.06 -3.07 3.32
CA TYR A 60 -0.15 -3.38 4.74
C TYR A 60 -1.12 -4.54 4.88
N VAL A 61 -0.98 -5.31 5.96
CA VAL A 61 -1.85 -6.45 6.18
C VAL A 61 -2.06 -6.73 7.68
N CYS A 62 -3.23 -7.24 8.01
CA CYS A 62 -3.57 -7.56 9.40
C CYS A 62 -4.38 -8.84 9.47
N TYR A 63 -3.99 -9.74 10.36
CA TYR A 63 -4.69 -11.02 10.52
C TYR A 63 -4.32 -11.70 11.83
N THR A 64 -5.06 -12.76 12.17
CA THR A 64 -4.81 -13.49 13.41
C THR A 64 -4.66 -14.99 13.12
N PRO A 65 -3.82 -15.69 13.89
CA PRO A 65 -3.60 -17.13 13.71
C PRO A 65 -4.91 -17.91 13.65
N ALA A 66 -5.78 -17.66 14.62
CA ALA A 66 -7.08 -18.33 14.68
C ALA A 66 -7.98 -17.89 13.52
N SER A 67 -7.73 -16.68 13.02
CA SER A 67 -8.50 -16.14 11.92
C SER A 67 -7.60 -15.83 10.73
N ASN A 68 -7.45 -16.80 9.84
CA ASN A 68 -6.62 -16.64 8.66
C ASN A 68 -7.26 -15.67 7.66
N LYS A 69 -7.41 -14.41 8.08
CA LYS A 69 -8.01 -13.39 7.23
C LYS A 69 -7.06 -12.22 7.06
N ASN A 70 -6.60 -12.01 5.83
CA ASN A 70 -5.67 -10.91 5.54
C ASN A 70 -6.11 -10.15 4.30
N THR A 71 -6.08 -8.82 4.39
CA THR A 71 -6.46 -7.96 3.27
C THR A 71 -5.28 -7.11 2.81
N TYR A 72 -5.13 -6.98 1.50
CA TYR A 72 -4.03 -6.21 0.93
C TYR A 72 -4.44 -4.76 0.72
N LEU A 73 -3.88 -3.86 1.54
CA LEU A 73 -4.19 -2.44 1.44
C LEU A 73 -2.94 -1.65 1.03
N TYR A 74 -3.16 -0.49 0.42
CA TYR A 74 -2.05 0.35 -0.02
C TYR A 74 -2.18 1.76 0.57
N LEU A 75 -1.40 2.02 1.62
CA LEU A 75 -1.42 3.32 2.28
C LEU A 75 -0.09 4.03 2.12
N LYS A 76 -0.09 5.11 1.34
CA LYS A 76 1.12 5.89 1.10
C LYS A 76 0.81 7.37 1.09
N ALA A 77 1.24 8.07 2.13
CA ALA A 77 1.01 9.51 2.25
C ALA A 77 2.04 10.17 3.16
N ARG A 78 2.00 11.48 3.22
CA ARG A 78 2.93 12.24 4.06
C ARG A 78 2.21 13.32 4.85
N VAL A 79 2.56 13.46 6.12
CA VAL A 79 1.95 14.46 6.98
C VAL A 79 2.95 15.55 7.30
N GLY A 80 2.44 16.75 7.53
CA GLY A 80 3.31 17.85 7.85
C GLY A 80 3.91 17.72 9.23
N SER A 81 5.17 18.06 9.31
CA SER A 81 5.91 18.00 10.58
C SER A 81 5.49 19.10 11.52
N ALA A 82 4.21 19.14 11.85
CA ALA A 82 3.71 20.17 12.74
C ALA A 82 4.45 21.46 12.48
N ASP A 83 4.24 22.00 11.28
CA ASP A 83 4.90 23.24 10.86
C ASP A 83 4.51 24.38 11.78
N ASP A 84 4.49 24.05 13.04
CA ASP A 84 4.14 25.00 14.09
C ASP A 84 5.06 24.85 15.30
N ALA A 85 5.99 25.78 15.45
CA ALA A 85 6.94 25.74 16.56
C ALA A 85 7.79 24.48 16.52
N LYS A 86 8.63 24.30 17.53
CA LYS A 86 9.49 23.12 17.60
C LYS A 86 10.42 23.05 16.39
N LYS A 87 11.57 23.68 16.50
CA LYS A 87 12.54 23.69 15.41
C LYS A 87 13.96 23.86 15.95
N ASP A 88 14.22 23.26 17.10
CA ASP A 88 15.55 23.34 17.72
C ASP A 88 16.60 22.65 16.85
N ALA A 89 17.87 22.88 17.18
CA ALA A 89 18.97 22.28 16.44
C ALA A 89 18.99 20.77 16.60
N ALA A 90 20.00 20.14 16.03
CA ALA A 90 20.14 18.69 16.10
C ALA A 90 21.12 18.29 17.20
N LYS A 91 21.33 16.98 17.36
CA LYS A 91 22.25 16.46 18.37
C LYS A 91 22.44 14.96 18.22
N LYS A 92 23.48 14.44 18.85
CA LYS A 92 23.77 13.00 18.80
C LYS A 92 24.00 12.56 17.35
N ASP A 93 24.60 13.45 16.55
CA ASP A 93 24.87 13.14 15.16
C ASP A 93 26.26 12.54 15.00
N ASP A 94 26.35 11.22 15.11
CA ASP A 94 27.62 10.52 14.97
C ASP A 94 27.86 10.10 13.53
N ALA A 95 29.10 9.74 13.22
CA ALA A 95 29.46 9.32 11.86
C ALA A 95 28.69 8.07 11.47
N LYS A 96 27.97 8.16 10.35
CA LYS A 96 27.19 7.03 9.85
C LYS A 96 27.35 6.88 8.34
N LYS A 97 26.75 5.84 7.79
CA LYS A 97 26.83 5.58 6.35
C LYS A 97 25.54 6.03 5.65
N ASP A 98 25.52 5.88 4.34
CA ASP A 98 24.36 6.27 3.55
C ASP A 98 24.12 5.29 2.39
N ASP A 99 22.87 4.89 2.21
CA ASP A 99 22.51 3.97 1.14
C ASP A 99 22.71 4.60 -0.23
N ALA A 100 22.59 3.79 -1.27
CA ALA A 100 22.76 4.27 -2.64
C ALA A 100 21.61 3.82 -3.53
N LYS A 101 20.39 4.04 -3.05
CA LYS A 101 19.20 3.67 -3.80
C LYS A 101 18.46 4.89 -4.33
N LYS A 102 18.79 6.06 -3.79
CA LYS A 102 18.16 7.31 -4.22
C LYS A 102 18.38 7.57 -5.70
N ASP A 103 19.37 6.90 -6.28
CA ASP A 103 19.68 7.08 -7.70
C ASP A 103 19.02 5.99 -8.54
N GLY A 104 17.89 5.52 -8.07
CA GLY A 104 17.15 4.48 -8.79
C GLY A 104 17.98 3.23 -9.01
N SER A 105 18.91 2.97 -8.10
CA SER A 105 19.76 1.79 -8.20
C SER A 105 18.95 0.51 -8.08
N GLN A 106 19.16 -0.41 -9.02
CA GLN A 106 18.45 -1.67 -9.03
C GLN A 106 18.81 -2.50 -7.80
N THR A 107 17.82 -2.75 -6.96
CA THR A 107 18.01 -3.52 -5.73
C THR A 107 16.68 -3.93 -5.12
N ASN A 108 15.91 -4.69 -5.87
CA ASN A 108 14.60 -5.15 -5.42
C ASN A 108 13.95 -6.05 -6.47
N LYS A 109 13.87 -7.34 -6.17
CA LYS A 109 13.27 -8.29 -7.10
C LYS A 109 11.75 -8.30 -6.96
N ALA A 110 11.06 -8.11 -8.08
CA ALA A 110 9.60 -8.09 -8.09
C ALA A 110 9.05 -8.60 -9.42
N LYS A 111 7.91 -9.27 -9.36
CA LYS A 111 7.28 -9.80 -10.57
C LYS A 111 5.79 -10.06 -10.34
N ASN A 112 5.48 -10.75 -9.24
CA ASN A 112 4.10 -11.05 -8.90
C ASN A 112 3.50 -9.98 -8.01
N LEU A 113 2.21 -10.11 -7.71
CA LEU A 113 1.52 -9.14 -6.87
C LEU A 113 1.53 -7.75 -7.50
N VAL A 114 0.49 -6.98 -7.22
CA VAL A 114 0.38 -5.63 -7.77
C VAL A 114 1.38 -4.69 -7.11
N GLN A 115 1.94 -3.79 -7.91
CA GLN A 115 2.91 -2.83 -7.41
C GLN A 115 2.68 -1.46 -8.03
N VAL A 116 2.31 -0.50 -7.19
CA VAL A 116 2.05 0.86 -7.67
C VAL A 116 3.31 1.72 -7.56
N ASP A 117 3.59 2.50 -8.60
CA ASP A 117 4.76 3.37 -8.62
C ASP A 117 4.47 4.68 -7.91
N GLY A 118 5.52 5.32 -7.40
CA GLY A 118 5.35 6.58 -6.72
C GLY A 118 6.53 7.52 -6.88
N SER A 119 7.45 7.16 -7.78
CA SER A 119 8.63 7.98 -8.03
C SER A 119 9.11 7.80 -9.47
N ARG A 120 8.46 8.47 -10.41
CA ARG A 120 8.82 8.39 -11.81
C ARG A 120 9.62 9.61 -12.25
N GLY A 121 10.13 10.34 -11.27
CA GLY A 121 10.90 11.53 -11.56
C GLY A 121 10.11 12.80 -11.29
N ASP A 122 8.87 12.82 -11.74
CA ASP A 122 8.00 13.97 -11.53
C ASP A 122 7.13 13.77 -10.29
N GLY A 123 6.93 12.52 -9.91
CA GLY A 123 6.13 12.21 -8.75
C GLY A 123 4.76 11.65 -9.10
N SER A 124 4.67 11.02 -10.27
CA SER A 124 3.42 10.44 -10.73
C SER A 124 3.32 8.98 -10.31
N VAL A 125 2.13 8.57 -9.89
CA VAL A 125 1.89 7.20 -9.46
C VAL A 125 1.46 6.32 -10.63
N LEU A 126 2.07 5.15 -10.75
CA LEU A 126 1.74 4.21 -11.81
C LEU A 126 1.39 2.84 -11.25
N LEU A 127 0.11 2.51 -11.30
CA LEU A 127 -0.38 1.23 -10.79
C LEU A 127 -0.24 0.13 -11.84
N THR A 128 0.65 -0.84 -11.58
CA THR A 128 0.86 -1.93 -12.51
C THR A 128 0.16 -3.21 -12.04
N CYS A 129 -0.41 -3.94 -12.99
CA CYS A 129 -1.11 -5.19 -12.68
C CYS A 129 -0.99 -6.19 -13.82
N GLY A 130 -1.84 -7.22 -13.80
CA GLY A 130 -1.81 -8.22 -14.84
C GLY A 130 -0.97 -9.42 -14.47
N LEU A 131 0.16 -9.16 -13.82
CA LEU A 131 1.06 -10.23 -13.38
C LEU A 131 1.68 -10.93 -14.58
N THR A 132 2.57 -10.23 -15.28
CA THR A 132 3.24 -10.78 -16.45
C THR A 132 2.25 -11.25 -17.50
N ASP A 133 1.02 -10.72 -17.43
CA ASP A 133 -0.02 -11.09 -18.37
C ASP A 133 0.00 -10.19 -19.60
N LYS A 134 -0.28 -10.79 -20.73
CA LYS A 134 -0.34 -10.06 -21.99
C LYS A 134 -1.66 -9.31 -22.09
N THR A 135 -2.55 -9.57 -21.13
CA THR A 135 -3.86 -8.93 -21.10
C THR A 135 -4.17 -8.42 -19.70
N ILE A 136 -4.63 -7.17 -19.62
CA ILE A 136 -4.96 -6.57 -18.33
C ILE A 136 -6.15 -5.62 -18.44
N LYS A 137 -7.03 -5.67 -17.45
CA LYS A 137 -8.21 -4.81 -17.43
C LYS A 137 -8.47 -4.29 -16.02
N TRP A 138 -8.48 -2.97 -15.87
CA TRP A 138 -8.71 -2.36 -14.57
C TRP A 138 -10.13 -1.83 -14.44
N LEU A 139 -10.68 -1.92 -13.22
CA LEU A 139 -12.02 -1.45 -12.95
C LEU A 139 -12.04 -0.58 -11.69
N LYS A 140 -13.00 0.33 -11.62
CA LYS A 140 -13.13 1.22 -10.48
C LYS A 140 -14.53 1.14 -9.88
N ASP A 141 -14.61 0.93 -8.58
CA ASP A 141 -15.88 0.82 -7.87
C ASP A 141 -16.87 -0.08 -8.61
N GLY A 142 -16.34 -1.09 -9.29
CA GLY A 142 -17.17 -2.01 -10.04
C GLY A 142 -17.49 -1.52 -11.43
N SER A 143 -16.66 -0.62 -11.95
CA SER A 143 -16.86 -0.07 -13.28
C SER A 143 -15.59 -0.18 -14.11
N ILE A 144 -15.74 -0.09 -15.42
CA ILE A 144 -14.61 -0.19 -16.34
C ILE A 144 -13.93 1.17 -16.51
N ILE A 145 -12.63 1.21 -16.28
CA ILE A 145 -11.87 2.44 -16.43
C ILE A 145 -10.53 2.15 -17.10
N SER A 146 -10.43 2.52 -18.36
CA SER A 146 -9.23 2.30 -19.13
C SER A 146 -8.75 3.59 -19.80
N PRO A 147 -7.42 3.72 -20.00
CA PRO A 147 -6.83 4.90 -20.62
C PRO A 147 -6.75 4.79 -22.14
N LEU A 148 -6.63 5.93 -22.81
CA LEU A 148 -6.53 5.95 -24.27
C LEU A 148 -5.18 6.48 -24.71
N ASN A 149 -4.19 6.32 -23.86
CA ASN A 149 -2.83 6.76 -24.14
C ASN A 149 -1.82 6.02 -23.28
N ALA A 150 -2.20 4.83 -22.84
CA ALA A 150 -1.34 4.01 -21.99
C ALA A 150 -1.79 2.56 -21.99
N THR A 151 -0.83 1.64 -21.84
CA THR A 151 -1.14 0.22 -21.82
C THR A 151 0.10 -0.61 -21.53
N LYS A 152 0.97 -0.08 -20.67
CA LYS A 152 2.20 -0.78 -20.31
C LYS A 152 2.03 -1.47 -18.96
N ASN A 153 0.97 -2.26 -18.86
CA ASN A 153 0.66 -2.99 -17.65
C ASN A 153 0.59 -2.04 -16.46
N THR A 154 0.31 -0.77 -16.75
CA THR A 154 0.22 0.25 -15.70
C THR A 154 -1.09 1.01 -15.77
N TRP A 155 -1.33 1.80 -14.72
CA TRP A 155 -2.54 2.60 -14.62
C TRP A 155 -2.20 4.02 -14.17
N ASN A 156 -2.82 5.00 -14.80
CA ASN A 156 -2.57 6.40 -14.46
C ASN A 156 -3.41 6.81 -13.25
N LEU A 157 -2.74 7.14 -12.15
CA LEU A 157 -3.41 7.55 -10.93
C LEU A 157 -3.30 9.05 -10.73
N GLY A 158 -2.20 9.63 -11.18
CA GLY A 158 -1.99 11.06 -11.04
C GLY A 158 -0.68 11.39 -10.35
N ASN A 159 -0.67 12.50 -9.62
CA ASN A 159 0.51 12.93 -8.89
C ASN A 159 0.37 12.64 -7.41
N ASN A 160 1.21 11.74 -6.92
CA ASN A 160 1.20 11.34 -5.51
C ASN A 160 1.06 12.56 -4.59
N ALA A 161 1.57 13.70 -5.03
CA ALA A 161 1.49 14.93 -4.25
C ALA A 161 0.05 15.29 -3.95
N LYS A 162 -0.84 15.01 -4.90
CA LYS A 162 -2.26 15.31 -4.73
C LYS A 162 -3.11 14.49 -5.71
N ASP A 163 -2.87 13.19 -5.73
CA ASP A 163 -3.62 12.29 -6.61
C ASP A 163 -4.77 11.62 -5.87
N PRO A 164 -5.88 11.34 -6.58
CA PRO A 164 -7.05 10.69 -5.98
C PRO A 164 -6.71 9.37 -5.31
N ARG A 165 -7.72 8.70 -4.78
CA ARG A 165 -7.52 7.42 -4.10
C ARG A 165 -8.81 6.60 -4.11
N GLY A 166 -8.67 5.28 -3.98
CA GLY A 166 -9.83 4.42 -3.98
C GLY A 166 -9.47 2.96 -4.20
N THR A 167 -10.48 2.15 -4.53
CA THR A 167 -10.27 0.73 -4.77
C THR A 167 -10.29 0.41 -6.26
N TYR A 168 -9.17 -0.06 -6.78
CA TYR A 168 -9.06 -0.41 -8.20
C TYR A 168 -8.66 -1.86 -8.38
N GLN A 169 -9.54 -2.65 -8.98
CA GLN A 169 -9.26 -4.07 -9.22
C GLN A 169 -8.81 -4.28 -10.66
N CYS A 170 -7.94 -5.28 -10.85
CA CYS A 170 -7.42 -5.57 -12.18
C CYS A 170 -7.67 -7.03 -12.55
N GLN A 171 -7.80 -7.29 -13.85
CA GLN A 171 -8.06 -8.65 -14.33
C GLN A 171 -6.98 -9.08 -15.31
N GLY A 172 -6.13 -10.01 -14.86
CA GLY A 172 -5.07 -10.51 -15.70
C GLY A 172 -5.51 -11.65 -16.59
N ALA A 173 -4.79 -11.85 -17.70
CA ALA A 173 -5.11 -12.91 -18.65
C ALA A 173 -5.52 -14.20 -17.95
N LYS A 174 -4.61 -14.75 -17.15
CA LYS A 174 -4.88 -15.98 -16.42
C LYS A 174 -4.95 -15.71 -14.91
N GLU A 175 -4.98 -14.44 -14.54
CA GLU A 175 -5.04 -14.06 -13.14
C GLU A 175 -6.02 -12.92 -12.92
N THR A 176 -6.40 -12.70 -11.67
CA THR A 176 -7.33 -11.62 -11.34
C THR A 176 -6.98 -10.97 -10.00
N SER A 177 -6.53 -9.72 -10.06
CA SER A 177 -6.16 -8.99 -8.86
C SER A 177 -7.40 -8.37 -8.20
N ASN A 178 -7.41 -8.34 -6.88
CA ASN A 178 -8.54 -7.79 -6.14
C ASN A 178 -8.43 -6.26 -6.04
N PRO A 179 -9.56 -5.58 -5.79
CA PRO A 179 -9.59 -4.12 -5.68
C PRO A 179 -8.46 -3.57 -4.81
N LEU A 180 -7.51 -2.92 -5.44
CA LEU A 180 -6.36 -2.35 -4.73
C LEU A 180 -6.72 -1.03 -4.08
N GLN A 181 -6.45 -0.93 -2.79
CA GLN A 181 -6.73 0.30 -2.05
C GLN A 181 -5.55 1.26 -2.14
N VAL A 182 -5.59 2.13 -3.14
CA VAL A 182 -4.52 3.09 -3.35
C VAL A 182 -4.85 4.42 -2.67
N TYR A 183 -4.32 4.61 -1.47
CA TYR A 183 -4.56 5.83 -0.71
C TYR A 183 -3.39 6.80 -0.84
N TYR A 184 -3.70 8.06 -1.11
CA TYR A 184 -2.68 9.09 -1.26
C TYR A 184 -3.09 10.38 -0.54
N ARG A 185 -2.30 11.43 -0.70
CA ARG A 185 -2.58 12.71 -0.08
C ARG A 185 -3.96 13.23 -0.49
N MET A 186 -4.84 13.40 0.48
CA MET A 186 -6.19 13.89 0.22
C MET A 186 -6.93 12.96 -0.73
N ASP A 1 -26.98 -11.97 9.48
CA ASP A 1 -25.51 -12.13 9.65
C ASP A 1 -24.79 -12.08 8.31
N ASP A 2 -24.25 -10.91 7.98
CA ASP A 2 -23.53 -10.74 6.72
C ASP A 2 -22.02 -10.64 6.96
N ALA A 3 -21.57 -11.25 8.05
CA ALA A 3 -20.15 -11.24 8.39
C ALA A 3 -19.60 -9.82 8.43
N GLU A 4 -18.32 -9.70 8.77
CA GLU A 4 -17.68 -8.39 8.85
C GLU A 4 -17.39 -7.84 7.46
N ASN A 5 -17.42 -6.51 7.34
CA ASN A 5 -17.17 -5.86 6.06
C ASN A 5 -17.08 -4.36 6.23
N ILE A 6 -15.93 -3.88 6.71
CA ILE A 6 -15.72 -2.46 6.91
C ILE A 6 -14.69 -1.91 5.92
N GLU A 7 -14.52 -0.59 5.93
CA GLU A 7 -13.58 0.06 5.02
C GLU A 7 -12.36 0.56 5.78
N TYR A 8 -11.17 0.26 5.24
CA TYR A 8 -9.92 0.68 5.86
C TYR A 8 -9.89 2.19 6.06
N LYS A 9 -9.30 2.63 7.17
CA LYS A 9 -9.22 4.06 7.46
C LYS A 9 -7.76 4.49 7.65
N VAL A 10 -7.50 5.77 7.39
CA VAL A 10 -6.15 6.33 7.54
C VAL A 10 -6.21 7.76 8.05
N SER A 11 -5.43 8.07 9.08
CA SER A 11 -5.43 9.41 9.66
C SER A 11 -4.10 9.73 10.33
N ILE A 12 -3.54 10.89 10.01
CA ILE A 12 -2.28 11.32 10.57
C ILE A 12 -2.49 12.17 11.83
N SER A 13 -1.89 11.73 12.93
CA SER A 13 -1.99 12.43 14.20
C SER A 13 -0.62 12.80 14.75
N GLY A 14 -0.27 14.07 14.67
CA GLY A 14 1.03 14.52 15.17
C GLY A 14 2.18 13.65 14.73
N THR A 15 2.44 13.63 13.42
CA THR A 15 3.51 12.84 12.85
C THR A 15 3.31 11.35 13.06
N SER A 16 2.13 10.97 13.51
CA SER A 16 1.81 9.57 13.74
C SER A 16 0.57 9.17 12.95
N VAL A 17 0.71 8.17 12.09
CA VAL A 17 -0.40 7.70 11.28
C VAL A 17 -1.18 6.62 12.01
N GLU A 18 -2.47 6.51 11.71
CA GLU A 18 -3.32 5.53 12.35
C GLU A 18 -4.29 4.91 11.36
N LEU A 19 -4.09 3.63 11.07
CA LEU A 19 -4.96 2.92 10.15
C LEU A 19 -5.99 2.09 10.93
N THR A 20 -7.12 1.84 10.30
CA THR A 20 -8.18 1.05 10.93
C THR A 20 -8.49 -0.19 10.10
N CYS A 21 -8.27 -1.35 10.71
CA CYS A 21 -8.51 -2.63 10.04
C CYS A 21 -9.99 -2.99 10.04
N PRO A 22 -10.50 -3.53 8.92
CA PRO A 22 -11.91 -3.92 8.80
C PRO A 22 -12.29 -5.10 9.69
N LEU A 23 -11.32 -5.62 10.45
CA LEU A 23 -11.55 -6.74 11.34
C LEU A 23 -11.23 -6.36 12.77
N ASP A 24 -12.18 -6.57 13.68
CA ASP A 24 -11.98 -6.25 15.08
C ASP A 24 -10.67 -6.81 15.59
N SER A 25 -10.30 -6.44 16.80
CA SER A 25 -9.06 -6.92 17.40
C SER A 25 -9.28 -8.25 18.11
N ASP A 26 -9.01 -9.33 17.38
CA ASP A 26 -9.17 -10.67 17.93
C ASP A 26 -7.92 -11.08 18.69
N GLU A 27 -8.03 -12.17 19.46
CA GLU A 27 -6.90 -12.66 20.23
C GLU A 27 -5.89 -13.39 19.34
N ASN A 28 -5.82 -12.96 18.09
CA ASN A 28 -4.91 -13.55 17.12
C ASN A 28 -4.76 -12.64 15.89
N LEU A 29 -5.08 -11.36 16.06
CA LEU A 29 -4.97 -10.40 14.98
C LEU A 29 -3.52 -9.96 14.80
N LYS A 30 -3.05 -9.97 13.55
CA LYS A 30 -1.67 -9.59 13.26
C LYS A 30 -1.58 -8.66 12.06
N TRP A 31 -0.49 -7.91 11.98
CA TRP A 31 -0.27 -6.98 10.88
C TRP A 31 1.02 -7.32 10.14
N GLU A 32 1.28 -6.59 9.05
CA GLU A 32 2.48 -6.81 8.26
C GLU A 32 2.87 -5.54 7.52
N LYS A 33 4.16 -5.40 7.22
CA LYS A 33 4.67 -4.22 6.51
C LYS A 33 5.57 -4.63 5.36
N ASN A 34 5.22 -4.18 4.15
CA ASN A 34 6.00 -4.49 2.96
C ASN A 34 6.14 -6.00 2.76
N GLY A 35 7.16 -6.59 3.38
CA GLY A 35 7.37 -8.03 3.25
C GLY A 35 7.45 -8.73 4.58
N GLN A 36 7.83 -8.01 5.63
CA GLN A 36 7.93 -8.58 6.96
C GLN A 36 6.60 -8.48 7.70
N GLU A 37 6.38 -9.41 8.63
CA GLU A 37 5.15 -9.42 9.41
C GLU A 37 5.39 -8.89 10.81
N LEU A 38 4.46 -8.05 11.29
CA LEU A 38 4.58 -7.47 12.63
C LEU A 38 3.73 -8.25 13.63
N PRO A 39 4.38 -9.07 14.49
CA PRO A 39 3.67 -9.86 15.48
C PRO A 39 3.23 -9.03 16.68
N GLN A 40 2.44 -9.64 17.57
CA GLN A 40 1.94 -8.96 18.75
C GLN A 40 1.07 -7.77 18.38
N LYS A 41 0.55 -7.78 17.14
CA LYS A 41 -0.30 -6.70 16.67
C LYS A 41 -1.76 -7.13 16.72
N HIS A 42 -2.25 -7.40 17.91
CA HIS A 42 -3.63 -7.82 18.11
C HIS A 42 -4.56 -6.62 18.25
N ASP A 43 -4.37 -5.62 17.39
CA ASP A 43 -5.20 -4.42 17.43
C ASP A 43 -5.81 -4.15 16.06
N LYS A 44 -7.06 -3.70 16.06
CA LYS A 44 -7.78 -3.40 14.83
C LYS A 44 -7.15 -2.20 14.11
N HIS A 45 -6.73 -1.21 14.88
CA HIS A 45 -6.12 -0.02 14.32
C HIS A 45 -4.61 -0.01 14.53
N LEU A 46 -3.86 0.03 13.43
CA LEU A 46 -2.40 0.06 13.51
C LEU A 46 -1.91 1.49 13.37
N VAL A 47 -1.00 1.89 14.26
CA VAL A 47 -0.46 3.24 14.23
C VAL A 47 0.97 3.27 13.70
N LEU A 48 1.27 4.33 12.95
CA LEU A 48 2.60 4.51 12.41
C LEU A 48 3.18 5.81 12.93
N GLN A 49 3.93 5.72 14.01
CA GLN A 49 4.54 6.90 14.62
C GLN A 49 5.78 7.30 13.84
N ASP A 50 5.78 8.53 13.32
CA ASP A 50 6.89 9.03 12.53
C ASP A 50 6.89 8.37 11.16
N PHE A 51 5.88 8.70 10.37
CA PHE A 51 5.73 8.14 9.04
C PHE A 51 6.94 8.41 8.16
N SER A 52 7.27 7.46 7.30
CA SER A 52 8.41 7.60 6.41
C SER A 52 7.95 7.81 4.97
N GLU A 53 7.80 9.08 4.58
CA GLU A 53 7.37 9.40 3.23
C GLU A 53 8.46 9.06 2.22
N VAL A 54 9.71 9.16 2.64
CA VAL A 54 10.84 8.85 1.77
C VAL A 54 10.69 7.48 1.14
N GLU A 55 10.19 6.53 1.92
CA GLU A 55 10.00 5.16 1.44
C GLU A 55 9.13 5.15 0.19
N ASP A 56 8.11 6.01 0.18
CA ASP A 56 7.20 6.11 -0.96
C ASP A 56 6.63 4.74 -1.33
N SER A 57 6.38 3.91 -0.32
CA SER A 57 5.83 2.58 -0.56
C SER A 57 5.55 1.87 0.77
N GLY A 58 4.48 2.27 1.43
CA GLY A 58 4.11 1.66 2.70
C GLY A 58 3.01 0.64 2.54
N TYR A 59 3.39 -0.61 2.34
CA TYR A 59 2.43 -1.69 2.18
C TYR A 59 2.12 -2.34 3.52
N TYR A 60 0.85 -2.28 3.93
CA TYR A 60 0.42 -2.86 5.19
C TYR A 60 -0.70 -3.86 4.99
N VAL A 61 -0.85 -4.77 5.96
CA VAL A 61 -1.89 -5.80 5.89
C VAL A 61 -2.35 -6.22 7.28
N CYS A 62 -3.62 -6.61 7.39
CA CYS A 62 -4.20 -7.05 8.65
C CYS A 62 -5.16 -8.21 8.42
N TYR A 63 -4.99 -9.28 9.18
CA TYR A 63 -5.85 -10.45 9.06
C TYR A 63 -5.84 -11.29 10.32
N THR A 64 -6.83 -12.17 10.45
CA THR A 64 -6.94 -13.05 11.61
C THR A 64 -7.11 -14.50 11.18
N PRO A 65 -6.78 -15.45 12.07
CA PRO A 65 -6.90 -16.88 11.77
C PRO A 65 -8.28 -17.27 11.29
N ALA A 66 -9.30 -16.87 12.04
CA ALA A 66 -10.68 -17.18 11.69
C ALA A 66 -11.11 -16.42 10.43
N SER A 67 -10.41 -15.32 10.15
CA SER A 67 -10.72 -14.52 8.97
C SER A 67 -9.45 -14.13 8.23
N ASN A 68 -8.97 -15.03 7.38
CA ASN A 68 -7.76 -14.78 6.61
C ASN A 68 -8.05 -13.95 5.36
N LYS A 69 -8.43 -12.69 5.57
CA LYS A 69 -8.74 -11.79 4.46
C LYS A 69 -7.47 -11.12 3.94
N ASN A 70 -7.34 -11.05 2.62
CA ASN A 70 -6.17 -10.42 2.01
C ASN A 70 -6.48 -8.98 1.61
N THR A 71 -5.84 -8.04 2.29
CA THR A 71 -6.03 -6.62 2.02
C THR A 71 -4.68 -5.91 1.98
N TYR A 72 -4.33 -5.36 0.82
CA TYR A 72 -3.07 -4.66 0.67
C TYR A 72 -3.24 -3.17 0.89
N LEU A 73 -2.72 -2.67 2.01
CA LEU A 73 -2.81 -1.26 2.34
C LEU A 73 -1.59 -0.50 1.84
N TYR A 74 -1.81 0.43 0.92
CA TYR A 74 -0.73 1.23 0.38
C TYR A 74 -0.79 2.64 0.94
N LEU A 75 0.07 2.92 1.91
CA LEU A 75 0.09 4.23 2.56
C LEU A 75 1.20 5.11 1.99
N LYS A 76 0.81 6.31 1.55
CA LYS A 76 1.77 7.27 1.01
C LYS A 76 1.39 8.68 1.44
N ALA A 77 2.17 9.24 2.36
CA ALA A 77 1.92 10.57 2.87
C ALA A 77 3.20 11.20 3.43
N ARG A 78 3.08 12.43 3.92
CA ARG A 78 4.24 13.13 4.48
C ARG A 78 3.89 13.71 5.84
N VAL A 79 4.76 13.46 6.82
CA VAL A 79 4.56 13.98 8.17
C VAL A 79 5.81 14.64 8.68
N GLY A 80 5.63 15.66 9.51
CA GLY A 80 6.76 16.37 10.10
C GLY A 80 7.94 16.47 9.17
N SER A 81 9.11 16.32 9.75
CA SER A 81 10.36 16.38 9.00
C SER A 81 10.83 14.98 8.65
N ALA A 82 9.99 14.25 7.94
CA ALA A 82 10.31 12.88 7.53
C ALA A 82 10.50 12.79 6.02
N ASP A 83 11.25 13.75 5.49
CA ASP A 83 11.54 13.79 4.07
C ASP A 83 12.92 14.36 3.86
N ASP A 84 13.81 14.00 4.76
CA ASP A 84 15.20 14.45 4.71
C ASP A 84 15.95 14.03 5.97
N ALA A 85 15.36 14.31 7.12
CA ALA A 85 15.97 13.95 8.41
C ALA A 85 16.18 12.45 8.51
N LYS A 86 17.42 12.05 8.77
CA LYS A 86 17.77 10.64 8.89
C LYS A 86 19.05 10.46 9.70
N LYS A 87 18.94 10.63 11.01
CA LYS A 87 20.09 10.49 11.89
C LYS A 87 20.32 9.02 12.25
N ASP A 88 19.25 8.33 12.62
CA ASP A 88 19.33 6.92 12.98
C ASP A 88 18.95 6.03 11.80
N ALA A 89 19.91 5.22 11.34
CA ALA A 89 19.68 4.33 10.22
C ALA A 89 20.88 3.41 10.00
N ALA A 90 20.66 2.32 9.27
CA ALA A 90 21.72 1.36 8.99
C ALA A 90 21.58 0.77 7.59
N LYS A 91 21.43 1.66 6.61
CA LYS A 91 21.29 1.22 5.21
C LYS A 91 21.48 2.41 4.26
N LYS A 92 22.24 2.19 3.20
CA LYS A 92 22.50 3.23 2.22
C LYS A 92 22.52 2.64 0.80
N ASP A 93 21.34 2.50 0.21
CA ASP A 93 21.23 1.97 -1.14
C ASP A 93 22.01 2.83 -2.14
N ASP A 94 22.78 2.18 -3.00
CA ASP A 94 23.57 2.88 -4.01
C ASP A 94 23.20 2.42 -5.41
N ALA A 95 21.92 2.52 -5.74
CA ALA A 95 21.42 2.12 -7.06
C ALA A 95 21.67 0.63 -7.30
N LYS A 96 21.46 0.20 -8.54
CA LYS A 96 21.65 -1.20 -8.91
C LYS A 96 20.68 -2.09 -8.15
N LYS A 97 20.25 -3.17 -8.80
CA LYS A 97 19.31 -4.12 -8.19
C LYS A 97 19.82 -5.54 -8.32
N ASP A 98 19.71 -6.30 -7.23
CA ASP A 98 20.17 -7.69 -7.22
C ASP A 98 19.10 -8.61 -7.80
N ASP A 99 19.32 -9.07 -9.04
CA ASP A 99 18.39 -9.96 -9.71
C ASP A 99 17.02 -9.28 -9.87
N ALA A 100 16.96 -8.29 -10.74
CA ALA A 100 15.73 -7.56 -10.99
C ALA A 100 15.39 -7.53 -12.48
N LYS A 101 16.39 -7.26 -13.30
CA LYS A 101 16.21 -7.21 -14.75
C LYS A 101 17.22 -8.10 -15.46
N LYS A 102 16.73 -8.97 -16.34
CA LYS A 102 17.59 -9.88 -17.08
C LYS A 102 18.42 -9.11 -18.11
N ASP A 103 17.74 -8.42 -19.01
CA ASP A 103 18.41 -7.64 -20.05
C ASP A 103 18.23 -6.15 -19.83
N GLY A 104 18.11 -5.78 -18.57
CA GLY A 104 17.93 -4.38 -18.22
C GLY A 104 16.51 -3.90 -18.46
N SER A 105 15.57 -4.83 -18.44
CA SER A 105 14.17 -4.50 -18.66
C SER A 105 13.36 -4.68 -17.37
N GLN A 106 12.49 -3.72 -17.09
CA GLN A 106 11.66 -3.76 -15.90
C GLN A 106 10.64 -4.91 -16.00
N THR A 107 10.75 -5.87 -15.09
CA THR A 107 9.85 -7.01 -15.07
C THR A 107 9.80 -7.64 -13.69
N ASN A 108 9.43 -6.83 -12.70
CA ASN A 108 9.33 -7.29 -11.32
C ASN A 108 10.60 -8.00 -10.88
N LYS A 109 10.59 -8.52 -9.65
CA LYS A 109 11.75 -9.21 -9.10
C LYS A 109 11.32 -10.14 -7.97
N ALA A 110 11.43 -11.45 -8.22
CA ALA A 110 11.06 -12.46 -7.23
C ALA A 110 9.56 -12.40 -6.93
N LYS A 111 9.16 -11.45 -6.09
CA LYS A 111 7.75 -11.30 -5.74
C LYS A 111 7.00 -10.48 -6.79
N ASN A 112 5.80 -10.93 -7.13
CA ASN A 112 4.98 -10.24 -8.12
C ASN A 112 3.79 -9.56 -7.48
N LEU A 113 4.06 -8.56 -6.64
CA LEU A 113 3.01 -7.82 -5.96
C LEU A 113 2.66 -6.54 -6.71
N VAL A 114 1.78 -5.73 -6.13
CA VAL A 114 1.37 -4.48 -6.75
C VAL A 114 2.40 -3.38 -6.51
N GLN A 115 2.58 -2.52 -7.50
CA GLN A 115 3.52 -1.43 -7.40
C GLN A 115 2.94 -0.16 -8.03
N VAL A 116 2.77 0.87 -7.23
CA VAL A 116 2.22 2.13 -7.72
C VAL A 116 3.27 3.24 -7.67
N ASP A 117 3.47 3.91 -8.79
CA ASP A 117 4.44 4.99 -8.87
C ASP A 117 3.87 6.27 -8.28
N GLY A 118 4.76 7.17 -7.87
CA GLY A 118 4.32 8.43 -7.29
C GLY A 118 5.27 9.56 -7.62
N SER A 119 6.57 9.30 -7.51
CA SER A 119 7.58 10.32 -7.80
C SER A 119 8.19 10.10 -9.18
N ARG A 120 7.45 10.46 -10.21
CA ARG A 120 7.92 10.31 -11.59
C ARG A 120 8.53 11.60 -12.12
N GLY A 121 8.83 12.50 -11.21
CA GLY A 121 9.42 13.78 -11.59
C GLY A 121 8.41 14.90 -11.54
N ASP A 122 7.24 14.65 -12.13
CA ASP A 122 6.18 15.64 -12.15
C ASP A 122 5.21 15.41 -10.99
N GLY A 123 5.18 14.17 -10.50
CA GLY A 123 4.30 13.83 -9.40
C GLY A 123 3.11 13.01 -9.83
N SER A 124 3.25 12.30 -10.94
CA SER A 124 2.17 11.46 -11.46
C SER A 124 2.22 10.07 -10.83
N VAL A 125 1.05 9.49 -10.60
CA VAL A 125 0.96 8.16 -10.01
C VAL A 125 0.62 7.11 -11.06
N LEU A 126 1.40 6.04 -11.09
CA LEU A 126 1.19 4.96 -12.04
C LEU A 126 1.10 3.62 -11.32
N LEU A 127 -0.12 3.07 -11.28
CA LEU A 127 -0.36 1.78 -10.63
C LEU A 127 -0.11 0.63 -11.58
N THR A 128 0.87 -0.22 -11.26
CA THR A 128 1.17 -1.37 -12.12
C THR A 128 0.62 -2.67 -11.54
N CYS A 129 0.21 -3.57 -12.42
CA CYS A 129 -0.34 -4.86 -12.01
C CYS A 129 -0.17 -5.90 -13.11
N GLY A 130 -0.90 -7.02 -12.98
CA GLY A 130 -0.83 -8.07 -13.98
C GLY A 130 0.21 -9.12 -13.63
N LEU A 131 1.32 -8.70 -13.05
CA LEU A 131 2.38 -9.61 -12.67
C LEU A 131 3.03 -10.24 -13.89
N THR A 132 3.69 -9.40 -14.68
CA THR A 132 4.36 -9.86 -15.90
C THR A 132 3.40 -10.55 -16.84
N ASP A 133 2.11 -10.27 -16.70
CA ASP A 133 1.09 -10.87 -17.55
C ASP A 133 0.89 -10.06 -18.81
N LYS A 134 0.61 -10.77 -19.89
CA LYS A 134 0.35 -10.13 -21.17
C LYS A 134 -1.08 -9.61 -21.19
N THR A 135 -1.84 -9.95 -20.16
CA THR A 135 -3.23 -9.52 -20.04
C THR A 135 -3.51 -8.98 -18.64
N ILE A 136 -4.14 -7.82 -18.56
CA ILE A 136 -4.45 -7.20 -17.28
C ILE A 136 -5.80 -6.51 -17.29
N LYS A 137 -6.54 -6.66 -16.21
CA LYS A 137 -7.86 -6.04 -16.08
C LYS A 137 -8.06 -5.49 -14.67
N TRP A 138 -8.04 -4.16 -14.56
CA TRP A 138 -8.20 -3.51 -13.27
C TRP A 138 -9.67 -3.18 -13.00
N LEU A 139 -10.06 -3.31 -11.73
CA LEU A 139 -11.43 -3.01 -11.31
C LEU A 139 -11.43 -2.02 -10.15
N LYS A 140 -12.58 -1.39 -9.93
CA LYS A 140 -12.72 -0.42 -8.85
C LYS A 140 -14.03 -0.62 -8.10
N ASP A 141 -13.91 -1.00 -6.82
CA ASP A 141 -15.08 -1.22 -5.98
C ASP A 141 -16.11 -2.11 -6.68
N GLY A 142 -15.61 -2.99 -7.54
CA GLY A 142 -16.49 -3.89 -8.26
C GLY A 142 -16.93 -3.33 -9.60
N SER A 143 -16.18 -2.36 -10.11
CA SER A 143 -16.50 -1.74 -11.40
C SER A 143 -15.29 -1.78 -12.33
N ILE A 144 -15.50 -2.25 -13.55
CA ILE A 144 -14.43 -2.34 -14.54
C ILE A 144 -13.98 -0.95 -14.98
N ILE A 145 -12.68 -0.69 -14.90
CA ILE A 145 -12.13 0.58 -15.30
C ILE A 145 -10.82 0.36 -16.05
N SER A 146 -10.88 0.52 -17.35
CA SER A 146 -9.71 0.32 -18.21
C SER A 146 -9.56 1.46 -19.21
N PRO A 147 -8.31 1.79 -19.59
CA PRO A 147 -8.01 2.86 -20.54
C PRO A 147 -7.97 2.34 -21.97
N LEU A 148 -8.16 3.25 -22.92
CA LEU A 148 -8.13 2.89 -24.33
C LEU A 148 -6.96 3.54 -25.05
N ASN A 149 -5.92 3.83 -24.30
CA ASN A 149 -4.71 4.46 -24.85
C ASN A 149 -3.51 4.18 -23.96
N ALA A 150 -3.56 3.07 -23.23
CA ALA A 150 -2.48 2.69 -22.34
C ALA A 150 -2.54 1.21 -22.00
N THR A 151 -1.39 0.60 -21.80
CA THR A 151 -1.33 -0.82 -21.47
C THR A 151 0.09 -1.25 -21.09
N LYS A 152 0.82 -0.36 -20.44
CA LYS A 152 2.18 -0.67 -20.01
C LYS A 152 2.16 -1.24 -18.59
N ASN A 153 1.29 -2.23 -18.40
CA ASN A 153 1.11 -2.88 -17.12
C ASN A 153 0.91 -1.84 -16.02
N THR A 154 0.45 -0.64 -16.42
CA THR A 154 0.23 0.44 -15.49
C THR A 154 -1.21 0.93 -15.50
N TRP A 155 -1.52 1.81 -14.55
CA TRP A 155 -2.83 2.40 -14.42
C TRP A 155 -2.71 3.90 -14.19
N ASN A 156 -3.52 4.67 -14.90
CA ASN A 156 -3.48 6.13 -14.76
C ASN A 156 -4.33 6.58 -13.58
N LEU A 157 -3.67 7.16 -12.57
CA LEU A 157 -4.37 7.63 -11.39
C LEU A 157 -4.44 9.15 -11.40
N GLY A 158 -3.36 9.80 -11.82
CA GLY A 158 -3.32 11.25 -11.87
C GLY A 158 -2.22 11.84 -11.02
N ASN A 159 -2.47 13.04 -10.49
CA ASN A 159 -1.50 13.72 -9.65
C ASN A 159 -1.81 13.47 -8.18
N ASN A 160 -0.88 12.78 -7.52
CA ASN A 160 -1.03 12.45 -6.10
C ASN A 160 -1.55 13.64 -5.30
N ALA A 161 -1.20 14.85 -5.73
CA ALA A 161 -1.65 16.06 -5.06
C ALA A 161 -3.17 16.17 -5.06
N LYS A 162 -3.78 15.74 -6.16
CA LYS A 162 -5.24 15.78 -6.29
C LYS A 162 -5.71 14.79 -7.35
N ASP A 163 -5.62 13.50 -7.02
CA ASP A 163 -6.03 12.44 -7.93
C ASP A 163 -6.91 11.41 -7.22
N PRO A 164 -7.76 10.71 -7.97
CA PRO A 164 -8.66 9.69 -7.41
C PRO A 164 -7.89 8.57 -6.72
N ARG A 165 -8.31 8.24 -5.50
CA ARG A 165 -7.67 7.19 -4.73
C ARG A 165 -8.70 6.18 -4.22
N GLY A 166 -8.24 5.23 -3.41
CA GLY A 166 -9.15 4.23 -2.86
C GLY A 166 -8.66 2.81 -3.08
N THR A 167 -9.60 1.86 -3.07
CA THR A 167 -9.25 0.45 -3.26
C THR A 167 -9.18 0.08 -4.73
N TYR A 168 -8.18 -0.71 -5.11
CA TYR A 168 -8.00 -1.12 -6.49
C TYR A 168 -7.64 -2.61 -6.59
N GLN A 169 -8.37 -3.34 -7.42
CA GLN A 169 -8.12 -4.76 -7.61
C GLN A 169 -7.90 -5.07 -9.08
N CYS A 170 -6.86 -5.85 -9.38
CA CYS A 170 -6.55 -6.21 -10.76
C CYS A 170 -6.75 -7.70 -11.00
N GLN A 171 -6.77 -8.09 -12.27
CA GLN A 171 -6.96 -9.47 -12.64
C GLN A 171 -6.03 -9.86 -13.78
N GLY A 172 -5.02 -10.68 -13.47
CA GLY A 172 -4.07 -11.12 -14.48
C GLY A 172 -4.38 -12.51 -15.00
N ALA A 173 -3.88 -12.81 -16.19
CA ALA A 173 -4.10 -14.12 -16.83
C ALA A 173 -4.15 -15.25 -15.80
N LYS A 174 -3.08 -15.40 -15.05
CA LYS A 174 -3.00 -16.44 -14.02
C LYS A 174 -2.61 -15.82 -12.68
N GLU A 175 -2.72 -14.49 -12.60
CA GLU A 175 -2.37 -13.79 -11.37
C GLU A 175 -3.33 -12.61 -11.12
N THR A 176 -4.19 -12.76 -10.12
CA THR A 176 -5.15 -11.72 -9.78
C THR A 176 -4.77 -11.01 -8.49
N SER A 177 -4.66 -9.70 -8.54
CA SER A 177 -4.30 -8.90 -7.37
C SER A 177 -5.55 -8.49 -6.60
N ASN A 178 -5.44 -8.44 -5.27
CA ASN A 178 -6.56 -8.07 -4.43
C ASN A 178 -6.67 -6.54 -4.32
N PRO A 179 -7.86 -6.05 -3.90
CA PRO A 179 -8.11 -4.61 -3.75
C PRO A 179 -7.09 -3.93 -2.85
N LEU A 180 -6.37 -2.95 -3.39
CA LEU A 180 -5.37 -2.22 -2.61
C LEU A 180 -5.78 -0.77 -2.44
N GLN A 181 -5.56 -0.23 -1.25
CA GLN A 181 -5.89 1.16 -0.96
C GLN A 181 -4.76 2.09 -1.35
N VAL A 182 -4.93 2.77 -2.48
CA VAL A 182 -3.91 3.71 -2.95
C VAL A 182 -4.15 5.09 -2.36
N TYR A 183 -3.37 5.44 -1.35
CA TYR A 183 -3.51 6.73 -0.69
C TYR A 183 -2.24 7.55 -0.82
N TYR A 184 -2.35 8.73 -1.44
CA TYR A 184 -1.21 9.60 -1.64
C TYR A 184 -1.46 10.98 -1.04
N ARG A 185 -0.42 11.79 -0.95
CA ARG A 185 -0.53 13.13 -0.38
C ARG A 185 0.79 13.89 -0.50
N MET A 186 0.92 14.71 -1.54
CA MET A 186 2.13 15.48 -1.75
C MET A 186 1.93 16.48 -2.88
N ASP A 1 -29.03 -2.01 5.41
CA ASP A 1 -28.93 -1.80 6.87
C ASP A 1 -27.47 -1.73 7.31
N ASP A 2 -26.73 -2.80 7.05
CA ASP A 2 -25.32 -2.87 7.42
C ASP A 2 -24.54 -3.73 6.43
N ALA A 3 -23.26 -3.40 6.25
CA ALA A 3 -22.41 -4.14 5.33
C ALA A 3 -21.02 -4.37 5.93
N GLU A 4 -20.67 -5.64 6.14
CA GLU A 4 -19.38 -5.99 6.71
C GLU A 4 -18.26 -5.80 5.69
N ASN A 5 -17.02 -5.95 6.14
CA ASN A 5 -15.87 -5.79 5.27
C ASN A 5 -15.75 -4.34 4.78
N ILE A 6 -15.24 -3.47 5.64
CA ILE A 6 -15.07 -2.06 5.31
C ILE A 6 -13.68 -1.79 4.76
N GLU A 7 -13.44 -0.57 4.34
CA GLU A 7 -12.14 -0.18 3.80
C GLU A 7 -11.21 0.33 4.90
N TYR A 8 -9.91 0.31 4.63
CA TYR A 8 -8.93 0.77 5.61
C TYR A 8 -9.02 2.28 5.80
N LYS A 9 -8.98 2.71 7.06
CA LYS A 9 -9.07 4.13 7.38
C LYS A 9 -7.74 4.64 7.95
N VAL A 10 -7.11 5.57 7.24
CA VAL A 10 -5.84 6.14 7.67
C VAL A 10 -5.99 7.61 8.03
N SER A 11 -5.29 8.04 9.07
CA SER A 11 -5.33 9.42 9.51
C SER A 11 -4.03 9.81 10.22
N ILE A 12 -3.40 10.88 9.75
CA ILE A 12 -2.16 11.35 10.33
C ILE A 12 -2.42 12.24 11.55
N SER A 13 -1.85 11.84 12.68
CA SER A 13 -1.99 12.58 13.92
C SER A 13 -0.64 12.97 14.48
N GLY A 14 -0.27 14.24 14.32
CA GLY A 14 1.00 14.72 14.83
C GLY A 14 2.17 13.83 14.44
N THR A 15 2.44 13.75 13.14
CA THR A 15 3.53 12.95 12.62
C THR A 15 3.33 11.46 12.87
N SER A 16 2.14 11.09 13.32
CA SER A 16 1.83 9.69 13.60
C SER A 16 0.62 9.25 12.77
N VAL A 17 0.79 8.18 12.01
CA VAL A 17 -0.29 7.66 11.17
C VAL A 17 -1.13 6.66 11.95
N GLU A 18 -2.41 6.57 11.60
CA GLU A 18 -3.32 5.65 12.28
C GLU A 18 -4.21 4.93 11.28
N LEU A 19 -3.90 3.66 11.02
CA LEU A 19 -4.68 2.86 10.09
C LEU A 19 -5.78 2.10 10.83
N THR A 20 -6.90 1.88 10.15
CA THR A 20 -8.02 1.16 10.75
C THR A 20 -8.34 -0.09 9.96
N CYS A 21 -8.01 -1.25 10.52
CA CYS A 21 -8.26 -2.52 9.87
C CYS A 21 -9.70 -2.99 10.14
N PRO A 22 -10.37 -3.57 9.12
CA PRO A 22 -11.74 -4.05 9.25
C PRO A 22 -11.86 -5.39 9.99
N LEU A 23 -10.83 -5.72 10.78
CA LEU A 23 -10.83 -6.97 11.53
C LEU A 23 -10.76 -6.69 13.02
N ASP A 24 -11.74 -7.17 13.78
CA ASP A 24 -11.79 -6.96 15.22
C ASP A 24 -10.44 -7.23 15.86
N SER A 25 -10.13 -6.48 16.91
CA SER A 25 -8.87 -6.65 17.63
C SER A 25 -8.94 -7.84 18.57
N ASP A 26 -8.50 -9.00 18.08
CA ASP A 26 -8.51 -10.22 18.88
C ASP A 26 -7.19 -10.41 19.61
N GLU A 27 -7.17 -11.33 20.58
CA GLU A 27 -5.98 -11.60 21.35
C GLU A 27 -5.00 -12.46 20.56
N ASN A 28 -5.01 -12.29 19.24
CA ASN A 28 -4.14 -13.03 18.35
C ASN A 28 -4.09 -12.35 16.98
N LEU A 29 -4.43 -11.05 16.94
CA LEU A 29 -4.42 -10.29 15.70
C LEU A 29 -2.99 -9.82 15.38
N LYS A 30 -2.58 -10.00 14.13
CA LYS A 30 -1.24 -9.61 13.72
C LYS A 30 -1.28 -8.68 12.51
N TRP A 31 -0.16 -8.00 12.26
CA TRP A 31 -0.07 -7.08 11.14
C TRP A 31 1.17 -7.39 10.28
N GLU A 32 1.29 -6.69 9.17
CA GLU A 32 2.42 -6.88 8.26
C GLU A 32 2.76 -5.58 7.56
N LYS A 33 4.06 -5.32 7.39
CA LYS A 33 4.52 -4.11 6.73
C LYS A 33 5.57 -4.42 5.66
N ASN A 34 5.32 -3.94 4.45
CA ASN A 34 6.23 -4.16 3.33
C ASN A 34 6.35 -5.65 3.00
N GLY A 35 7.15 -6.36 3.78
CA GLY A 35 7.33 -7.78 3.55
C GLY A 35 7.65 -8.55 4.82
N GLN A 36 7.31 -7.96 5.97
CA GLN A 36 7.56 -8.59 7.26
C GLN A 36 6.32 -8.52 8.14
N GLU A 37 6.20 -9.49 9.05
CA GLU A 37 5.06 -9.54 9.96
C GLU A 37 5.42 -8.95 11.32
N LEU A 38 4.57 -8.08 11.83
CA LEU A 38 4.80 -7.45 13.12
C LEU A 38 3.86 -8.01 14.18
N PRO A 39 4.37 -8.88 15.07
CA PRO A 39 3.56 -9.49 16.13
C PRO A 39 3.28 -8.51 17.27
N GLN A 40 2.65 -9.01 18.33
CA GLN A 40 2.32 -8.18 19.49
C GLN A 40 1.42 -7.02 19.09
N LYS A 41 0.65 -7.20 18.02
CA LYS A 41 -0.26 -6.16 17.55
C LYS A 41 -1.70 -6.66 17.54
N HIS A 42 -2.27 -6.81 18.73
CA HIS A 42 -3.63 -7.28 18.88
C HIS A 42 -4.63 -6.12 18.85
N ASP A 43 -4.39 -5.16 17.95
CA ASP A 43 -5.26 -4.00 17.83
C ASP A 43 -5.85 -3.89 16.43
N LYS A 44 -7.06 -3.36 16.34
CA LYS A 44 -7.75 -3.20 15.07
C LYS A 44 -7.14 -2.04 14.28
N HIS A 45 -6.72 -1.00 14.99
CA HIS A 45 -6.12 0.17 14.34
C HIS A 45 -4.61 0.21 14.59
N LEU A 46 -3.85 0.09 13.51
CA LEU A 46 -2.39 0.13 13.60
C LEU A 46 -1.90 1.56 13.44
N VAL A 47 -1.02 1.99 14.34
CA VAL A 47 -0.48 3.34 14.29
C VAL A 47 0.97 3.35 13.82
N LEU A 48 1.30 4.34 13.01
CA LEU A 48 2.65 4.50 12.52
C LEU A 48 3.21 5.84 12.98
N GLN A 49 3.91 5.81 14.11
CA GLN A 49 4.49 7.01 14.67
C GLN A 49 5.77 7.38 13.93
N ASP A 50 5.81 8.61 13.41
CA ASP A 50 6.96 9.09 12.65
C ASP A 50 7.02 8.42 11.29
N PHE A 51 6.04 8.74 10.45
CA PHE A 51 5.95 8.18 9.11
C PHE A 51 7.13 8.62 8.24
N SER A 52 7.41 7.83 7.20
CA SER A 52 8.50 8.14 6.30
C SER A 52 8.06 8.00 4.84
N GLU A 53 7.61 9.11 4.26
CA GLU A 53 7.17 9.10 2.88
C GLU A 53 8.32 8.73 1.95
N VAL A 54 9.54 9.06 2.38
CA VAL A 54 10.74 8.77 1.60
C VAL A 54 10.88 7.26 1.38
N GLU A 55 10.43 6.49 2.35
CA GLU A 55 10.51 5.02 2.27
C GLU A 55 9.78 4.52 1.03
N ASP A 56 8.88 5.34 0.50
CA ASP A 56 8.10 4.99 -0.70
C ASP A 56 6.91 4.12 -0.34
N SER A 57 5.90 4.74 0.28
CA SER A 57 4.69 4.04 0.68
C SER A 57 5.01 2.82 1.55
N GLY A 58 4.02 1.96 1.74
CA GLY A 58 4.21 0.77 2.54
C GLY A 58 2.97 -0.11 2.56
N TYR A 59 3.10 -1.34 2.07
CA TYR A 59 1.99 -2.27 2.04
C TYR A 59 1.70 -2.81 3.45
N TYR A 60 0.46 -2.66 3.89
CA TYR A 60 0.06 -3.12 5.21
C TYR A 60 -1.05 -4.17 5.12
N VAL A 61 -1.08 -5.06 6.09
CA VAL A 61 -2.08 -6.12 6.12
C VAL A 61 -2.40 -6.56 7.55
N CYS A 62 -3.58 -7.14 7.74
CA CYS A 62 -4.01 -7.61 9.04
C CYS A 62 -4.79 -8.92 8.92
N TYR A 63 -4.60 -9.82 9.88
CA TYR A 63 -5.28 -11.10 9.87
C TYR A 63 -5.40 -11.67 11.28
N THR A 64 -6.41 -12.50 11.49
CA THR A 64 -6.65 -13.12 12.79
C THR A 64 -6.78 -14.63 12.66
N PRO A 65 -6.59 -15.38 13.75
CA PRO A 65 -6.69 -16.84 13.74
C PRO A 65 -8.02 -17.32 13.17
N ALA A 66 -9.11 -16.72 13.64
CA ALA A 66 -10.44 -17.10 13.18
C ALA A 66 -10.69 -16.61 11.76
N SER A 67 -9.99 -15.55 11.35
CA SER A 67 -10.14 -14.99 10.02
C SER A 67 -8.80 -14.97 9.28
N ASN A 68 -8.60 -15.94 8.39
CA ASN A 68 -7.37 -16.03 7.63
C ASN A 68 -7.50 -15.32 6.29
N LYS A 69 -8.12 -14.13 6.31
CA LYS A 69 -8.30 -13.35 5.10
C LYS A 69 -7.12 -12.43 4.86
N ASN A 70 -6.67 -12.35 3.62
CA ASN A 70 -5.53 -11.49 3.26
C ASN A 70 -6.00 -10.22 2.56
N THR A 71 -5.57 -9.08 3.06
CA THR A 71 -5.94 -7.79 2.48
C THR A 71 -4.72 -6.88 2.34
N TYR A 72 -4.21 -6.77 1.13
CA TYR A 72 -3.04 -5.94 0.87
C TYR A 72 -3.44 -4.49 0.56
N LEU A 73 -3.14 -3.60 1.49
CA LEU A 73 -3.47 -2.19 1.33
C LEU A 73 -2.22 -1.37 1.01
N TYR A 74 -2.42 -0.22 0.36
CA TYR A 74 -1.31 0.65 0.01
C TYR A 74 -1.39 1.96 0.78
N LEU A 75 -0.32 2.29 1.50
CA LEU A 75 -0.29 3.52 2.29
C LEU A 75 0.67 4.55 1.67
N LYS A 76 0.13 5.73 1.37
CA LYS A 76 0.93 6.80 0.79
C LYS A 76 0.58 8.13 1.44
N ALA A 77 1.48 8.63 2.28
CA ALA A 77 1.26 9.90 2.96
C ALA A 77 2.59 10.51 3.39
N ARG A 78 2.54 11.71 3.95
CA ARG A 78 3.75 12.39 4.41
C ARG A 78 3.56 12.99 5.79
N VAL A 79 4.68 13.16 6.48
CA VAL A 79 4.68 13.75 7.81
C VAL A 79 6.07 14.25 8.15
N GLY A 80 6.15 15.02 9.21
CA GLY A 80 7.42 15.54 9.67
C GLY A 80 8.43 14.44 9.93
N SER A 81 9.46 14.78 10.69
CA SER A 81 10.50 13.82 11.03
C SER A 81 10.78 13.79 12.51
N ALA A 82 9.72 13.73 13.29
CA ALA A 82 9.86 13.72 14.73
C ALA A 82 10.96 14.69 15.13
N ASP A 83 10.69 15.98 14.94
CA ASP A 83 11.64 17.03 15.26
C ASP A 83 11.96 17.02 16.73
N ASP A 84 12.11 15.82 17.25
CA ASP A 84 12.41 15.61 18.66
C ASP A 84 13.77 16.19 19.02
N ALA A 85 14.84 15.58 18.52
CA ALA A 85 16.19 16.04 18.79
C ALA A 85 17.22 15.29 17.96
N LYS A 86 18.31 15.96 17.61
CA LYS A 86 19.36 15.35 16.81
C LYS A 86 20.72 15.51 17.48
N LYS A 87 21.47 14.43 17.57
CA LYS A 87 22.79 14.44 18.18
C LYS A 87 23.74 15.36 17.41
N ASP A 88 23.58 15.38 16.09
CA ASP A 88 24.42 16.22 15.24
C ASP A 88 25.88 15.78 15.32
N ALA A 89 26.60 15.95 14.23
CA ALA A 89 28.02 15.57 14.18
C ALA A 89 28.20 14.09 14.46
N ALA A 90 27.70 13.25 13.56
CA ALA A 90 27.80 11.81 13.73
C ALA A 90 28.08 11.12 12.39
N LYS A 91 28.52 9.87 12.46
CA LYS A 91 28.82 9.10 11.25
C LYS A 91 29.21 7.67 11.60
N LYS A 92 28.43 7.05 12.48
CA LYS A 92 28.69 5.68 12.90
C LYS A 92 27.85 4.69 12.10
N ASP A 93 28.04 3.40 12.37
CA ASP A 93 27.29 2.36 11.68
C ASP A 93 27.53 2.42 10.18
N ASP A 94 28.47 1.62 9.70
CA ASP A 94 28.79 1.59 8.27
C ASP A 94 28.35 0.27 7.63
N ALA A 95 27.02 0.07 7.56
CA ALA A 95 26.47 -1.14 6.98
C ALA A 95 25.01 -0.93 6.59
N LYS A 96 24.66 -1.34 5.37
CA LYS A 96 23.29 -1.20 4.88
C LYS A 96 22.71 -2.56 4.53
N LYS A 97 21.46 -2.57 4.08
CA LYS A 97 20.77 -3.80 3.71
C LYS A 97 21.17 -4.25 2.30
N ASP A 98 20.57 -5.33 1.84
CA ASP A 98 20.85 -5.86 0.51
C ASP A 98 19.63 -6.57 -0.07
N ASP A 99 19.23 -6.16 -1.26
CA ASP A 99 18.07 -6.76 -1.93
C ASP A 99 18.45 -8.09 -2.58
N ALA A 100 17.52 -8.65 -3.35
CA ALA A 100 17.76 -9.91 -4.04
C ALA A 100 17.95 -11.05 -3.05
N LYS A 101 18.22 -12.25 -3.56
CA LYS A 101 18.43 -13.42 -2.71
C LYS A 101 19.92 -13.73 -2.58
N LYS A 102 20.70 -12.72 -2.21
CA LYS A 102 22.13 -12.89 -2.05
C LYS A 102 22.44 -13.82 -0.87
N ASP A 103 21.61 -13.77 0.15
CA ASP A 103 21.79 -14.62 1.33
C ASP A 103 20.81 -15.78 1.32
N GLY A 104 20.47 -16.22 0.12
CA GLY A 104 19.55 -17.33 -0.02
C GLY A 104 18.18 -17.02 0.56
N SER A 105 17.75 -15.78 0.44
CA SER A 105 16.45 -15.36 0.98
C SER A 105 15.34 -15.66 -0.02
N GLN A 106 14.34 -16.41 0.43
CA GLN A 106 13.22 -16.77 -0.41
C GLN A 106 12.40 -15.54 -0.79
N THR A 107 12.34 -15.26 -2.07
CA THR A 107 11.59 -14.10 -2.57
C THR A 107 11.54 -14.11 -4.10
N ASN A 108 10.92 -15.15 -4.63
CA ASN A 108 10.78 -15.31 -6.07
C ASN A 108 9.31 -15.43 -6.46
N LYS A 109 9.07 -15.72 -7.74
CA LYS A 109 7.70 -15.86 -8.24
C LYS A 109 6.96 -16.96 -7.49
N ALA A 110 5.93 -16.57 -6.74
CA ALA A 110 5.15 -17.53 -5.97
C ALA A 110 3.67 -17.48 -6.38
N LYS A 111 2.98 -16.44 -5.92
CA LYS A 111 1.56 -16.28 -6.25
C LYS A 111 1.35 -15.08 -7.17
N ASN A 112 1.86 -13.93 -6.76
CA ASN A 112 1.73 -12.71 -7.55
C ASN A 112 2.54 -11.58 -6.94
N LEU A 113 2.55 -10.43 -7.62
CA LEU A 113 3.28 -9.26 -7.13
C LEU A 113 2.77 -7.99 -7.81
N VAL A 114 2.24 -7.07 -7.00
CA VAL A 114 1.72 -5.81 -7.52
C VAL A 114 2.57 -4.64 -7.07
N GLN A 115 2.70 -3.64 -7.94
CA GLN A 115 3.48 -2.45 -7.64
C GLN A 115 2.76 -1.21 -8.16
N VAL A 116 3.13 -0.05 -7.63
CA VAL A 116 2.52 1.21 -8.04
C VAL A 116 3.58 2.31 -8.16
N ASP A 117 3.28 3.33 -8.98
CA ASP A 117 4.21 4.43 -9.18
C ASP A 117 3.75 5.66 -8.39
N GLY A 118 4.72 6.45 -7.92
CA GLY A 118 4.39 7.64 -7.17
C GLY A 118 5.45 8.72 -7.28
N SER A 119 6.31 8.60 -8.29
CA SER A 119 7.38 9.57 -8.50
C SER A 119 7.73 9.68 -9.98
N ARG A 120 6.92 10.41 -10.74
CA ARG A 120 7.15 10.58 -12.17
C ARG A 120 7.65 11.99 -12.47
N GLY A 121 8.10 12.67 -11.43
CA GLY A 121 8.59 14.02 -11.59
C GLY A 121 7.57 15.06 -11.17
N ASP A 122 6.35 14.88 -11.66
CA ASP A 122 5.25 15.79 -11.33
C ASP A 122 4.44 15.25 -10.15
N GLY A 123 4.53 13.93 -9.96
CA GLY A 123 3.80 13.31 -8.87
C GLY A 123 2.62 12.49 -9.35
N SER A 124 2.72 11.97 -10.58
CA SER A 124 1.66 11.17 -11.15
C SER A 124 1.75 9.72 -10.68
N VAL A 125 0.69 9.24 -10.03
CA VAL A 125 0.65 7.87 -9.53
C VAL A 125 0.18 6.90 -10.61
N LEU A 126 1.01 5.90 -10.90
CA LEU A 126 0.69 4.90 -11.90
C LEU A 126 0.76 3.50 -11.29
N LEU A 127 -0.41 2.92 -11.01
CA LEU A 127 -0.47 1.58 -10.43
C LEU A 127 -0.14 0.51 -11.46
N THR A 128 0.76 -0.39 -11.10
CA THR A 128 1.15 -1.47 -11.99
C THR A 128 0.59 -2.80 -11.50
N CYS A 129 0.02 -3.58 -12.42
CA CYS A 129 -0.55 -4.88 -12.06
C CYS A 129 -0.26 -5.91 -13.16
N GLY A 130 -1.02 -7.00 -13.16
CA GLY A 130 -0.83 -8.04 -14.16
C GLY A 130 0.27 -9.01 -13.79
N LEU A 131 1.14 -8.62 -12.85
CA LEU A 131 2.25 -9.46 -12.41
C LEU A 131 2.94 -10.14 -13.60
N THR A 132 3.47 -9.32 -14.50
CA THR A 132 4.19 -9.81 -15.68
C THR A 132 3.25 -10.45 -16.70
N ASP A 133 1.96 -10.11 -16.62
CA ASP A 133 0.99 -10.66 -17.54
C ASP A 133 0.94 -9.85 -18.83
N LYS A 134 0.82 -10.55 -19.94
CA LYS A 134 0.72 -9.90 -21.24
C LYS A 134 -0.66 -9.28 -21.39
N THR A 135 -1.57 -9.65 -20.49
CA THR A 135 -2.93 -9.15 -20.50
C THR A 135 -3.35 -8.72 -19.09
N ILE A 136 -3.90 -7.52 -18.98
CA ILE A 136 -4.33 -7.00 -17.69
C ILE A 136 -5.64 -6.23 -17.80
N LYS A 137 -6.49 -6.37 -16.79
CA LYS A 137 -7.78 -5.68 -16.76
C LYS A 137 -8.05 -5.11 -15.37
N TRP A 138 -7.96 -3.79 -15.27
CA TRP A 138 -8.18 -3.11 -13.99
C TRP A 138 -9.62 -2.62 -13.87
N LEU A 139 -10.17 -2.72 -12.67
CA LEU A 139 -11.54 -2.29 -12.40
C LEU A 139 -11.58 -1.38 -11.18
N LYS A 140 -12.63 -0.57 -11.10
CA LYS A 140 -12.80 0.36 -9.98
C LYS A 140 -14.15 0.15 -9.31
N ASP A 141 -14.12 -0.27 -8.05
CA ASP A 141 -15.34 -0.51 -7.29
C ASP A 141 -16.23 -1.53 -8.00
N GLY A 142 -15.60 -2.45 -8.72
CA GLY A 142 -16.35 -3.47 -9.43
C GLY A 142 -16.81 -3.00 -10.81
N SER A 143 -16.18 -1.95 -11.31
CA SER A 143 -16.53 -1.40 -12.63
C SER A 143 -15.31 -1.38 -13.54
N ILE A 144 -15.49 -1.88 -14.76
CA ILE A 144 -14.42 -1.92 -15.74
C ILE A 144 -13.95 -0.52 -16.09
N ILE A 145 -12.65 -0.27 -15.93
CA ILE A 145 -12.06 1.01 -16.24
C ILE A 145 -10.72 0.81 -16.92
N SER A 146 -10.70 1.04 -18.22
CA SER A 146 -9.48 0.87 -19.00
C SER A 146 -9.22 2.10 -19.89
N PRO A 147 -7.94 2.42 -20.13
CA PRO A 147 -7.54 3.55 -20.95
C PRO A 147 -7.40 3.18 -22.42
N LEU A 148 -7.42 4.18 -23.30
CA LEU A 148 -7.29 3.95 -24.73
C LEU A 148 -6.05 4.64 -25.28
N ASN A 149 -5.05 4.81 -24.42
CA ASN A 149 -3.80 5.44 -24.81
C ASN A 149 -2.69 5.06 -23.85
N ALA A 150 -2.83 3.90 -23.21
CA ALA A 150 -1.85 3.41 -22.26
C ALA A 150 -2.00 1.92 -22.02
N THR A 151 -0.87 1.25 -21.76
CA THR A 151 -0.89 -0.19 -21.52
C THR A 151 0.49 -0.70 -21.10
N LYS A 152 1.21 0.10 -20.33
CA LYS A 152 2.54 -0.29 -19.86
C LYS A 152 2.43 -0.94 -18.49
N ASN A 153 1.53 -1.90 -18.41
CA ASN A 153 1.28 -2.63 -17.18
C ASN A 153 1.00 -1.67 -16.02
N THR A 154 0.58 -0.46 -16.36
CA THR A 154 0.28 0.55 -15.36
C THR A 154 -1.13 1.11 -15.50
N TRP A 155 -1.57 1.83 -14.48
CA TRP A 155 -2.90 2.44 -14.48
C TRP A 155 -2.81 3.89 -14.01
N ASN A 156 -3.47 4.79 -14.73
CA ASN A 156 -3.45 6.20 -14.39
C ASN A 156 -4.44 6.50 -13.25
N LEU A 157 -3.97 7.28 -12.27
CA LEU A 157 -4.81 7.65 -11.14
C LEU A 157 -5.06 9.15 -11.12
N GLY A 158 -4.01 9.92 -11.40
CA GLY A 158 -4.13 11.37 -11.41
C GLY A 158 -2.86 12.06 -11.00
N ASN A 159 -3.00 13.21 -10.34
CA ASN A 159 -1.86 13.98 -9.88
C ASN A 159 -1.83 14.02 -8.36
N ASN A 160 -0.72 13.56 -7.80
CA ASN A 160 -0.54 13.52 -6.35
C ASN A 160 -1.01 14.82 -5.68
N ALA A 161 -0.89 15.92 -6.42
CA ALA A 161 -1.31 17.22 -5.90
C ALA A 161 -2.79 17.22 -5.57
N LYS A 162 -3.57 16.50 -6.36
CA LYS A 162 -5.01 16.41 -6.16
C LYS A 162 -5.59 15.21 -6.89
N ASP A 163 -5.06 14.02 -6.57
CA ASP A 163 -5.53 12.79 -7.20
C ASP A 163 -6.49 12.03 -6.29
N PRO A 164 -7.48 11.34 -6.88
CA PRO A 164 -8.47 10.57 -6.11
C PRO A 164 -7.93 9.22 -5.66
N ARG A 165 -8.05 8.94 -4.36
CA ARG A 165 -7.58 7.69 -3.80
C ARG A 165 -8.71 6.69 -3.69
N GLY A 166 -8.38 5.44 -3.35
CA GLY A 166 -9.40 4.42 -3.21
C GLY A 166 -8.86 3.02 -3.45
N THR A 167 -9.74 2.11 -3.84
CA THR A 167 -9.36 0.72 -4.09
C THR A 167 -9.52 0.36 -5.56
N TYR A 168 -8.55 -0.39 -6.09
CA TYR A 168 -8.58 -0.80 -7.48
C TYR A 168 -8.17 -2.27 -7.62
N GLN A 169 -9.01 -3.06 -8.27
CA GLN A 169 -8.71 -4.48 -8.47
C GLN A 169 -8.30 -4.75 -9.91
N CYS A 170 -7.36 -5.67 -10.09
CA CYS A 170 -6.88 -6.01 -11.43
C CYS A 170 -6.95 -7.52 -11.66
N GLN A 171 -7.05 -7.90 -12.93
CA GLN A 171 -7.13 -9.32 -13.30
C GLN A 171 -6.04 -9.67 -14.29
N GLY A 172 -5.19 -10.62 -13.92
CA GLY A 172 -4.11 -11.05 -14.78
C GLY A 172 -4.41 -12.37 -15.47
N ALA A 173 -3.70 -12.64 -16.57
CA ALA A 173 -3.86 -13.87 -17.34
C ALA A 173 -4.37 -15.02 -16.49
N LYS A 174 -3.60 -15.36 -15.46
CA LYS A 174 -3.98 -16.45 -14.56
C LYS A 174 -3.85 -16.00 -13.10
N GLU A 175 -3.67 -14.71 -12.89
CA GLU A 175 -3.53 -14.16 -11.54
C GLU A 175 -4.27 -12.84 -11.41
N THR A 176 -5.32 -12.82 -10.60
CA THR A 176 -6.12 -11.62 -10.39
C THR A 176 -5.76 -10.95 -9.07
N SER A 177 -5.16 -9.76 -9.16
CA SER A 177 -4.76 -9.01 -7.97
C SER A 177 -6.00 -8.49 -7.23
N ASN A 178 -5.87 -8.35 -5.92
CA ASN A 178 -6.97 -7.87 -5.09
C ASN A 178 -7.05 -6.34 -5.12
N PRO A 179 -8.16 -5.77 -4.60
CA PRO A 179 -8.37 -4.33 -4.57
C PRO A 179 -7.21 -3.57 -3.94
N LEU A 180 -6.47 -2.84 -4.77
CA LEU A 180 -5.33 -2.07 -4.31
C LEU A 180 -5.80 -0.76 -3.68
N GLN A 181 -5.64 -0.63 -2.37
CA GLN A 181 -6.04 0.58 -1.68
C GLN A 181 -4.93 1.62 -1.73
N VAL A 182 -5.00 2.47 -2.76
CA VAL A 182 -4.00 3.52 -2.93
C VAL A 182 -4.37 4.75 -2.12
N TYR A 183 -3.79 4.88 -0.93
CA TYR A 183 -4.07 6.01 -0.06
C TYR A 183 -3.13 7.17 -0.36
N TYR A 184 -3.70 8.24 -0.92
CA TYR A 184 -2.91 9.43 -1.26
C TYR A 184 -3.53 10.67 -0.64
N ARG A 185 -2.68 11.65 -0.33
CA ARG A 185 -3.14 12.90 0.27
C ARG A 185 -4.19 13.57 -0.61
N MET A 186 -5.46 13.33 -0.29
CA MET A 186 -6.56 13.92 -1.05
C MET A 186 -6.52 13.45 -2.50
N ASP A 1 -24.14 -8.19 12.21
CA ASP A 1 -23.26 -8.35 11.01
C ASP A 1 -22.05 -9.22 11.32
N ASP A 2 -21.18 -9.40 10.34
CA ASP A 2 -19.98 -10.21 10.51
C ASP A 2 -18.75 -9.48 9.98
N ALA A 3 -18.22 -8.57 10.80
CA ALA A 3 -17.04 -7.80 10.43
C ALA A 3 -17.32 -6.91 9.22
N GLU A 4 -17.00 -5.62 9.36
CA GLU A 4 -17.23 -4.67 8.28
C GLU A 4 -16.45 -5.06 7.03
N ASN A 5 -17.06 -4.83 5.87
CA ASN A 5 -16.42 -5.18 4.60
C ASN A 5 -15.99 -3.91 3.86
N ILE A 6 -15.43 -2.96 4.59
CA ILE A 6 -14.97 -1.71 4.00
C ILE A 6 -13.45 -1.71 3.84
N GLU A 7 -12.92 -0.65 3.23
CA GLU A 7 -11.49 -0.52 3.02
C GLU A 7 -10.81 0.03 4.27
N TYR A 8 -9.48 -0.08 4.31
CA TYR A 8 -8.72 0.42 5.45
C TYR A 8 -8.85 1.93 5.58
N LYS A 9 -8.95 2.42 6.81
CA LYS A 9 -9.08 3.85 7.06
C LYS A 9 -7.79 4.43 7.63
N VAL A 10 -7.22 5.38 6.91
CA VAL A 10 -5.97 6.02 7.35
C VAL A 10 -6.18 7.51 7.60
N SER A 11 -5.54 8.01 8.66
CA SER A 11 -5.65 9.42 9.01
C SER A 11 -4.42 9.87 9.78
N ILE A 12 -3.77 10.93 9.30
CA ILE A 12 -2.57 11.45 9.95
C ILE A 12 -2.92 12.40 11.10
N SER A 13 -2.42 12.06 12.28
CA SER A 13 -2.66 12.86 13.47
C SER A 13 -1.34 13.29 14.10
N GLY A 14 -0.98 14.56 13.94
CA GLY A 14 0.25 15.07 14.50
C GLY A 14 1.46 14.24 14.12
N THR A 15 1.74 14.17 12.82
CA THR A 15 2.88 13.42 12.30
C THR A 15 2.75 11.92 12.58
N SER A 16 1.59 11.51 13.06
CA SER A 16 1.34 10.10 13.35
C SER A 16 0.19 9.58 12.52
N VAL A 17 0.43 8.48 11.80
CA VAL A 17 -0.60 7.89 10.95
C VAL A 17 -1.45 6.89 11.74
N GLU A 18 -2.72 6.77 11.37
CA GLU A 18 -3.62 5.85 12.04
C GLU A 18 -4.45 5.05 11.05
N LEU A 19 -4.05 3.79 10.85
CA LEU A 19 -4.77 2.92 9.92
C LEU A 19 -5.84 2.13 10.67
N THR A 20 -6.93 1.82 9.99
CA THR A 20 -8.02 1.06 10.59
C THR A 20 -8.24 -0.25 9.86
N CYS A 21 -8.07 -1.35 10.58
CA CYS A 21 -8.25 -2.69 10.01
C CYS A 21 -9.74 -3.05 9.91
N PRO A 22 -10.14 -3.76 8.84
CA PRO A 22 -11.53 -4.16 8.65
C PRO A 22 -11.97 -5.30 9.59
N LEU A 23 -11.11 -5.65 10.53
CA LEU A 23 -11.41 -6.70 11.48
C LEU A 23 -11.20 -6.21 12.90
N ASP A 24 -12.19 -6.44 13.77
CA ASP A 24 -12.11 -6.02 15.15
C ASP A 24 -10.78 -6.42 15.77
N SER A 25 -10.53 -5.92 16.98
CA SER A 25 -9.28 -6.21 17.68
C SER A 25 -9.46 -7.40 18.61
N ASP A 26 -9.11 -8.59 18.12
CA ASP A 26 -9.22 -9.80 18.92
C ASP A 26 -7.96 -10.03 19.73
N GLU A 27 -8.03 -10.95 20.69
CA GLU A 27 -6.89 -11.26 21.54
C GLU A 27 -5.88 -12.13 20.81
N ASN A 28 -5.83 -11.97 19.50
CA ASN A 28 -4.91 -12.72 18.65
C ASN A 28 -4.74 -12.05 17.29
N LEU A 29 -5.08 -10.75 17.22
CA LEU A 29 -4.96 -10.00 15.98
C LEU A 29 -3.52 -9.54 15.78
N LYS A 30 -3.02 -9.67 14.55
CA LYS A 30 -1.65 -9.27 14.24
C LYS A 30 -1.57 -8.55 12.90
N TRP A 31 -0.48 -7.82 12.69
CA TRP A 31 -0.26 -7.09 11.46
C TRP A 31 0.99 -7.59 10.74
N GLU A 32 1.23 -7.07 9.54
CA GLU A 32 2.39 -7.47 8.76
C GLU A 32 2.91 -6.31 7.91
N LYS A 33 4.23 -6.15 7.88
CA LYS A 33 4.86 -5.09 7.11
C LYS A 33 5.85 -5.68 6.11
N ASN A 34 5.87 -5.12 4.90
CA ASN A 34 6.78 -5.59 3.84
C ASN A 34 8.18 -5.83 4.40
N GLY A 35 8.57 -7.11 4.43
CA GLY A 35 9.88 -7.47 4.93
C GLY A 35 9.79 -8.31 6.20
N GLN A 36 9.23 -7.74 7.25
CA GLN A 36 9.08 -8.45 8.52
C GLN A 36 7.67 -8.28 9.08
N GLU A 37 7.23 -9.27 9.85
CA GLU A 37 5.90 -9.23 10.46
C GLU A 37 5.90 -8.42 11.74
N LEU A 38 4.76 -7.84 12.07
CA LEU A 38 4.64 -7.04 13.28
C LEU A 38 3.77 -7.73 14.33
N PRO A 39 4.40 -8.32 15.37
CA PRO A 39 3.68 -9.02 16.43
C PRO A 39 3.26 -8.10 17.56
N GLN A 40 2.48 -8.64 18.51
CA GLN A 40 2.01 -7.87 19.64
C GLN A 40 1.12 -6.71 19.20
N LYS A 41 0.42 -6.91 18.08
CA LYS A 41 -0.47 -5.88 17.55
C LYS A 41 -1.91 -6.40 17.51
N HIS A 42 -2.51 -6.56 18.68
CA HIS A 42 -3.88 -7.03 18.78
C HIS A 42 -4.86 -5.87 18.77
N ASP A 43 -4.62 -4.91 17.88
CA ASP A 43 -5.50 -3.74 17.77
C ASP A 43 -6.08 -3.63 16.38
N LYS A 44 -7.29 -3.08 16.30
CA LYS A 44 -7.98 -2.91 15.02
C LYS A 44 -7.37 -1.77 14.23
N HIS A 45 -6.94 -0.72 14.92
CA HIS A 45 -6.35 0.43 14.27
C HIS A 45 -4.85 0.52 14.56
N LEU A 46 -4.05 0.34 13.52
CA LEU A 46 -2.60 0.41 13.66
C LEU A 46 -2.13 1.85 13.44
N VAL A 47 -1.29 2.33 14.34
CA VAL A 47 -0.77 3.70 14.25
C VAL A 47 0.69 3.72 13.82
N LEU A 48 1.02 4.70 13.00
CA LEU A 48 2.38 4.88 12.53
C LEU A 48 2.89 6.25 12.96
N GLN A 49 3.57 6.30 14.10
CA GLN A 49 4.10 7.55 14.61
C GLN A 49 5.41 7.90 13.90
N ASP A 50 5.46 9.13 13.38
CA ASP A 50 6.63 9.58 12.64
C ASP A 50 6.74 8.84 11.32
N PHE A 51 5.83 9.15 10.42
CA PHE A 51 5.78 8.52 9.10
C PHE A 51 7.00 8.90 8.27
N SER A 52 7.34 8.04 7.32
CA SER A 52 8.49 8.28 6.44
C SER A 52 8.10 8.08 4.98
N GLU A 53 7.68 9.16 4.33
CA GLU A 53 7.30 9.09 2.93
C GLU A 53 8.49 8.68 2.07
N VAL A 54 9.69 9.04 2.52
CA VAL A 54 10.91 8.71 1.81
C VAL A 54 11.05 7.20 1.62
N GLU A 55 10.61 6.44 2.63
CA GLU A 55 10.68 4.99 2.57
C GLU A 55 10.01 4.46 1.31
N ASP A 56 9.11 5.26 0.73
CA ASP A 56 8.39 4.88 -0.49
C ASP A 56 7.22 3.96 -0.17
N SER A 57 6.21 4.51 0.49
CA SER A 57 5.03 3.75 0.86
C SER A 57 5.39 2.47 1.62
N GLY A 58 4.40 1.61 1.82
CA GLY A 58 4.63 0.36 2.51
C GLY A 58 3.39 -0.51 2.55
N TYR A 59 3.57 -1.80 2.26
CA TYR A 59 2.45 -2.74 2.27
C TYR A 59 2.16 -3.23 3.69
N TYR A 60 0.90 -3.16 4.08
CA TYR A 60 0.48 -3.59 5.41
C TYR A 60 -0.65 -4.61 5.31
N VAL A 61 -0.79 -5.44 6.35
CA VAL A 61 -1.83 -6.45 6.38
C VAL A 61 -2.28 -6.73 7.80
N CYS A 62 -3.55 -7.08 7.95
CA CYS A 62 -4.12 -7.35 9.27
C CYS A 62 -5.12 -8.51 9.19
N TYR A 63 -4.95 -9.50 10.06
CA TYR A 63 -5.82 -10.67 10.07
C TYR A 63 -5.88 -11.30 11.47
N THR A 64 -6.81 -12.23 11.65
CA THR A 64 -6.96 -12.91 12.93
C THR A 64 -6.96 -14.43 12.74
N PRO A 65 -6.77 -15.19 13.83
CA PRO A 65 -6.76 -16.67 13.77
C PRO A 65 -8.00 -17.22 13.10
N ALA A 66 -9.17 -16.84 13.60
CA ALA A 66 -10.43 -17.30 13.03
C ALA A 66 -10.65 -16.73 11.64
N SER A 67 -9.98 -15.61 11.35
CA SER A 67 -10.10 -14.96 10.06
C SER A 67 -8.77 -15.04 9.29
N ASN A 68 -8.60 -16.11 8.54
CA ASN A 68 -7.38 -16.31 7.76
C ASN A 68 -7.48 -15.62 6.40
N LYS A 69 -7.79 -14.33 6.41
CA LYS A 69 -7.91 -13.56 5.19
C LYS A 69 -6.71 -12.64 5.00
N ASN A 70 -6.24 -12.53 3.76
CA ASN A 70 -5.10 -11.67 3.45
C ASN A 70 -5.53 -10.43 2.67
N THR A 71 -5.17 -9.26 3.20
CA THR A 71 -5.50 -8.00 2.56
C THR A 71 -4.30 -7.07 2.53
N TYR A 72 -3.65 -6.98 1.36
CA TYR A 72 -2.48 -6.13 1.20
C TYR A 72 -2.89 -4.70 0.82
N LEU A 73 -2.70 -3.77 1.75
CA LEU A 73 -3.04 -2.37 1.51
C LEU A 73 -1.80 -1.57 1.15
N TYR A 74 -2.00 -0.48 0.42
CA TYR A 74 -0.90 0.38 0.01
C TYR A 74 -0.98 1.73 0.71
N LEU A 75 0.00 2.03 1.55
CA LEU A 75 0.03 3.28 2.29
C LEU A 75 1.09 4.23 1.73
N LYS A 76 0.66 5.37 1.22
CA LYS A 76 1.58 6.36 0.67
C LYS A 76 1.14 7.77 1.05
N ALA A 77 1.86 8.39 1.97
CA ALA A 77 1.54 9.74 2.42
C ALA A 77 2.78 10.42 3.01
N ARG A 78 2.60 11.67 3.44
CA ARG A 78 3.68 12.44 4.01
C ARG A 78 3.23 13.16 5.28
N VAL A 79 4.14 13.31 6.23
CA VAL A 79 3.84 13.99 7.48
C VAL A 79 4.99 14.87 7.92
N GLY A 80 4.65 15.92 8.66
CA GLY A 80 5.65 16.84 9.17
C GLY A 80 6.79 17.09 8.21
N SER A 81 7.97 17.21 8.77
CA SER A 81 9.18 17.44 8.00
C SER A 81 9.76 16.13 7.51
N ALA A 82 8.99 15.41 6.70
CA ALA A 82 9.42 14.14 6.16
C ALA A 82 9.71 14.25 4.67
N ASP A 83 10.41 15.31 4.31
CA ASP A 83 10.79 15.56 2.94
C ASP A 83 12.17 16.18 2.89
N ASP A 84 13.02 15.68 3.79
CA ASP A 84 14.39 16.15 3.88
C ASP A 84 15.26 15.13 4.64
N ALA A 85 16.49 15.53 4.94
CA ALA A 85 17.41 14.66 5.66
C ALA A 85 17.62 15.13 7.09
N LYS A 86 17.55 14.20 8.04
CA LYS A 86 17.72 14.52 9.45
C LYS A 86 19.19 14.46 9.83
N LYS A 87 19.78 15.63 10.10
CA LYS A 87 21.19 15.72 10.49
C LYS A 87 22.09 15.22 9.36
N ASP A 88 23.21 15.90 9.17
CA ASP A 88 24.17 15.53 8.13
C ASP A 88 25.49 16.28 8.32
N ALA A 89 26.59 15.56 8.16
CA ALA A 89 27.92 16.15 8.31
C ALA A 89 28.62 16.28 6.96
N ALA A 90 27.84 16.30 5.89
CA ALA A 90 28.38 16.42 4.54
C ALA A 90 27.28 16.39 3.49
N LYS A 91 27.67 16.53 2.22
CA LYS A 91 26.71 16.52 1.12
C LYS A 91 26.25 15.08 0.83
N LYS A 92 25.12 14.97 0.15
CA LYS A 92 24.57 13.66 -0.20
C LYS A 92 25.54 12.89 -1.10
N ASP A 93 26.38 12.06 -0.47
CA ASP A 93 27.35 11.27 -1.21
C ASP A 93 26.78 9.90 -1.55
N ASP A 94 27.47 9.18 -2.43
CA ASP A 94 27.04 7.86 -2.85
C ASP A 94 25.66 7.92 -3.50
N ALA A 95 25.12 6.75 -3.84
CA ALA A 95 23.80 6.67 -4.46
C ALA A 95 23.34 5.22 -4.60
N LYS A 96 23.65 4.42 -3.59
CA LYS A 96 23.28 3.01 -3.59
C LYS A 96 22.17 2.74 -2.58
N LYS A 97 22.17 3.51 -1.48
CA LYS A 97 21.17 3.35 -0.44
C LYS A 97 19.84 3.96 -0.86
N ASP A 98 19.89 4.90 -1.80
CA ASP A 98 18.68 5.56 -2.29
C ASP A 98 17.66 4.54 -2.79
N ASP A 99 17.95 3.93 -3.94
CA ASP A 99 17.05 2.94 -4.51
C ASP A 99 17.85 1.84 -5.20
N ALA A 100 18.83 1.30 -4.50
CA ALA A 100 19.67 0.23 -5.04
C ALA A 100 19.86 -0.89 -4.01
N LYS A 101 20.70 -1.86 -4.35
CA LYS A 101 20.97 -2.98 -3.47
C LYS A 101 22.18 -2.69 -2.58
N LYS A 102 22.60 -3.69 -1.81
CA LYS A 102 23.75 -3.55 -0.92
C LYS A 102 24.98 -3.09 -1.68
N ASP A 103 25.29 -3.77 -2.78
CA ASP A 103 26.44 -3.43 -3.60
C ASP A 103 26.01 -2.86 -4.94
N GLY A 104 24.87 -2.19 -4.93
CA GLY A 104 24.34 -1.59 -6.15
C GLY A 104 24.21 -2.59 -7.28
N SER A 105 24.04 -3.86 -6.93
CA SER A 105 23.90 -4.92 -7.94
C SER A 105 22.52 -5.55 -7.87
N GLN A 106 21.79 -5.49 -8.97
CA GLN A 106 20.46 -6.07 -9.04
C GLN A 106 20.51 -7.58 -8.90
N THR A 107 19.90 -8.10 -7.84
CA THR A 107 19.87 -9.53 -7.59
C THR A 107 19.03 -9.85 -6.35
N ASN A 108 17.75 -9.53 -6.44
CA ASN A 108 16.82 -9.77 -5.35
C ASN A 108 16.05 -11.07 -5.57
N LYS A 109 16.73 -12.08 -6.10
CA LYS A 109 16.10 -13.37 -6.37
C LYS A 109 15.07 -13.26 -7.48
N ALA A 110 13.96 -12.59 -7.17
CA ALA A 110 12.89 -12.41 -8.16
C ALA A 110 11.93 -11.32 -7.70
N LYS A 111 10.98 -10.98 -8.58
CA LYS A 111 10.00 -9.94 -8.28
C LYS A 111 8.93 -9.88 -9.37
N ASN A 112 7.73 -10.36 -9.04
CA ASN A 112 6.62 -10.36 -9.98
C ASN A 112 5.30 -10.04 -9.28
N LEU A 113 5.35 -9.10 -8.33
CA LEU A 113 4.15 -8.71 -7.59
C LEU A 113 3.62 -7.38 -8.10
N VAL A 114 2.53 -6.91 -7.50
CA VAL A 114 1.92 -5.65 -7.89
C VAL A 114 2.78 -4.46 -7.47
N GLN A 115 2.85 -3.46 -8.33
CA GLN A 115 3.62 -2.26 -8.06
C GLN A 115 2.88 -1.01 -8.52
N VAL A 116 3.24 0.12 -7.93
CA VAL A 116 2.63 1.40 -8.29
C VAL A 116 3.69 2.49 -8.40
N ASP A 117 3.49 3.42 -9.32
CA ASP A 117 4.43 4.52 -9.52
C ASP A 117 4.00 5.76 -8.75
N GLY A 118 4.98 6.54 -8.31
CA GLY A 118 4.68 7.76 -7.58
C GLY A 118 5.67 8.87 -7.84
N SER A 119 6.52 8.68 -8.86
CA SER A 119 7.51 9.68 -9.22
C SER A 119 7.85 9.61 -10.71
N ARG A 120 6.97 10.18 -11.53
CA ARG A 120 7.17 10.18 -12.97
C ARG A 120 7.71 11.52 -13.45
N GLY A 121 8.22 12.31 -12.51
CA GLY A 121 8.75 13.61 -12.84
C GLY A 121 7.81 14.73 -12.45
N ASP A 122 6.54 14.57 -12.81
CA ASP A 122 5.52 15.57 -12.48
C ASP A 122 4.73 15.13 -11.26
N GLY A 123 4.85 13.86 -10.89
CA GLY A 123 4.15 13.34 -9.74
C GLY A 123 2.92 12.54 -10.12
N SER A 124 2.97 11.91 -11.29
CA SER A 124 1.85 11.11 -11.78
C SER A 124 1.95 9.68 -11.27
N VAL A 125 0.95 9.25 -10.52
CA VAL A 125 0.92 7.90 -9.98
C VAL A 125 0.46 6.88 -11.02
N LEU A 126 1.30 5.88 -11.28
CA LEU A 126 0.98 4.86 -12.25
C LEU A 126 0.92 3.48 -11.60
N LEU A 127 -0.30 3.01 -11.36
CA LEU A 127 -0.51 1.71 -10.72
C LEU A 127 -0.31 0.57 -11.73
N THR A 128 0.66 -0.29 -11.46
CA THR A 128 0.95 -1.40 -12.36
C THR A 128 0.39 -2.72 -11.81
N CYS A 129 -0.17 -3.53 -12.71
CA CYS A 129 -0.75 -4.81 -12.33
C CYS A 129 -0.50 -5.86 -13.41
N GLY A 130 -1.26 -6.94 -13.37
CA GLY A 130 -1.10 -7.99 -14.36
C GLY A 130 0.10 -8.88 -14.10
N LEU A 131 0.97 -8.48 -13.18
CA LEU A 131 2.16 -9.26 -12.85
C LEU A 131 2.83 -9.84 -14.11
N THR A 132 3.22 -8.96 -15.01
CA THR A 132 3.87 -9.35 -16.26
C THR A 132 2.92 -10.08 -17.21
N ASP A 133 1.62 -9.85 -17.05
CA ASP A 133 0.63 -10.47 -17.91
C ASP A 133 0.47 -9.72 -19.21
N LYS A 134 0.27 -10.47 -20.28
CA LYS A 134 0.07 -9.88 -21.59
C LYS A 134 -1.31 -9.24 -21.67
N THR A 135 -2.14 -9.55 -20.67
CA THR A 135 -3.49 -9.00 -20.59
C THR A 135 -3.79 -8.51 -19.19
N ILE A 136 -4.30 -7.28 -19.09
CA ILE A 136 -4.62 -6.69 -17.80
C ILE A 136 -5.89 -5.85 -17.86
N LYS A 137 -6.73 -6.01 -16.84
CA LYS A 137 -7.99 -5.26 -16.77
C LYS A 137 -8.28 -4.84 -15.33
N TRP A 138 -8.28 -3.54 -15.09
CA TRP A 138 -8.55 -3.02 -13.75
C TRP A 138 -10.03 -2.70 -13.56
N LEU A 139 -10.51 -2.88 -12.34
CA LEU A 139 -11.90 -2.63 -12.01
C LEU A 139 -12.02 -1.81 -10.74
N LYS A 140 -13.13 -1.10 -10.58
CA LYS A 140 -13.36 -0.27 -9.41
C LYS A 140 -14.64 -0.69 -8.69
N ASP A 141 -14.48 -1.25 -7.50
CA ASP A 141 -15.62 -1.70 -6.70
C ASP A 141 -16.48 -2.69 -7.49
N GLY A 142 -15.83 -3.42 -8.39
CA GLY A 142 -16.54 -4.40 -9.19
C GLY A 142 -17.02 -3.84 -10.52
N SER A 143 -16.45 -2.71 -10.93
CA SER A 143 -16.83 -2.07 -12.18
C SER A 143 -15.63 -1.96 -13.11
N ILE A 144 -15.89 -2.07 -14.42
CA ILE A 144 -14.82 -1.98 -15.41
C ILE A 144 -14.41 -0.54 -15.64
N ILE A 145 -13.12 -0.26 -15.49
CA ILE A 145 -12.58 1.07 -15.69
C ILE A 145 -11.27 0.99 -16.43
N SER A 146 -11.30 1.35 -17.70
CA SER A 146 -10.11 1.32 -18.55
C SER A 146 -9.46 2.71 -18.66
N PRO A 147 -8.20 2.75 -19.13
CA PRO A 147 -7.45 3.99 -19.29
C PRO A 147 -7.70 4.68 -20.62
N LEU A 148 -7.17 5.89 -20.77
CA LEU A 148 -7.32 6.65 -21.99
C LEU A 148 -5.97 6.95 -22.62
N ASN A 149 -5.68 6.25 -23.71
CA ASN A 149 -4.42 6.43 -24.42
C ASN A 149 -3.24 5.95 -23.58
N ALA A 150 -3.48 4.95 -22.73
CA ALA A 150 -2.43 4.42 -21.87
C ALA A 150 -2.63 2.91 -21.66
N THR A 151 -1.55 2.16 -21.81
CA THR A 151 -1.61 0.71 -21.64
C THR A 151 -0.21 0.11 -21.42
N LYS A 152 0.56 0.74 -20.54
CA LYS A 152 1.89 0.26 -20.23
C LYS A 152 1.87 -0.52 -18.93
N ASN A 153 0.90 -1.42 -18.84
CA ASN A 153 0.70 -2.26 -17.67
C ASN A 153 0.51 -1.40 -16.42
N THR A 154 0.17 -0.12 -16.62
CA THR A 154 -0.03 0.81 -15.51
C THR A 154 -1.47 1.30 -15.44
N TRP A 155 -1.74 2.11 -14.42
CA TRP A 155 -3.05 2.69 -14.21
C TRP A 155 -2.92 4.18 -13.88
N ASN A 156 -3.71 5.00 -14.56
CA ASN A 156 -3.66 6.43 -14.34
C ASN A 156 -4.47 6.81 -13.09
N LEU A 157 -3.76 6.99 -11.98
CA LEU A 157 -4.39 7.36 -10.72
C LEU A 157 -4.50 8.87 -10.60
N GLY A 158 -3.57 9.58 -11.23
CA GLY A 158 -3.56 11.03 -11.18
C GLY A 158 -2.29 11.58 -10.58
N ASN A 159 -2.40 12.75 -9.95
CA ASN A 159 -1.27 13.40 -9.32
C ASN A 159 -1.26 13.13 -7.82
N ASN A 160 -0.27 12.36 -7.37
CA ASN A 160 -0.14 12.01 -5.96
C ASN A 160 -0.41 13.21 -5.05
N ALA A 161 -0.09 14.41 -5.54
CA ALA A 161 -0.31 15.63 -4.77
C ALA A 161 -1.79 15.80 -4.43
N LYS A 162 -2.65 15.39 -5.34
CA LYS A 162 -4.09 15.51 -5.14
C LYS A 162 -4.85 14.56 -6.08
N ASP A 163 -4.56 13.27 -5.97
CA ASP A 163 -5.20 12.27 -6.80
C ASP A 163 -6.19 11.44 -5.99
N PRO A 164 -7.22 10.88 -6.66
CA PRO A 164 -8.24 10.06 -5.99
C PRO A 164 -7.67 8.73 -5.49
N ARG A 165 -8.03 8.36 -4.27
CA ARG A 165 -7.56 7.11 -3.68
C ARG A 165 -8.70 6.11 -3.53
N GLY A 166 -8.36 4.87 -3.21
CA GLY A 166 -9.38 3.84 -3.05
C GLY A 166 -8.85 2.45 -3.33
N THR A 167 -9.77 1.53 -3.64
CA THR A 167 -9.40 0.14 -3.92
C THR A 167 -9.52 -0.15 -5.41
N TYR A 168 -8.55 -0.89 -5.95
CA TYR A 168 -8.55 -1.25 -7.36
C TYR A 168 -8.17 -2.70 -7.57
N GLN A 169 -9.06 -3.46 -8.19
CA GLN A 169 -8.80 -4.87 -8.46
C GLN A 169 -8.39 -5.06 -9.92
N CYS A 170 -7.41 -5.93 -10.16
CA CYS A 170 -6.93 -6.16 -11.52
C CYS A 170 -6.95 -7.64 -11.86
N GLN A 171 -7.19 -7.94 -13.13
CA GLN A 171 -7.22 -9.31 -13.61
C GLN A 171 -6.17 -9.53 -14.70
N GLY A 172 -5.21 -10.40 -14.42
CA GLY A 172 -4.16 -10.68 -15.37
C GLY A 172 -4.45 -11.94 -16.17
N ALA A 173 -3.78 -12.06 -17.32
CA ALA A 173 -3.95 -13.21 -18.21
C ALA A 173 -4.29 -14.49 -17.45
N LYS A 174 -3.41 -14.87 -16.54
CA LYS A 174 -3.61 -16.07 -15.73
C LYS A 174 -3.45 -15.76 -14.24
N GLU A 175 -3.40 -14.47 -13.91
CA GLU A 175 -3.26 -14.06 -12.51
C GLU A 175 -4.01 -12.76 -12.23
N THR A 176 -4.99 -12.84 -11.34
CA THR A 176 -5.80 -11.68 -10.97
C THR A 176 -5.51 -11.23 -9.54
N SER A 177 -4.99 -10.02 -9.39
CA SER A 177 -4.68 -9.48 -8.07
C SER A 177 -5.94 -8.94 -7.40
N ASN A 178 -5.92 -8.88 -6.07
CA ASN A 178 -7.06 -8.41 -5.31
C ASN A 178 -7.08 -6.88 -5.23
N PRO A 179 -8.24 -6.29 -4.89
CA PRO A 179 -8.39 -4.84 -4.79
C PRO A 179 -7.26 -4.17 -4.03
N LEU A 180 -6.43 -3.43 -4.76
CA LEU A 180 -5.29 -2.73 -4.17
C LEU A 180 -5.72 -1.44 -3.49
N GLN A 181 -5.40 -1.31 -2.21
CA GLN A 181 -5.74 -0.11 -1.46
C GLN A 181 -4.66 0.95 -1.64
N VAL A 182 -4.85 1.81 -2.64
CA VAL A 182 -3.88 2.87 -2.92
C VAL A 182 -4.27 4.16 -2.19
N TYR A 183 -3.63 4.40 -1.06
CA TYR A 183 -3.89 5.59 -0.26
C TYR A 183 -2.90 6.70 -0.57
N TYR A 184 -3.35 7.68 -1.35
CA TYR A 184 -2.50 8.80 -1.73
C TYR A 184 -3.08 10.12 -1.22
N ARG A 185 -3.67 10.07 -0.03
CA ARG A 185 -4.27 11.25 0.57
C ARG A 185 -3.26 12.00 1.44
N MET A 186 -3.72 13.02 2.13
CA MET A 186 -2.85 13.81 3.01
C MET A 186 -3.50 14.03 4.37
N ASP A 1 -29.93 1.13 4.92
CA ASP A 1 -29.44 -0.23 4.54
C ASP A 1 -28.20 -0.60 5.34
N ASP A 2 -28.21 -1.81 5.90
CA ASP A 2 -27.09 -2.30 6.69
C ASP A 2 -25.82 -2.36 5.86
N ALA A 3 -25.02 -1.30 5.93
CA ALA A 3 -23.77 -1.23 5.19
C ALA A 3 -22.74 -2.21 5.74
N GLU A 4 -22.15 -3.01 4.86
CA GLU A 4 -21.15 -3.99 5.27
C GLU A 4 -20.00 -4.05 4.27
N ASN A 5 -18.91 -4.71 4.67
CA ASN A 5 -17.74 -4.84 3.82
C ASN A 5 -17.12 -3.47 3.53
N ILE A 6 -16.37 -2.96 4.50
CA ILE A 6 -15.72 -1.66 4.36
C ILE A 6 -14.25 -1.82 4.02
N GLU A 7 -13.59 -0.70 3.72
CA GLU A 7 -12.18 -0.71 3.39
C GLU A 7 -11.35 -0.10 4.51
N TYR A 8 -10.03 -0.24 4.43
CA TYR A 8 -9.13 0.31 5.44
C TYR A 8 -9.40 1.79 5.66
N LYS A 9 -9.43 2.20 6.92
CA LYS A 9 -9.68 3.60 7.25
C LYS A 9 -8.43 4.26 7.82
N VAL A 10 -7.94 5.29 7.12
CA VAL A 10 -6.75 6.00 7.56
C VAL A 10 -7.09 7.43 7.96
N SER A 11 -6.41 7.93 8.99
CA SER A 11 -6.63 9.29 9.48
C SER A 11 -5.38 9.84 10.14
N ILE A 12 -4.82 10.90 9.56
CA ILE A 12 -3.62 11.52 10.10
C ILE A 12 -3.94 12.50 11.23
N SER A 13 -3.36 12.24 12.39
CA SER A 13 -3.57 13.08 13.55
C SER A 13 -2.24 13.60 14.10
N GLY A 14 -1.99 14.89 13.92
CA GLY A 14 -0.76 15.49 14.42
C GLY A 14 0.48 14.66 14.11
N THR A 15 0.78 14.50 12.83
CA THR A 15 1.94 13.75 12.39
C THR A 15 1.82 12.26 12.71
N SER A 16 0.68 11.85 13.23
CA SER A 16 0.45 10.45 13.56
C SER A 16 -0.69 9.87 12.73
N VAL A 17 -0.37 8.85 11.95
CA VAL A 17 -1.37 8.21 11.09
C VAL A 17 -2.10 7.11 11.83
N GLU A 18 -3.38 6.93 11.52
CA GLU A 18 -4.19 5.91 12.19
C GLU A 18 -4.98 5.08 11.19
N LEU A 19 -4.54 3.86 10.97
CA LEU A 19 -5.21 2.95 10.04
C LEU A 19 -6.16 2.04 10.79
N THR A 20 -7.26 1.68 10.15
CA THR A 20 -8.26 0.80 10.75
C THR A 20 -8.43 -0.46 9.92
N CYS A 21 -7.97 -1.58 10.47
CA CYS A 21 -8.07 -2.86 9.77
C CYS A 21 -9.47 -3.44 9.89
N PRO A 22 -9.87 -4.30 8.95
CA PRO A 22 -11.18 -4.93 8.94
C PRO A 22 -11.28 -6.14 9.88
N LEU A 23 -10.32 -6.25 10.79
CA LEU A 23 -10.31 -7.37 11.75
C LEU A 23 -10.24 -6.84 13.17
N ASP A 24 -11.20 -7.23 14.00
CA ASP A 24 -11.24 -6.80 15.39
C ASP A 24 -9.89 -6.99 16.06
N SER A 25 -9.76 -6.49 17.28
CA SER A 25 -8.52 -6.62 18.03
C SER A 25 -8.59 -7.79 19.00
N ASP A 26 -8.10 -8.93 18.55
CA ASP A 26 -8.10 -10.13 19.38
C ASP A 26 -6.79 -10.26 20.14
N GLU A 27 -6.76 -11.16 21.12
CA GLU A 27 -5.56 -11.36 21.93
C GLU A 27 -4.52 -12.16 21.16
N ASN A 28 -4.52 -12.00 19.85
CA ASN A 28 -3.59 -12.70 18.97
C ASN A 28 -3.54 -12.02 17.60
N LEU A 29 -3.94 -10.75 17.54
CA LEU A 29 -3.93 -10.02 16.28
C LEU A 29 -2.55 -9.43 16.02
N LYS A 30 -2.09 -9.52 14.77
CA LYS A 30 -0.79 -9.01 14.41
C LYS A 30 -0.84 -8.24 13.09
N TRP A 31 0.22 -7.48 12.81
CA TRP A 31 0.31 -6.70 11.58
C TRP A 31 1.57 -7.06 10.80
N GLU A 32 1.65 -6.59 9.56
CA GLU A 32 2.80 -6.86 8.71
C GLU A 32 2.93 -5.80 7.62
N LYS A 33 4.11 -5.19 7.54
CA LYS A 33 4.36 -4.15 6.54
C LYS A 33 5.47 -4.57 5.59
N ASN A 34 5.42 -4.04 4.37
CA ASN A 34 6.42 -4.34 3.34
C ASN A 34 6.72 -5.85 3.27
N GLY A 35 7.69 -6.30 4.06
CA GLY A 35 8.04 -7.71 4.07
C GLY A 35 8.41 -8.20 5.45
N GLN A 36 7.93 -7.51 6.48
CA GLN A 36 8.21 -7.89 7.86
C GLN A 36 6.94 -7.91 8.68
N GLU A 37 6.93 -8.74 9.72
CA GLU A 37 5.77 -8.86 10.60
C GLU A 37 5.97 -8.05 11.88
N LEU A 38 4.92 -7.32 12.27
CA LEU A 38 4.99 -6.51 13.48
C LEU A 38 4.24 -7.18 14.63
N PRO A 39 4.97 -7.80 15.58
CA PRO A 39 4.36 -8.47 16.73
C PRO A 39 3.90 -7.50 17.80
N GLN A 40 3.17 -8.02 18.79
CA GLN A 40 2.67 -7.20 19.88
C GLN A 40 1.67 -6.16 19.37
N LYS A 41 1.05 -6.45 18.23
CA LYS A 41 0.08 -5.54 17.64
C LYS A 41 -1.32 -6.13 17.72
N HIS A 42 -1.83 -6.26 18.93
CA HIS A 42 -3.17 -6.81 19.15
C HIS A 42 -4.23 -5.71 19.09
N ASP A 43 -4.10 -4.81 18.12
CA ASP A 43 -5.06 -3.72 17.96
C ASP A 43 -5.66 -3.72 16.56
N LYS A 44 -6.93 -3.33 16.47
CA LYS A 44 -7.63 -3.28 15.19
C LYS A 44 -7.16 -2.08 14.36
N HIS A 45 -6.89 -0.98 15.03
CA HIS A 45 -6.43 0.23 14.37
C HIS A 45 -4.93 0.46 14.62
N LEU A 46 -4.13 0.28 13.59
CA LEU A 46 -2.69 0.49 13.71
C LEU A 46 -2.35 1.96 13.51
N VAL A 47 -1.56 2.51 14.41
CA VAL A 47 -1.17 3.91 14.33
C VAL A 47 0.27 4.06 13.86
N LEU A 48 0.51 5.12 13.12
CA LEU A 48 1.84 5.42 12.62
C LEU A 48 2.25 6.82 13.06
N GLN A 49 2.93 6.89 14.19
CA GLN A 49 3.37 8.17 14.73
C GLN A 49 4.60 8.66 13.99
N ASP A 50 4.48 9.80 13.32
CA ASP A 50 5.56 10.36 12.53
C ASP A 50 5.77 9.53 11.28
N PHE A 51 4.80 9.63 10.37
CA PHE A 51 4.83 8.89 9.11
C PHE A 51 5.93 9.40 8.18
N SER A 52 6.69 8.47 7.63
CA SER A 52 7.77 8.80 6.71
C SER A 52 7.71 7.90 5.48
N GLU A 53 7.07 8.40 4.43
CA GLU A 53 6.93 7.63 3.19
C GLU A 53 8.30 7.24 2.65
N VAL A 54 9.22 8.19 2.63
CA VAL A 54 10.57 7.95 2.15
C VAL A 54 11.23 6.80 2.91
N GLU A 55 10.87 6.64 4.17
CA GLU A 55 11.42 5.58 5.00
C GLU A 55 10.52 4.36 5.02
N ASP A 56 9.25 4.54 4.69
CA ASP A 56 8.30 3.43 4.68
C ASP A 56 7.84 3.11 3.26
N SER A 57 6.77 3.77 2.80
CA SER A 57 6.24 3.54 1.46
C SER A 57 6.10 2.05 1.17
N GLY A 58 4.97 1.47 1.55
CA GLY A 58 4.76 0.05 1.32
C GLY A 58 3.33 -0.37 1.58
N TYR A 59 3.14 -1.65 1.87
CA TYR A 59 1.80 -2.19 2.14
C TYR A 59 1.69 -2.65 3.60
N TYR A 60 0.46 -2.92 4.03
CA TYR A 60 0.21 -3.38 5.39
C TYR A 60 -0.91 -4.40 5.42
N VAL A 61 -0.89 -5.27 6.43
CA VAL A 61 -1.89 -6.30 6.56
C VAL A 61 -2.12 -6.70 8.02
N CYS A 62 -3.22 -7.43 8.26
CA CYS A 62 -3.56 -7.89 9.61
C CYS A 62 -4.16 -9.28 9.55
N TYR A 63 -3.82 -10.12 10.53
CA TYR A 63 -4.33 -11.48 10.56
C TYR A 63 -4.50 -11.98 11.99
N THR A 64 -5.52 -12.82 12.19
CA THR A 64 -5.80 -13.38 13.51
C THR A 64 -5.93 -14.90 13.42
N PRO A 65 -5.54 -15.63 14.48
CA PRO A 65 -5.61 -17.09 14.51
C PRO A 65 -7.02 -17.60 14.20
N ALA A 66 -8.01 -16.96 14.82
CA ALA A 66 -9.40 -17.35 14.61
C ALA A 66 -9.91 -16.88 13.26
N SER A 67 -9.27 -15.86 12.70
CA SER A 67 -9.67 -15.32 11.40
C SER A 67 -8.49 -15.29 10.44
N ASN A 68 -8.43 -16.27 9.55
CA ASN A 68 -7.35 -16.36 8.57
C ASN A 68 -7.66 -15.49 7.35
N LYS A 69 -7.88 -14.21 7.58
CA LYS A 69 -8.19 -13.28 6.50
C LYS A 69 -6.98 -12.41 6.19
N ASN A 70 -6.70 -12.24 4.89
CA ASN A 70 -5.56 -11.43 4.46
C ASN A 70 -6.01 -10.31 3.53
N THR A 71 -5.57 -9.09 3.83
CA THR A 71 -5.91 -7.93 3.02
C THR A 71 -4.67 -7.08 2.74
N TYR A 72 -4.28 -7.01 1.47
CA TYR A 72 -3.11 -6.23 1.08
C TYR A 72 -3.49 -4.79 0.80
N LEU A 73 -3.07 -3.88 1.68
CA LEU A 73 -3.35 -2.47 1.52
C LEU A 73 -2.07 -1.70 1.21
N TYR A 74 -2.15 -0.77 0.27
CA TYR A 74 -1.01 0.04 -0.12
C TYR A 74 -1.06 1.39 0.59
N LEU A 75 -0.26 1.53 1.64
CA LEU A 75 -0.23 2.76 2.42
C LEU A 75 0.96 3.63 2.02
N LYS A 76 0.68 4.80 1.48
CA LYS A 76 1.73 5.73 1.08
C LYS A 76 1.24 7.17 1.21
N ALA A 77 1.72 7.86 2.24
CA ALA A 77 1.35 9.25 2.48
C ALA A 77 2.39 9.96 3.32
N ARG A 78 2.17 11.25 3.55
CA ARG A 78 3.09 12.04 4.35
C ARG A 78 2.34 12.89 5.36
N VAL A 79 3.02 13.25 6.43
CA VAL A 79 2.45 14.08 7.47
C VAL A 79 3.36 15.28 7.70
N GLY A 80 2.92 16.16 8.58
CA GLY A 80 3.70 17.34 8.89
C GLY A 80 5.08 17.00 9.40
N SER A 81 5.71 17.95 10.06
CA SER A 81 7.05 17.76 10.60
C SER A 81 7.07 18.11 12.08
N ALA A 82 6.25 17.41 12.86
CA ALA A 82 6.17 17.64 14.29
C ALA A 82 6.87 16.52 15.05
N ASP A 83 8.02 16.13 14.53
CA ASP A 83 8.82 15.09 15.15
C ASP A 83 10.29 15.42 14.99
N ASP A 84 10.58 16.70 15.13
CA ASP A 84 11.94 17.22 15.02
C ASP A 84 12.45 17.13 13.58
N ALA A 85 11.52 17.22 12.63
CA ALA A 85 11.86 17.15 11.21
C ALA A 85 12.54 15.84 10.87
N LYS A 86 12.49 15.47 9.59
CA LYS A 86 13.11 14.23 9.13
C LYS A 86 13.84 14.44 7.81
N LYS A 87 15.08 14.89 7.90
CA LYS A 87 15.89 15.14 6.71
C LYS A 87 17.17 14.30 6.73
N ASP A 88 17.27 13.35 5.81
CA ASP A 88 18.44 12.50 5.73
C ASP A 88 18.72 12.09 4.28
N ALA A 89 18.41 13.00 3.35
CA ALA A 89 18.62 12.74 1.94
C ALA A 89 18.70 14.05 1.16
N ALA A 90 18.95 13.94 -0.14
CA ALA A 90 19.04 15.10 -1.01
C ALA A 90 17.87 15.17 -1.99
N LYS A 91 16.71 15.60 -1.49
CA LYS A 91 15.52 15.71 -2.32
C LYS A 91 15.69 16.81 -3.36
N LYS A 92 15.62 16.43 -4.63
CA LYS A 92 15.76 17.38 -5.73
C LYS A 92 15.32 16.77 -7.05
N ASP A 93 16.08 15.78 -7.51
CA ASP A 93 15.77 15.10 -8.76
C ASP A 93 16.57 13.80 -8.89
N ASP A 94 15.92 12.76 -9.37
CA ASP A 94 16.57 11.46 -9.55
C ASP A 94 16.32 10.91 -10.95
N ALA A 95 17.37 10.91 -11.77
CA ALA A 95 17.28 10.41 -13.13
C ALA A 95 17.84 9.00 -13.25
N LYS A 96 17.77 8.25 -12.15
CA LYS A 96 18.27 6.88 -12.12
C LYS A 96 19.75 6.84 -12.49
N LYS A 97 20.60 6.63 -11.48
CA LYS A 97 22.04 6.56 -11.69
C LYS A 97 22.66 5.44 -10.85
N ASP A 98 22.77 5.70 -9.55
CA ASP A 98 23.34 4.71 -8.63
C ASP A 98 22.42 4.48 -7.44
N ASP A 99 22.31 3.22 -7.03
CA ASP A 99 21.45 2.86 -5.90
C ASP A 99 22.14 1.80 -5.03
N ALA A 100 22.38 0.64 -5.60
CA ALA A 100 23.02 -0.46 -4.89
C ALA A 100 22.18 -0.89 -3.68
N LYS A 101 22.71 -1.85 -2.92
CA LYS A 101 22.01 -2.36 -1.75
C LYS A 101 22.75 -1.98 -0.47
N LYS A 102 23.26 -0.76 -0.42
CA LYS A 102 23.99 -0.28 0.75
C LYS A 102 23.06 -0.02 1.92
N ASP A 103 21.85 0.44 1.61
CA ASP A 103 20.85 0.74 2.63
C ASP A 103 19.69 -0.25 2.57
N GLY A 104 20.01 -1.47 2.15
CA GLY A 104 19.00 -2.50 2.04
C GLY A 104 17.87 -2.11 1.11
N SER A 105 18.18 -1.27 0.13
CA SER A 105 17.18 -0.82 -0.84
C SER A 105 16.88 -1.90 -1.86
N GLN A 106 15.73 -1.78 -2.52
CA GLN A 106 15.32 -2.74 -3.52
C GLN A 106 16.19 -2.61 -4.78
N THR A 107 16.95 -3.66 -5.08
CA THR A 107 17.81 -3.66 -6.24
C THR A 107 18.16 -5.09 -6.65
N ASN A 108 17.13 -5.86 -6.97
CA ASN A 108 17.30 -7.24 -7.38
C ASN A 108 16.29 -7.62 -8.46
N LYS A 109 16.79 -8.11 -9.58
CA LYS A 109 15.93 -8.51 -10.70
C LYS A 109 15.00 -9.65 -10.28
N ALA A 110 14.16 -10.07 -11.21
CA ALA A 110 13.21 -11.15 -10.95
C ALA A 110 12.24 -10.77 -9.83
N LYS A 111 11.07 -10.29 -10.20
CA LYS A 111 10.05 -9.89 -9.23
C LYS A 111 8.65 -10.04 -9.80
N ASN A 112 7.92 -11.04 -9.30
CA ASN A 112 6.56 -11.30 -9.76
C ASN A 112 5.53 -10.87 -8.71
N LEU A 113 4.99 -9.67 -8.88
CA LEU A 113 4.00 -9.15 -7.95
C LEU A 113 3.46 -7.81 -8.43
N VAL A 114 2.64 -7.16 -7.62
CA VAL A 114 2.05 -5.88 -7.97
C VAL A 114 2.99 -4.74 -7.60
N GLN A 115 3.04 -3.72 -8.46
CA GLN A 115 3.87 -2.57 -8.23
C GLN A 115 3.16 -1.29 -8.63
N VAL A 116 3.59 -0.17 -8.08
CA VAL A 116 2.98 1.12 -8.39
C VAL A 116 4.05 2.20 -8.55
N ASP A 117 3.75 3.20 -9.38
CA ASP A 117 4.68 4.30 -9.61
C ASP A 117 4.28 5.54 -8.83
N GLY A 118 5.26 6.36 -8.49
CA GLY A 118 4.98 7.57 -7.74
C GLY A 118 5.81 8.76 -8.20
N SER A 119 7.08 8.50 -8.47
CA SER A 119 7.99 9.54 -8.92
C SER A 119 8.39 9.33 -10.38
N ARG A 120 7.63 9.94 -11.29
CA ARG A 120 7.90 9.82 -12.71
C ARG A 120 8.53 11.10 -13.27
N GLY A 121 9.01 11.93 -12.37
CA GLY A 121 9.62 13.19 -12.77
C GLY A 121 8.69 14.36 -12.56
N ASP A 122 7.43 14.18 -12.96
CA ASP A 122 6.43 15.23 -12.79
C ASP A 122 5.65 15.04 -11.51
N GLY A 123 5.63 13.80 -11.01
CA GLY A 123 4.92 13.50 -9.78
C GLY A 123 3.59 12.81 -10.03
N SER A 124 3.58 11.86 -10.96
CA SER A 124 2.36 11.13 -11.29
C SER A 124 2.43 9.70 -10.75
N VAL A 125 1.30 9.22 -10.24
CA VAL A 125 1.22 7.87 -9.70
C VAL A 125 0.51 6.93 -10.67
N LEU A 126 1.15 5.82 -10.97
CA LEU A 126 0.58 4.83 -11.89
C LEU A 126 0.82 3.41 -11.37
N LEU A 127 -0.26 2.68 -11.14
CA LEU A 127 -0.14 1.31 -10.64
C LEU A 127 0.10 0.33 -11.76
N THR A 128 1.01 -0.61 -11.52
CA THR A 128 1.29 -1.63 -12.50
C THR A 128 0.65 -2.94 -12.10
N CYS A 129 -0.22 -3.43 -12.97
CA CYS A 129 -0.94 -4.67 -12.73
C CYS A 129 0.02 -5.77 -12.25
N GLY A 130 -0.54 -6.85 -11.70
CA GLY A 130 0.28 -7.93 -11.20
C GLY A 130 0.55 -8.99 -12.26
N LEU A 131 0.84 -8.56 -13.48
CA LEU A 131 1.12 -9.47 -14.57
C LEU A 131 1.45 -8.70 -15.84
N THR A 132 2.47 -9.16 -16.55
CA THR A 132 2.89 -8.50 -17.79
C THR A 132 2.15 -9.07 -19.00
N ASP A 133 1.02 -9.70 -18.75
CA ASP A 133 0.21 -10.28 -19.81
C ASP A 133 -0.15 -9.24 -20.86
N LYS A 134 -0.30 -9.69 -22.08
CA LYS A 134 -0.68 -8.81 -23.17
C LYS A 134 -2.09 -8.29 -22.95
N THR A 135 -2.76 -8.84 -21.94
CA THR A 135 -4.12 -8.43 -21.62
C THR A 135 -4.28 -8.14 -20.13
N ILE A 136 -4.80 -6.95 -19.81
CA ILE A 136 -5.02 -6.55 -18.43
C ILE A 136 -6.29 -5.71 -18.31
N LYS A 137 -7.09 -5.99 -17.29
CA LYS A 137 -8.33 -5.28 -17.06
C LYS A 137 -8.42 -4.80 -15.61
N TRP A 138 -8.49 -3.49 -15.44
CA TRP A 138 -8.57 -2.90 -14.10
C TRP A 138 -9.96 -2.34 -13.84
N LEU A 139 -10.44 -2.53 -12.61
CA LEU A 139 -11.75 -2.05 -12.20
C LEU A 139 -11.64 -1.17 -10.96
N LYS A 140 -12.56 -0.23 -10.83
CA LYS A 140 -12.58 0.68 -9.68
C LYS A 140 -13.94 0.66 -8.98
N ASP A 141 -13.94 0.27 -7.71
CA ASP A 141 -15.18 0.20 -6.93
C ASP A 141 -16.20 -0.71 -7.59
N GLY A 142 -15.71 -1.74 -8.29
CA GLY A 142 -16.59 -2.67 -8.96
C GLY A 142 -17.02 -2.19 -10.32
N SER A 143 -16.28 -1.23 -10.88
CA SER A 143 -16.60 -0.70 -12.20
C SER A 143 -15.40 -0.82 -13.14
N ILE A 144 -15.66 -0.76 -14.44
CA ILE A 144 -14.60 -0.88 -15.44
C ILE A 144 -14.03 0.49 -15.77
N ILE A 145 -12.70 0.62 -15.67
CA ILE A 145 -12.03 1.87 -15.97
C ILE A 145 -10.73 1.59 -16.73
N SER A 146 -10.76 1.86 -18.02
CA SER A 146 -9.60 1.63 -18.88
C SER A 146 -9.28 2.87 -19.73
N PRO A 147 -8.00 3.11 -20.00
CA PRO A 147 -7.54 4.25 -20.81
C PRO A 147 -7.51 3.92 -22.30
N LEU A 148 -7.49 4.96 -23.13
CA LEU A 148 -7.44 4.78 -24.58
C LEU A 148 -6.16 5.34 -25.15
N ASN A 149 -5.12 5.38 -24.33
CA ASN A 149 -3.83 5.88 -24.75
C ASN A 149 -2.73 5.36 -23.83
N ALA A 150 -2.97 4.19 -23.24
CA ALA A 150 -2.01 3.59 -22.33
C ALA A 150 -2.27 2.09 -22.16
N THR A 151 -1.20 1.32 -22.00
CA THR A 151 -1.32 -0.12 -21.83
C THR A 151 0.03 -0.77 -21.55
N LYS A 152 0.82 -0.13 -20.69
CA LYS A 152 2.13 -0.66 -20.33
C LYS A 152 2.08 -1.32 -18.96
N ASN A 153 1.08 -2.19 -18.81
CA ASN A 153 0.85 -2.91 -17.57
C ASN A 153 0.73 -1.93 -16.40
N THR A 154 0.36 -0.69 -16.72
CA THR A 154 0.19 0.34 -15.70
C THR A 154 -1.18 1.01 -15.79
N TRP A 155 -1.55 1.69 -14.71
CA TRP A 155 -2.82 2.39 -14.64
C TRP A 155 -2.62 3.78 -14.07
N ASN A 156 -3.22 4.78 -14.70
CA ASN A 156 -3.11 6.16 -14.25
C ASN A 156 -3.98 6.41 -13.03
N LEU A 157 -3.46 7.19 -12.09
CA LEU A 157 -4.19 7.51 -10.87
C LEU A 157 -4.37 9.02 -10.74
N GLY A 158 -3.31 9.77 -11.06
CA GLY A 158 -3.37 11.22 -10.97
C GLY A 158 -2.08 11.81 -10.43
N ASN A 159 -2.21 12.93 -9.74
CA ASN A 159 -1.05 13.61 -9.15
C ASN A 159 -0.95 13.31 -7.67
N ASN A 160 0.10 12.59 -7.30
CA ASN A 160 0.33 12.20 -5.91
C ASN A 160 -0.03 13.32 -4.93
N ALA A 161 0.16 14.56 -5.37
CA ALA A 161 -0.16 15.72 -4.52
C ALA A 161 -1.61 15.65 -4.03
N LYS A 162 -2.49 15.17 -4.88
CA LYS A 162 -3.90 15.04 -4.53
C LYS A 162 -4.61 14.07 -5.47
N ASP A 163 -3.97 12.93 -5.73
CA ASP A 163 -4.54 11.92 -6.62
C ASP A 163 -5.61 11.11 -5.90
N PRO A 164 -6.73 10.80 -6.59
CA PRO A 164 -7.82 10.02 -6.00
C PRO A 164 -7.36 8.66 -5.51
N ARG A 165 -7.65 8.36 -4.24
CA ARG A 165 -7.26 7.08 -3.65
C ARG A 165 -8.42 6.10 -3.68
N GLY A 166 -8.13 4.83 -3.41
CA GLY A 166 -9.17 3.82 -3.40
C GLY A 166 -8.63 2.43 -3.70
N THR A 167 -9.54 1.50 -3.99
CA THR A 167 -9.17 0.13 -4.29
C THR A 167 -9.29 -0.16 -5.78
N TYR A 168 -8.35 -0.92 -6.32
CA TYR A 168 -8.36 -1.28 -7.74
C TYR A 168 -8.02 -2.75 -7.93
N GLN A 169 -8.90 -3.47 -8.60
CA GLN A 169 -8.69 -4.90 -8.86
C GLN A 169 -8.24 -5.12 -10.31
N CYS A 170 -7.34 -6.07 -10.50
CA CYS A 170 -6.83 -6.37 -11.83
C CYS A 170 -7.35 -7.72 -12.32
N GLN A 171 -7.60 -7.83 -13.63
CA GLN A 171 -8.10 -9.06 -14.21
C GLN A 171 -7.39 -9.36 -15.53
N GLY A 172 -6.54 -10.38 -15.52
CA GLY A 172 -5.82 -10.75 -16.72
C GLY A 172 -6.25 -12.09 -17.27
N ALA A 173 -5.89 -12.34 -18.53
CA ALA A 173 -6.23 -13.61 -19.21
C ALA A 173 -6.42 -14.76 -18.23
N LYS A 174 -5.37 -15.05 -17.47
CA LYS A 174 -5.40 -16.13 -16.50
C LYS A 174 -4.83 -15.67 -15.17
N GLU A 175 -4.63 -14.36 -15.02
CA GLU A 175 -4.07 -13.81 -13.80
C GLU A 175 -4.93 -12.66 -13.27
N THR A 176 -5.61 -12.90 -12.15
CA THR A 176 -6.47 -11.88 -11.56
C THR A 176 -5.89 -11.38 -10.24
N SER A 177 -5.61 -10.08 -10.17
CA SER A 177 -5.05 -9.48 -8.97
C SER A 177 -6.15 -9.01 -8.03
N ASN A 178 -5.84 -8.91 -6.74
CA ASN A 178 -6.81 -8.47 -5.75
C ASN A 178 -6.88 -6.95 -5.69
N PRO A 179 -7.99 -6.40 -5.18
CA PRO A 179 -8.19 -4.94 -5.07
C PRO A 179 -7.04 -4.25 -4.34
N LEU A 180 -6.25 -3.49 -5.10
CA LEU A 180 -5.11 -2.77 -4.53
C LEU A 180 -5.57 -1.47 -3.88
N GLN A 181 -5.36 -1.38 -2.57
CA GLN A 181 -5.74 -0.18 -1.83
C GLN A 181 -4.63 0.85 -1.90
N VAL A 182 -4.68 1.72 -2.90
CA VAL A 182 -3.68 2.76 -3.08
C VAL A 182 -4.09 4.04 -2.36
N TYR A 183 -3.52 4.25 -1.18
CA TYR A 183 -3.82 5.43 -0.39
C TYR A 183 -2.73 6.49 -0.54
N TYR A 184 -2.99 7.46 -1.41
CA TYR A 184 -2.04 8.53 -1.66
C TYR A 184 -2.60 9.87 -1.20
N ARG A 185 -1.95 10.46 -0.20
CA ARG A 185 -2.38 11.74 0.34
C ARG A 185 -1.18 12.62 0.70
N MET A 186 -1.16 13.84 0.18
CA MET A 186 -0.08 14.77 0.45
C MET A 186 -0.35 16.12 -0.21
N ASP A 1 -23.12 -5.06 12.50
CA ASP A 1 -23.79 -6.18 13.22
C ASP A 1 -24.24 -7.26 12.24
N ASP A 2 -23.40 -7.55 11.25
CA ASP A 2 -23.71 -8.56 10.25
C ASP A 2 -22.51 -8.85 9.36
N ALA A 3 -21.58 -9.65 9.87
CA ALA A 3 -20.38 -10.01 9.13
C ALA A 3 -19.52 -8.79 8.85
N GLU A 4 -18.23 -8.90 9.12
CA GLU A 4 -17.31 -7.80 8.90
C GLU A 4 -16.93 -7.69 7.42
N ASN A 5 -16.89 -6.46 6.92
CA ASN A 5 -16.55 -6.21 5.53
C ASN A 5 -16.38 -4.72 5.26
N ILE A 6 -15.52 -4.08 6.06
CA ILE A 6 -15.27 -2.65 5.92
C ILE A 6 -13.90 -2.39 5.30
N GLU A 7 -13.59 -1.13 5.03
CA GLU A 7 -12.32 -0.75 4.44
C GLU A 7 -11.39 -0.16 5.48
N TYR A 8 -10.10 -0.08 5.13
CA TYR A 8 -9.09 0.48 6.04
C TYR A 8 -9.26 1.99 6.17
N LYS A 9 -9.11 2.49 7.39
CA LYS A 9 -9.25 3.92 7.65
C LYS A 9 -7.95 4.50 8.19
N VAL A 10 -7.41 5.50 7.50
CA VAL A 10 -6.17 6.13 7.92
C VAL A 10 -6.40 7.59 8.30
N SER A 11 -5.74 8.03 9.37
CA SER A 11 -5.87 9.40 9.84
C SER A 11 -4.62 9.84 10.59
N ILE A 12 -3.96 10.88 10.08
CA ILE A 12 -2.74 11.38 10.69
C ILE A 12 -3.07 12.38 11.81
N SER A 13 -2.57 12.08 13.00
CA SER A 13 -2.78 12.92 14.17
C SER A 13 -1.44 13.33 14.78
N GLY A 14 -1.09 14.60 14.62
CA GLY A 14 0.17 15.08 15.18
C GLY A 14 1.37 14.30 14.67
N THR A 15 1.55 14.30 13.35
CA THR A 15 2.66 13.61 12.73
C THR A 15 2.60 12.10 12.96
N SER A 16 1.49 11.63 13.48
CA SER A 16 1.30 10.21 13.74
C SER A 16 0.13 9.66 12.92
N VAL A 17 0.38 8.59 12.19
CA VAL A 17 -0.66 7.98 11.37
C VAL A 17 -1.45 6.94 12.16
N GLU A 18 -2.73 6.80 11.83
CA GLU A 18 -3.58 5.85 12.52
C GLU A 18 -4.45 5.08 11.53
N LEU A 19 -4.07 3.83 11.26
CA LEU A 19 -4.81 2.99 10.34
C LEU A 19 -5.86 2.17 11.10
N THR A 20 -6.97 1.87 10.44
CA THR A 20 -8.03 1.10 11.06
C THR A 20 -8.26 -0.22 10.31
N CYS A 21 -8.06 -1.33 11.01
CA CYS A 21 -8.22 -2.65 10.40
C CYS A 21 -9.70 -3.06 10.40
N PRO A 22 -10.17 -3.65 9.28
CA PRO A 22 -11.56 -4.10 9.16
C PRO A 22 -11.90 -5.28 10.06
N LEU A 23 -10.94 -5.72 10.87
CA LEU A 23 -11.16 -6.84 11.77
C LEU A 23 -10.91 -6.40 13.21
N ASP A 24 -11.87 -6.68 14.08
CA ASP A 24 -11.76 -6.31 15.48
C ASP A 24 -10.41 -6.70 16.05
N SER A 25 -10.13 -6.22 17.26
CA SER A 25 -8.86 -6.50 17.92
C SER A 25 -9.00 -7.67 18.87
N ASP A 26 -8.68 -8.87 18.37
CA ASP A 26 -8.77 -10.07 19.18
C ASP A 26 -7.47 -10.30 19.94
N GLU A 27 -7.50 -11.20 20.91
CA GLU A 27 -6.32 -11.51 21.71
C GLU A 27 -5.35 -12.40 20.93
N ASN A 28 -5.34 -12.23 19.61
CA ASN A 28 -4.48 -12.99 18.74
C ASN A 28 -4.37 -12.33 17.36
N LEU A 29 -4.70 -11.03 17.30
CA LEU A 29 -4.64 -10.29 16.05
C LEU A 29 -3.21 -9.83 15.78
N LYS A 30 -2.79 -9.88 14.52
CA LYS A 30 -1.44 -9.48 14.17
C LYS A 30 -1.41 -8.72 12.83
N TRP A 31 -0.31 -8.01 12.60
CA TRP A 31 -0.15 -7.23 11.38
C TRP A 31 1.07 -7.73 10.59
N GLU A 32 1.20 -7.26 9.35
CA GLU A 32 2.32 -7.64 8.50
C GLU A 32 2.56 -6.61 7.40
N LYS A 33 3.79 -6.14 7.31
CA LYS A 33 4.16 -5.14 6.30
C LYS A 33 4.81 -5.81 5.10
N ASN A 34 4.67 -5.19 3.92
CA ASN A 34 5.25 -5.72 2.70
C ASN A 34 6.71 -6.14 2.91
N GLY A 35 7.38 -5.46 3.83
CA GLY A 35 8.77 -5.77 4.12
C GLY A 35 8.91 -6.88 5.14
N GLN A 36 8.53 -6.60 6.38
CA GLN A 36 8.63 -7.58 7.46
C GLN A 36 7.33 -7.62 8.26
N GLU A 37 7.05 -8.78 8.86
CA GLU A 37 5.85 -8.96 9.66
C GLU A 37 5.98 -8.26 11.01
N LEU A 38 4.88 -7.70 11.48
CA LEU A 38 4.87 -6.99 12.76
C LEU A 38 4.07 -7.77 13.81
N PRO A 39 4.76 -8.44 14.75
CA PRO A 39 4.09 -9.23 15.80
C PRO A 39 3.63 -8.36 16.96
N GLN A 40 2.96 -8.99 17.93
CA GLN A 40 2.46 -8.29 19.10
C GLN A 40 1.52 -7.16 18.71
N LYS A 41 0.85 -7.32 17.57
CA LYS A 41 -0.09 -6.32 17.08
C LYS A 41 -1.52 -6.79 17.24
N HIS A 42 -1.97 -6.92 18.49
CA HIS A 42 -3.32 -7.37 18.79
C HIS A 42 -4.29 -6.18 18.85
N ASP A 43 -4.14 -5.25 17.91
CA ASP A 43 -5.01 -4.08 17.87
C ASP A 43 -5.64 -3.93 16.49
N LYS A 44 -6.85 -3.38 16.46
CA LYS A 44 -7.56 -3.18 15.20
C LYS A 44 -7.03 -1.96 14.47
N HIS A 45 -6.65 -0.93 15.22
CA HIS A 45 -6.12 0.29 14.63
C HIS A 45 -4.62 0.41 14.88
N LEU A 46 -3.84 0.30 13.80
CA LEU A 46 -2.40 0.41 13.91
C LEU A 46 -1.97 1.86 13.72
N VAL A 47 -1.10 2.33 14.62
CA VAL A 47 -0.63 3.70 14.55
C VAL A 47 0.82 3.78 14.07
N LEU A 48 1.10 4.77 13.26
CA LEU A 48 2.45 4.99 12.75
C LEU A 48 2.91 6.37 13.15
N GLN A 49 3.63 6.44 14.26
CA GLN A 49 4.14 7.71 14.75
C GLN A 49 5.40 8.11 13.99
N ASP A 50 5.37 9.29 13.38
CA ASP A 50 6.48 9.80 12.58
C ASP A 50 6.56 9.05 11.26
N PHE A 51 5.62 9.37 10.37
CA PHE A 51 5.53 8.74 9.07
C PHE A 51 6.42 9.46 8.05
N SER A 52 7.19 8.68 7.30
CA SER A 52 8.08 9.23 6.29
C SER A 52 7.94 8.48 4.96
N GLU A 53 7.22 9.06 4.02
CA GLU A 53 7.02 8.44 2.72
C GLU A 53 8.34 8.30 1.99
N VAL A 54 9.14 9.37 2.00
CA VAL A 54 10.44 9.38 1.35
C VAL A 54 11.23 8.11 1.65
N GLU A 55 11.04 7.56 2.84
CA GLU A 55 11.75 6.36 3.25
C GLU A 55 11.55 5.25 2.21
N ASP A 56 10.29 4.90 1.95
CA ASP A 56 9.96 3.86 0.98
C ASP A 56 8.51 3.45 1.09
N SER A 57 7.95 3.52 2.30
CA SER A 57 6.56 3.15 2.52
C SER A 57 6.33 1.68 2.18
N GLY A 58 5.07 1.30 2.04
CA GLY A 58 4.75 -0.09 1.71
C GLY A 58 3.30 -0.44 1.98
N TYR A 59 2.99 -1.73 1.95
CA TYR A 59 1.64 -2.20 2.18
C TYR A 59 1.49 -2.77 3.60
N TYR A 60 0.26 -2.88 4.06
CA TYR A 60 -0.01 -3.41 5.40
C TYR A 60 -1.20 -4.36 5.38
N VAL A 61 -1.21 -5.29 6.33
CA VAL A 61 -2.28 -6.27 6.40
C VAL A 61 -2.50 -6.76 7.84
N CYS A 62 -3.72 -7.20 8.13
CA CYS A 62 -4.07 -7.68 9.46
C CYS A 62 -5.01 -8.88 9.37
N TYR A 63 -4.76 -9.89 10.19
CA TYR A 63 -5.58 -11.09 10.19
C TYR A 63 -5.70 -11.68 11.59
N THR A 64 -6.70 -12.54 11.79
CA THR A 64 -6.92 -13.17 13.09
C THR A 64 -7.05 -14.69 12.93
N PRO A 65 -6.74 -15.44 13.99
CA PRO A 65 -6.82 -16.91 13.96
C PRO A 65 -8.18 -17.41 13.48
N ALA A 66 -9.23 -16.95 14.13
CA ALA A 66 -10.60 -17.34 13.78
C ALA A 66 -11.02 -16.73 12.44
N SER A 67 -10.33 -15.66 12.04
CA SER A 67 -10.64 -14.98 10.79
C SER A 67 -9.42 -14.95 9.87
N ASN A 68 -9.35 -15.94 8.97
CA ASN A 68 -8.24 -16.03 8.03
C ASN A 68 -8.48 -15.16 6.81
N LYS A 69 -8.71 -13.86 7.04
CA LYS A 69 -8.95 -12.92 5.96
C LYS A 69 -7.70 -12.09 5.67
N ASN A 70 -7.30 -12.05 4.40
CA ASN A 70 -6.12 -11.29 4.01
C ASN A 70 -6.49 -10.13 3.09
N THR A 71 -6.03 -8.94 3.45
CA THR A 71 -6.31 -7.74 2.66
C THR A 71 -5.05 -6.91 2.49
N TYR A 72 -4.61 -6.75 1.25
CA TYR A 72 -3.41 -5.97 0.95
C TYR A 72 -3.75 -4.49 0.77
N LEU A 73 -3.32 -3.67 1.71
CA LEU A 73 -3.56 -2.24 1.67
C LEU A 73 -2.28 -1.49 1.34
N TYR A 74 -2.39 -0.48 0.47
CA TYR A 74 -1.24 0.32 0.08
C TYR A 74 -1.20 1.61 0.89
N LEU A 75 -0.16 1.76 1.71
CA LEU A 75 -0.02 2.94 2.54
C LEU A 75 1.14 3.83 2.07
N LYS A 76 0.82 5.08 1.76
CA LYS A 76 1.83 6.04 1.32
C LYS A 76 1.38 7.46 1.65
N ALA A 77 2.04 8.05 2.65
CA ALA A 77 1.71 9.41 3.07
C ALA A 77 2.89 10.06 3.79
N ARG A 78 2.84 11.39 3.91
CA ARG A 78 3.90 12.14 4.56
C ARG A 78 3.33 12.98 5.70
N VAL A 79 4.15 13.19 6.73
CA VAL A 79 3.74 13.99 7.88
C VAL A 79 4.84 14.95 8.30
N GLY A 80 4.44 16.05 8.91
CA GLY A 80 5.39 17.03 9.38
C GLY A 80 6.56 17.22 8.45
N SER A 81 7.72 17.41 9.05
CA SER A 81 8.94 17.60 8.30
C SER A 81 9.58 16.26 7.94
N ALA A 82 8.85 15.47 7.16
CA ALA A 82 9.33 14.16 6.74
C ALA A 82 9.78 14.19 5.30
N ASP A 83 10.49 15.25 4.96
CA ASP A 83 11.03 15.45 3.62
C ASP A 83 12.40 16.08 3.71
N ASP A 84 13.14 15.62 4.71
CA ASP A 84 14.49 16.12 4.96
C ASP A 84 14.47 17.60 5.32
N ALA A 85 14.40 18.45 4.29
CA ALA A 85 14.37 19.90 4.49
C ALA A 85 14.43 20.64 3.16
N LYS A 86 14.61 21.96 3.23
CA LYS A 86 14.70 22.78 2.03
C LYS A 86 15.93 22.43 1.21
N LYS A 87 17.06 22.27 1.90
CA LYS A 87 18.32 21.92 1.24
C LYS A 87 19.43 21.72 2.27
N ASP A 88 19.29 20.68 3.09
CA ASP A 88 20.28 20.38 4.11
C ASP A 88 21.59 19.89 3.46
N ALA A 89 21.59 18.64 3.02
CA ALA A 89 22.77 18.05 2.40
C ALA A 89 22.51 16.62 1.96
N ALA A 90 22.57 15.70 2.93
CA ALA A 90 22.34 14.29 2.65
C ALA A 90 22.42 13.46 3.92
N LYS A 91 21.91 14.01 5.02
CA LYS A 91 21.92 13.32 6.30
C LYS A 91 20.58 12.65 6.58
N LYS A 92 20.60 11.65 7.45
CA LYS A 92 19.38 10.92 7.81
C LYS A 92 18.78 10.24 6.58
N ASP A 93 19.60 9.45 5.89
CA ASP A 93 19.15 8.74 4.70
C ASP A 93 20.24 7.80 4.19
N ASP A 94 19.86 6.91 3.28
CA ASP A 94 20.81 5.96 2.71
C ASP A 94 20.24 5.32 1.43
N ALA A 95 20.69 5.82 0.28
CA ALA A 95 20.23 5.31 -1.00
C ALA A 95 21.24 4.32 -1.58
N LYS A 96 21.92 3.59 -0.71
CA LYS A 96 22.91 2.61 -1.15
C LYS A 96 22.76 1.31 -0.39
N LYS A 97 23.25 0.22 -0.97
CA LYS A 97 23.18 -1.09 -0.35
C LYS A 97 21.73 -1.51 -0.13
N ASP A 98 20.84 -1.06 -1.01
CA ASP A 98 19.42 -1.39 -0.91
C ASP A 98 19.14 -2.74 -1.54
N ASP A 99 19.29 -3.80 -0.75
CA ASP A 99 19.04 -5.15 -1.24
C ASP A 99 18.73 -6.10 -0.08
N ALA A 100 17.46 -6.50 0.02
CA ALA A 100 17.03 -7.40 1.07
C ALA A 100 16.81 -8.81 0.54
N LYS A 101 17.79 -9.68 0.76
CA LYS A 101 17.71 -11.06 0.28
C LYS A 101 18.93 -11.87 0.73
N LYS A 102 20.09 -11.23 0.71
CA LYS A 102 21.33 -11.88 1.11
C LYS A 102 21.30 -12.28 2.58
N ASP A 103 20.35 -11.74 3.33
CA ASP A 103 20.22 -12.06 4.75
C ASP A 103 19.23 -13.19 4.98
N GLY A 104 19.14 -14.08 4.02
CA GLY A 104 18.23 -15.21 4.12
C GLY A 104 16.78 -14.79 4.20
N SER A 105 16.47 -13.63 3.62
CA SER A 105 15.10 -13.12 3.64
C SER A 105 14.21 -13.95 2.72
N GLN A 106 13.01 -14.28 3.21
CA GLN A 106 12.07 -15.06 2.45
C GLN A 106 11.56 -14.27 1.24
N THR A 107 11.92 -14.73 0.05
CA THR A 107 11.50 -14.08 -1.18
C THR A 107 12.04 -14.81 -2.40
N ASN A 108 11.63 -16.05 -2.54
CA ASN A 108 12.07 -16.89 -3.66
C ASN A 108 11.07 -16.82 -4.82
N LYS A 109 9.79 -16.94 -4.49
CA LYS A 109 8.74 -16.89 -5.50
C LYS A 109 7.85 -15.67 -5.31
N ALA A 110 7.22 -15.59 -4.13
CA ALA A 110 6.34 -14.46 -3.81
C ALA A 110 5.08 -14.48 -4.68
N LYS A 111 5.26 -14.19 -5.97
CA LYS A 111 4.14 -14.18 -6.89
C LYS A 111 3.11 -13.12 -6.49
N ASN A 112 2.39 -12.60 -7.48
CA ASN A 112 1.37 -11.58 -7.24
C ASN A 112 1.99 -10.33 -6.63
N LEU A 113 2.88 -9.69 -7.38
CA LEU A 113 3.54 -8.48 -6.91
C LEU A 113 2.98 -7.24 -7.61
N VAL A 114 2.40 -6.34 -6.83
CA VAL A 114 1.82 -5.12 -7.38
C VAL A 114 2.69 -3.91 -7.04
N GLN A 115 2.81 -3.00 -7.99
CA GLN A 115 3.60 -1.80 -7.79
C GLN A 115 2.90 -0.59 -8.41
N VAL A 116 3.23 0.60 -7.90
CA VAL A 116 2.63 1.84 -8.40
C VAL A 116 3.68 2.94 -8.51
N ASP A 117 3.60 3.73 -9.58
CA ASP A 117 4.56 4.81 -9.79
C ASP A 117 4.13 6.07 -9.04
N GLY A 118 5.09 6.92 -8.71
CA GLY A 118 4.79 8.14 -7.99
C GLY A 118 5.76 9.26 -8.29
N SER A 119 6.56 9.09 -9.33
CA SER A 119 7.55 10.10 -9.71
C SER A 119 7.89 9.99 -11.20
N ARG A 120 7.06 10.61 -12.03
CA ARG A 120 7.28 10.58 -13.48
C ARG A 120 7.76 11.93 -13.99
N GLY A 121 8.23 12.76 -13.07
CA GLY A 121 8.71 14.07 -13.42
C GLY A 121 7.73 15.16 -13.04
N ASP A 122 6.45 14.92 -13.33
CA ASP A 122 5.40 15.88 -13.00
C ASP A 122 4.68 15.46 -11.73
N GLY A 123 4.78 14.18 -11.40
CA GLY A 123 4.14 13.66 -10.21
C GLY A 123 2.91 12.83 -10.52
N SER A 124 2.97 12.11 -11.64
CA SER A 124 1.86 11.25 -12.05
C SER A 124 1.99 9.85 -11.48
N VAL A 125 0.91 9.32 -10.94
CA VAL A 125 0.91 7.99 -10.36
C VAL A 125 0.50 6.94 -11.40
N LEU A 126 1.26 5.85 -11.46
CA LEU A 126 0.98 4.78 -12.40
C LEU A 126 0.93 3.43 -11.70
N LEU A 127 -0.28 2.93 -11.48
CA LEU A 127 -0.49 1.64 -10.82
C LEU A 127 -0.24 0.49 -11.79
N THR A 128 0.73 -0.36 -11.48
CA THR A 128 1.06 -1.49 -12.33
C THR A 128 0.50 -2.80 -11.78
N CYS A 129 0.02 -3.65 -12.69
CA CYS A 129 -0.54 -4.95 -12.31
C CYS A 129 -0.32 -5.97 -13.42
N GLY A 130 -1.12 -7.04 -13.40
CA GLY A 130 -1.01 -8.07 -14.42
C GLY A 130 -0.09 -9.20 -14.02
N LEU A 131 0.99 -8.87 -13.32
CA LEU A 131 1.95 -9.86 -12.86
C LEU A 131 2.68 -10.50 -14.02
N THR A 132 3.58 -9.74 -14.64
CA THR A 132 4.36 -10.22 -15.78
C THR A 132 3.46 -10.67 -16.91
N ASP A 133 2.22 -10.18 -16.93
CA ASP A 133 1.28 -10.53 -17.97
C ASP A 133 1.26 -9.50 -19.08
N LYS A 134 1.07 -9.99 -20.30
CA LYS A 134 0.97 -9.12 -21.46
C LYS A 134 -0.45 -8.59 -21.59
N THR A 135 -1.32 -9.05 -20.69
CA THR A 135 -2.72 -8.62 -20.69
C THR A 135 -3.17 -8.27 -19.27
N ILE A 136 -3.82 -7.13 -19.13
CA ILE A 136 -4.28 -6.68 -17.83
C ILE A 136 -5.58 -5.88 -17.94
N LYS A 137 -6.49 -6.12 -16.99
CA LYS A 137 -7.78 -5.42 -16.97
C LYS A 137 -8.10 -4.94 -15.56
N TRP A 138 -8.13 -3.62 -15.38
CA TRP A 138 -8.41 -3.04 -14.08
C TRP A 138 -9.89 -2.67 -13.95
N LEU A 139 -10.41 -2.76 -12.73
CA LEU A 139 -11.81 -2.42 -12.47
C LEU A 139 -11.94 -1.61 -11.19
N LYS A 140 -13.03 -0.85 -11.09
CA LYS A 140 -13.28 -0.02 -9.91
C LYS A 140 -14.61 -0.38 -9.26
N ASP A 141 -14.54 -0.90 -8.04
CA ASP A 141 -15.74 -1.28 -7.30
C ASP A 141 -16.59 -2.25 -8.11
N GLY A 142 -15.93 -3.04 -8.95
CA GLY A 142 -16.64 -4.00 -9.78
C GLY A 142 -17.07 -3.43 -11.11
N SER A 143 -16.44 -2.32 -11.51
CA SER A 143 -16.75 -1.67 -12.77
C SER A 143 -15.51 -1.58 -13.66
N ILE A 144 -15.69 -1.89 -14.93
CA ILE A 144 -14.58 -1.83 -15.88
C ILE A 144 -14.12 -0.40 -16.11
N ILE A 145 -12.83 -0.15 -15.87
CA ILE A 145 -12.26 1.16 -16.04
C ILE A 145 -10.88 1.03 -16.70
N SER A 146 -10.82 1.38 -17.96
CA SER A 146 -9.58 1.30 -18.72
C SER A 146 -9.13 2.67 -19.21
N PRO A 147 -7.83 2.81 -19.54
CA PRO A 147 -7.26 4.06 -20.03
C PRO A 147 -7.54 4.31 -21.50
N LEU A 148 -7.19 5.49 -21.97
CA LEU A 148 -7.39 5.85 -23.36
C LEU A 148 -6.06 6.12 -24.06
N ASN A 149 -5.67 5.20 -24.91
CA ASN A 149 -4.43 5.30 -25.66
C ASN A 149 -3.21 5.06 -24.76
N ALA A 150 -3.40 4.22 -23.75
CA ALA A 150 -2.33 3.89 -22.81
C ALA A 150 -2.44 2.45 -22.34
N THR A 151 -1.31 1.79 -22.18
CA THR A 151 -1.31 0.40 -21.73
C THR A 151 0.12 -0.10 -21.46
N LYS A 152 0.81 0.58 -20.56
CA LYS A 152 2.17 0.19 -20.20
C LYS A 152 2.14 -0.61 -18.90
N ASN A 153 1.20 -1.52 -18.83
CA ASN A 153 1.01 -2.37 -17.66
C ASN A 153 0.78 -1.51 -16.42
N THR A 154 0.43 -0.24 -16.64
CA THR A 154 0.17 0.68 -15.54
C THR A 154 -1.25 1.19 -15.55
N TRP A 155 -1.58 1.98 -14.54
CA TRP A 155 -2.91 2.56 -14.41
C TRP A 155 -2.82 4.04 -14.05
N ASN A 156 -3.60 4.87 -14.74
CA ASN A 156 -3.59 6.30 -14.48
C ASN A 156 -4.39 6.62 -13.22
N LEU A 157 -3.70 7.16 -12.22
CA LEU A 157 -4.34 7.52 -10.96
C LEU A 157 -4.44 9.04 -10.81
N GLY A 158 -3.50 9.74 -11.44
CA GLY A 158 -3.50 11.19 -11.37
C GLY A 158 -2.34 11.74 -10.57
N ASN A 159 -2.21 13.06 -10.53
CA ASN A 159 -1.14 13.71 -9.79
C ASN A 159 -1.19 13.33 -8.33
N ASN A 160 -0.22 12.53 -7.90
CA ASN A 160 -0.12 12.06 -6.51
C ASN A 160 -0.51 13.16 -5.52
N ALA A 161 -0.20 14.40 -5.88
CA ALA A 161 -0.51 15.55 -5.02
C ALA A 161 -2.00 15.62 -4.72
N LYS A 162 -2.82 15.25 -5.70
CA LYS A 162 -4.27 15.29 -5.54
C LYS A 162 -4.94 14.07 -6.18
N ASP A 163 -4.20 12.97 -6.29
CA ASP A 163 -4.74 11.76 -6.88
C ASP A 163 -5.62 11.02 -5.88
N PRO A 164 -6.94 10.91 -6.16
CA PRO A 164 -7.88 10.23 -5.26
C PRO A 164 -7.42 8.82 -4.90
N ARG A 165 -7.85 8.35 -3.75
CA ARG A 165 -7.49 7.00 -3.29
C ARG A 165 -8.71 6.09 -3.29
N GLY A 166 -8.47 4.78 -3.24
CA GLY A 166 -9.56 3.82 -3.24
C GLY A 166 -9.10 2.40 -3.49
N THR A 167 -10.00 1.56 -3.99
CA THR A 167 -9.68 0.17 -4.28
C THR A 167 -9.73 -0.11 -5.77
N TYR A 168 -8.71 -0.82 -6.27
CA TYR A 168 -8.63 -1.17 -7.69
C TYR A 168 -8.20 -2.62 -7.87
N GLN A 169 -9.04 -3.40 -8.55
CA GLN A 169 -8.74 -4.80 -8.81
C GLN A 169 -8.26 -5.00 -10.24
N CYS A 170 -7.27 -5.87 -10.41
CA CYS A 170 -6.73 -6.16 -11.74
C CYS A 170 -7.01 -7.60 -12.14
N GLN A 171 -6.91 -7.87 -13.44
CA GLN A 171 -7.15 -9.21 -13.96
C GLN A 171 -6.10 -9.59 -15.01
N GLY A 172 -5.21 -10.50 -14.64
CA GLY A 172 -4.17 -10.93 -15.55
C GLY A 172 -4.50 -12.25 -16.23
N ALA A 173 -3.87 -12.49 -17.38
CA ALA A 173 -4.09 -13.73 -18.14
C ALA A 173 -4.40 -14.91 -17.24
N LYS A 174 -3.46 -15.23 -16.36
CA LYS A 174 -3.63 -16.33 -15.42
C LYS A 174 -3.38 -15.85 -13.99
N GLU A 175 -3.34 -14.54 -13.80
CA GLU A 175 -3.11 -13.96 -12.48
C GLU A 175 -3.99 -12.75 -12.25
N THR A 176 -4.96 -12.88 -11.34
CA THR A 176 -5.86 -11.78 -11.03
C THR A 176 -5.57 -11.23 -9.64
N SER A 177 -5.37 -9.92 -9.57
CA SER A 177 -5.07 -9.25 -8.30
C SER A 177 -6.35 -8.76 -7.63
N ASN A 178 -6.34 -8.70 -6.30
CA ASN A 178 -7.49 -8.24 -5.54
C ASN A 178 -7.51 -6.72 -5.46
N PRO A 179 -8.64 -6.14 -5.00
CA PRO A 179 -8.79 -4.69 -4.89
C PRO A 179 -7.62 -4.04 -4.14
N LEU A 180 -6.79 -3.32 -4.88
CA LEU A 180 -5.64 -2.64 -4.30
C LEU A 180 -6.04 -1.33 -3.65
N GLN A 181 -5.78 -1.21 -2.35
CA GLN A 181 -6.11 0.00 -1.61
C GLN A 181 -4.98 1.02 -1.75
N VAL A 182 -5.11 1.89 -2.75
CA VAL A 182 -4.10 2.92 -3.00
C VAL A 182 -4.42 4.18 -2.21
N TYR A 183 -3.67 4.41 -1.14
CA TYR A 183 -3.86 5.58 -0.29
C TYR A 183 -2.64 6.49 -0.34
N TYR A 184 -2.75 7.59 -1.08
CA TYR A 184 -1.66 8.54 -1.21
C TYR A 184 -1.86 9.73 -0.27
N ARG A 185 -2.76 10.62 -0.62
CA ARG A 185 -3.03 11.80 0.19
C ARG A 185 -1.76 12.59 0.47
N MET A 186 -0.95 12.78 -0.56
CA MET A 186 0.31 13.50 -0.44
C MET A 186 1.27 12.77 0.50
N ASP A 1 -24.62 -3.36 13.04
CA ASP A 1 -24.26 -1.93 13.23
C ASP A 1 -24.21 -1.19 11.91
N ASP A 2 -23.23 -1.52 11.07
CA ASP A 2 -23.09 -0.88 9.77
C ASP A 2 -22.68 -1.89 8.71
N ALA A 3 -23.31 -3.07 8.75
CA ALA A 3 -23.03 -4.12 7.79
C ALA A 3 -21.57 -4.58 7.89
N GLU A 4 -21.31 -5.81 7.47
CA GLU A 4 -19.95 -6.36 7.51
C GLU A 4 -19.22 -6.10 6.20
N ASN A 5 -17.94 -6.45 6.17
CA ASN A 5 -17.12 -6.26 4.98
C ASN A 5 -16.94 -4.78 4.68
N ILE A 6 -16.07 -4.13 5.44
CA ILE A 6 -15.80 -2.71 5.26
C ILE A 6 -14.39 -2.49 4.72
N GLU A 7 -14.06 -1.24 4.42
CA GLU A 7 -12.74 -0.90 3.89
C GLU A 7 -11.86 -0.29 4.97
N TYR A 8 -10.55 -0.41 4.79
CA TYR A 8 -9.58 0.13 5.74
C TYR A 8 -9.73 1.65 5.86
N LYS A 9 -9.43 2.18 7.04
CA LYS A 9 -9.52 3.61 7.28
C LYS A 9 -8.18 4.19 7.73
N VAL A 10 -7.61 5.05 6.89
CA VAL A 10 -6.32 5.68 7.19
C VAL A 10 -6.53 7.12 7.67
N SER A 11 -5.85 7.48 8.77
CA SER A 11 -5.97 8.83 9.32
C SER A 11 -4.71 9.21 10.09
N ILE A 12 -4.15 10.37 9.76
CA ILE A 12 -2.95 10.84 10.43
C ILE A 12 -3.26 11.94 11.44
N SER A 13 -2.90 11.69 12.68
CA SER A 13 -3.12 12.64 13.76
C SER A 13 -1.81 12.98 14.47
N GLY A 14 -1.42 14.25 14.40
CA GLY A 14 -0.19 14.67 15.05
C GLY A 14 1.01 13.87 14.63
N THR A 15 1.30 13.89 13.32
CA THR A 15 2.44 13.17 12.78
C THR A 15 2.33 11.67 12.99
N SER A 16 1.17 11.21 13.42
CA SER A 16 0.93 9.79 13.65
C SER A 16 -0.21 9.27 12.78
N VAL A 17 0.08 8.22 12.01
CA VAL A 17 -0.92 7.62 11.13
C VAL A 17 -1.69 6.54 11.87
N GLU A 18 -2.93 6.32 11.48
CA GLU A 18 -3.77 5.32 12.13
C GLU A 18 -4.66 4.60 11.14
N LEU A 19 -4.29 3.36 10.80
CA LEU A 19 -5.08 2.57 9.88
C LEU A 19 -6.10 1.74 10.67
N THR A 20 -7.24 1.46 10.04
CA THR A 20 -8.28 0.68 10.70
C THR A 20 -8.56 -0.60 9.92
N CYS A 21 -8.27 -1.73 10.55
CA CYS A 21 -8.48 -3.04 9.93
C CYS A 21 -9.95 -3.46 10.03
N PRO A 22 -10.48 -4.12 8.99
CA PRO A 22 -11.86 -4.58 8.97
C PRO A 22 -12.10 -5.83 9.82
N LEU A 23 -11.11 -6.20 10.64
CA LEU A 23 -11.24 -7.37 11.49
C LEU A 23 -11.02 -6.99 12.95
N ASP A 24 -12.02 -7.27 13.78
CA ASP A 24 -11.95 -6.95 15.20
C ASP A 24 -10.62 -7.42 15.79
N SER A 25 -10.14 -6.66 16.77
CA SER A 25 -8.88 -6.98 17.43
C SER A 25 -8.98 -8.29 18.20
N ASP A 26 -8.59 -9.38 17.54
CA ASP A 26 -8.63 -10.70 18.16
C ASP A 26 -7.34 -10.99 18.91
N GLU A 27 -7.36 -12.04 19.73
CA GLU A 27 -6.18 -12.42 20.50
C GLU A 27 -5.18 -13.17 19.61
N ASN A 28 -5.20 -12.87 18.33
CA ASN A 28 -4.32 -13.48 17.35
C ASN A 28 -4.21 -12.61 16.10
N LEU A 29 -4.57 -11.33 16.23
CA LEU A 29 -4.50 -10.40 15.10
C LEU A 29 -3.07 -9.93 14.88
N LYS A 30 -2.64 -9.93 13.63
CA LYS A 30 -1.28 -9.50 13.31
C LYS A 30 -1.26 -8.65 12.05
N TRP A 31 -0.16 -7.91 11.86
CA TRP A 31 -0.01 -7.05 10.70
C TRP A 31 1.27 -7.38 9.94
N GLU A 32 1.47 -6.71 8.82
CA GLU A 32 2.67 -6.94 8.00
C GLU A 32 3.14 -5.63 7.38
N LYS A 33 4.46 -5.48 7.26
CA LYS A 33 5.03 -4.28 6.69
C LYS A 33 6.07 -4.61 5.61
N ASN A 34 5.83 -4.11 4.40
CA ASN A 34 6.74 -4.35 3.28
C ASN A 34 6.85 -5.85 2.98
N GLY A 35 7.71 -6.54 3.73
CA GLY A 35 7.88 -7.96 3.52
C GLY A 35 8.09 -8.72 4.82
N GLN A 36 7.67 -8.12 5.93
CA GLN A 36 7.81 -8.75 7.23
C GLN A 36 6.51 -8.64 8.03
N GLU A 37 6.28 -9.60 8.92
CA GLU A 37 5.08 -9.61 9.74
C GLU A 37 5.36 -9.03 11.12
N LEU A 38 4.47 -8.14 11.58
CA LEU A 38 4.63 -7.51 12.88
C LEU A 38 3.78 -8.24 13.93
N PRO A 39 4.42 -9.05 14.79
CA PRO A 39 3.71 -9.80 15.83
C PRO A 39 3.30 -8.92 17.01
N GLN A 40 2.50 -9.49 17.91
CA GLN A 40 2.03 -8.76 19.08
C GLN A 40 1.16 -7.57 18.67
N LYS A 41 0.59 -7.65 17.47
CA LYS A 41 -0.28 -6.59 16.97
C LYS A 41 -1.74 -7.00 17.05
N HIS A 42 -2.23 -7.22 18.27
CA HIS A 42 -3.61 -7.63 18.49
C HIS A 42 -4.53 -6.42 18.53
N ASP A 43 -4.35 -5.49 17.59
CA ASP A 43 -5.18 -4.29 17.52
C ASP A 43 -5.78 -4.13 16.12
N LYS A 44 -7.06 -3.78 16.08
CA LYS A 44 -7.75 -3.60 14.81
C LYS A 44 -7.23 -2.37 14.07
N HIS A 45 -6.94 -1.31 14.83
CA HIS A 45 -6.43 -0.08 14.24
C HIS A 45 -4.94 0.08 14.49
N LEU A 46 -4.15 -0.13 13.44
CA LEU A 46 -2.69 0.00 13.55
C LEU A 46 -2.28 1.46 13.40
N VAL A 47 -1.43 1.91 14.30
CA VAL A 47 -0.95 3.30 14.27
C VAL A 47 0.50 3.39 13.83
N LEU A 48 0.80 4.42 13.06
CA LEU A 48 2.15 4.67 12.60
C LEU A 48 2.61 6.02 13.10
N GLN A 49 3.29 6.01 14.24
CA GLN A 49 3.77 7.25 14.85
C GLN A 49 5.01 7.75 14.12
N ASP A 50 4.95 8.99 13.64
CA ASP A 50 6.06 9.58 12.91
C ASP A 50 6.20 8.91 11.56
N PHE A 51 5.21 9.14 10.71
CA PHE A 51 5.18 8.55 9.37
C PHE A 51 6.42 8.97 8.57
N SER A 52 6.84 8.09 7.66
CA SER A 52 8.01 8.36 6.82
C SER A 52 7.65 8.34 5.35
N GLU A 53 7.48 9.52 4.76
CA GLU A 53 7.13 9.63 3.35
C GLU A 53 8.28 9.13 2.48
N VAL A 54 9.50 9.33 2.96
CA VAL A 54 10.69 8.89 2.23
C VAL A 54 10.59 7.44 1.82
N GLU A 55 10.12 6.60 2.74
CA GLU A 55 9.97 5.17 2.49
C GLU A 55 9.15 4.94 1.22
N ASP A 56 8.17 5.79 0.99
CA ASP A 56 7.30 5.67 -0.18
C ASP A 56 6.79 4.26 -0.36
N SER A 57 6.58 3.56 0.76
CA SER A 57 6.09 2.19 0.73
C SER A 57 5.29 1.86 1.98
N GLY A 58 4.00 2.16 1.95
CA GLY A 58 3.14 1.90 3.09
C GLY A 58 2.46 0.54 3.01
N TYR A 59 3.08 -0.39 2.29
CA TYR A 59 2.53 -1.72 2.11
C TYR A 59 2.25 -2.39 3.46
N TYR A 60 1.01 -2.30 3.91
CA TYR A 60 0.61 -2.88 5.19
C TYR A 60 -0.51 -3.91 4.99
N VAL A 61 -0.61 -4.85 5.92
CA VAL A 61 -1.63 -5.88 5.83
C VAL A 61 -2.16 -6.28 7.22
N CYS A 62 -3.37 -6.83 7.24
CA CYS A 62 -3.99 -7.25 8.49
C CYS A 62 -4.77 -8.55 8.27
N TYR A 63 -4.58 -9.52 9.16
CA TYR A 63 -5.27 -10.79 9.05
C TYR A 63 -5.30 -11.53 10.39
N THR A 64 -6.16 -12.54 10.48
CA THR A 64 -6.29 -13.33 11.69
C THR A 64 -6.18 -14.83 11.37
N PRO A 65 -6.00 -15.67 12.39
CA PRO A 65 -5.88 -17.12 12.21
C PRO A 65 -7.10 -17.71 11.50
N ALA A 66 -8.27 -17.14 11.77
CA ALA A 66 -9.50 -17.61 11.16
C ALA A 66 -9.78 -16.86 9.86
N SER A 67 -9.15 -15.70 9.69
CA SER A 67 -9.34 -14.89 8.50
C SER A 67 -8.05 -14.81 7.68
N ASN A 68 -7.94 -15.64 6.66
CA ASN A 68 -6.76 -15.65 5.80
C ASN A 68 -6.87 -14.62 4.69
N LYS A 69 -8.07 -14.08 4.48
CA LYS A 69 -8.29 -13.09 3.44
C LYS A 69 -7.97 -11.68 3.95
N ASN A 70 -6.98 -11.05 3.35
CA ASN A 70 -6.58 -9.71 3.74
C ASN A 70 -6.33 -8.83 2.53
N THR A 71 -6.41 -7.51 2.72
CA THR A 71 -6.20 -6.57 1.63
C THR A 71 -4.82 -5.90 1.74
N TYR A 72 -4.29 -5.45 0.62
CA TYR A 72 -2.99 -4.80 0.59
C TYR A 72 -3.13 -3.30 0.83
N LEU A 73 -2.67 -2.86 1.99
CA LEU A 73 -2.74 -1.44 2.35
C LEU A 73 -1.52 -0.68 1.84
N TYR A 74 -1.76 0.29 0.97
CA TYR A 74 -0.68 1.11 0.42
C TYR A 74 -0.77 2.52 0.97
N LEU A 75 0.08 2.81 1.94
CA LEU A 75 0.10 4.13 2.58
C LEU A 75 1.20 5.01 2.01
N LYS A 76 0.82 6.24 1.62
CA LYS A 76 1.77 7.20 1.08
C LYS A 76 1.35 8.61 1.47
N ALA A 77 2.09 9.20 2.41
CA ALA A 77 1.79 10.55 2.87
C ALA A 77 3.02 11.19 3.49
N ARG A 78 2.88 12.43 3.93
CA ARG A 78 3.98 13.16 4.56
C ARG A 78 3.53 13.84 5.84
N VAL A 79 4.26 13.57 6.93
CA VAL A 79 3.94 14.18 8.21
C VAL A 79 5.16 14.87 8.79
N GLY A 80 4.90 15.97 9.49
CA GLY A 80 5.98 16.71 10.13
C GLY A 80 7.22 16.79 9.28
N SER A 81 8.36 16.67 9.93
CA SER A 81 9.65 16.70 9.27
C SER A 81 9.99 15.35 8.69
N ALA A 82 9.19 14.89 7.73
CA ALA A 82 9.41 13.60 7.08
C ALA A 82 9.90 13.78 5.67
N ASP A 83 10.83 14.72 5.51
CA ASP A 83 11.42 15.00 4.22
C ASP A 83 12.91 15.27 4.38
N ASP A 84 13.51 14.51 5.28
CA ASP A 84 14.92 14.63 5.57
C ASP A 84 15.29 16.04 6.01
N ALA A 85 15.57 16.20 7.30
CA ALA A 85 15.94 17.50 7.85
C ALA A 85 17.45 17.73 7.77
N LYS A 86 18.19 16.91 8.51
CA LYS A 86 19.65 17.02 8.53
C LYS A 86 20.08 18.41 8.98
N LYS A 87 20.31 18.58 10.27
CA LYS A 87 20.74 19.86 10.82
C LYS A 87 22.19 19.79 11.31
N ASP A 88 22.56 18.64 11.86
CA ASP A 88 23.92 18.44 12.37
C ASP A 88 24.85 17.96 11.25
N ALA A 89 25.04 18.82 10.26
CA ALA A 89 25.91 18.49 9.13
C ALA A 89 27.11 19.43 9.07
N ALA A 90 28.11 19.05 8.28
CA ALA A 90 29.31 19.86 8.13
C ALA A 90 30.17 19.36 6.98
N LYS A 91 29.87 19.85 5.77
CA LYS A 91 30.62 19.45 4.58
C LYS A 91 30.52 17.94 4.36
N LYS A 92 29.41 17.36 4.75
CA LYS A 92 29.18 15.93 4.59
C LYS A 92 30.22 15.13 5.36
N ASP A 93 29.85 14.69 6.56
CA ASP A 93 30.76 13.92 7.41
C ASP A 93 30.03 13.38 8.63
N ASP A 94 30.54 12.30 9.20
CA ASP A 94 29.94 11.68 10.37
C ASP A 94 28.54 11.18 10.07
N ALA A 95 28.37 10.55 8.91
CA ALA A 95 27.07 10.03 8.50
C ALA A 95 26.84 8.62 9.06
N LYS A 96 25.63 8.37 9.53
CA LYS A 96 25.28 7.07 10.10
C LYS A 96 25.02 6.04 9.00
N LYS A 97 25.01 6.49 7.74
CA LYS A 97 24.77 5.60 6.61
C LYS A 97 23.36 5.03 6.65
N ASP A 98 22.70 5.00 5.49
CA ASP A 98 21.34 4.48 5.40
C ASP A 98 21.30 3.01 5.80
N ASP A 99 20.08 2.47 5.89
CA ASP A 99 19.90 1.07 6.25
C ASP A 99 19.99 0.17 5.03
N ALA A 100 20.52 -1.03 5.23
CA ALA A 100 20.68 -1.99 4.14
C ALA A 100 21.21 -3.33 4.65
N LYS A 101 21.68 -4.16 3.74
CA LYS A 101 22.21 -5.48 4.10
C LYS A 101 23.31 -5.35 5.15
N LYS A 102 23.04 -5.85 6.35
CA LYS A 102 24.01 -5.78 7.44
C LYS A 102 25.08 -6.86 7.28
N ASP A 103 24.64 -8.11 7.24
CA ASP A 103 25.56 -9.23 7.09
C ASP A 103 25.57 -9.75 5.66
N GLY A 104 25.34 -8.86 4.73
CA GLY A 104 25.32 -9.22 3.33
C GLY A 104 24.20 -10.19 3.00
N SER A 105 23.07 -10.05 3.68
CA SER A 105 21.92 -10.92 3.45
C SER A 105 20.84 -10.20 2.66
N GLN A 106 20.50 -10.72 1.49
CA GLN A 106 19.49 -10.13 0.64
C GLN A 106 18.12 -10.18 1.33
N THR A 107 17.58 -9.01 1.64
CA THR A 107 16.28 -8.92 2.30
C THR A 107 15.75 -7.49 2.24
N ASN A 108 15.53 -7.02 1.03
CA ASN A 108 15.01 -5.67 0.81
C ASN A 108 13.61 -5.72 0.19
N LYS A 109 12.64 -5.13 0.90
CA LYS A 109 11.27 -5.11 0.43
C LYS A 109 10.67 -6.51 0.41
N ALA A 110 11.13 -7.34 -0.51
CA ALA A 110 10.64 -8.70 -0.63
C ALA A 110 9.16 -8.73 -0.95
N LYS A 111 8.72 -9.79 -1.64
CA LYS A 111 7.32 -9.94 -2.01
C LYS A 111 6.85 -8.75 -2.85
N ASN A 112 7.10 -8.82 -4.16
CA ASN A 112 6.70 -7.75 -5.06
C ASN A 112 5.22 -7.85 -5.40
N LEU A 113 4.87 -8.81 -6.25
CA LEU A 113 3.49 -9.02 -6.66
C LEU A 113 2.92 -7.77 -7.33
N VAL A 114 2.41 -6.84 -6.52
CA VAL A 114 1.85 -5.61 -7.04
C VAL A 114 2.74 -4.41 -6.72
N GLN A 115 2.83 -3.48 -7.66
CA GLN A 115 3.63 -2.29 -7.48
C GLN A 115 2.92 -1.06 -8.04
N VAL A 116 3.32 0.11 -7.56
CA VAL A 116 2.71 1.35 -8.02
C VAL A 116 3.78 2.44 -8.21
N ASP A 117 3.49 3.42 -9.08
CA ASP A 117 4.43 4.49 -9.35
C ASP A 117 3.97 5.79 -8.71
N GLY A 118 4.91 6.62 -8.31
CA GLY A 118 4.60 7.90 -7.69
C GLY A 118 5.54 9.01 -8.10
N SER A 119 6.41 8.72 -9.06
CA SER A 119 7.37 9.71 -9.53
C SER A 119 7.77 9.43 -10.98
N ARG A 120 6.98 9.97 -11.91
CA ARG A 120 7.23 9.78 -13.33
C ARG A 120 8.01 10.95 -13.91
N GLY A 121 8.59 11.74 -13.03
CA GLY A 121 9.35 12.90 -13.46
C GLY A 121 8.61 14.20 -13.19
N ASP A 122 7.32 14.20 -13.49
CA ASP A 122 6.49 15.37 -13.27
C ASP A 122 5.68 15.22 -11.99
N GLY A 123 5.57 13.98 -11.50
CA GLY A 123 4.84 13.72 -10.29
C GLY A 123 3.53 12.98 -10.54
N SER A 124 3.58 11.99 -11.43
CA SER A 124 2.41 11.21 -11.78
C SER A 124 2.41 9.87 -11.05
N VAL A 125 1.22 9.31 -10.82
CA VAL A 125 1.09 8.03 -10.13
C VAL A 125 0.48 6.99 -11.07
N LEU A 126 1.20 5.89 -11.23
CA LEU A 126 0.75 4.81 -12.10
C LEU A 126 0.85 3.46 -11.38
N LEU A 127 -0.29 2.87 -11.08
CA LEU A 127 -0.32 1.57 -10.40
C LEU A 127 -0.05 0.43 -11.37
N THR A 128 0.82 -0.48 -10.98
CA THR A 128 1.14 -1.63 -11.82
C THR A 128 0.56 -2.91 -11.23
N CYS A 129 -0.10 -3.69 -12.08
CA CYS A 129 -0.70 -4.95 -11.65
C CYS A 129 -0.57 -6.01 -12.74
N GLY A 130 -1.38 -7.06 -12.63
CA GLY A 130 -1.34 -8.13 -13.61
C GLY A 130 -0.40 -9.25 -13.22
N LEU A 131 0.70 -8.89 -12.55
CA LEU A 131 1.70 -9.87 -12.11
C LEU A 131 2.46 -10.46 -13.29
N THR A 132 3.24 -9.61 -13.95
CA THR A 132 4.04 -10.03 -15.10
C THR A 132 3.17 -10.65 -16.19
N ASP A 133 1.87 -10.36 -16.15
CA ASP A 133 0.95 -10.90 -17.14
C ASP A 133 0.80 -9.96 -18.33
N LYS A 134 0.61 -10.56 -19.49
CA LYS A 134 0.42 -9.81 -20.72
C LYS A 134 -1.02 -9.31 -20.79
N THR A 135 -1.82 -9.70 -19.79
CA THR A 135 -3.22 -9.30 -19.73
C THR A 135 -3.58 -8.82 -18.33
N ILE A 136 -4.21 -7.66 -18.25
CA ILE A 136 -4.60 -7.08 -16.97
C ILE A 136 -5.89 -6.28 -17.07
N LYS A 137 -6.74 -6.40 -16.06
CA LYS A 137 -8.01 -5.68 -16.04
C LYS A 137 -8.28 -5.12 -14.64
N TRP A 138 -8.16 -3.81 -14.51
CA TRP A 138 -8.40 -3.15 -13.23
C TRP A 138 -9.86 -2.76 -13.07
N LEU A 139 -10.36 -2.85 -11.85
CA LEU A 139 -11.74 -2.51 -11.55
C LEU A 139 -11.82 -1.49 -10.42
N LYS A 140 -12.90 -0.72 -10.39
CA LYS A 140 -13.09 0.29 -9.35
C LYS A 140 -14.40 0.06 -8.60
N ASP A 141 -14.29 -0.15 -7.29
CA ASP A 141 -15.47 -0.38 -6.46
C ASP A 141 -16.35 -1.49 -7.04
N GLY A 142 -15.72 -2.45 -7.71
CA GLY A 142 -16.45 -3.54 -8.31
C GLY A 142 -16.93 -3.24 -9.72
N SER A 143 -16.33 -2.23 -10.34
CA SER A 143 -16.70 -1.84 -11.70
C SER A 143 -15.51 -1.95 -12.64
N ILE A 144 -15.77 -2.11 -13.93
CA ILE A 144 -14.72 -2.23 -14.92
C ILE A 144 -14.28 -0.86 -15.42
N ILE A 145 -12.99 -0.59 -15.30
CA ILE A 145 -12.43 0.67 -15.74
C ILE A 145 -11.09 0.43 -16.43
N SER A 146 -11.11 0.54 -17.74
CA SER A 146 -9.91 0.32 -18.56
C SER A 146 -9.26 1.64 -18.97
N PRO A 147 -8.02 1.58 -19.48
CA PRO A 147 -7.28 2.76 -19.90
C PRO A 147 -7.49 3.10 -21.37
N LEU A 148 -7.00 4.26 -21.78
CA LEU A 148 -7.13 4.70 -23.16
C LEU A 148 -5.77 4.82 -23.83
N ASN A 149 -5.48 3.87 -24.71
CA ASN A 149 -4.22 3.85 -25.44
C ASN A 149 -3.03 3.82 -24.49
N ALA A 150 -3.23 3.21 -23.33
CA ALA A 150 -2.16 3.09 -22.33
C ALA A 150 -2.19 1.74 -21.63
N THR A 151 -1.04 1.09 -21.58
CA THR A 151 -0.94 -0.22 -20.94
C THR A 151 0.24 -0.26 -19.95
N LYS A 152 1.42 -0.58 -20.45
CA LYS A 152 2.63 -0.67 -19.62
C LYS A 152 2.32 -1.24 -18.25
N ASN A 153 1.44 -2.23 -18.25
CA ASN A 153 1.01 -2.91 -17.04
C ASN A 153 0.76 -1.92 -15.91
N THR A 154 0.47 -0.67 -16.26
CA THR A 154 0.22 0.36 -15.27
C THR A 154 -1.19 0.92 -15.36
N TRP A 155 -1.55 1.72 -14.36
CA TRP A 155 -2.85 2.34 -14.29
C TRP A 155 -2.72 3.82 -13.92
N ASN A 156 -3.09 4.69 -14.85
CA ASN A 156 -2.99 6.13 -14.62
C ASN A 156 -3.95 6.57 -13.51
N LEU A 157 -3.42 7.37 -12.57
CA LEU A 157 -4.21 7.86 -11.46
C LEU A 157 -4.33 9.39 -11.52
N GLY A 158 -3.25 10.04 -11.94
CA GLY A 158 -3.25 11.48 -12.04
C GLY A 158 -2.00 12.11 -11.48
N ASN A 159 -2.13 13.32 -10.95
CA ASN A 159 -1.00 14.03 -10.36
C ASN A 159 -1.07 13.97 -8.85
N ASN A 160 -0.10 13.28 -8.24
CA ASN A 160 -0.04 13.14 -6.79
C ASN A 160 -0.34 14.46 -6.08
N ALA A 161 0.02 15.57 -6.72
CA ALA A 161 -0.22 16.88 -6.15
C ALA A 161 -1.70 17.09 -5.83
N LYS A 162 -2.56 16.52 -6.67
CA LYS A 162 -4.00 16.63 -6.48
C LYS A 162 -4.74 15.54 -7.27
N ASP A 163 -4.34 14.30 -7.05
CA ASP A 163 -4.96 13.17 -7.73
C ASP A 163 -5.87 12.39 -6.80
N PRO A 164 -6.87 11.68 -7.36
CA PRO A 164 -7.82 10.89 -6.57
C PRO A 164 -7.16 9.67 -5.95
N ARG A 165 -7.81 9.10 -4.92
CA ARG A 165 -7.29 7.93 -4.24
C ARG A 165 -8.41 6.95 -3.89
N GLY A 166 -8.05 5.79 -3.38
CA GLY A 166 -9.04 4.81 -3.01
C GLY A 166 -8.54 3.38 -3.15
N THR A 167 -9.42 2.47 -3.53
CA THR A 167 -9.06 1.07 -3.69
C THR A 167 -9.23 0.63 -5.14
N TYR A 168 -8.31 -0.21 -5.61
CA TYR A 168 -8.36 -0.71 -6.99
C TYR A 168 -8.05 -2.20 -7.03
N GLN A 169 -8.96 -2.98 -7.60
CA GLN A 169 -8.77 -4.43 -7.72
C GLN A 169 -8.35 -4.79 -9.14
N CYS A 170 -7.36 -5.66 -9.27
CA CYS A 170 -6.88 -6.07 -10.59
C CYS A 170 -7.24 -7.52 -10.88
N GLN A 171 -7.23 -7.86 -12.16
CA GLN A 171 -7.55 -9.22 -12.60
C GLN A 171 -6.54 -9.70 -13.63
N GLY A 172 -5.69 -10.64 -13.23
CA GLY A 172 -4.68 -11.17 -14.12
C GLY A 172 -5.12 -12.47 -14.78
N ALA A 173 -4.49 -12.78 -15.92
CA ALA A 173 -4.80 -13.99 -16.67
C ALA A 173 -5.26 -15.14 -15.77
N LYS A 174 -4.38 -15.52 -14.84
CA LYS A 174 -4.69 -16.59 -13.90
C LYS A 174 -4.44 -16.14 -12.47
N GLU A 175 -4.27 -14.83 -12.28
CA GLU A 175 -4.02 -14.27 -10.96
C GLU A 175 -4.70 -12.93 -10.78
N THR A 176 -5.65 -12.87 -9.85
CA THR A 176 -6.39 -11.64 -9.56
C THR A 176 -5.83 -10.95 -8.32
N SER A 177 -5.44 -9.69 -8.47
CA SER A 177 -4.90 -8.92 -7.36
C SER A 177 -6.01 -8.35 -6.50
N ASN A 178 -5.71 -8.13 -5.22
CA ASN A 178 -6.69 -7.59 -4.28
C ASN A 178 -6.75 -6.06 -4.38
N PRO A 179 -7.88 -5.47 -3.97
CA PRO A 179 -8.09 -4.02 -4.01
C PRO A 179 -6.93 -3.25 -3.37
N LEU A 180 -6.16 -2.57 -4.21
CA LEU A 180 -5.02 -1.79 -3.76
C LEU A 180 -5.46 -0.44 -3.20
N GLN A 181 -5.24 -0.23 -1.91
CA GLN A 181 -5.60 1.03 -1.27
C GLN A 181 -4.49 2.06 -1.46
N VAL A 182 -4.59 2.82 -2.54
CA VAL A 182 -3.60 3.84 -2.84
C VAL A 182 -3.98 5.18 -2.22
N TYR A 183 -3.34 5.52 -1.10
CA TYR A 183 -3.62 6.76 -0.40
C TYR A 183 -2.44 7.73 -0.52
N TYR A 184 -2.65 8.82 -1.24
CA TYR A 184 -1.61 9.82 -1.43
C TYR A 184 -1.99 11.14 -0.76
N ARG A 185 -1.14 12.14 -0.89
CA ARG A 185 -1.38 13.45 -0.29
C ARG A 185 -2.67 14.06 -0.84
N MET A 186 -3.37 14.79 0.02
CA MET A 186 -4.63 15.43 -0.37
C MET A 186 -4.42 16.91 -0.66
N ASP A 1 -17.63 -15.35 6.10
CA ASP A 1 -17.33 -14.67 7.38
C ASP A 1 -18.42 -13.66 7.73
N ASP A 2 -18.24 -12.97 8.86
CA ASP A 2 -19.21 -11.97 9.31
C ASP A 2 -18.50 -10.67 9.66
N ALA A 3 -17.61 -10.23 8.79
CA ALA A 3 -16.86 -9.00 9.00
C ALA A 3 -17.29 -7.91 8.02
N GLU A 4 -17.01 -6.66 8.38
CA GLU A 4 -17.38 -5.53 7.52
C GLU A 4 -16.63 -5.59 6.20
N ASN A 5 -17.18 -4.93 5.19
CA ASN A 5 -16.57 -4.90 3.86
C ASN A 5 -16.14 -3.49 3.49
N ILE A 6 -15.46 -2.82 4.41
CA ILE A 6 -14.99 -1.45 4.18
C ILE A 6 -13.49 -1.44 3.90
N GLU A 7 -12.97 -0.26 3.58
CA GLU A 7 -11.54 -0.10 3.30
C GLU A 7 -10.80 0.41 4.51
N TYR A 8 -9.47 0.36 4.45
CA TYR A 8 -8.65 0.83 5.56
C TYR A 8 -8.81 2.33 5.78
N LYS A 9 -8.66 2.77 7.02
CA LYS A 9 -8.79 4.17 7.36
C LYS A 9 -7.50 4.73 7.94
N VAL A 10 -6.86 5.64 7.21
CA VAL A 10 -5.61 6.24 7.66
C VAL A 10 -5.80 7.72 8.02
N SER A 11 -5.16 8.14 9.09
CA SER A 11 -5.26 9.53 9.54
C SER A 11 -4.02 9.93 10.34
N ILE A 12 -3.36 11.00 9.90
CA ILE A 12 -2.16 11.48 10.57
C ILE A 12 -2.51 12.37 11.76
N SER A 13 -2.03 11.98 12.93
CA SER A 13 -2.27 12.73 14.16
C SER A 13 -0.95 13.11 14.83
N GLY A 14 -0.59 14.39 14.72
CA GLY A 14 0.63 14.87 15.34
C GLY A 14 1.83 13.99 15.05
N THR A 15 2.21 13.89 13.78
CA THR A 15 3.35 13.10 13.36
C THR A 15 3.11 11.60 13.57
N SER A 16 1.91 11.23 13.98
CA SER A 16 1.58 9.83 14.20
C SER A 16 0.45 9.39 13.28
N VAL A 17 0.71 8.35 12.50
CA VAL A 17 -0.30 7.83 11.58
C VAL A 17 -1.17 6.79 12.26
N GLU A 18 -2.43 6.72 11.84
CA GLU A 18 -3.37 5.77 12.43
C GLU A 18 -4.18 5.05 11.36
N LEU A 19 -3.83 3.80 11.10
CA LEU A 19 -4.54 3.01 10.11
C LEU A 19 -5.62 2.17 10.78
N THR A 20 -6.71 1.92 10.05
CA THR A 20 -7.81 1.14 10.58
C THR A 20 -8.03 -0.12 9.76
N CYS A 21 -7.87 -1.28 10.40
CA CYS A 21 -8.04 -2.56 9.73
C CYS A 21 -9.52 -2.90 9.56
N PRO A 22 -9.91 -3.46 8.39
CA PRO A 22 -11.31 -3.84 8.13
C PRO A 22 -11.84 -4.92 9.07
N LEU A 23 -10.97 -5.44 9.93
CA LEU A 23 -11.37 -6.48 10.88
C LEU A 23 -11.09 -6.03 12.30
N ASP A 24 -12.09 -6.15 13.16
CA ASP A 24 -11.96 -5.76 14.55
C ASP A 24 -10.72 -6.38 15.17
N SER A 25 -10.46 -6.02 16.42
CA SER A 25 -9.30 -6.54 17.15
C SER A 25 -9.62 -7.85 17.84
N ASP A 26 -9.33 -8.95 17.16
CA ASP A 26 -9.58 -10.27 17.71
C ASP A 26 -8.47 -10.68 18.67
N GLU A 27 -8.70 -11.73 19.45
CA GLU A 27 -7.71 -12.21 20.40
C GLU A 27 -6.61 -12.99 19.71
N ASN A 28 -6.37 -12.67 18.44
CA ASN A 28 -5.36 -13.32 17.63
C ASN A 28 -5.07 -12.50 16.37
N LEU A 29 -5.43 -11.22 16.40
CA LEU A 29 -5.19 -10.34 15.26
C LEU A 29 -3.71 -10.02 15.13
N LYS A 30 -3.22 -9.98 13.90
CA LYS A 30 -1.81 -9.69 13.65
C LYS A 30 -1.64 -8.89 12.36
N TRP A 31 -0.60 -8.05 12.34
CA TRP A 31 -0.31 -7.22 11.18
C TRP A 31 0.93 -7.74 10.45
N GLU A 32 1.04 -7.42 9.16
CA GLU A 32 2.18 -7.86 8.37
C GLU A 32 2.46 -6.87 7.24
N LYS A 33 3.64 -6.26 7.27
CA LYS A 33 4.05 -5.31 6.25
C LYS A 33 4.94 -5.99 5.21
N ASN A 34 4.85 -5.53 3.97
CA ASN A 34 5.66 -6.10 2.88
C ASN A 34 7.13 -6.16 3.26
N GLY A 35 7.55 -5.25 4.14
CA GLY A 35 8.94 -5.23 4.57
C GLY A 35 9.19 -6.13 5.77
N GLN A 36 8.53 -5.83 6.87
CA GLN A 36 8.67 -6.62 8.09
C GLN A 36 7.32 -6.94 8.69
N GLU A 37 7.24 -8.06 9.41
CA GLU A 37 5.99 -8.48 10.05
C GLU A 37 5.91 -7.96 11.48
N LEU A 38 4.69 -7.62 11.90
CA LEU A 38 4.47 -7.10 13.25
C LEU A 38 3.58 -8.05 14.05
N PRO A 39 4.17 -8.82 14.98
CA PRO A 39 3.43 -9.77 15.81
C PRO A 39 2.87 -9.12 17.08
N GLN A 40 2.10 -9.90 17.83
CA GLN A 40 1.51 -9.42 19.07
C GLN A 40 0.68 -8.16 18.84
N LYS A 41 0.18 -7.99 17.62
CA LYS A 41 -0.63 -6.83 17.28
C LYS A 41 -2.11 -7.18 17.32
N HIS A 42 -2.67 -7.25 18.53
CA HIS A 42 -4.07 -7.58 18.72
C HIS A 42 -4.94 -6.34 18.62
N ASP A 43 -4.62 -5.45 17.70
CA ASP A 43 -5.40 -4.21 17.52
C ASP A 43 -5.84 -4.06 16.06
N LYS A 44 -7.06 -3.57 15.87
CA LYS A 44 -7.60 -3.37 14.53
C LYS A 44 -7.02 -2.12 13.90
N HIS A 45 -6.72 -1.12 14.72
CA HIS A 45 -6.16 0.13 14.22
C HIS A 45 -4.67 0.22 14.53
N LEU A 46 -3.85 0.10 13.48
CA LEU A 46 -2.41 0.18 13.65
C LEU A 46 -1.94 1.63 13.56
N VAL A 47 -1.12 2.04 14.51
CA VAL A 47 -0.60 3.41 14.54
C VAL A 47 0.86 3.46 14.17
N LEU A 48 1.22 4.48 13.40
CA LEU A 48 2.61 4.67 13.00
C LEU A 48 3.09 6.02 13.51
N GLN A 49 3.72 6.01 14.68
CA GLN A 49 4.23 7.23 15.29
C GLN A 49 5.53 7.64 14.61
N ASP A 50 5.53 8.83 14.03
CA ASP A 50 6.69 9.36 13.32
C ASP A 50 6.85 8.63 11.99
N PHE A 51 5.94 8.95 11.07
CA PHE A 51 5.94 8.33 9.75
C PHE A 51 6.99 8.96 8.84
N SER A 52 7.76 8.12 8.15
CA SER A 52 8.79 8.61 7.24
C SER A 52 8.72 7.87 5.91
N GLU A 53 7.99 8.46 4.95
CA GLU A 53 7.85 7.85 3.63
C GLU A 53 9.20 7.69 2.95
N VAL A 54 9.99 8.78 2.96
CA VAL A 54 11.31 8.79 2.36
C VAL A 54 12.10 7.52 2.68
N GLU A 55 11.84 6.94 3.84
CA GLU A 55 12.53 5.72 4.25
C GLU A 55 12.30 4.61 3.24
N ASP A 56 11.04 4.24 3.03
CA ASP A 56 10.68 3.19 2.08
C ASP A 56 9.24 2.74 2.27
N SER A 57 8.29 3.53 1.79
CA SER A 57 6.87 3.21 1.91
C SER A 57 6.62 1.77 1.47
N GLY A 58 5.40 1.28 1.70
CA GLY A 58 5.09 -0.09 1.31
C GLY A 58 3.62 -0.44 1.49
N TYR A 59 3.36 -1.68 1.90
CA TYR A 59 2.00 -2.15 2.09
C TYR A 59 1.83 -2.76 3.48
N TYR A 60 0.57 -2.98 3.88
CA TYR A 60 0.27 -3.56 5.18
C TYR A 60 -0.90 -4.54 5.07
N VAL A 61 -0.97 -5.46 6.03
CA VAL A 61 -2.04 -6.45 6.03
C VAL A 61 -2.37 -6.92 7.45
N CYS A 62 -3.62 -7.32 7.65
CA CYS A 62 -4.08 -7.80 8.95
C CYS A 62 -5.06 -8.95 8.79
N TYR A 63 -4.92 -9.97 9.63
CA TYR A 63 -5.79 -11.14 9.57
C TYR A 63 -5.76 -11.92 10.88
N THR A 64 -6.67 -12.88 10.99
CA THR A 64 -6.76 -13.71 12.19
C THR A 64 -6.75 -15.20 11.83
N PRO A 65 -6.44 -16.06 12.81
CA PRO A 65 -6.41 -17.52 12.58
C PRO A 65 -7.69 -18.03 11.95
N ALA A 66 -8.81 -17.40 12.29
CA ALA A 66 -10.10 -17.79 11.76
C ALA A 66 -10.48 -16.96 10.54
N SER A 67 -9.90 -15.77 10.45
CA SER A 67 -10.17 -14.87 9.33
C SER A 67 -8.92 -14.68 8.48
N ASN A 68 -8.59 -15.68 7.67
CA ASN A 68 -7.42 -15.62 6.81
C ASN A 68 -7.74 -14.89 5.51
N LYS A 69 -7.88 -13.57 5.60
CA LYS A 69 -8.19 -12.75 4.44
C LYS A 69 -6.95 -12.00 3.96
N ASN A 70 -6.75 -11.95 2.65
CA ASN A 70 -5.59 -11.26 2.07
C ASN A 70 -6.00 -9.90 1.53
N THR A 71 -5.51 -8.85 2.18
CA THR A 71 -5.82 -7.48 1.76
C THR A 71 -4.55 -6.62 1.73
N TYR A 72 -4.03 -6.38 0.53
CA TYR A 72 -2.83 -5.58 0.39
C TYR A 72 -3.17 -4.10 0.26
N LEU A 73 -2.84 -3.33 1.29
CA LEU A 73 -3.11 -1.90 1.30
C LEU A 73 -1.84 -1.11 0.98
N TYR A 74 -1.98 -0.08 0.15
CA TYR A 74 -0.84 0.75 -0.23
C TYR A 74 -0.73 1.95 0.69
N LEU A 75 0.20 1.89 1.64
CA LEU A 75 0.40 2.98 2.59
C LEU A 75 1.58 3.86 2.19
N LYS A 76 1.27 5.11 1.85
CA LYS A 76 2.29 6.08 1.46
C LYS A 76 1.91 7.47 1.97
N ALA A 77 2.62 7.94 2.99
CA ALA A 77 2.34 9.25 3.55
C ALA A 77 3.57 9.80 4.27
N ARG A 78 3.65 11.12 4.38
CA ARG A 78 4.77 11.78 5.05
C ARG A 78 4.29 12.73 6.13
N VAL A 79 5.07 12.82 7.20
CA VAL A 79 4.76 13.72 8.31
C VAL A 79 5.96 14.56 8.65
N GLY A 80 5.70 15.73 9.21
CA GLY A 80 6.77 16.61 9.59
C GLY A 80 7.56 16.09 10.76
N SER A 81 8.87 16.24 10.66
CA SER A 81 9.78 15.79 11.70
C SER A 81 9.64 16.65 12.95
N ALA A 82 8.53 16.49 13.66
CA ALA A 82 8.28 17.24 14.87
C ALA A 82 8.14 16.32 16.06
N ASP A 83 9.06 15.37 16.15
CA ASP A 83 9.08 14.42 17.24
C ASP A 83 10.51 14.09 17.60
N ASP A 84 11.34 15.13 17.57
CA ASP A 84 12.75 14.99 17.89
C ASP A 84 13.44 16.36 17.84
N ALA A 85 14.77 16.35 17.96
CA ALA A 85 15.55 17.58 17.93
C ALA A 85 16.86 17.38 17.18
N LYS A 86 17.52 18.49 16.86
CA LYS A 86 18.80 18.44 16.14
C LYS A 86 19.90 17.88 17.03
N LYS A 87 19.78 18.12 18.34
CA LYS A 87 20.77 17.64 19.29
C LYS A 87 20.88 16.11 19.26
N ASP A 88 19.83 15.46 18.78
CA ASP A 88 19.82 14.00 18.71
C ASP A 88 21.04 13.47 17.95
N ALA A 89 21.71 12.49 18.54
CA ALA A 89 22.89 11.90 17.92
C ALA A 89 23.97 12.96 17.68
N ALA A 90 25.17 12.50 17.33
CA ALA A 90 26.28 13.40 17.07
C ALA A 90 26.24 13.94 15.65
N LYS A 91 25.13 14.60 15.31
CA LYS A 91 24.96 15.17 13.98
C LYS A 91 25.07 14.09 12.90
N LYS A 92 24.74 12.85 13.27
CA LYS A 92 24.80 11.74 12.34
C LYS A 92 26.21 11.58 11.76
N ASP A 93 26.98 10.68 12.35
CA ASP A 93 28.35 10.43 11.90
C ASP A 93 28.35 9.82 10.49
N ASP A 94 27.86 8.59 10.39
CA ASP A 94 27.80 7.89 9.11
C ASP A 94 27.06 6.57 9.24
N ALA A 95 26.05 6.37 8.41
CA ALA A 95 25.27 5.14 8.45
C ALA A 95 25.49 4.31 7.18
N LYS A 96 24.89 3.14 7.14
CA LYS A 96 25.03 2.24 5.98
C LYS A 96 23.74 1.47 5.74
N LYS A 97 22.60 2.16 5.88
CA LYS A 97 21.30 1.55 5.67
C LYS A 97 21.15 1.06 4.23
N ASP A 98 21.46 1.94 3.28
CA ASP A 98 21.36 1.61 1.86
C ASP A 98 22.29 0.45 1.51
N ASP A 99 21.71 -0.73 1.32
CA ASP A 99 22.48 -1.92 0.98
C ASP A 99 22.64 -2.06 -0.53
N ALA A 100 21.53 -2.36 -1.21
CA ALA A 100 21.54 -2.52 -2.65
C ALA A 100 22.44 -3.68 -3.07
N LYS A 101 23.74 -3.43 -3.12
CA LYS A 101 24.70 -4.46 -3.51
C LYS A 101 26.13 -3.92 -3.44
N LYS A 102 26.73 -4.02 -2.25
CA LYS A 102 28.09 -3.55 -2.05
C LYS A 102 29.10 -4.44 -2.78
N ASP A 103 28.90 -5.75 -2.68
CA ASP A 103 29.79 -6.71 -3.34
C ASP A 103 29.08 -7.41 -4.48
N GLY A 104 28.15 -6.71 -5.10
CA GLY A 104 27.41 -7.27 -6.21
C GLY A 104 26.60 -8.49 -5.80
N SER A 105 26.06 -8.47 -4.59
CA SER A 105 25.26 -9.57 -4.09
C SER A 105 23.78 -9.32 -4.31
N GLN A 106 23.09 -10.30 -4.89
CA GLN A 106 21.67 -10.19 -5.17
C GLN A 106 20.88 -10.10 -3.86
N THR A 107 20.21 -8.97 -3.66
CA THR A 107 19.42 -8.76 -2.46
C THR A 107 18.69 -7.41 -2.53
N ASN A 108 17.81 -7.29 -3.51
CA ASN A 108 17.04 -6.08 -3.71
C ASN A 108 15.59 -6.40 -4.06
N LYS A 109 14.75 -5.38 -4.11
CA LYS A 109 13.34 -5.56 -4.43
C LYS A 109 13.13 -5.65 -5.94
N ALA A 110 12.73 -6.82 -6.40
CA ALA A 110 12.49 -7.04 -7.83
C ALA A 110 11.19 -7.80 -8.06
N LYS A 111 11.04 -8.93 -7.38
CA LYS A 111 9.83 -9.75 -7.51
C LYS A 111 8.70 -9.17 -6.67
N ASN A 112 7.85 -8.38 -7.31
CA ASN A 112 6.71 -7.76 -6.62
C ASN A 112 5.40 -8.08 -7.34
N LEU A 113 4.30 -7.55 -6.82
CA LEU A 113 2.99 -7.77 -7.42
C LEU A 113 2.42 -6.48 -7.98
N VAL A 114 2.46 -5.42 -7.17
CA VAL A 114 1.94 -4.11 -7.59
C VAL A 114 2.96 -3.01 -7.34
N GLN A 115 3.04 -2.07 -8.28
CA GLN A 115 3.96 -0.94 -8.16
C GLN A 115 3.31 0.35 -8.63
N VAL A 116 3.14 1.29 -7.70
CA VAL A 116 2.52 2.56 -8.05
C VAL A 116 3.57 3.66 -8.25
N ASP A 117 3.57 4.24 -9.45
CA ASP A 117 4.52 5.31 -9.77
C ASP A 117 4.11 6.61 -9.10
N GLY A 118 5.07 7.49 -8.88
CA GLY A 118 4.78 8.77 -8.25
C GLY A 118 5.64 9.90 -8.77
N SER A 119 6.35 9.65 -9.87
CA SER A 119 7.21 10.65 -10.46
C SER A 119 7.27 10.49 -11.98
N ARG A 120 6.25 11.00 -12.66
CA ARG A 120 6.19 10.90 -14.12
C ARG A 120 6.45 12.25 -14.78
N GLY A 121 7.01 13.17 -14.01
CA GLY A 121 7.32 14.49 -14.51
C GLY A 121 6.28 15.52 -14.10
N ASP A 122 5.01 15.15 -14.24
CA ASP A 122 3.92 16.05 -13.87
C ASP A 122 3.51 15.81 -12.43
N GLY A 123 3.81 14.61 -11.92
CA GLY A 123 3.47 14.28 -10.56
C GLY A 123 2.25 13.37 -10.46
N SER A 124 2.03 12.57 -11.50
CA SER A 124 0.90 11.65 -11.54
C SER A 124 1.31 10.28 -11.03
N VAL A 125 0.33 9.54 -10.49
CA VAL A 125 0.58 8.20 -9.97
C VAL A 125 0.04 7.13 -10.91
N LEU A 126 0.80 6.06 -11.07
CA LEU A 126 0.39 4.96 -11.94
C LEU A 126 0.63 3.61 -11.27
N LEU A 127 -0.46 2.88 -11.01
CA LEU A 127 -0.36 1.58 -10.37
C LEU A 127 -0.13 0.46 -11.39
N THR A 128 0.69 -0.51 -11.02
CA THR A 128 0.95 -1.65 -11.89
C THR A 128 0.30 -2.90 -11.33
N CYS A 129 -0.35 -3.67 -12.19
CA CYS A 129 -1.03 -4.89 -11.78
C CYS A 129 -0.62 -6.07 -12.66
N GLY A 130 -1.45 -7.10 -12.70
CA GLY A 130 -1.14 -8.27 -13.50
C GLY A 130 0.04 -9.07 -12.97
N LEU A 131 0.63 -8.62 -11.87
CA LEU A 131 1.77 -9.30 -11.27
C LEU A 131 2.70 -9.91 -12.33
N THR A 132 3.16 -9.05 -13.23
CA THR A 132 4.07 -9.47 -14.31
C THR A 132 3.35 -10.26 -15.40
N ASP A 133 2.04 -10.04 -15.54
CA ASP A 133 1.27 -10.73 -16.56
C ASP A 133 1.24 -9.95 -17.86
N LYS A 134 1.18 -10.69 -18.96
CA LYS A 134 1.09 -10.07 -20.28
C LYS A 134 -0.33 -9.57 -20.51
N THR A 135 -1.22 -9.92 -19.57
CA THR A 135 -2.61 -9.53 -19.65
C THR A 135 -3.08 -8.99 -18.29
N ILE A 136 -3.71 -7.83 -18.31
CA ILE A 136 -4.18 -7.20 -17.08
C ILE A 136 -5.56 -6.58 -17.27
N LYS A 137 -6.45 -6.85 -16.32
CA LYS A 137 -7.81 -6.31 -16.37
C LYS A 137 -8.15 -5.62 -15.04
N TRP A 138 -8.21 -4.30 -15.06
CA TRP A 138 -8.52 -3.53 -13.86
C TRP A 138 -9.99 -3.15 -13.80
N LEU A 139 -10.54 -3.18 -12.60
CA LEU A 139 -11.94 -2.84 -12.37
C LEU A 139 -12.06 -1.79 -11.26
N LYS A 140 -13.16 -1.03 -11.28
CA LYS A 140 -13.38 0.00 -10.29
C LYS A 140 -14.72 -0.22 -9.57
N ASP A 141 -14.64 -0.60 -8.31
CA ASP A 141 -15.84 -0.84 -7.51
C ASP A 141 -16.80 -1.78 -8.24
N GLY A 142 -16.25 -2.63 -9.08
CA GLY A 142 -17.07 -3.57 -9.83
C GLY A 142 -17.40 -3.08 -11.22
N SER A 143 -16.65 -2.08 -11.69
CA SER A 143 -16.86 -1.52 -13.03
C SER A 143 -15.57 -1.54 -13.84
N ILE A 144 -15.63 -2.21 -14.99
CA ILE A 144 -14.46 -2.30 -15.86
C ILE A 144 -14.00 -0.92 -16.32
N ILE A 145 -12.72 -0.63 -16.09
CA ILE A 145 -12.14 0.63 -16.48
C ILE A 145 -10.75 0.40 -17.07
N SER A 146 -10.67 0.50 -18.37
CA SER A 146 -9.40 0.28 -19.07
C SER A 146 -8.94 1.54 -19.82
N PRO A 147 -7.62 1.69 -20.00
CA PRO A 147 -7.03 2.83 -20.70
C PRO A 147 -7.33 2.83 -22.19
N LEU A 148 -6.98 3.91 -22.86
CA LEU A 148 -7.19 4.03 -24.29
C LEU A 148 -5.87 4.16 -25.04
N ASN A 149 -5.52 3.11 -25.75
CA ASN A 149 -4.28 3.08 -26.53
C ASN A 149 -3.05 3.06 -25.63
N ALA A 150 -3.20 2.48 -24.44
CA ALA A 150 -2.11 2.38 -23.49
C ALA A 150 -2.27 1.16 -22.59
N THR A 151 -1.18 0.44 -22.35
CA THR A 151 -1.23 -0.74 -21.50
C THR A 151 0.17 -1.23 -21.15
N LYS A 152 0.86 -0.47 -20.32
CA LYS A 152 2.20 -0.85 -19.89
C LYS A 152 2.16 -1.43 -18.48
N ASN A 153 1.19 -2.29 -18.26
CA ASN A 153 0.99 -2.94 -16.98
C ASN A 153 0.74 -1.90 -15.89
N THR A 154 0.42 -0.67 -16.31
CA THR A 154 0.16 0.41 -15.37
C THR A 154 -1.24 0.99 -15.54
N TRP A 155 -1.71 1.70 -14.52
CA TRP A 155 -3.03 2.32 -14.55
C TRP A 155 -2.94 3.76 -14.03
N ASN A 156 -3.48 4.70 -14.80
CA ASN A 156 -3.46 6.10 -14.41
C ASN A 156 -4.45 6.39 -13.29
N LEU A 157 -4.04 7.25 -12.37
CA LEU A 157 -4.89 7.62 -11.25
C LEU A 157 -5.22 9.11 -11.27
N GLY A 158 -4.21 9.91 -11.63
CA GLY A 158 -4.40 11.35 -11.68
C GLY A 158 -3.28 12.09 -10.99
N ASN A 159 -3.63 13.16 -10.30
CA ASN A 159 -2.65 13.96 -9.58
C ASN A 159 -2.86 13.79 -8.08
N ASN A 160 -1.88 13.21 -7.41
CA ASN A 160 -1.95 12.98 -5.95
C ASN A 160 -2.59 14.16 -5.23
N ALA A 161 -2.44 15.36 -5.77
CA ALA A 161 -3.00 16.57 -5.17
C ALA A 161 -4.51 16.64 -5.34
N LYS A 162 -5.02 16.17 -6.48
CA LYS A 162 -6.46 16.21 -6.75
C LYS A 162 -7.06 14.82 -6.89
N ASP A 163 -6.21 13.80 -7.00
CA ASP A 163 -6.68 12.42 -7.12
C ASP A 163 -6.14 11.53 -6.00
N PRO A 164 -6.20 12.00 -4.75
CA PRO A 164 -5.71 11.23 -3.60
C PRO A 164 -6.69 10.12 -3.17
N ARG A 165 -6.16 9.07 -2.56
CA ARG A 165 -6.97 7.96 -2.10
C ARG A 165 -7.69 7.27 -3.27
N GLY A 166 -7.49 5.96 -3.40
CA GLY A 166 -8.13 5.22 -4.47
C GLY A 166 -8.08 3.72 -4.28
N THR A 167 -9.10 3.03 -4.77
CA THR A 167 -9.18 1.58 -4.66
C THR A 167 -9.38 0.96 -6.04
N TYR A 168 -8.48 0.05 -6.42
CA TYR A 168 -8.57 -0.59 -7.73
C TYR A 168 -8.28 -2.09 -7.66
N GLN A 169 -9.19 -2.89 -8.21
CA GLN A 169 -9.02 -4.35 -8.24
C GLN A 169 -8.77 -4.82 -9.66
N CYS A 170 -7.78 -5.67 -9.85
CA CYS A 170 -7.44 -6.17 -11.18
C CYS A 170 -7.49 -7.68 -11.26
N GLN A 171 -7.39 -8.20 -12.48
CA GLN A 171 -7.42 -9.64 -12.72
C GLN A 171 -6.25 -10.07 -13.60
N GLY A 172 -5.41 -10.94 -13.07
CA GLY A 172 -4.25 -11.41 -13.82
C GLY A 172 -4.51 -12.76 -14.47
N ALA A 173 -3.70 -13.07 -15.48
CA ALA A 173 -3.81 -14.34 -16.22
C ALA A 173 -4.40 -15.45 -15.36
N LYS A 174 -3.72 -15.75 -14.26
CA LYS A 174 -4.17 -16.78 -13.34
C LYS A 174 -4.14 -16.28 -11.89
N GLU A 175 -3.99 -14.96 -11.73
CA GLU A 175 -3.94 -14.36 -10.41
C GLU A 175 -4.68 -13.02 -10.39
N THR A 176 -5.76 -12.96 -9.61
CA THR A 176 -6.55 -11.74 -9.51
C THR A 176 -6.14 -10.93 -8.27
N SER A 177 -5.70 -9.70 -8.49
CA SER A 177 -5.29 -8.84 -7.39
C SER A 177 -6.50 -8.17 -6.74
N ASN A 178 -6.42 -7.93 -5.44
CA ASN A 178 -7.51 -7.31 -4.70
C ASN A 178 -7.45 -5.79 -4.83
N PRO A 179 -8.53 -5.10 -4.44
CA PRO A 179 -8.61 -3.64 -4.50
C PRO A 179 -7.40 -2.96 -3.90
N LEU A 180 -6.60 -2.31 -4.73
CA LEU A 180 -5.41 -1.62 -4.28
C LEU A 180 -5.76 -0.26 -3.67
N GLN A 181 -5.55 -0.14 -2.37
CA GLN A 181 -5.84 1.11 -1.67
C GLN A 181 -4.67 2.07 -1.79
N VAL A 182 -4.71 2.91 -2.82
CA VAL A 182 -3.65 3.88 -3.07
C VAL A 182 -3.80 5.08 -2.15
N TYR A 183 -2.96 5.14 -1.12
CA TYR A 183 -2.99 6.23 -0.16
C TYR A 183 -1.72 7.07 -0.22
N TYR A 184 -1.84 8.30 -0.69
CA TYR A 184 -0.69 9.19 -0.82
C TYR A 184 -0.81 10.35 0.17
N ARG A 185 -1.88 11.13 0.03
CA ARG A 185 -2.12 12.28 0.90
C ARG A 185 -0.99 13.29 0.79
N MET A 186 -1.20 14.33 -0.02
CA MET A 186 -0.19 15.37 -0.22
C MET A 186 1.07 14.79 -0.83
N ASP A 1 -22.86 -12.12 15.11
CA ASP A 1 -23.37 -10.73 15.05
C ASP A 1 -23.01 -10.07 13.71
N ASP A 2 -23.66 -10.51 12.64
CA ASP A 2 -23.42 -9.97 11.32
C ASP A 2 -21.99 -10.26 10.87
N ALA A 3 -21.85 -10.72 9.63
CA ALA A 3 -20.52 -11.03 9.08
C ALA A 3 -19.64 -9.79 9.03
N GLU A 4 -18.37 -9.96 9.36
CA GLU A 4 -17.41 -8.86 9.35
C GLU A 4 -16.90 -8.59 7.94
N ASN A 5 -17.08 -7.36 7.47
CA ASN A 5 -16.64 -6.97 6.14
C ASN A 5 -16.67 -5.46 5.97
N ILE A 6 -15.65 -4.79 6.54
CA ILE A 6 -15.57 -3.34 6.44
C ILE A 6 -14.32 -2.92 5.66
N GLU A 7 -14.13 -1.62 5.48
CA GLU A 7 -12.98 -1.10 4.75
C GLU A 7 -11.98 -0.46 5.71
N TYR A 8 -10.70 -0.58 5.39
CA TYR A 8 -9.64 -0.01 6.22
C TYR A 8 -9.78 1.50 6.30
N LYS A 9 -9.45 2.07 7.46
CA LYS A 9 -9.55 3.52 7.66
C LYS A 9 -8.20 4.12 8.07
N VAL A 10 -7.69 5.02 7.23
CA VAL A 10 -6.41 5.67 7.50
C VAL A 10 -6.63 7.11 7.97
N SER A 11 -5.87 7.53 8.98
CA SER A 11 -6.01 8.89 9.51
C SER A 11 -4.70 9.36 10.16
N ILE A 12 -4.16 10.47 9.65
CA ILE A 12 -2.93 11.01 10.19
C ILE A 12 -3.21 11.97 11.34
N SER A 13 -2.61 11.67 12.49
CA SER A 13 -2.78 12.49 13.68
C SER A 13 -1.43 12.96 14.22
N GLY A 14 -1.16 14.26 14.11
CA GLY A 14 0.09 14.81 14.60
C GLY A 14 1.30 13.99 14.20
N THR A 15 1.57 13.91 12.91
CA THR A 15 2.71 13.17 12.39
C THR A 15 2.60 11.68 12.69
N SER A 16 1.45 11.25 13.17
CA SER A 16 1.23 9.84 13.48
C SER A 16 0.03 9.29 12.71
N VAL A 17 0.25 8.24 11.94
CA VAL A 17 -0.81 7.63 11.15
C VAL A 17 -1.54 6.57 11.96
N GLU A 18 -2.81 6.36 11.64
CA GLU A 18 -3.61 5.38 12.36
C GLU A 18 -4.55 4.63 11.41
N LEU A 19 -4.26 3.37 11.17
CA LEU A 19 -5.09 2.55 10.29
C LEU A 19 -6.11 1.77 11.10
N THR A 20 -7.25 1.47 10.47
CA THR A 20 -8.31 0.73 11.15
C THR A 20 -8.59 -0.58 10.41
N CYS A 21 -8.24 -1.69 11.07
CA CYS A 21 -8.44 -3.02 10.49
C CYS A 21 -9.90 -3.44 10.59
N PRO A 22 -10.46 -4.03 9.51
CA PRO A 22 -11.85 -4.49 9.49
C PRO A 22 -12.07 -5.78 10.28
N LEU A 23 -11.06 -6.20 11.04
CA LEU A 23 -11.16 -7.42 11.84
C LEU A 23 -10.98 -7.11 13.31
N ASP A 24 -11.97 -7.50 14.12
CA ASP A 24 -11.93 -7.24 15.55
C ASP A 24 -10.57 -7.59 16.14
N SER A 25 -10.17 -6.84 17.16
CA SER A 25 -8.89 -7.08 17.82
C SER A 25 -8.95 -8.31 18.71
N ASP A 26 -8.55 -9.45 18.15
CA ASP A 26 -8.55 -10.71 18.89
C ASP A 26 -7.23 -10.91 19.62
N GLU A 27 -7.22 -11.88 20.54
CA GLU A 27 -6.01 -12.17 21.30
C GLU A 27 -5.00 -12.96 20.46
N ASN A 28 -5.00 -12.69 19.16
CA ASN A 28 -4.10 -13.35 18.22
C ASN A 28 -4.04 -12.58 16.91
N LEU A 29 -4.42 -11.30 16.94
CA LEU A 29 -4.41 -10.46 15.75
C LEU A 29 -3.01 -9.90 15.52
N LYS A 30 -2.53 -10.02 14.28
CA LYS A 30 -1.19 -9.54 13.94
C LYS A 30 -1.22 -8.63 12.71
N TRP A 31 -0.12 -7.94 12.47
CA TRP A 31 0.01 -7.04 11.33
C TRP A 31 1.27 -7.35 10.52
N GLU A 32 1.45 -6.63 9.43
CA GLU A 32 2.61 -6.82 8.56
C GLU A 32 3.00 -5.51 7.90
N LYS A 33 4.28 -5.37 7.55
CA LYS A 33 4.77 -4.16 6.91
C LYS A 33 5.90 -4.47 5.92
N ASN A 34 5.72 -4.05 4.68
CA ASN A 34 6.71 -4.27 3.63
C ASN A 34 6.98 -5.76 3.43
N GLY A 35 7.84 -6.33 4.27
CA GLY A 35 8.17 -7.74 4.16
C GLY A 35 8.38 -8.40 5.50
N GLN A 36 7.93 -7.74 6.57
CA GLN A 36 8.08 -8.29 7.92
C GLN A 36 6.76 -8.21 8.67
N GLU A 37 6.57 -9.12 9.61
CA GLU A 37 5.35 -9.16 10.41
C GLU A 37 5.57 -8.51 11.77
N LEU A 38 4.61 -7.69 12.18
CA LEU A 38 4.69 -7.00 13.47
C LEU A 38 3.89 -7.75 14.53
N PRO A 39 4.58 -8.46 15.44
CA PRO A 39 3.92 -9.22 16.51
C PRO A 39 3.48 -8.32 17.65
N GLN A 40 2.71 -8.89 18.58
CA GLN A 40 2.22 -8.15 19.74
C GLN A 40 1.25 -7.04 19.31
N LYS A 41 0.77 -7.13 18.07
CA LYS A 41 -0.17 -6.14 17.55
C LYS A 41 -1.58 -6.72 17.49
N HIS A 42 -2.14 -7.03 18.65
CA HIS A 42 -3.47 -7.59 18.72
C HIS A 42 -4.53 -6.50 18.83
N ASP A 43 -4.37 -5.44 18.02
CA ASP A 43 -5.31 -4.33 18.04
C ASP A 43 -5.95 -4.14 16.67
N LYS A 44 -7.18 -3.64 16.66
CA LYS A 44 -7.91 -3.41 15.42
C LYS A 44 -7.30 -2.27 14.63
N HIS A 45 -6.77 -1.28 15.32
CA HIS A 45 -6.16 -0.13 14.66
C HIS A 45 -4.64 -0.11 14.85
N LEU A 46 -3.93 0.05 13.74
CA LEU A 46 -2.47 0.13 13.78
C LEU A 46 -2.02 1.57 13.59
N VAL A 47 -1.11 2.02 14.44
CA VAL A 47 -0.62 3.38 14.35
C VAL A 47 0.80 3.45 13.81
N LEU A 48 1.06 4.51 13.07
CA LEU A 48 2.38 4.75 12.51
C LEU A 48 2.87 6.13 12.93
N GLN A 49 3.61 6.17 14.02
CA GLN A 49 4.13 7.42 14.54
C GLN A 49 5.33 7.87 13.74
N ASP A 50 5.24 9.08 13.18
CA ASP A 50 6.31 9.63 12.36
C ASP A 50 6.39 8.88 11.04
N PHE A 51 5.35 9.05 10.24
CA PHE A 51 5.25 8.40 8.93
C PHE A 51 6.45 8.73 8.06
N SER A 52 6.86 7.77 7.24
CA SER A 52 8.01 7.96 6.35
C SER A 52 7.58 7.91 4.88
N GLU A 53 7.53 9.07 4.25
CA GLU A 53 7.15 9.14 2.84
C GLU A 53 8.32 8.74 1.95
N VAL A 54 9.53 9.02 2.42
CA VAL A 54 10.74 8.67 1.66
C VAL A 54 10.80 7.19 1.36
N GLU A 55 10.35 6.37 2.30
CA GLU A 55 10.36 4.92 2.13
C GLU A 55 9.64 4.52 0.84
N ASP A 56 8.77 5.39 0.34
CA ASP A 56 8.02 5.13 -0.89
C ASP A 56 6.83 4.21 -0.62
N SER A 57 5.90 4.69 0.19
CA SER A 57 4.70 3.91 0.52
C SER A 57 5.08 2.58 1.18
N GLY A 58 4.10 1.98 1.85
CA GLY A 58 4.34 0.72 2.52
C GLY A 58 3.17 -0.25 2.39
N TYR A 59 3.47 -1.53 2.29
CA TYR A 59 2.43 -2.55 2.16
C TYR A 59 2.07 -3.14 3.51
N TYR A 60 1.06 -2.57 4.16
CA TYR A 60 0.62 -3.04 5.46
C TYR A 60 -0.51 -4.06 5.31
N VAL A 61 -0.65 -4.92 6.32
CA VAL A 61 -1.69 -5.95 6.28
C VAL A 61 -2.13 -6.33 7.70
N CYS A 62 -3.37 -6.79 7.81
CA CYS A 62 -3.93 -7.20 9.09
C CYS A 62 -4.78 -8.46 8.94
N TYR A 63 -4.54 -9.45 9.79
CA TYR A 63 -5.29 -10.69 9.73
C TYR A 63 -5.40 -11.35 11.11
N THR A 64 -6.41 -12.19 11.27
CA THR A 64 -6.63 -12.90 12.53
C THR A 64 -6.78 -14.40 12.28
N PRO A 65 -6.55 -15.23 13.32
CA PRO A 65 -6.66 -16.68 13.21
C PRO A 65 -8.02 -17.12 12.68
N ALA A 66 -9.08 -16.51 13.19
CA ALA A 66 -10.43 -16.85 12.78
C ALA A 66 -10.74 -16.30 11.38
N SER A 67 -9.98 -15.29 10.96
CA SER A 67 -10.18 -14.68 9.65
C SER A 67 -8.88 -14.65 8.86
N ASN A 68 -8.77 -15.56 7.90
CA ASN A 68 -7.58 -15.66 7.07
C ASN A 68 -7.63 -14.67 5.90
N LYS A 69 -8.69 -13.87 5.84
CA LYS A 69 -8.86 -12.89 4.77
C LYS A 69 -8.16 -11.58 5.13
N ASN A 70 -7.23 -11.17 4.27
CA ASN A 70 -6.49 -9.93 4.49
C ASN A 70 -6.38 -9.13 3.20
N THR A 71 -6.15 -7.83 3.34
CA THR A 71 -6.02 -6.95 2.17
C THR A 71 -4.67 -6.22 2.19
N TYR A 72 -4.21 -5.81 1.02
CA TYR A 72 -2.93 -5.11 0.90
C TYR A 72 -3.12 -3.61 1.10
N LEU A 73 -2.62 -3.11 2.23
CA LEU A 73 -2.73 -1.69 2.54
C LEU A 73 -1.56 -0.90 1.97
N TYR A 74 -1.88 0.06 1.11
CA TYR A 74 -0.87 0.92 0.51
C TYR A 74 -0.97 2.33 1.07
N LEU A 75 -0.08 2.65 2.00
CA LEU A 75 -0.08 3.96 2.63
C LEU A 75 0.96 4.88 2.03
N LYS A 76 0.50 5.95 1.38
CA LYS A 76 1.38 6.93 0.77
C LYS A 76 0.97 8.33 1.18
N ALA A 77 1.75 8.95 2.06
CA ALA A 77 1.47 10.30 2.53
C ALA A 77 2.73 10.98 3.04
N ARG A 78 2.58 12.23 3.49
CA ARG A 78 3.71 12.98 4.02
C ARG A 78 3.33 13.68 5.32
N VAL A 79 4.10 13.42 6.37
CA VAL A 79 3.84 14.04 7.67
C VAL A 79 5.06 14.78 8.17
N GLY A 80 4.80 15.89 8.86
CA GLY A 80 5.88 16.68 9.43
C GLY A 80 7.10 16.74 8.56
N SER A 81 8.24 16.69 9.21
CA SER A 81 9.52 16.73 8.52
C SER A 81 9.98 15.33 8.14
N ALA A 82 9.17 14.67 7.30
CA ALA A 82 9.49 13.32 6.86
C ALA A 82 9.99 13.34 5.43
N ASP A 83 10.84 14.31 5.14
CA ASP A 83 11.42 14.44 3.82
C ASP A 83 12.88 14.87 3.95
N ASP A 84 13.52 14.29 4.96
CA ASP A 84 14.92 14.57 5.24
C ASP A 84 15.43 13.72 6.41
N ALA A 85 16.72 13.79 6.67
CA ALA A 85 17.32 13.03 7.76
C ALA A 85 17.89 13.95 8.84
N LYS A 86 18.50 15.05 8.40
CA LYS A 86 19.09 16.01 9.33
C LYS A 86 20.21 15.36 10.15
N LYS A 87 20.91 14.41 9.53
CA LYS A 87 22.00 13.72 10.20
C LYS A 87 23.32 14.43 9.97
N ASP A 88 23.67 15.35 10.87
CA ASP A 88 24.90 16.10 10.77
C ASP A 88 26.09 15.27 11.25
N ALA A 89 25.85 14.41 12.22
CA ALA A 89 26.89 13.55 12.77
C ALA A 89 26.31 12.54 13.75
N ALA A 90 25.43 11.68 13.26
CA ALA A 90 24.80 10.66 14.09
C ALA A 90 25.83 9.64 14.58
N LYS A 91 26.44 9.92 15.73
CA LYS A 91 27.44 9.03 16.30
C LYS A 91 28.66 8.91 15.38
N LYS A 92 28.53 8.09 14.34
CA LYS A 92 29.61 7.89 13.40
C LYS A 92 29.09 7.82 11.96
N ASP A 93 28.16 8.71 11.64
CA ASP A 93 27.56 8.76 10.32
C ASP A 93 26.81 7.48 10.01
N ASP A 94 25.66 7.62 9.36
CA ASP A 94 24.83 6.47 9.00
C ASP A 94 25.39 5.75 7.78
N ALA A 95 24.99 4.50 7.60
CA ALA A 95 25.46 3.70 6.48
C ALA A 95 24.47 2.57 6.17
N LYS A 96 23.93 2.58 4.95
CA LYS A 96 22.98 1.54 4.54
C LYS A 96 23.61 0.62 3.50
N LYS A 97 22.78 -0.25 2.92
CA LYS A 97 23.24 -1.19 1.91
C LYS A 97 22.07 -1.85 1.19
N ASP A 98 21.95 -1.59 -0.11
CA ASP A 98 20.87 -2.16 -0.91
C ASP A 98 21.42 -2.96 -2.08
N ASP A 99 20.80 -4.10 -2.34
CA ASP A 99 21.23 -4.97 -3.44
C ASP A 99 22.68 -5.42 -3.23
N ALA A 100 22.85 -6.49 -2.45
CA ALA A 100 24.18 -7.02 -2.18
C ALA A 100 24.39 -8.37 -2.88
N LYS A 101 23.30 -9.07 -3.16
CA LYS A 101 23.37 -10.35 -3.83
C LYS A 101 24.09 -11.39 -2.95
N LYS A 102 23.36 -11.94 -2.00
CA LYS A 102 23.92 -12.94 -1.09
C LYS A 102 23.99 -14.31 -1.76
N ASP A 103 22.89 -14.72 -2.37
CA ASP A 103 22.83 -16.01 -3.04
C ASP A 103 22.96 -15.85 -4.54
N GLY A 104 23.69 -14.82 -4.95
CA GLY A 104 23.90 -14.55 -6.36
C GLY A 104 22.60 -14.42 -7.13
N SER A 105 21.53 -14.05 -6.43
CA SER A 105 20.23 -13.89 -7.06
C SER A 105 19.80 -12.42 -7.05
N GLN A 106 18.91 -12.07 -7.98
CA GLN A 106 18.42 -10.71 -8.09
C GLN A 106 17.41 -10.41 -6.97
N THR A 107 17.81 -9.52 -6.07
CA THR A 107 16.97 -9.13 -4.94
C THR A 107 16.34 -10.35 -4.30
N ASN A 108 17.19 -11.32 -4.04
CA ASN A 108 16.78 -12.57 -3.41
C ASN A 108 15.80 -13.33 -4.30
N LYS A 109 14.53 -12.92 -4.27
CA LYS A 109 13.51 -13.57 -5.08
C LYS A 109 12.16 -12.87 -4.90
N ALA A 110 11.78 -12.05 -5.88
CA ALA A 110 10.52 -11.33 -5.83
C ALA A 110 9.71 -11.55 -7.11
N LYS A 111 8.45 -11.93 -6.94
CA LYS A 111 7.57 -12.18 -8.08
C LYS A 111 6.10 -12.13 -7.66
N ASN A 112 5.25 -11.72 -8.58
CA ASN A 112 3.82 -11.63 -8.31
C ASN A 112 3.53 -10.58 -7.24
N LEU A 113 4.09 -9.38 -7.42
CA LEU A 113 3.90 -8.30 -6.47
C LEU A 113 3.37 -7.05 -7.18
N VAL A 114 2.60 -6.26 -6.46
CA VAL A 114 2.03 -5.03 -7.02
C VAL A 114 2.89 -3.82 -6.70
N GLN A 115 3.00 -2.91 -7.66
CA GLN A 115 3.79 -1.71 -7.48
C GLN A 115 3.09 -0.50 -8.10
N VAL A 116 3.43 0.68 -7.62
CA VAL A 116 2.83 1.91 -8.14
C VAL A 116 3.90 3.00 -8.32
N ASP A 117 3.78 3.78 -9.38
CA ASP A 117 4.73 4.85 -9.65
C ASP A 117 4.29 6.15 -8.98
N GLY A 118 5.26 7.04 -8.75
CA GLY A 118 4.96 8.31 -8.13
C GLY A 118 5.73 9.45 -8.74
N SER A 119 7.01 9.21 -9.05
CA SER A 119 7.85 10.23 -9.65
C SER A 119 8.01 10.01 -11.14
N ARG A 120 7.08 10.57 -11.92
CA ARG A 120 7.11 10.45 -13.37
C ARG A 120 7.67 11.70 -14.03
N GLY A 121 8.31 12.53 -13.23
CA GLY A 121 8.87 13.77 -13.73
C GLY A 121 8.00 14.95 -13.40
N ASP A 122 6.70 14.82 -13.68
CA ASP A 122 5.74 15.87 -13.40
C ASP A 122 5.05 15.61 -12.07
N GLY A 123 5.08 14.37 -11.61
CA GLY A 123 4.46 13.99 -10.36
C GLY A 123 3.21 13.16 -10.56
N SER A 124 3.24 12.29 -11.56
CA SER A 124 2.10 11.43 -11.85
C SER A 124 2.28 10.04 -11.24
N VAL A 125 1.18 9.43 -10.82
CA VAL A 125 1.22 8.11 -10.22
C VAL A 125 0.76 7.04 -11.21
N LEU A 126 1.58 6.01 -11.37
CA LEU A 126 1.25 4.92 -12.29
C LEU A 126 1.16 3.59 -11.54
N LEU A 127 -0.05 3.15 -11.29
CA LEU A 127 -0.28 1.89 -10.59
C LEU A 127 -0.05 0.70 -11.50
N THR A 128 0.93 -0.13 -11.17
CA THR A 128 1.25 -1.29 -11.98
C THR A 128 0.68 -2.57 -11.37
N CYS A 129 0.18 -3.45 -12.23
CA CYS A 129 -0.41 -4.71 -11.79
C CYS A 129 -0.43 -5.72 -12.95
N GLY A 130 -1.46 -6.57 -12.97
CA GLY A 130 -1.56 -7.56 -14.03
C GLY A 130 -0.34 -8.47 -14.11
N LEU A 131 0.48 -8.44 -13.06
CA LEU A 131 1.70 -9.26 -12.98
C LEU A 131 2.41 -9.39 -14.33
N THR A 132 2.64 -8.25 -14.96
CA THR A 132 3.34 -8.20 -16.25
C THR A 132 2.74 -9.19 -17.24
N ASP A 133 1.46 -9.50 -17.07
CA ASP A 133 0.78 -10.43 -17.95
C ASP A 133 0.46 -9.78 -19.28
N LYS A 134 0.42 -10.61 -20.33
CA LYS A 134 0.07 -10.13 -21.65
C LYS A 134 -1.36 -9.63 -21.64
N THR A 135 -2.07 -9.92 -20.56
CA THR A 135 -3.46 -9.48 -20.40
C THR A 135 -3.69 -8.86 -19.03
N ILE A 136 -4.24 -7.66 -19.01
CA ILE A 136 -4.50 -6.97 -17.76
C ILE A 136 -5.78 -6.14 -17.83
N LYS A 137 -6.61 -6.26 -16.80
CA LYS A 137 -7.86 -5.52 -16.74
C LYS A 137 -8.10 -5.00 -15.33
N TRP A 138 -7.95 -3.69 -15.15
CA TRP A 138 -8.15 -3.07 -13.84
C TRP A 138 -9.61 -2.67 -13.63
N LEU A 139 -10.07 -2.79 -12.40
CA LEU A 139 -11.44 -2.44 -12.05
C LEU A 139 -11.47 -1.46 -10.89
N LYS A 140 -12.62 -0.80 -10.70
CA LYS A 140 -12.77 0.18 -9.62
C LYS A 140 -14.17 0.12 -9.04
N ASP A 141 -14.25 -0.21 -7.76
CA ASP A 141 -15.54 -0.30 -7.06
C ASP A 141 -16.43 -1.35 -7.73
N GLY A 142 -15.81 -2.39 -8.27
CA GLY A 142 -16.56 -3.45 -8.92
C GLY A 142 -16.95 -3.09 -10.34
N SER A 143 -16.29 -2.09 -10.91
CA SER A 143 -16.58 -1.66 -12.27
C SER A 143 -15.32 -1.71 -13.13
N ILE A 144 -15.52 -1.78 -14.45
CA ILE A 144 -14.40 -1.82 -15.38
C ILE A 144 -13.91 -0.41 -15.72
N ILE A 145 -12.62 -0.18 -15.52
CA ILE A 145 -12.02 1.11 -15.81
C ILE A 145 -10.66 0.89 -16.46
N SER A 146 -10.61 1.12 -17.77
CA SER A 146 -9.39 0.94 -18.53
C SER A 146 -8.89 2.26 -19.11
N PRO A 147 -7.57 2.35 -19.37
CA PRO A 147 -6.95 3.55 -19.93
C PRO A 147 -7.22 3.73 -21.42
N LEU A 148 -6.82 4.87 -21.96
CA LEU A 148 -7.01 5.17 -23.37
C LEU A 148 -5.68 5.31 -24.07
N ASN A 149 -5.38 4.33 -24.91
CA ASN A 149 -4.14 4.32 -25.68
C ASN A 149 -2.92 4.12 -24.77
N ALA A 150 -3.12 3.38 -23.68
CA ALA A 150 -2.05 3.12 -22.73
C ALA A 150 -2.18 1.70 -22.16
N THR A 151 -1.06 1.00 -22.05
CA THR A 151 -1.07 -0.35 -21.51
C THR A 151 0.33 -0.81 -21.14
N LYS A 152 1.04 0.00 -20.36
CA LYS A 152 2.39 -0.34 -19.92
C LYS A 152 2.32 -0.99 -18.55
N ASN A 153 1.39 -1.92 -18.40
CA ASN A 153 1.17 -2.63 -17.15
C ASN A 153 0.98 -1.64 -16.01
N THR A 154 0.60 -0.40 -16.36
CA THR A 154 0.39 0.64 -15.36
C THR A 154 -1.04 1.16 -15.39
N TRP A 155 -1.36 2.01 -14.41
CA TRP A 155 -2.68 2.60 -14.30
C TRP A 155 -2.57 4.09 -14.02
N ASN A 156 -3.39 4.89 -14.70
CA ASN A 156 -3.38 6.33 -14.51
C ASN A 156 -4.18 6.72 -13.27
N LEU A 157 -3.47 7.03 -12.19
CA LEU A 157 -4.12 7.43 -10.95
C LEU A 157 -4.25 8.95 -10.87
N GLY A 158 -3.20 9.66 -11.24
CA GLY A 158 -3.23 11.10 -11.21
C GLY A 158 -1.96 11.70 -10.64
N ASN A 159 -2.09 12.85 -9.99
CA ASN A 159 -0.96 13.53 -9.38
C ASN A 159 -0.87 13.22 -7.90
N ASN A 160 0.19 12.53 -7.51
CA ASN A 160 0.41 12.16 -6.11
C ASN A 160 0.11 13.32 -5.16
N ALA A 161 0.33 14.54 -5.64
CA ALA A 161 0.07 15.72 -4.85
C ALA A 161 -1.41 15.86 -4.51
N LYS A 162 -2.25 15.47 -5.46
CA LYS A 162 -3.70 15.52 -5.28
C LYS A 162 -4.41 14.54 -6.21
N ASP A 163 -4.09 13.26 -6.04
CA ASP A 163 -4.70 12.21 -6.87
C ASP A 163 -5.70 11.40 -6.06
N PRO A 164 -6.75 10.87 -6.73
CA PRO A 164 -7.79 10.07 -6.07
C PRO A 164 -7.21 8.87 -5.34
N ARG A 165 -8.04 8.23 -4.52
CA ARG A 165 -7.59 7.06 -3.76
C ARG A 165 -8.75 6.08 -3.56
N GLY A 166 -8.42 4.82 -3.34
CA GLY A 166 -9.46 3.82 -3.13
C GLY A 166 -8.96 2.42 -3.38
N THR A 167 -9.85 1.53 -3.81
CA THR A 167 -9.51 0.15 -4.09
C THR A 167 -9.52 -0.14 -5.59
N TYR A 168 -8.51 -0.87 -6.06
CA TYR A 168 -8.40 -1.22 -7.47
C TYR A 168 -8.05 -2.69 -7.64
N GLN A 169 -8.86 -3.40 -8.42
CA GLN A 169 -8.63 -4.83 -8.67
C GLN A 169 -7.98 -5.05 -10.03
N CYS A 170 -7.07 -6.00 -10.10
CA CYS A 170 -6.39 -6.31 -11.36
C CYS A 170 -6.76 -7.71 -11.84
N GLN A 171 -6.90 -7.86 -13.16
CA GLN A 171 -7.26 -9.15 -13.74
C GLN A 171 -6.17 -9.62 -14.71
N GLY A 172 -5.43 -10.64 -14.30
CA GLY A 172 -4.37 -11.18 -15.14
C GLY A 172 -4.81 -12.42 -15.89
N ALA A 173 -4.09 -12.75 -16.97
CA ALA A 173 -4.40 -13.92 -17.80
C ALA A 173 -5.10 -15.01 -17.00
N LYS A 174 -4.45 -15.49 -15.95
CA LYS A 174 -5.00 -16.52 -15.10
C LYS A 174 -4.82 -16.16 -13.63
N GLU A 175 -4.47 -14.90 -13.37
CA GLU A 175 -4.25 -14.43 -12.01
C GLU A 175 -4.88 -13.06 -11.79
N THR A 176 -5.90 -13.01 -10.94
CA THR A 176 -6.58 -11.75 -10.65
C THR A 176 -6.15 -11.20 -9.30
N SER A 177 -5.49 -10.04 -9.32
CA SER A 177 -5.02 -9.39 -8.10
C SER A 177 -6.20 -8.85 -7.29
N ASN A 178 -5.99 -8.72 -5.98
CA ASN A 178 -7.05 -8.22 -5.09
C ASN A 178 -7.08 -6.69 -5.10
N PRO A 179 -8.22 -6.10 -4.70
CA PRO A 179 -8.39 -4.65 -4.66
C PRO A 179 -7.28 -3.95 -3.88
N LEU A 180 -6.43 -3.24 -4.60
CA LEU A 180 -5.32 -2.51 -3.98
C LEU A 180 -5.78 -1.20 -3.38
N GLN A 181 -5.53 -1.02 -2.09
CA GLN A 181 -5.91 0.21 -1.40
C GLN A 181 -4.83 1.26 -1.57
N VAL A 182 -4.96 2.08 -2.61
CA VAL A 182 -3.99 3.13 -2.90
C VAL A 182 -4.41 4.44 -2.25
N TYR A 183 -3.79 4.78 -1.12
CA TYR A 183 -4.10 5.99 -0.39
C TYR A 183 -3.03 7.06 -0.63
N TYR A 184 -3.46 8.22 -1.11
CA TYR A 184 -2.54 9.32 -1.37
C TYR A 184 -2.99 10.58 -0.65
N ARG A 185 -2.17 11.62 -0.72
CA ARG A 185 -2.48 12.89 -0.06
C ARG A 185 -2.59 12.70 1.45
N MET A 186 -2.89 13.79 2.15
CA MET A 186 -3.02 13.76 3.60
C MET A 186 -4.33 13.08 4.01
N ASP A 1 -27.06 -3.72 13.20
CA ASP A 1 -25.66 -3.42 12.80
C ASP A 1 -24.68 -3.75 13.92
N ASP A 2 -23.61 -4.45 13.57
CA ASP A 2 -22.60 -4.82 14.55
C ASP A 2 -21.20 -4.44 14.06
N ALA A 3 -20.66 -3.36 14.61
CA ALA A 3 -19.33 -2.89 14.24
C ALA A 3 -19.28 -2.54 12.75
N GLU A 4 -18.27 -1.76 12.38
CA GLU A 4 -18.11 -1.34 10.99
C GLU A 4 -17.61 -2.49 10.13
N ASN A 5 -17.80 -2.38 8.82
CA ASN A 5 -17.37 -3.42 7.89
C ASN A 5 -17.09 -2.83 6.51
N ILE A 6 -16.17 -1.87 6.47
CA ILE A 6 -15.81 -1.22 5.20
C ILE A 6 -14.34 -1.47 4.86
N GLU A 7 -13.93 -1.01 3.69
CA GLU A 7 -12.55 -1.19 3.24
C GLU A 7 -11.58 -0.50 4.18
N TYR A 8 -10.28 -0.78 4.01
CA TYR A 8 -9.25 -0.19 4.85
C TYR A 8 -9.43 1.32 4.96
N LYS A 9 -9.32 1.84 6.18
CA LYS A 9 -9.49 3.27 6.40
C LYS A 9 -8.17 3.89 6.88
N VAL A 10 -7.94 5.15 6.52
CA VAL A 10 -6.73 5.86 6.90
C VAL A 10 -7.03 7.32 7.23
N SER A 11 -6.38 7.84 8.26
CA SER A 11 -6.57 9.23 8.67
C SER A 11 -5.33 9.77 9.38
N ILE A 12 -4.80 10.87 8.85
CA ILE A 12 -3.62 11.50 9.43
C ILE A 12 -3.98 12.41 10.60
N SER A 13 -3.38 12.14 11.75
CA SER A 13 -3.63 12.92 12.95
C SER A 13 -2.33 13.48 13.51
N GLY A 14 -2.10 14.77 13.30
CA GLY A 14 -0.89 15.41 13.80
C GLY A 14 0.37 14.62 13.48
N THR A 15 0.68 14.49 12.20
CA THR A 15 1.86 13.78 11.75
C THR A 15 1.80 12.30 12.10
N SER A 16 0.66 11.84 12.58
CA SER A 16 0.47 10.44 12.93
C SER A 16 -0.69 9.85 12.14
N VAL A 17 -0.41 8.78 11.41
CA VAL A 17 -1.44 8.14 10.60
C VAL A 17 -2.19 7.07 11.41
N GLU A 18 -3.47 6.94 11.16
CA GLU A 18 -4.31 5.98 11.86
C GLU A 18 -5.10 5.11 10.88
N LEU A 19 -4.67 3.87 10.73
CA LEU A 19 -5.34 2.95 9.82
C LEU A 19 -6.32 2.05 10.57
N THR A 20 -7.39 1.67 9.89
CA THR A 20 -8.41 0.81 10.48
C THR A 20 -8.55 -0.48 9.66
N CYS A 21 -8.14 -1.59 10.25
CA CYS A 21 -8.21 -2.88 9.57
C CYS A 21 -9.61 -3.49 9.71
N PRO A 22 -10.02 -4.33 8.74
CA PRO A 22 -11.32 -4.99 8.75
C PRO A 22 -11.35 -6.23 9.65
N LEU A 23 -10.35 -6.37 10.52
CA LEU A 23 -10.29 -7.51 11.42
C LEU A 23 -10.35 -7.06 12.87
N ASP A 24 -11.36 -7.53 13.60
CA ASP A 24 -11.53 -7.17 14.99
C ASP A 24 -10.23 -7.37 15.77
N SER A 25 -10.02 -6.53 16.77
CA SER A 25 -8.82 -6.63 17.60
C SER A 25 -8.90 -7.80 18.56
N ASP A 26 -8.36 -8.94 18.15
CA ASP A 26 -8.37 -10.13 18.97
C ASP A 26 -7.10 -10.23 19.81
N GLU A 27 -7.11 -11.12 20.79
CA GLU A 27 -5.95 -11.33 21.66
C GLU A 27 -4.88 -12.15 20.96
N ASN A 28 -4.82 -12.03 19.64
CA ASN A 28 -3.85 -12.74 18.83
C ASN A 28 -3.74 -12.10 17.44
N LEU A 29 -4.16 -10.84 17.33
CA LEU A 29 -4.11 -10.13 16.06
C LEU A 29 -2.71 -9.58 15.82
N LYS A 30 -2.26 -9.66 14.57
CA LYS A 30 -0.93 -9.17 14.22
C LYS A 30 -0.97 -8.35 12.92
N TRP A 31 0.11 -7.63 12.65
CA TRP A 31 0.20 -6.82 11.46
C TRP A 31 1.45 -7.17 10.65
N GLU A 32 1.60 -6.54 9.50
CA GLU A 32 2.75 -6.78 8.63
C GLU A 32 3.05 -5.56 7.78
N LYS A 33 4.31 -5.41 7.38
CA LYS A 33 4.73 -4.28 6.56
C LYS A 33 5.66 -4.73 5.44
N ASN A 34 5.10 -4.88 4.24
CA ASN A 34 5.87 -5.30 3.08
C ASN A 34 6.54 -6.65 3.31
N GLY A 35 7.71 -6.65 3.95
CA GLY A 35 8.42 -7.88 4.21
C GLY A 35 8.57 -8.16 5.69
N GLN A 36 8.58 -7.10 6.50
CA GLN A 36 8.74 -7.25 7.94
C GLN A 36 7.38 -7.43 8.61
N GLU A 37 7.37 -8.10 9.75
CA GLU A 37 6.14 -8.35 10.49
C GLU A 37 6.13 -7.58 11.81
N LEU A 38 4.99 -6.99 12.14
CA LEU A 38 4.85 -6.22 13.36
C LEU A 38 4.16 -7.04 14.45
N PRO A 39 4.92 -7.55 15.43
CA PRO A 39 4.36 -8.35 16.52
C PRO A 39 3.74 -7.50 17.62
N GLN A 40 3.06 -8.16 18.55
CA GLN A 40 2.42 -7.47 19.66
C GLN A 40 1.43 -6.42 19.16
N LYS A 41 0.88 -6.66 17.97
CA LYS A 41 -0.08 -5.74 17.37
C LYS A 41 -1.49 -6.32 17.44
N HIS A 42 -2.01 -6.43 18.66
CA HIS A 42 -3.34 -6.97 18.87
C HIS A 42 -4.40 -5.86 18.83
N ASP A 43 -4.25 -4.95 17.86
CA ASP A 43 -5.20 -3.86 17.71
C ASP A 43 -5.80 -3.84 16.31
N LYS A 44 -7.05 -3.40 16.21
CA LYS A 44 -7.75 -3.34 14.93
C LYS A 44 -7.24 -2.17 14.09
N HIS A 45 -6.90 -1.07 14.75
CA HIS A 45 -6.41 0.11 14.06
C HIS A 45 -4.91 0.30 14.27
N LEU A 46 -4.16 0.32 13.18
CA LEU A 46 -2.73 0.51 13.25
C LEU A 46 -2.38 1.98 13.05
N VAL A 47 -1.53 2.50 13.92
CA VAL A 47 -1.13 3.91 13.83
C VAL A 47 0.30 4.06 13.33
N LEU A 48 0.53 5.14 12.59
CA LEU A 48 1.85 5.44 12.06
C LEU A 48 2.26 6.83 12.49
N GLN A 49 2.98 6.92 13.60
CA GLN A 49 3.43 8.19 14.12
C GLN A 49 4.65 8.67 13.35
N ASP A 50 4.51 9.81 12.68
CA ASP A 50 5.59 10.37 11.87
C ASP A 50 5.78 9.54 10.60
N PHE A 51 4.82 9.67 9.70
CA PHE A 51 4.84 8.93 8.44
C PHE A 51 5.94 9.42 7.52
N SER A 52 6.79 8.49 7.08
CA SER A 52 7.89 8.82 6.18
C SER A 52 7.96 7.82 5.04
N GLU A 53 7.29 8.14 3.94
CA GLU A 53 7.27 7.27 2.77
C GLU A 53 8.68 6.95 2.30
N VAL A 54 9.56 7.94 2.40
CA VAL A 54 10.95 7.77 2.00
C VAL A 54 11.62 6.65 2.78
N GLU A 55 11.25 6.54 4.06
CA GLU A 55 11.82 5.52 4.92
C GLU A 55 10.93 4.28 5.00
N ASP A 56 9.72 4.37 4.46
CA ASP A 56 8.79 3.24 4.47
C ASP A 56 8.18 3.02 3.09
N SER A 57 7.02 3.64 2.84
CA SER A 57 6.33 3.50 1.55
C SER A 57 6.24 2.03 1.14
N GLY A 58 5.12 1.39 1.47
CA GLY A 58 4.95 -0.01 1.13
C GLY A 58 3.51 -0.48 1.35
N TYR A 59 3.37 -1.73 1.78
CA TYR A 59 2.06 -2.31 2.02
C TYR A 59 1.92 -2.74 3.48
N TYR A 60 0.68 -3.05 3.88
CA TYR A 60 0.41 -3.49 5.25
C TYR A 60 -0.72 -4.51 5.27
N VAL A 61 -0.73 -5.35 6.29
CA VAL A 61 -1.76 -6.39 6.39
C VAL A 61 -2.05 -6.76 7.85
N CYS A 62 -3.19 -7.41 8.06
CA CYS A 62 -3.60 -7.84 9.40
C CYS A 62 -4.28 -9.21 9.33
N TYR A 63 -3.99 -10.05 10.31
CA TYR A 63 -4.58 -11.39 10.35
C TYR A 63 -4.51 -11.99 11.75
N THR A 64 -5.38 -12.96 12.02
CA THR A 64 -5.42 -13.62 13.32
C THR A 64 -5.37 -15.13 13.16
N PRO A 65 -4.77 -15.84 14.13
CA PRO A 65 -4.65 -17.31 14.08
C PRO A 65 -6.01 -17.98 13.85
N ALA A 66 -7.06 -17.37 14.37
CA ALA A 66 -8.41 -17.91 14.21
C ALA A 66 -9.04 -17.45 12.90
N SER A 67 -8.55 -16.31 12.39
CA SER A 67 -9.07 -15.76 11.15
C SER A 67 -7.98 -15.71 10.08
N ASN A 68 -7.98 -16.71 9.20
CA ASN A 68 -6.99 -16.79 8.14
C ASN A 68 -7.36 -15.89 6.97
N LYS A 69 -7.48 -14.59 7.24
CA LYS A 69 -7.83 -13.61 6.21
C LYS A 69 -6.88 -12.43 6.24
N ASN A 70 -6.20 -12.19 5.12
CA ASN A 70 -5.25 -11.09 5.03
C ASN A 70 -5.43 -10.34 3.71
N THR A 71 -5.34 -9.01 3.78
CA THR A 71 -5.48 -8.17 2.60
C THR A 71 -4.29 -7.24 2.45
N TYR A 72 -3.75 -7.17 1.24
CA TYR A 72 -2.60 -6.32 0.96
C TYR A 72 -3.04 -4.92 0.57
N LEU A 73 -2.74 -3.95 1.43
CA LEU A 73 -3.10 -2.56 1.17
C LEU A 73 -1.86 -1.74 0.81
N TYR A 74 -2.06 -0.68 0.03
CA TYR A 74 -0.95 0.18 -0.39
C TYR A 74 -1.02 1.53 0.34
N LEU A 75 0.01 1.80 1.15
CA LEU A 75 0.06 3.04 1.90
C LEU A 75 1.29 3.86 1.52
N LYS A 76 1.07 5.05 0.98
CA LYS A 76 2.16 5.94 0.59
C LYS A 76 1.75 7.39 0.75
N ALA A 77 2.29 8.04 1.77
CA ALA A 77 1.98 9.44 2.04
C ALA A 77 3.10 10.11 2.83
N ARG A 78 3.02 11.43 2.95
CA ARG A 78 4.02 12.19 3.69
C ARG A 78 3.35 13.22 4.60
N VAL A 79 3.67 13.14 5.90
CA VAL A 79 3.11 14.09 6.85
C VAL A 79 4.15 15.12 7.25
N GLY A 80 3.68 16.31 7.54
CA GLY A 80 4.57 17.37 7.94
C GLY A 80 4.72 17.44 9.44
N SER A 81 5.92 17.77 9.86
CA SER A 81 6.22 17.90 11.28
C SER A 81 5.29 18.89 11.96
N ALA A 82 4.13 18.42 12.38
CA ALA A 82 3.14 19.26 13.04
C ALA A 82 2.91 18.80 14.46
N ASP A 83 4.00 18.50 15.14
CA ASP A 83 3.95 18.07 16.52
C ASP A 83 4.98 18.81 17.33
N ASP A 84 5.09 20.09 17.04
CA ASP A 84 6.04 20.97 17.72
C ASP A 84 7.47 20.46 17.57
N ALA A 85 8.07 20.73 16.42
CA ALA A 85 9.44 20.29 16.14
C ALA A 85 10.24 21.40 15.47
N LYS A 86 11.06 22.09 16.27
CA LYS A 86 11.88 23.18 15.75
C LYS A 86 13.24 23.21 16.45
N LYS A 87 13.73 22.03 16.83
CA LYS A 87 15.02 21.92 17.50
C LYS A 87 16.09 21.43 16.54
N ASP A 88 16.14 22.03 15.36
CA ASP A 88 17.12 21.66 14.33
C ASP A 88 17.26 20.15 14.21
N ALA A 89 16.39 19.54 13.41
CA ALA A 89 16.42 18.10 13.21
C ALA A 89 17.76 17.64 12.65
N ALA A 90 17.89 16.33 12.44
CA ALA A 90 19.13 15.77 11.92
C ALA A 90 18.84 14.67 10.89
N LYS A 91 17.87 14.93 10.02
CA LYS A 91 17.49 13.97 8.99
C LYS A 91 17.32 14.65 7.64
N LYS A 92 17.77 13.98 6.58
CA LYS A 92 17.66 14.52 5.23
C LYS A 92 16.47 13.92 4.49
N ASP A 93 16.28 14.34 3.24
CA ASP A 93 15.18 13.85 2.44
C ASP A 93 15.37 14.25 0.97
N ASP A 94 16.59 14.16 0.50
CA ASP A 94 16.91 14.50 -0.89
C ASP A 94 18.22 13.84 -1.33
N ALA A 95 18.19 13.25 -2.51
CA ALA A 95 19.37 12.58 -3.05
C ALA A 95 19.43 12.71 -4.58
N LYS A 96 20.61 13.02 -5.09
CA LYS A 96 20.81 13.18 -6.53
C LYS A 96 20.62 11.85 -7.25
N LYS A 97 20.98 10.76 -6.58
CA LYS A 97 20.85 9.42 -7.15
C LYS A 97 19.62 8.71 -6.59
N ASP A 98 19.44 7.46 -7.00
CA ASP A 98 18.30 6.66 -6.55
C ASP A 98 18.74 5.27 -6.11
N ASP A 99 17.78 4.42 -5.79
CA ASP A 99 18.08 3.06 -5.36
C ASP A 99 18.85 2.30 -6.44
N ALA A 100 20.17 2.36 -6.36
CA ALA A 100 21.02 1.68 -7.34
C ALA A 100 21.09 0.18 -7.06
N LYS A 101 21.95 -0.52 -7.79
CA LYS A 101 22.11 -1.96 -7.62
C LYS A 101 20.80 -2.69 -7.90
N LYS A 102 19.96 -2.10 -8.74
CA LYS A 102 18.68 -2.69 -9.10
C LYS A 102 18.83 -3.70 -10.24
N ASP A 103 20.07 -3.92 -10.68
CA ASP A 103 20.34 -4.86 -11.77
C ASP A 103 20.56 -6.27 -11.26
N GLY A 104 19.90 -6.60 -10.16
CA GLY A 104 20.03 -7.94 -9.60
C GLY A 104 20.69 -7.94 -8.24
N SER A 105 20.34 -6.97 -7.39
CA SER A 105 20.92 -6.89 -6.06
C SER A 105 20.54 -8.10 -5.23
N GLN A 106 21.20 -8.25 -4.08
CA GLN A 106 20.93 -9.36 -3.20
C GLN A 106 19.77 -9.04 -2.26
N THR A 107 18.69 -9.81 -2.38
CA THR A 107 17.52 -9.62 -1.57
C THR A 107 16.99 -8.21 -1.71
N ASN A 108 16.61 -7.91 -2.93
CA ASN A 108 16.08 -6.59 -3.26
C ASN A 108 14.56 -6.57 -3.17
N LYS A 109 13.97 -5.38 -3.30
CA LYS A 109 12.52 -5.24 -3.23
C LYS A 109 12.00 -4.41 -4.40
N ALA A 110 11.97 -5.03 -5.58
CA ALA A 110 11.49 -4.36 -6.78
C ALA A 110 10.87 -5.36 -7.76
N LYS A 111 10.20 -6.37 -7.22
CA LYS A 111 9.56 -7.38 -8.05
C LYS A 111 8.48 -8.11 -7.26
N ASN A 112 7.36 -7.44 -7.02
CA ASN A 112 6.25 -8.03 -6.29
C ASN A 112 5.07 -8.32 -7.21
N LEU A 113 3.99 -8.85 -6.64
CA LEU A 113 2.80 -9.18 -7.41
C LEU A 113 2.27 -7.94 -8.14
N VAL A 114 2.04 -6.87 -7.37
CA VAL A 114 1.53 -5.63 -7.94
C VAL A 114 2.37 -4.45 -7.49
N GLN A 115 2.45 -3.42 -8.34
CA GLN A 115 3.23 -2.24 -8.01
C GLN A 115 2.53 -0.97 -8.47
N VAL A 116 2.91 0.15 -7.88
CA VAL A 116 2.33 1.45 -8.23
C VAL A 116 3.42 2.52 -8.30
N ASP A 117 3.29 3.42 -9.27
CA ASP A 117 4.27 4.50 -9.44
C ASP A 117 3.81 5.76 -8.71
N GLY A 118 4.77 6.62 -8.39
CA GLY A 118 4.45 7.85 -7.69
C GLY A 118 5.56 8.88 -7.77
N SER A 119 6.80 8.42 -7.60
CA SER A 119 7.95 9.31 -7.64
C SER A 119 8.76 9.10 -8.93
N ARG A 120 8.27 9.65 -10.03
CA ARG A 120 8.95 9.53 -11.31
C ARG A 120 9.61 10.84 -11.73
N GLY A 121 9.75 11.73 -10.76
CA GLY A 121 10.36 13.02 -11.03
C GLY A 121 9.33 14.14 -11.12
N ASP A 122 8.23 13.86 -11.81
CA ASP A 122 7.16 14.84 -11.96
C ASP A 122 6.12 14.67 -10.84
N GLY A 123 6.05 13.46 -10.29
CA GLY A 123 5.09 13.19 -9.23
C GLY A 123 3.83 12.52 -9.73
N SER A 124 3.93 11.85 -10.88
CA SER A 124 2.77 11.17 -11.46
C SER A 124 2.63 9.77 -10.88
N VAL A 125 1.40 9.35 -10.64
CA VAL A 125 1.14 8.03 -10.08
C VAL A 125 0.66 7.06 -11.16
N LEU A 126 1.39 5.96 -11.31
CA LEU A 126 1.03 4.94 -12.30
C LEU A 126 0.88 3.58 -11.64
N LEU A 127 -0.36 3.17 -11.44
CA LEU A 127 -0.65 1.89 -10.80
C LEU A 127 -0.46 0.73 -11.78
N THR A 128 0.47 -0.16 -11.47
CA THR A 128 0.73 -1.31 -12.34
C THR A 128 0.11 -2.58 -11.77
N CYS A 129 -0.40 -3.43 -12.65
CA CYS A 129 -1.01 -4.68 -12.25
C CYS A 129 -0.85 -5.75 -13.33
N GLY A 130 -1.71 -6.77 -13.31
CA GLY A 130 -1.62 -7.83 -14.30
C GLY A 130 -0.49 -8.80 -14.03
N LEU A 131 0.35 -8.49 -13.05
CA LEU A 131 1.48 -9.34 -12.69
C LEU A 131 2.22 -9.85 -13.94
N THR A 132 2.72 -8.91 -14.72
CA THR A 132 3.46 -9.24 -15.95
C THR A 132 2.59 -9.91 -17.01
N ASP A 133 1.28 -9.66 -16.95
CA ASP A 133 0.36 -10.24 -17.91
C ASP A 133 0.32 -9.41 -19.17
N LYS A 134 0.25 -10.09 -20.30
CA LYS A 134 0.16 -9.43 -21.60
C LYS A 134 -1.21 -8.77 -21.73
N THR A 135 -2.12 -9.16 -20.86
CA THR A 135 -3.48 -8.61 -20.86
C THR A 135 -3.89 -8.23 -19.44
N ILE A 136 -4.41 -7.01 -19.28
CA ILE A 136 -4.83 -6.54 -17.96
C ILE A 136 -6.13 -5.75 -18.05
N LYS A 137 -6.97 -5.92 -17.04
CA LYS A 137 -8.25 -5.21 -16.99
C LYS A 137 -8.54 -4.74 -15.56
N TRP A 138 -8.42 -3.44 -15.34
CA TRP A 138 -8.67 -2.88 -14.01
C TRP A 138 -10.15 -2.54 -13.81
N LEU A 139 -10.61 -2.72 -12.58
CA LEU A 139 -12.00 -2.44 -12.24
C LEU A 139 -12.09 -1.59 -10.97
N LYS A 140 -13.25 -1.02 -10.72
CA LYS A 140 -13.45 -0.17 -9.55
C LYS A 140 -14.80 -0.47 -8.90
N ASP A 141 -14.75 -0.93 -7.64
CA ASP A 141 -15.96 -1.27 -6.90
C ASP A 141 -16.96 -2.04 -7.75
N GLY A 142 -16.44 -2.82 -8.69
CA GLY A 142 -17.29 -3.60 -9.57
C GLY A 142 -17.64 -2.89 -10.85
N SER A 143 -16.81 -1.92 -11.23
CA SER A 143 -17.03 -1.15 -12.45
C SER A 143 -15.77 -1.13 -13.31
N ILE A 144 -15.95 -1.42 -14.60
CA ILE A 144 -14.82 -1.43 -15.54
C ILE A 144 -14.31 -0.01 -15.79
N ILE A 145 -13.02 0.19 -15.60
CA ILE A 145 -12.40 1.48 -15.82
C ILE A 145 -11.05 1.30 -16.51
N SER A 146 -11.03 1.62 -17.78
CA SER A 146 -9.81 1.48 -18.58
C SER A 146 -9.44 2.80 -19.26
N PRO A 147 -8.14 3.00 -19.53
CA PRO A 147 -7.65 4.21 -20.19
C PRO A 147 -7.65 4.10 -21.71
N LEU A 148 -7.66 5.25 -22.38
CA LEU A 148 -7.65 5.28 -23.83
C LEU A 148 -6.43 6.03 -24.35
N ASN A 149 -5.37 6.00 -23.58
CA ASN A 149 -4.12 6.66 -23.95
C ASN A 149 -2.95 6.07 -23.18
N ALA A 150 -3.10 4.82 -22.75
CA ALA A 150 -2.06 4.14 -22.01
C ALA A 150 -2.32 2.64 -21.95
N THR A 151 -1.25 1.86 -21.82
CA THR A 151 -1.38 0.41 -21.76
C THR A 151 -0.04 -0.25 -21.42
N LYS A 152 0.77 0.42 -20.63
CA LYS A 152 2.06 -0.12 -20.22
C LYS A 152 1.92 -0.81 -18.86
N ASN A 153 0.94 -1.69 -18.78
CA ASN A 153 0.66 -2.44 -17.57
C ASN A 153 0.46 -1.50 -16.39
N THR A 154 0.14 -0.23 -16.69
CA THR A 154 -0.06 0.76 -15.64
C THR A 154 -1.47 1.33 -15.65
N TRP A 155 -1.76 2.15 -14.66
CA TRP A 155 -3.05 2.80 -14.52
C TRP A 155 -2.87 4.27 -14.19
N ASN A 156 -3.64 5.13 -14.85
CA ASN A 156 -3.55 6.56 -14.62
C ASN A 156 -4.30 6.97 -13.36
N LEU A 157 -3.55 7.35 -12.33
CA LEU A 157 -4.13 7.76 -11.07
C LEU A 157 -4.13 9.28 -10.95
N GLY A 158 -2.96 9.89 -11.14
CA GLY A 158 -2.85 11.33 -11.05
C GLY A 158 -1.56 11.77 -10.41
N ASN A 159 -1.62 12.90 -9.71
CA ASN A 159 -0.45 13.44 -9.02
C ASN A 159 -0.56 13.22 -7.53
N ASN A 160 0.40 12.48 -6.98
CA ASN A 160 0.42 12.18 -5.54
C ASN A 160 0.04 13.39 -4.70
N ALA A 161 0.39 14.59 -5.19
CA ALA A 161 0.08 15.82 -4.48
C ALA A 161 -1.41 15.95 -4.22
N LYS A 162 -2.22 15.47 -5.17
CA LYS A 162 -3.67 15.54 -5.05
C LYS A 162 -4.33 14.53 -6.00
N ASP A 163 -3.89 13.28 -5.92
CA ASP A 163 -4.44 12.22 -6.76
C ASP A 163 -5.58 11.50 -6.05
N PRO A 164 -6.41 10.75 -6.80
CA PRO A 164 -7.54 10.01 -6.24
C PRO A 164 -7.11 9.07 -5.11
N ARG A 165 -8.07 8.34 -4.56
CA ARG A 165 -7.79 7.41 -3.48
C ARG A 165 -8.93 6.40 -3.33
N GLY A 166 -8.58 5.15 -3.01
CA GLY A 166 -9.59 4.13 -2.85
C GLY A 166 -9.06 2.74 -3.13
N THR A 167 -9.93 1.87 -3.65
CA THR A 167 -9.56 0.50 -3.96
C THR A 167 -9.68 0.22 -5.46
N TYR A 168 -8.74 -0.55 -5.99
CA TYR A 168 -8.74 -0.89 -7.41
C TYR A 168 -8.40 -2.36 -7.61
N GLN A 169 -9.31 -3.09 -8.25
CA GLN A 169 -9.11 -4.51 -8.52
C GLN A 169 -8.68 -4.73 -9.97
N CYS A 170 -7.72 -5.62 -10.18
CA CYS A 170 -7.21 -5.91 -11.52
C CYS A 170 -7.53 -7.34 -11.93
N GLN A 171 -7.52 -7.58 -13.23
CA GLN A 171 -7.80 -8.92 -13.76
C GLN A 171 -6.75 -9.33 -14.78
N GLY A 172 -5.91 -10.28 -14.40
CA GLY A 172 -4.87 -10.77 -15.28
C GLY A 172 -5.35 -11.87 -16.19
N ALA A 173 -4.62 -12.07 -17.29
CA ALA A 173 -4.96 -13.11 -18.27
C ALA A 173 -5.50 -14.36 -17.61
N LYS A 174 -4.67 -14.98 -16.78
CA LYS A 174 -5.06 -16.19 -16.06
C LYS A 174 -5.02 -15.96 -14.56
N GLU A 175 -4.93 -14.69 -14.16
CA GLU A 175 -4.88 -14.33 -12.75
C GLU A 175 -5.79 -13.14 -12.47
N THR A 176 -6.03 -12.86 -11.21
CA THR A 176 -6.88 -11.74 -10.81
C THR A 176 -6.36 -11.06 -9.56
N SER A 177 -5.87 -9.84 -9.72
CA SER A 177 -5.36 -9.07 -8.60
C SER A 177 -6.49 -8.59 -7.70
N ASN A 178 -6.22 -8.51 -6.40
CA ASN A 178 -7.23 -8.07 -5.44
C ASN A 178 -7.29 -6.56 -5.36
N PRO A 179 -8.43 -6.01 -4.90
CA PRO A 179 -8.62 -4.55 -4.78
C PRO A 179 -7.47 -3.87 -4.03
N LEU A 180 -6.67 -3.12 -4.77
CA LEU A 180 -5.53 -2.42 -4.19
C LEU A 180 -5.96 -1.11 -3.54
N GLN A 181 -5.67 -0.99 -2.24
CA GLN A 181 -6.01 0.23 -1.51
C GLN A 181 -4.90 1.26 -1.66
N VAL A 182 -5.03 2.12 -2.67
CA VAL A 182 -4.03 3.15 -2.92
C VAL A 182 -4.38 4.43 -2.18
N TYR A 183 -3.63 4.72 -1.13
CA TYR A 183 -3.87 5.92 -0.33
C TYR A 183 -2.71 6.90 -0.46
N TYR A 184 -3.00 8.07 -1.00
CA TYR A 184 -1.99 9.10 -1.18
C TYR A 184 -2.33 10.36 -0.37
N ARG A 185 -3.54 10.87 -0.57
CA ARG A 185 -3.98 12.06 0.14
C ARG A 185 -5.46 12.35 -0.15
N MET A 186 -6.25 11.28 -0.24
CA MET A 186 -7.67 11.41 -0.51
C MET A 186 -7.92 12.07 -1.87
N ASP A 1 -24.44 -12.20 10.36
CA ASP A 1 -23.29 -11.55 9.69
C ASP A 1 -21.97 -11.99 10.31
N ASP A 2 -21.02 -12.39 9.47
CA ASP A 2 -19.72 -12.83 9.94
C ASP A 2 -18.78 -11.65 10.15
N ALA A 3 -18.60 -11.26 11.41
CA ALA A 3 -17.74 -10.14 11.75
C ALA A 3 -18.22 -8.85 11.10
N GLU A 4 -17.49 -7.77 11.33
CA GLU A 4 -17.85 -6.46 10.76
C GLU A 4 -17.94 -6.55 9.24
N ASN A 5 -18.95 -5.87 8.68
CA ASN A 5 -19.15 -5.88 7.24
C ASN A 5 -18.60 -4.59 6.61
N ILE A 6 -17.43 -4.17 7.07
CA ILE A 6 -16.81 -2.96 6.55
C ILE A 6 -15.45 -3.28 5.92
N GLU A 7 -14.85 -2.26 5.30
CA GLU A 7 -13.55 -2.44 4.65
C GLU A 7 -12.47 -1.62 5.36
N TYR A 8 -11.22 -1.87 4.99
CA TYR A 8 -10.09 -1.16 5.59
C TYR A 8 -10.31 0.34 5.58
N LYS A 9 -9.89 1.00 6.65
CA LYS A 9 -10.06 2.45 6.78
C LYS A 9 -8.70 3.14 7.00
N VAL A 10 -8.63 4.40 6.59
CA VAL A 10 -7.40 5.20 6.74
C VAL A 10 -7.75 6.64 7.08
N SER A 11 -7.14 7.18 8.12
CA SER A 11 -7.42 8.56 8.53
C SER A 11 -6.24 9.18 9.27
N ILE A 12 -5.80 10.34 8.81
CA ILE A 12 -4.68 11.03 9.43
C ILE A 12 -5.16 12.04 10.46
N SER A 13 -4.68 11.88 11.69
CA SER A 13 -5.04 12.78 12.78
C SER A 13 -3.81 13.39 13.41
N GLY A 14 -3.65 14.70 13.27
CA GLY A 14 -2.51 15.39 13.82
C GLY A 14 -1.20 14.70 13.53
N THR A 15 -0.85 14.61 12.24
CA THR A 15 0.39 13.98 11.82
C THR A 15 0.43 12.50 12.17
N SER A 16 -0.70 11.96 12.62
CA SER A 16 -0.78 10.55 12.98
C SER A 16 -1.81 9.83 12.12
N VAL A 17 -1.36 8.79 11.42
CA VAL A 17 -2.24 8.01 10.57
C VAL A 17 -2.88 6.87 11.36
N GLU A 18 -4.08 6.48 10.97
CA GLU A 18 -4.78 5.42 11.67
C GLU A 18 -5.55 4.52 10.72
N LEU A 19 -5.07 3.29 10.55
CA LEU A 19 -5.73 2.34 9.68
C LEU A 19 -6.60 1.40 10.51
N THR A 20 -7.67 0.91 9.91
CA THR A 20 -8.59 0.00 10.60
C THR A 20 -8.68 -1.32 9.86
N CYS A 21 -8.21 -2.38 10.52
CA CYS A 21 -8.24 -3.72 9.94
C CYS A 21 -9.60 -4.37 10.13
N PRO A 22 -10.07 -5.15 9.13
CA PRO A 22 -11.38 -5.82 9.20
C PRO A 22 -11.41 -6.98 10.21
N LEU A 23 -10.33 -7.17 10.96
CA LEU A 23 -10.27 -8.23 11.95
C LEU A 23 -10.06 -7.65 13.34
N ASP A 24 -10.96 -8.00 14.26
CA ASP A 24 -10.88 -7.51 15.62
C ASP A 24 -9.48 -7.65 16.18
N SER A 25 -9.26 -7.08 17.35
CA SER A 25 -7.95 -7.13 18.00
C SER A 25 -7.88 -8.29 18.99
N ASP A 26 -7.34 -9.41 18.53
CA ASP A 26 -7.21 -10.59 19.37
C ASP A 26 -5.85 -10.63 20.05
N GLU A 27 -5.71 -11.50 21.05
CA GLU A 27 -4.45 -11.64 21.77
C GLU A 27 -3.42 -12.42 20.96
N ASN A 28 -3.51 -12.28 19.64
CA ASN A 28 -2.61 -12.95 18.73
C ASN A 28 -2.68 -12.32 17.34
N LEU A 29 -3.16 -11.07 17.27
CA LEU A 29 -3.28 -10.36 16.02
C LEU A 29 -1.93 -9.75 15.63
N LYS A 30 -1.56 -9.90 14.37
CA LYS A 30 -0.28 -9.37 13.88
C LYS A 30 -0.48 -8.43 12.69
N TRP A 31 0.44 -7.50 12.54
CA TRP A 31 0.39 -6.53 11.45
C TRP A 31 1.68 -6.58 10.62
N GLU A 32 1.69 -5.86 9.50
CA GLU A 32 2.86 -5.84 8.63
C GLU A 32 2.90 -4.54 7.82
N LYS A 33 4.11 -4.14 7.44
CA LYS A 33 4.30 -2.92 6.66
C LYS A 33 5.40 -3.10 5.63
N ASN A 34 5.28 -2.39 4.50
CA ASN A 34 6.27 -2.46 3.42
C ASN A 34 6.79 -3.88 3.22
N GLY A 35 7.91 -4.21 3.88
CA GLY A 35 8.48 -5.54 3.74
C GLY A 35 8.67 -6.23 5.09
N GLN A 36 8.88 -5.44 6.13
CA GLN A 36 9.08 -5.97 7.48
C GLN A 36 7.73 -6.14 8.19
N GLU A 37 7.68 -7.07 9.12
CA GLU A 37 6.46 -7.32 9.89
C GLU A 37 6.51 -6.60 11.23
N LEU A 38 5.34 -6.26 11.76
CA LEU A 38 5.24 -5.57 13.04
C LEU A 38 4.59 -6.45 14.10
N PRO A 39 5.39 -7.01 15.02
CA PRO A 39 4.88 -7.88 16.09
C PRO A 39 4.29 -7.09 17.24
N GLN A 40 3.74 -7.80 18.22
CA GLN A 40 3.14 -7.16 19.39
C GLN A 40 2.02 -6.20 18.98
N LYS A 41 1.44 -6.43 17.81
CA LYS A 41 0.36 -5.58 17.30
C LYS A 41 -0.99 -6.24 17.55
N HIS A 42 -1.41 -6.25 18.81
CA HIS A 42 -2.68 -6.85 19.19
C HIS A 42 -3.81 -5.83 19.12
N ASP A 43 -3.81 -5.03 18.05
CA ASP A 43 -4.84 -4.01 17.85
C ASP A 43 -5.47 -4.12 16.47
N LYS A 44 -6.74 -3.74 16.37
CA LYS A 44 -7.47 -3.80 15.11
C LYS A 44 -7.15 -2.57 14.26
N HIS A 45 -6.97 -1.43 14.91
CA HIS A 45 -6.67 -0.20 14.21
C HIS A 45 -5.21 0.20 14.42
N LEU A 46 -4.40 0.02 13.39
CA LEU A 46 -2.99 0.37 13.45
C LEU A 46 -2.80 1.87 13.23
N VAL A 47 -2.00 2.49 14.10
CA VAL A 47 -1.74 3.92 13.99
C VAL A 47 -0.30 4.19 13.58
N LEU A 48 -0.13 5.26 12.82
CA LEU A 48 1.18 5.68 12.37
C LEU A 48 1.41 7.13 12.78
N GLN A 49 2.04 7.31 13.93
CA GLN A 49 2.31 8.64 14.44
C GLN A 49 3.52 9.25 13.73
N ASP A 50 3.28 10.33 13.01
CA ASP A 50 4.34 11.00 12.25
C ASP A 50 4.68 10.20 11.01
N PHE A 51 3.76 10.22 10.04
CA PHE A 51 3.94 9.49 8.79
C PHE A 51 5.20 9.94 8.07
N SER A 52 6.13 9.01 7.89
CA SER A 52 7.39 9.30 7.21
C SER A 52 7.51 8.49 5.94
N GLU A 53 7.07 9.07 4.82
CA GLU A 53 7.14 8.39 3.53
C GLU A 53 8.57 7.97 3.23
N VAL A 54 9.53 8.74 3.77
CA VAL A 54 10.94 8.46 3.57
C VAL A 54 11.32 7.11 4.20
N GLU A 55 10.63 6.75 5.27
CA GLU A 55 10.88 5.50 5.96
C GLU A 55 10.71 4.30 5.02
N ASP A 56 10.03 4.54 3.90
CA ASP A 56 9.78 3.49 2.90
C ASP A 56 8.50 2.72 3.21
N SER A 57 7.37 3.38 3.02
CA SER A 57 6.07 2.76 3.27
C SER A 57 5.85 1.60 2.30
N GLY A 58 4.58 1.30 2.01
CA GLY A 58 4.29 0.21 1.09
C GLY A 58 3.05 -0.57 1.46
N TYR A 59 3.09 -1.88 1.26
CA TYR A 59 1.96 -2.75 1.55
C TYR A 59 1.90 -3.11 3.04
N TYR A 60 0.71 -3.42 3.52
CA TYR A 60 0.50 -3.79 4.92
C TYR A 60 -0.41 -5.01 5.00
N VAL A 61 -0.37 -5.70 6.14
CA VAL A 61 -1.19 -6.89 6.31
C VAL A 61 -1.57 -7.13 7.77
N CYS A 62 -2.76 -7.66 7.98
CA CYS A 62 -3.26 -7.94 9.33
C CYS A 62 -4.05 -9.24 9.33
N TYR A 63 -3.69 -10.16 10.22
CA TYR A 63 -4.38 -11.44 10.31
C TYR A 63 -4.30 -12.02 11.72
N THR A 64 -5.16 -13.00 11.99
CA THR A 64 -5.20 -13.65 13.30
C THR A 64 -5.12 -15.16 13.14
N PRO A 65 -4.62 -15.87 14.18
CA PRO A 65 -4.50 -17.33 14.14
C PRO A 65 -5.80 -18.02 13.74
N ALA A 66 -6.88 -17.67 14.42
CA ALA A 66 -8.19 -18.25 14.13
C ALA A 66 -8.81 -17.62 12.89
N SER A 67 -8.33 -16.45 12.51
CA SER A 67 -8.84 -15.74 11.33
C SER A 67 -7.75 -15.57 10.28
N ASN A 68 -7.76 -16.46 9.28
CA ASN A 68 -6.77 -16.41 8.20
C ASN A 68 -7.24 -15.49 7.08
N LYS A 69 -7.03 -14.19 7.26
CA LYS A 69 -7.43 -13.21 6.26
C LYS A 69 -6.20 -12.53 5.66
N ASN A 70 -6.30 -12.14 4.39
CA ASN A 70 -5.19 -11.48 3.71
C ASN A 70 -5.63 -10.17 3.08
N THR A 71 -5.06 -9.07 3.57
CA THR A 71 -5.39 -7.74 3.06
C THR A 71 -4.12 -6.93 2.84
N TYR A 72 -3.97 -6.35 1.65
CA TYR A 72 -2.79 -5.57 1.33
C TYR A 72 -3.09 -4.07 1.34
N LEU A 73 -2.58 -3.37 2.35
CA LEU A 73 -2.79 -1.94 2.48
C LEU A 73 -1.59 -1.16 1.96
N TYR A 74 -1.82 -0.34 0.95
CA TYR A 74 -0.77 0.48 0.37
C TYR A 74 -0.86 1.90 0.91
N LEU A 75 0.00 2.23 1.86
CA LEU A 75 0.01 3.56 2.46
C LEU A 75 1.25 4.34 2.08
N LYS A 76 1.03 5.54 1.54
CA LYS A 76 2.11 6.42 1.15
C LYS A 76 1.64 7.87 1.20
N ALA A 77 2.09 8.60 2.21
CA ALA A 77 1.71 10.00 2.38
C ALA A 77 2.75 10.75 3.20
N ARG A 78 2.56 12.06 3.30
CA ARG A 78 3.47 12.92 4.06
C ARG A 78 2.69 13.88 4.94
N VAL A 79 2.79 13.69 6.25
CA VAL A 79 2.11 14.57 7.18
C VAL A 79 3.06 15.63 7.70
N GLY A 80 2.54 16.82 7.90
CA GLY A 80 3.35 17.89 8.41
C GLY A 80 3.46 17.86 9.90
N SER A 81 4.65 18.14 10.38
CA SER A 81 4.94 18.15 11.81
C SER A 81 4.03 19.13 12.54
N ALA A 82 2.82 18.69 12.84
CA ALA A 82 1.86 19.53 13.54
C ALA A 82 1.46 18.89 14.86
N ASP A 83 2.47 18.40 15.58
CA ASP A 83 2.25 17.78 16.87
C ASP A 83 3.33 18.23 17.83
N ASP A 84 3.66 19.50 17.74
CA ASP A 84 4.68 20.11 18.59
C ASP A 84 6.05 19.52 18.29
N ALA A 85 6.96 20.37 17.80
CA ALA A 85 8.32 19.95 17.49
C ALA A 85 9.33 20.65 18.38
N LYS A 86 10.60 20.46 18.09
CA LYS A 86 11.67 21.08 18.88
C LYS A 86 12.61 21.89 17.99
N LYS A 87 13.63 21.24 17.44
CA LYS A 87 14.60 21.90 16.57
C LYS A 87 15.66 20.91 16.09
N ASP A 88 16.04 21.03 14.82
CA ASP A 88 17.05 20.16 14.24
C ASP A 88 18.45 20.66 14.55
N ALA A 89 19.29 19.78 15.09
CA ALA A 89 20.66 20.14 15.44
C ALA A 89 21.62 19.89 14.29
N ALA A 90 21.08 19.56 13.12
CA ALA A 90 21.90 19.30 11.94
C ALA A 90 22.92 18.21 12.22
N LYS A 91 22.46 17.06 12.71
CA LYS A 91 23.34 15.95 13.01
C LYS A 91 24.02 15.43 11.74
N LYS A 92 25.12 16.05 11.37
CA LYS A 92 25.86 15.66 10.17
C LYS A 92 24.98 15.79 8.93
N ASP A 93 24.30 16.92 8.82
CA ASP A 93 23.42 17.18 7.68
C ASP A 93 22.26 16.18 7.65
N ASP A 94 21.05 16.70 7.50
CA ASP A 94 19.86 15.85 7.45
C ASP A 94 19.81 15.05 6.16
N ALA A 95 20.05 13.74 6.28
CA ALA A 95 20.04 12.86 5.12
C ALA A 95 19.79 11.41 5.53
N LYS A 96 20.64 10.91 6.42
CA LYS A 96 20.51 9.53 6.90
C LYS A 96 20.61 8.55 5.75
N LYS A 97 21.84 8.22 5.35
CA LYS A 97 22.07 7.28 4.26
C LYS A 97 21.56 5.90 4.61
N ASP A 98 21.60 4.99 3.65
CA ASP A 98 21.14 3.62 3.86
C ASP A 98 22.20 2.62 3.41
N ASP A 99 22.63 1.75 4.32
CA ASP A 99 23.64 0.75 4.03
C ASP A 99 23.18 -0.18 2.90
N ALA A 100 23.67 0.09 1.69
CA ALA A 100 23.30 -0.72 0.53
C ALA A 100 23.72 -2.17 0.72
N LYS A 101 23.35 -3.01 -0.24
CA LYS A 101 23.69 -4.43 -0.18
C LYS A 101 24.98 -4.71 -0.95
N LYS A 102 26.00 -3.90 -0.71
CA LYS A 102 27.28 -4.05 -1.38
C LYS A 102 27.89 -5.43 -1.08
N ASP A 103 27.64 -5.94 0.12
CA ASP A 103 28.16 -7.24 0.53
C ASP A 103 27.10 -8.32 0.37
N GLY A 104 26.22 -8.13 -0.59
CA GLY A 104 25.15 -9.09 -0.84
C GLY A 104 24.34 -9.39 0.40
N SER A 105 24.15 -8.38 1.25
CA SER A 105 23.38 -8.55 2.47
C SER A 105 21.97 -9.06 2.18
N GLN A 106 21.70 -10.28 2.60
CA GLN A 106 20.40 -10.90 2.37
C GLN A 106 19.31 -10.13 3.13
N THR A 107 18.41 -9.52 2.38
CA THR A 107 17.32 -8.75 2.98
C THR A 107 16.28 -8.37 1.92
N ASN A 108 15.68 -9.39 1.33
CA ASN A 108 14.67 -9.18 0.30
C ASN A 108 14.03 -10.51 -0.11
N LYS A 109 12.83 -10.76 0.40
CA LYS A 109 12.11 -11.99 0.09
C LYS A 109 11.73 -12.03 -1.39
N ALA A 110 11.39 -10.88 -1.94
CA ALA A 110 11.00 -10.79 -3.34
C ALA A 110 9.78 -11.64 -3.63
N LYS A 111 9.53 -11.89 -4.91
CA LYS A 111 8.38 -12.70 -5.32
C LYS A 111 7.07 -12.04 -4.89
N ASN A 112 6.53 -11.17 -5.74
CA ASN A 112 5.29 -10.48 -5.44
C ASN A 112 4.25 -10.75 -6.54
N LEU A 113 3.11 -10.06 -6.44
CA LEU A 113 2.05 -10.22 -7.42
C LEU A 113 1.76 -8.90 -8.13
N VAL A 114 1.18 -7.95 -7.41
CA VAL A 114 0.86 -6.65 -7.97
C VAL A 114 1.87 -5.60 -7.53
N GLN A 115 2.09 -4.60 -8.39
CA GLN A 115 3.03 -3.53 -8.08
C GLN A 115 2.49 -2.18 -8.53
N VAL A 116 3.02 -1.11 -7.96
CA VAL A 116 2.58 0.24 -8.30
C VAL A 116 3.77 1.20 -8.41
N ASP A 117 3.59 2.26 -9.18
CA ASP A 117 4.65 3.25 -9.35
C ASP A 117 4.38 4.50 -8.53
N GLY A 118 5.44 5.22 -8.20
CA GLY A 118 5.30 6.43 -7.42
C GLY A 118 6.19 7.56 -7.93
N SER A 119 7.44 7.23 -8.23
CA SER A 119 8.39 8.22 -8.74
C SER A 119 8.89 7.82 -10.11
N ARG A 120 8.17 8.24 -11.15
CA ARG A 120 8.53 7.93 -12.52
C ARG A 120 9.31 9.08 -13.16
N GLY A 121 9.80 9.97 -12.32
CA GLY A 121 10.55 11.11 -12.81
C GLY A 121 9.76 12.40 -12.71
N ASP A 122 8.48 12.32 -13.06
CA ASP A 122 7.60 13.48 -12.99
C ASP A 122 6.84 13.53 -11.67
N GLY A 123 6.69 12.36 -11.06
CA GLY A 123 5.98 12.28 -9.79
C GLY A 123 4.55 11.83 -9.95
N SER A 124 4.34 10.84 -10.83
CA SER A 124 2.99 10.32 -11.08
C SER A 124 2.90 8.85 -10.70
N VAL A 125 1.86 8.50 -9.93
CA VAL A 125 1.66 7.13 -9.50
C VAL A 125 1.04 6.29 -10.61
N LEU A 126 1.65 5.14 -10.89
CA LEU A 126 1.17 4.25 -11.93
C LEU A 126 1.06 2.82 -11.40
N LEU A 127 -0.17 2.39 -11.11
CA LEU A 127 -0.39 1.04 -10.60
C LEU A 127 -0.22 -0.01 -11.69
N THR A 128 0.58 -1.02 -11.42
CA THR A 128 0.82 -2.08 -12.38
C THR A 128 0.11 -3.36 -11.97
N CYS A 129 -0.56 -3.99 -12.93
CA CYS A 129 -1.29 -5.24 -12.67
C CYS A 129 -1.23 -6.16 -13.89
N GLY A 130 -2.07 -7.20 -13.87
CA GLY A 130 -2.11 -8.13 -14.97
C GLY A 130 -1.20 -9.33 -14.74
N LEU A 131 -0.05 -9.10 -14.12
CA LEU A 131 0.89 -10.17 -13.84
C LEU A 131 1.49 -10.74 -15.12
N THR A 132 2.32 -9.95 -15.78
CA THR A 132 2.97 -10.35 -17.02
C THR A 132 1.95 -10.78 -18.06
N ASP A 133 0.71 -10.32 -17.91
CA ASP A 133 -0.35 -10.66 -18.85
C ASP A 133 -0.41 -9.65 -19.99
N LYS A 134 -0.73 -10.16 -21.16
CA LYS A 134 -0.86 -9.32 -22.34
C LYS A 134 -2.23 -8.64 -22.33
N THR A 135 -3.06 -9.02 -21.36
CA THR A 135 -4.38 -8.46 -21.21
C THR A 135 -4.66 -8.07 -19.76
N ILE A 136 -5.11 -6.84 -19.55
CA ILE A 136 -5.40 -6.36 -18.21
C ILE A 136 -6.64 -5.47 -18.19
N LYS A 137 -7.51 -5.70 -17.21
CA LYS A 137 -8.73 -4.93 -17.07
C LYS A 137 -8.88 -4.45 -15.63
N TRP A 138 -8.67 -3.14 -15.41
CA TRP A 138 -8.80 -2.55 -14.09
C TRP A 138 -10.19 -2.00 -13.85
N LEU A 139 -10.68 -2.18 -12.64
CA LEU A 139 -12.01 -1.70 -12.27
C LEU A 139 -11.95 -0.87 -10.99
N LYS A 140 -12.95 -0.03 -10.79
CA LYS A 140 -13.03 0.82 -9.60
C LYS A 140 -14.44 0.80 -9.01
N ASP A 141 -14.52 0.54 -7.71
CA ASP A 141 -15.80 0.48 -7.01
C ASP A 141 -16.84 -0.32 -7.80
N GLY A 142 -16.36 -1.32 -8.54
CA GLY A 142 -17.25 -2.15 -9.33
C GLY A 142 -17.56 -1.56 -10.69
N SER A 143 -16.67 -0.72 -11.19
CA SER A 143 -16.84 -0.09 -12.50
C SER A 143 -15.59 -0.22 -13.34
N ILE A 144 -15.76 -0.23 -14.66
CA ILE A 144 -14.64 -0.34 -15.58
C ILE A 144 -14.02 1.03 -15.86
N ILE A 145 -12.71 1.12 -15.68
CA ILE A 145 -12.00 2.36 -15.92
C ILE A 145 -10.68 2.08 -16.62
N SER A 146 -10.63 2.39 -17.91
CA SER A 146 -9.44 2.17 -18.71
C SER A 146 -8.97 3.45 -19.38
N PRO A 147 -7.66 3.55 -19.67
CA PRO A 147 -7.07 4.72 -20.31
C PRO A 147 -7.09 4.63 -21.83
N LEU A 148 -7.02 5.78 -22.49
CA LEU A 148 -7.03 5.83 -23.94
C LEU A 148 -5.76 6.48 -24.47
N ASN A 149 -4.70 6.38 -23.69
CA ASN A 149 -3.40 6.93 -24.06
C ASN A 149 -2.30 6.30 -23.22
N ALA A 150 -2.54 5.07 -22.77
CA ALA A 150 -1.58 4.35 -21.95
C ALA A 150 -1.88 2.86 -21.92
N THR A 151 -0.85 2.05 -21.76
CA THR A 151 -1.03 0.60 -21.72
C THR A 151 0.27 -0.12 -21.38
N LYS A 152 1.05 0.46 -20.47
CA LYS A 152 2.32 -0.14 -20.05
C LYS A 152 2.09 -0.97 -18.80
N ASN A 153 1.06 -1.80 -18.84
CA ASN A 153 0.69 -2.64 -17.73
C ASN A 153 0.52 -1.81 -16.45
N THR A 154 0.30 -0.51 -16.63
CA THR A 154 0.11 0.39 -15.51
C THR A 154 -1.24 1.11 -15.56
N TRP A 155 -1.57 1.80 -14.47
CA TRP A 155 -2.80 2.55 -14.38
C TRP A 155 -2.52 3.94 -13.80
N ASN A 156 -3.03 4.96 -14.47
CA ASN A 156 -2.82 6.33 -14.05
C ASN A 156 -3.70 6.68 -12.84
N LEU A 157 -3.09 7.28 -11.82
CA LEU A 157 -3.80 7.68 -10.62
C LEU A 157 -3.79 9.20 -10.47
N GLY A 158 -2.72 9.82 -10.97
CA GLY A 158 -2.59 11.26 -10.89
C GLY A 158 -1.23 11.68 -10.38
N ASN A 159 -1.18 12.83 -9.71
CA ASN A 159 0.06 13.34 -9.16
C ASN A 159 0.06 13.22 -7.64
N ASN A 160 0.98 12.42 -7.12
CA ASN A 160 1.09 12.19 -5.68
C ASN A 160 0.96 13.50 -4.90
N ALA A 161 1.40 14.59 -5.50
CA ALA A 161 1.31 15.90 -4.86
C ALA A 161 -0.14 16.25 -4.53
N LYS A 162 -1.05 15.83 -5.40
CA LYS A 162 -2.47 16.10 -5.22
C LYS A 162 -3.31 15.14 -6.07
N ASP A 163 -3.25 13.86 -5.76
CA ASP A 163 -4.00 12.85 -6.49
C ASP A 163 -4.97 12.12 -5.57
N PRO A 164 -6.06 11.56 -6.14
CA PRO A 164 -7.05 10.82 -5.36
C PRO A 164 -6.54 9.46 -4.88
N ARG A 165 -7.41 8.71 -4.22
CA ARG A 165 -7.03 7.38 -3.71
C ARG A 165 -8.27 6.52 -3.51
N GLY A 166 -8.05 5.24 -3.20
CA GLY A 166 -9.15 4.33 -2.98
C GLY A 166 -8.77 2.89 -3.26
N THR A 167 -9.73 2.11 -3.75
CA THR A 167 -9.49 0.70 -4.05
C THR A 167 -9.61 0.43 -5.55
N TYR A 168 -8.67 -0.33 -6.09
CA TYR A 168 -8.67 -0.66 -7.51
C TYR A 168 -8.40 -2.15 -7.72
N GLN A 169 -9.33 -2.84 -8.36
CA GLN A 169 -9.18 -4.26 -8.64
C GLN A 169 -8.83 -4.49 -10.11
N CYS A 170 -7.96 -5.46 -10.37
CA CYS A 170 -7.56 -5.76 -11.74
C CYS A 170 -7.87 -7.21 -12.09
N GLN A 171 -8.04 -7.47 -13.38
CA GLN A 171 -8.35 -8.82 -13.86
C GLN A 171 -7.42 -9.22 -14.99
N GLY A 172 -6.52 -10.16 -14.70
CA GLY A 172 -5.58 -10.63 -15.70
C GLY A 172 -6.08 -11.86 -16.42
N ALA A 173 -5.53 -12.11 -17.62
CA ALA A 173 -5.90 -13.26 -18.43
C ALA A 173 -6.34 -14.45 -17.59
N LYS A 174 -5.43 -14.92 -16.75
CA LYS A 174 -5.71 -16.06 -15.87
C LYS A 174 -5.38 -15.71 -14.43
N GLU A 175 -5.15 -14.42 -14.17
CA GLU A 175 -4.83 -13.97 -12.82
C GLU A 175 -5.53 -12.66 -12.49
N THR A 176 -6.51 -12.74 -11.58
CA THR A 176 -7.27 -11.56 -11.18
C THR A 176 -6.74 -10.99 -9.87
N SER A 177 -6.30 -9.74 -9.91
CA SER A 177 -5.76 -9.09 -8.72
C SER A 177 -6.88 -8.51 -7.86
N ASN A 178 -6.64 -8.43 -6.56
CA ASN A 178 -7.64 -7.92 -5.63
C ASN A 178 -7.60 -6.39 -5.57
N PRO A 179 -8.64 -5.76 -5.01
CA PRO A 179 -8.72 -4.30 -4.91
C PRO A 179 -7.54 -3.69 -4.16
N LEU A 180 -6.69 -3.00 -4.91
CA LEU A 180 -5.51 -2.36 -4.35
C LEU A 180 -5.86 -1.05 -3.66
N GLN A 181 -5.51 -0.94 -2.38
CA GLN A 181 -5.78 0.28 -1.62
C GLN A 181 -4.61 1.24 -1.73
N VAL A 182 -4.67 2.13 -2.73
CA VAL A 182 -3.60 3.10 -2.95
C VAL A 182 -3.91 4.41 -2.24
N TYR A 183 -3.08 4.75 -1.25
CA TYR A 183 -3.25 5.98 -0.50
C TYR A 183 -2.15 6.99 -0.81
N TYR A 184 -2.47 7.94 -1.67
CA TYR A 184 -1.50 8.97 -2.06
C TYR A 184 -2.04 10.36 -1.77
N ARG A 185 -1.62 10.94 -0.65
CA ARG A 185 -2.06 12.26 -0.25
C ARG A 185 -0.87 13.16 0.09
N MET A 186 -1.16 14.42 0.40
CA MET A 186 -0.10 15.37 0.74
C MET A 186 -0.49 16.18 1.98
N ASP A 1 -27.29 0.09 10.93
CA ASP A 1 -27.79 -1.24 11.40
C ASP A 1 -26.64 -2.22 11.60
N ASP A 2 -26.00 -2.16 12.76
CA ASP A 2 -24.89 -3.04 13.08
C ASP A 2 -23.75 -2.86 12.07
N ALA A 3 -23.18 -1.66 12.04
CA ALA A 3 -22.09 -1.36 11.12
C ALA A 3 -20.90 -2.30 11.35
N GLU A 4 -20.53 -3.03 10.30
CA GLU A 4 -19.41 -3.96 10.40
C GLU A 4 -18.66 -4.05 9.07
N ASN A 5 -17.40 -4.44 9.12
CA ASN A 5 -16.58 -4.55 7.92
C ASN A 5 -16.43 -3.20 7.23
N ILE A 6 -15.59 -2.34 7.80
CA ILE A 6 -15.35 -1.02 7.25
C ILE A 6 -14.11 -1.02 6.35
N GLU A 7 -13.77 0.14 5.81
CA GLU A 7 -12.62 0.26 4.93
C GLU A 7 -11.43 0.84 5.69
N TYR A 8 -10.22 0.53 5.22
CA TYR A 8 -9.00 1.02 5.86
C TYR A 8 -9.01 2.55 5.95
N LYS A 9 -8.82 3.05 7.16
CA LYS A 9 -8.81 4.49 7.38
C LYS A 9 -7.46 4.96 7.93
N VAL A 10 -6.84 5.90 7.24
CA VAL A 10 -5.54 6.43 7.66
C VAL A 10 -5.64 7.89 8.07
N SER A 11 -4.90 8.26 9.11
CA SER A 11 -4.90 9.63 9.62
C SER A 11 -3.59 9.95 10.31
N ILE A 12 -2.84 10.91 9.76
CA ILE A 12 -1.57 11.30 10.34
C ILE A 12 -1.75 12.31 11.47
N SER A 13 -1.26 11.95 12.64
CA SER A 13 -1.35 12.81 13.82
C SER A 13 0.04 13.06 14.40
N GLY A 14 0.49 14.31 14.31
CA GLY A 14 1.80 14.66 14.84
C GLY A 14 2.91 13.75 14.36
N THR A 15 3.11 13.72 13.05
CA THR A 15 4.15 12.89 12.45
C THR A 15 3.91 11.40 12.68
N SER A 16 2.74 11.06 13.20
CA SER A 16 2.40 9.67 13.47
C SER A 16 1.16 9.27 12.69
N VAL A 17 1.26 8.19 11.93
CA VAL A 17 0.14 7.71 11.13
C VAL A 17 -0.73 6.76 11.94
N GLU A 18 -2.02 6.71 11.61
CA GLU A 18 -2.95 5.85 12.32
C GLU A 18 -3.92 5.18 11.36
N LEU A 19 -3.66 3.90 11.08
CA LEU A 19 -4.51 3.13 10.19
C LEU A 19 -5.61 2.43 10.97
N THR A 20 -6.75 2.23 10.34
CA THR A 20 -7.88 1.56 10.98
C THR A 20 -8.27 0.30 10.21
N CYS A 21 -8.17 -0.85 10.87
CA CYS A 21 -8.51 -2.12 10.25
C CYS A 21 -9.97 -2.48 10.51
N PRO A 22 -10.63 -3.12 9.53
CA PRO A 22 -12.04 -3.52 9.65
C PRO A 22 -12.25 -4.72 10.58
N LEU A 23 -11.19 -5.14 11.27
CA LEU A 23 -11.28 -6.27 12.18
C LEU A 23 -10.92 -5.84 13.59
N ASP A 24 -11.85 -5.98 14.52
CA ASP A 24 -11.64 -5.61 15.90
C ASP A 24 -10.30 -6.12 16.41
N SER A 25 -9.90 -5.63 17.57
CA SER A 25 -8.64 -6.04 18.17
C SER A 25 -8.82 -7.24 19.08
N ASP A 26 -8.54 -8.42 18.54
CA ASP A 26 -8.67 -9.66 19.30
C ASP A 26 -7.36 -10.01 19.99
N GLU A 27 -7.42 -10.95 20.92
CA GLU A 27 -6.22 -11.38 21.65
C GLU A 27 -5.35 -12.28 20.78
N ASN A 28 -5.39 -12.03 19.48
CA ASN A 28 -4.60 -12.79 18.51
C ASN A 28 -4.54 -12.06 17.18
N LEU A 29 -4.76 -10.73 17.21
CA LEU A 29 -4.72 -9.92 16.00
C LEU A 29 -3.27 -9.58 15.64
N LYS A 30 -2.97 -9.58 14.35
CA LYS A 30 -1.62 -9.28 13.90
C LYS A 30 -1.64 -8.44 12.62
N TRP A 31 -0.51 -7.79 12.34
CA TRP A 31 -0.38 -6.96 11.15
C TRP A 31 0.80 -7.42 10.30
N GLU A 32 0.79 -7.03 9.03
CA GLU A 32 1.87 -7.40 8.11
C GLU A 32 1.96 -6.43 6.94
N LYS A 33 3.18 -6.03 6.60
CA LYS A 33 3.39 -5.10 5.50
C LYS A 33 4.49 -5.60 4.58
N ASN A 34 4.37 -5.28 3.29
CA ASN A 34 5.36 -5.68 2.29
C ASN A 34 5.74 -7.15 2.43
N GLY A 35 6.76 -7.43 3.24
CA GLY A 35 7.21 -8.80 3.45
C GLY A 35 7.63 -9.06 4.88
N GLN A 36 7.08 -8.27 5.81
CA GLN A 36 7.42 -8.41 7.23
C GLN A 36 6.15 -8.56 8.06
N GLU A 37 6.27 -9.24 9.19
CA GLU A 37 5.13 -9.45 10.09
C GLU A 37 5.38 -8.81 11.45
N LEU A 38 4.40 -8.05 11.92
CA LEU A 38 4.51 -7.37 13.21
C LEU A 38 3.61 -8.05 14.26
N PRO A 39 4.20 -8.83 15.17
CA PRO A 39 3.44 -9.52 16.22
C PRO A 39 3.08 -8.61 17.38
N GLN A 40 2.35 -9.15 18.35
CA GLN A 40 1.93 -8.38 19.52
C GLN A 40 1.06 -7.19 19.12
N LYS A 41 0.29 -7.36 18.05
CA LYS A 41 -0.59 -6.32 17.57
C LYS A 41 -2.04 -6.59 17.96
N HIS A 42 -2.36 -6.35 19.21
CA HIS A 42 -3.71 -6.57 19.72
C HIS A 42 -4.56 -5.31 19.55
N ASP A 43 -4.43 -4.66 18.39
CA ASP A 43 -5.19 -3.45 18.10
C ASP A 43 -5.69 -3.44 16.67
N LYS A 44 -6.89 -2.91 16.48
CA LYS A 44 -7.48 -2.83 15.15
C LYS A 44 -6.90 -1.66 14.37
N HIS A 45 -6.52 -0.61 15.08
CA HIS A 45 -5.93 0.57 14.44
C HIS A 45 -4.42 0.57 14.63
N LEU A 46 -3.69 0.35 13.54
CA LEU A 46 -2.24 0.34 13.59
C LEU A 46 -1.69 1.75 13.42
N VAL A 47 -0.76 2.12 14.29
CA VAL A 47 -0.16 3.45 14.24
C VAL A 47 1.26 3.39 13.71
N LEU A 48 1.61 4.37 12.89
CA LEU A 48 2.94 4.45 12.34
C LEU A 48 3.59 5.77 12.76
N GLN A 49 4.34 5.72 13.85
CA GLN A 49 5.00 6.91 14.36
C GLN A 49 6.26 7.20 13.56
N ASP A 50 6.31 8.39 12.97
CA ASP A 50 7.45 8.79 12.14
C ASP A 50 7.42 8.02 10.82
N PHE A 51 6.43 8.35 10.01
CA PHE A 51 6.26 7.69 8.71
C PHE A 51 7.37 8.07 7.74
N SER A 52 7.94 7.08 7.08
CA SER A 52 9.00 7.29 6.11
C SER A 52 8.74 6.49 4.85
N GLU A 53 8.12 7.13 3.86
CA GLU A 53 7.81 6.46 2.60
C GLU A 53 9.08 5.97 1.92
N VAL A 54 10.09 6.84 1.87
CA VAL A 54 11.36 6.50 1.25
C VAL A 54 11.97 5.25 1.89
N GLU A 55 11.76 5.09 3.18
CA GLU A 55 12.29 3.94 3.90
C GLU A 55 11.28 2.80 3.98
N ASP A 56 10.00 3.12 3.76
CA ASP A 56 8.95 2.11 3.80
C ASP A 56 8.10 2.14 2.53
N SER A 57 7.02 2.93 2.55
CA SER A 57 6.13 3.03 1.38
C SER A 57 5.78 1.65 0.84
N GLY A 58 4.67 1.09 1.30
CA GLY A 58 4.26 -0.22 0.83
C GLY A 58 2.81 -0.54 1.15
N TYR A 59 2.52 -1.81 1.39
CA TYR A 59 1.16 -2.24 1.70
C TYR A 59 1.07 -2.79 3.13
N TYR A 60 -0.14 -2.78 3.68
CA TYR A 60 -0.35 -3.27 5.04
C TYR A 60 -1.56 -4.21 5.08
N VAL A 61 -1.59 -5.09 6.08
CA VAL A 61 -2.69 -6.04 6.21
C VAL A 61 -2.91 -6.44 7.67
N CYS A 62 -4.12 -6.95 7.95
CA CYS A 62 -4.48 -7.37 9.30
C CYS A 62 -5.35 -8.64 9.23
N TYR A 63 -5.05 -9.58 10.11
CA TYR A 63 -5.80 -10.84 10.14
C TYR A 63 -5.92 -11.38 11.55
N THR A 64 -6.88 -12.28 11.75
CA THR A 64 -7.11 -12.89 13.05
C THR A 64 -7.15 -14.41 12.94
N PRO A 65 -7.07 -15.14 14.07
CA PRO A 65 -7.08 -16.60 14.08
C PRO A 65 -8.37 -17.15 13.47
N ALA A 66 -9.46 -16.40 13.61
CA ALA A 66 -10.74 -16.82 13.08
C ALA A 66 -11.00 -16.21 11.70
N SER A 67 -10.24 -15.19 11.35
CA SER A 67 -10.38 -14.54 10.06
C SER A 67 -9.08 -14.61 9.26
N ASN A 68 -9.02 -15.53 8.31
CA ASN A 68 -7.84 -15.70 7.47
C ASN A 68 -7.94 -14.85 6.21
N LYS A 69 -9.16 -14.49 5.83
CA LYS A 69 -9.37 -13.69 4.63
C LYS A 69 -9.24 -12.20 4.94
N ASN A 70 -8.23 -11.57 4.36
CA ASN A 70 -7.99 -10.14 4.58
C ASN A 70 -7.67 -9.44 3.26
N THR A 71 -7.87 -8.13 3.23
CA THR A 71 -7.59 -7.34 2.03
C THR A 71 -6.26 -6.61 2.16
N TYR A 72 -5.62 -6.35 1.02
CA TYR A 72 -4.34 -5.67 1.00
C TYR A 72 -4.51 -4.20 0.62
N LEU A 73 -3.94 -3.31 1.45
CA LEU A 73 -4.03 -1.88 1.21
C LEU A 73 -2.67 -1.29 0.91
N TYR A 74 -2.64 -0.18 0.17
CA TYR A 74 -1.40 0.49 -0.18
C TYR A 74 -1.26 1.81 0.57
N LEU A 75 -0.29 1.87 1.46
CA LEU A 75 -0.05 3.08 2.26
C LEU A 75 1.19 3.83 1.79
N LYS A 76 0.99 5.09 1.38
CA LYS A 76 2.09 5.92 0.92
C LYS A 76 1.89 7.36 1.38
N ALA A 77 2.70 7.80 2.35
CA ALA A 77 2.59 9.15 2.87
C ALA A 77 3.92 9.61 3.48
N ARG A 78 3.97 10.90 3.84
CA ARG A 78 5.17 11.46 4.43
C ARG A 78 4.82 12.32 5.65
N VAL A 79 5.78 12.47 6.55
CA VAL A 79 5.57 13.26 7.75
C VAL A 79 6.88 13.88 8.23
N GLY A 80 6.75 14.96 8.98
CA GLY A 80 7.92 15.63 9.53
C GLY A 80 9.06 15.72 8.55
N SER A 81 10.26 15.59 9.09
CA SER A 81 11.47 15.64 8.28
C SER A 81 11.91 14.24 7.88
N ALA A 82 11.03 13.54 7.17
CA ALA A 82 11.32 12.19 6.71
C ALA A 82 11.54 12.16 5.21
N ASP A 83 12.30 13.14 4.74
CA ASP A 83 12.63 13.24 3.33
C ASP A 83 14.03 13.81 3.19
N ASP A 84 14.89 13.38 4.08
CA ASP A 84 16.29 13.82 4.10
C ASP A 84 17.23 12.63 4.03
N ALA A 85 18.37 12.83 3.36
CA ALA A 85 19.37 11.77 3.22
C ALA A 85 20.69 12.18 3.85
N LYS A 86 21.44 13.02 3.13
CA LYS A 86 22.73 13.49 3.63
C LYS A 86 23.67 12.32 3.92
N LYS A 87 24.47 11.95 2.92
CA LYS A 87 25.41 10.84 3.07
C LYS A 87 26.60 11.25 3.95
N ASP A 88 27.50 12.04 3.37
CA ASP A 88 28.68 12.51 4.08
C ASP A 88 29.78 11.45 4.14
N ALA A 89 29.47 10.24 3.69
CA ALA A 89 30.44 9.14 3.70
C ALA A 89 29.78 7.82 3.32
N ALA A 90 29.11 7.20 4.28
CA ALA A 90 28.44 5.92 4.05
C ALA A 90 27.01 5.95 4.55
N LYS A 91 26.80 6.57 5.71
CA LYS A 91 25.47 6.67 6.31
C LYS A 91 24.99 5.31 6.81
N LYS A 92 24.03 5.33 7.72
CA LYS A 92 23.48 4.09 8.28
C LYS A 92 22.37 3.54 7.41
N ASP A 93 22.64 2.44 6.72
CA ASP A 93 21.66 1.80 5.85
C ASP A 93 22.06 0.36 5.53
N ASP A 94 21.19 -0.33 4.81
CA ASP A 94 21.45 -1.71 4.45
C ASP A 94 22.05 -1.81 3.05
N ALA A 95 23.35 -1.51 2.96
CA ALA A 95 24.06 -1.56 1.68
C ALA A 95 25.57 -1.51 1.89
N LYS A 96 26.03 -2.09 2.99
CA LYS A 96 27.45 -2.11 3.29
C LYS A 96 28.09 -3.41 2.83
N LYS A 97 29.37 -3.58 3.15
CA LYS A 97 30.10 -4.79 2.75
C LYS A 97 30.11 -4.96 1.24
N ASP A 98 30.63 -6.09 0.78
CA ASP A 98 30.70 -6.37 -0.66
C ASP A 98 31.72 -5.46 -1.34
N ASP A 99 31.43 -4.17 -1.36
CA ASP A 99 32.31 -3.19 -1.98
C ASP A 99 32.43 -3.44 -3.48
N ALA A 100 31.37 -3.95 -4.08
CA ALA A 100 31.35 -4.25 -5.51
C ALA A 100 29.96 -4.71 -5.96
N LYS A 101 29.30 -3.88 -6.75
CA LYS A 101 27.97 -4.20 -7.25
C LYS A 101 28.02 -4.58 -8.74
N LYS A 102 29.11 -4.20 -9.40
CA LYS A 102 29.27 -4.50 -10.82
C LYS A 102 29.80 -5.92 -11.05
N ASP A 103 29.96 -6.67 -9.96
CA ASP A 103 30.45 -8.04 -10.05
C ASP A 103 29.30 -9.04 -10.08
N GLY A 104 28.19 -8.62 -10.64
CA GLY A 104 27.02 -9.47 -10.73
C GLY A 104 26.40 -9.76 -9.38
N SER A 105 26.37 -8.75 -8.52
CA SER A 105 25.80 -8.90 -7.19
C SER A 105 24.32 -9.28 -7.27
N GLN A 106 23.82 -9.95 -6.22
CA GLN A 106 22.43 -10.35 -6.18
C GLN A 106 21.51 -9.14 -6.03
N THR A 107 20.71 -8.89 -7.06
CA THR A 107 19.78 -7.77 -7.04
C THR A 107 18.94 -7.75 -8.31
N ASN A 108 18.16 -8.80 -8.50
CA ASN A 108 17.29 -8.93 -9.66
C ASN A 108 16.11 -9.83 -9.37
N LYS A 109 15.29 -9.44 -8.40
CA LYS A 109 14.12 -10.21 -8.02
C LYS A 109 13.02 -10.08 -9.06
N ALA A 110 11.88 -10.71 -8.80
CA ALA A 110 10.75 -10.67 -9.72
C ALA A 110 9.66 -9.72 -9.22
N LYS A 111 8.89 -9.18 -10.14
CA LYS A 111 7.81 -8.25 -9.80
C LYS A 111 6.50 -9.00 -9.61
N ASN A 112 6.33 -9.59 -8.44
CA ASN A 112 5.10 -10.34 -8.12
C ASN A 112 4.08 -9.44 -7.45
N LEU A 113 4.55 -8.52 -6.62
CA LEU A 113 3.68 -7.60 -5.91
C LEU A 113 3.28 -6.42 -6.80
N VAL A 114 2.36 -5.59 -6.31
CA VAL A 114 1.91 -4.44 -7.07
C VAL A 114 2.86 -3.26 -6.91
N GLN A 115 2.92 -2.41 -7.93
CA GLN A 115 3.78 -1.24 -7.91
C GLN A 115 3.06 -0.04 -8.51
N VAL A 116 3.00 1.05 -7.76
CA VAL A 116 2.36 2.27 -8.23
C VAL A 116 3.33 3.45 -8.18
N ASP A 117 3.30 4.29 -9.21
CA ASP A 117 4.17 5.45 -9.29
C ASP A 117 3.47 6.70 -8.76
N GLY A 118 4.25 7.68 -8.33
CA GLY A 118 3.68 8.91 -7.82
C GLY A 118 4.49 10.13 -8.21
N SER A 119 5.81 10.01 -8.12
CA SER A 119 6.71 11.11 -8.45
C SER A 119 7.17 11.01 -9.91
N ARG A 120 6.34 11.47 -10.83
CA ARG A 120 6.68 11.44 -12.25
C ARG A 120 7.00 12.83 -12.79
N GLY A 121 7.25 13.74 -11.87
CA GLY A 121 7.57 15.10 -12.25
C GLY A 121 6.38 16.02 -12.14
N ASP A 122 5.23 15.54 -12.61
CA ASP A 122 3.99 16.31 -12.55
C ASP A 122 3.22 15.97 -11.29
N GLY A 123 3.48 14.79 -10.75
CA GLY A 123 2.81 14.35 -9.53
C GLY A 123 1.73 13.33 -9.79
N SER A 124 1.64 12.85 -11.03
CA SER A 124 0.63 11.86 -11.40
C SER A 124 0.99 10.49 -10.82
N VAL A 125 -0.03 9.66 -10.61
CA VAL A 125 0.19 8.33 -10.06
C VAL A 125 -0.11 7.25 -11.10
N LEU A 126 0.90 6.48 -11.45
CA LEU A 126 0.75 5.41 -12.42
C LEU A 126 0.82 4.05 -11.73
N LEU A 127 -0.32 3.38 -11.66
CA LEU A 127 -0.43 2.08 -11.00
C LEU A 127 -0.08 0.95 -11.96
N THR A 128 1.00 0.22 -11.66
CA THR A 128 1.42 -0.89 -12.49
C THR A 128 0.98 -2.21 -11.86
N CYS A 129 0.48 -3.13 -12.69
CA CYS A 129 0.02 -4.42 -12.20
C CYS A 129 0.36 -5.55 -13.17
N GLY A 130 -0.37 -6.65 -13.09
CA GLY A 130 -0.12 -7.78 -13.97
C GLY A 130 0.92 -8.74 -13.40
N LEU A 131 1.78 -8.22 -12.55
CA LEU A 131 2.83 -9.01 -11.93
C LEU A 131 3.52 -9.91 -12.95
N THR A 132 4.10 -9.28 -13.96
CA THR A 132 4.81 -10.00 -15.03
C THR A 132 3.84 -10.73 -15.95
N ASP A 133 2.58 -10.30 -15.97
CA ASP A 133 1.59 -10.92 -16.81
C ASP A 133 1.62 -10.36 -18.23
N LYS A 134 1.36 -11.23 -19.18
CA LYS A 134 1.32 -10.84 -20.58
C LYS A 134 0.02 -10.11 -20.87
N THR A 135 -0.88 -10.12 -19.89
CA THR A 135 -2.17 -9.46 -20.02
C THR A 135 -2.48 -8.62 -18.79
N ILE A 136 -2.87 -7.37 -19.00
CA ILE A 136 -3.20 -6.47 -17.90
C ILE A 136 -4.63 -5.95 -17.99
N LYS A 137 -5.43 -6.30 -17.00
CA LYS A 137 -6.83 -5.87 -16.96
C LYS A 137 -7.18 -5.32 -15.59
N TRP A 138 -7.58 -4.04 -15.54
CA TRP A 138 -7.94 -3.40 -14.28
C TRP A 138 -9.44 -3.13 -14.21
N LEU A 139 -9.97 -3.17 -12.99
CA LEU A 139 -11.39 -2.94 -12.76
C LEU A 139 -11.60 -2.00 -11.57
N LYS A 140 -12.63 -1.18 -11.64
CA LYS A 140 -12.94 -0.24 -10.56
C LYS A 140 -14.30 -0.56 -9.94
N ASP A 141 -14.29 -0.89 -8.66
CA ASP A 141 -15.52 -1.23 -7.95
C ASP A 141 -16.17 -2.47 -8.56
N GLY A 142 -15.35 -3.37 -9.07
CA GLY A 142 -15.85 -4.58 -9.68
C GLY A 142 -16.32 -4.36 -11.11
N SER A 143 -16.05 -3.18 -11.65
CA SER A 143 -16.46 -2.85 -13.01
C SER A 143 -15.23 -2.65 -13.90
N ILE A 144 -15.30 -3.17 -15.12
CA ILE A 144 -14.20 -3.04 -16.06
C ILE A 144 -13.90 -1.58 -16.37
N ILE A 145 -12.66 -1.18 -16.13
CA ILE A 145 -12.21 0.17 -16.39
C ILE A 145 -10.82 0.15 -16.99
N SER A 146 -10.76 0.41 -18.29
CA SER A 146 -9.49 0.39 -19.01
C SER A 146 -9.12 1.79 -19.51
N PRO A 147 -7.82 2.00 -19.77
CA PRO A 147 -7.30 3.28 -20.27
C PRO A 147 -7.72 3.58 -21.70
N LEU A 148 -7.42 4.81 -22.14
CA LEU A 148 -7.73 5.23 -23.48
C LEU A 148 -6.46 5.50 -24.28
N ASN A 149 -6.22 4.66 -25.27
CA ASN A 149 -5.03 4.78 -26.12
C ASN A 149 -3.74 4.81 -25.30
N ALA A 150 -3.77 4.17 -24.15
CA ALA A 150 -2.61 4.11 -23.27
C ALA A 150 -2.60 2.82 -22.47
N THR A 151 -1.45 2.17 -22.39
CA THR A 151 -1.33 0.91 -21.66
C THR A 151 0.13 0.48 -21.51
N LYS A 152 0.86 1.20 -20.68
CA LYS A 152 2.27 0.87 -20.44
C LYS A 152 2.41 0.07 -19.15
N ASN A 153 1.52 -0.89 -18.99
CA ASN A 153 1.51 -1.75 -17.80
C ASN A 153 1.11 -0.95 -16.56
N THR A 154 0.74 0.32 -16.75
CA THR A 154 0.34 1.18 -15.65
C THR A 154 -1.15 1.51 -15.71
N TRP A 155 -1.59 2.27 -14.71
CA TRP A 155 -2.98 2.69 -14.63
C TRP A 155 -3.06 4.17 -14.29
N ASN A 156 -3.93 4.89 -14.99
CA ASN A 156 -4.09 6.32 -14.75
C ASN A 156 -4.95 6.56 -13.52
N LEU A 157 -4.32 7.10 -12.47
CA LEU A 157 -5.01 7.37 -11.22
C LEU A 157 -5.28 8.87 -11.07
N GLY A 158 -4.42 9.69 -11.68
CA GLY A 158 -4.57 11.12 -11.59
C GLY A 158 -3.51 11.76 -10.72
N ASN A 159 -3.91 12.76 -9.97
CA ASN A 159 -3.00 13.47 -9.08
C ASN A 159 -3.44 13.28 -7.64
N ASN A 160 -2.55 12.74 -6.82
CA ASN A 160 -2.83 12.51 -5.40
C ASN A 160 -3.64 13.64 -4.78
N ALA A 161 -3.45 14.85 -5.29
CA ALA A 161 -4.17 16.02 -4.78
C ALA A 161 -5.65 15.99 -5.16
N LYS A 162 -5.95 15.49 -6.36
CA LYS A 162 -7.33 15.44 -6.84
C LYS A 162 -7.84 14.00 -6.94
N ASP A 163 -6.93 13.04 -6.98
CA ASP A 163 -7.31 11.63 -7.09
C ASP A 163 -6.75 10.81 -5.92
N PRO A 164 -6.90 11.30 -4.68
CA PRO A 164 -6.42 10.61 -3.48
C PRO A 164 -7.31 9.43 -3.09
N ARG A 165 -6.70 8.36 -2.61
CA ARG A 165 -7.45 7.17 -2.19
C ARG A 165 -8.22 6.56 -3.36
N GLY A 166 -7.91 5.30 -3.67
CA GLY A 166 -8.59 4.62 -4.77
C GLY A 166 -8.39 3.12 -4.74
N THR A 167 -9.48 2.38 -4.94
CA THR A 167 -9.43 0.92 -4.96
C THR A 167 -9.48 0.41 -6.39
N TYR A 168 -8.49 -0.42 -6.76
CA TYR A 168 -8.42 -0.96 -8.11
C TYR A 168 -8.05 -2.44 -8.11
N GLN A 169 -8.80 -3.23 -8.88
CA GLN A 169 -8.55 -4.67 -8.97
C GLN A 169 -7.80 -5.00 -10.26
N CYS A 170 -6.73 -5.80 -10.15
CA CYS A 170 -5.96 -6.18 -11.32
C CYS A 170 -6.27 -7.61 -11.74
N GLN A 171 -6.10 -7.89 -13.03
CA GLN A 171 -6.35 -9.21 -13.56
C GLN A 171 -5.30 -9.59 -14.59
N GLY A 172 -4.40 -10.50 -14.21
CA GLY A 172 -3.35 -10.94 -15.10
C GLY A 172 -3.70 -12.23 -15.81
N ALA A 173 -3.05 -12.46 -16.94
CA ALA A 173 -3.27 -13.67 -17.73
C ALA A 173 -3.48 -14.90 -16.86
N LYS A 174 -2.46 -15.23 -16.08
CA LYS A 174 -2.51 -16.38 -15.19
C LYS A 174 -2.44 -15.93 -13.73
N GLU A 175 -2.60 -14.63 -13.50
CA GLU A 175 -2.54 -14.09 -12.15
C GLU A 175 -3.68 -13.09 -11.92
N THR A 176 -4.04 -12.88 -10.66
CA THR A 176 -5.11 -11.96 -10.32
C THR A 176 -4.81 -11.22 -9.02
N SER A 177 -4.67 -9.90 -9.11
CA SER A 177 -4.39 -9.09 -7.92
C SER A 177 -5.69 -8.57 -7.30
N ASN A 178 -5.67 -8.38 -5.99
CA ASN A 178 -6.85 -7.90 -5.26
C ASN A 178 -6.96 -6.37 -5.35
N PRO A 179 -8.12 -5.81 -4.95
CA PRO A 179 -8.35 -4.36 -4.99
C PRO A 179 -7.27 -3.59 -4.25
N LEU A 180 -6.44 -2.88 -5.01
CA LEU A 180 -5.36 -2.09 -4.45
C LEU A 180 -5.85 -0.75 -3.91
N GLN A 181 -5.70 -0.56 -2.60
CA GLN A 181 -6.10 0.70 -1.98
C GLN A 181 -4.95 1.69 -2.02
N VAL A 182 -4.90 2.48 -3.08
CA VAL A 182 -3.84 3.48 -3.26
C VAL A 182 -4.16 4.75 -2.49
N TYR A 183 -3.47 4.94 -1.37
CA TYR A 183 -3.68 6.12 -0.54
C TYR A 183 -2.42 6.99 -0.50
N TYR A 184 -2.56 8.24 -0.92
CA TYR A 184 -1.45 9.18 -0.94
C TYR A 184 -1.84 10.51 -0.29
N ARG A 185 -1.55 10.63 1.00
CA ARG A 185 -1.86 11.85 1.73
C ARG A 185 -3.36 12.15 1.69
N MET A 186 -3.74 13.34 2.11
CA MET A 186 -5.14 13.74 2.12
C MET A 186 -5.63 14.04 0.70
#